data_6HJQ
#
_entry.id   6HJQ
#
_cell.length_a   1.0
_cell.length_b   1.0
_cell.length_c   1.0
_cell.angle_alpha   90.00
_cell.angle_beta   90.00
_cell.angle_gamma   90.00
#
_symmetry.space_group_name_H-M   'P 1'
#
loop_
_entity.id
_entity.type
_entity.pdbx_description
1 polymer Hemagglutinin
2 polymer Hemagglutinin
3 polymer 'Heavy chain of FISW84 Fab'
4 polymer 'Light chain of FISW84 Fab'
5 branched 2-acetamido-2-deoxy-beta-D-glucopyranose-(1-4)-2-acetamido-2-deoxy-beta-D-glucopyranose
6 branched 2-acetamido-2-deoxy-beta-D-glucopyranose-(1-4)-[alpha-L-fucopyranose-(1-6)]2-acetamido-2-deoxy-beta-D-glucopyranose
7 branched alpha-D-mannopyranose-(1-3)-beta-D-mannopyranose-(1-4)-2-acetamido-2-deoxy-beta-D-glucopyranose-(1-4)-2-acetamido-2-deoxy-beta-D-glucopyranose
8 branched beta-D-mannopyranose-(1-4)-2-acetamido-2-deoxy-beta-D-glucopyranose-(1-4)-2-acetamido-2-deoxy-beta-D-glucopyranose
#
loop_
_entity_poly.entity_id
_entity_poly.type
_entity_poly.pdbx_seq_one_letter_code
_entity_poly.pdbx_strand_id
1 'polypeptide(L)'
;DTICVGYHANNSTDTVDTVLEKNVTVTHSVNLLEDSHNGKLCSLNGIAPLQLGKCNVAGWLLGNPECDLLLTANSWSYII
ETSNSENGTCYPGEFIDYEELREQLSSVSSFEKFEIFPKASSWPNHETTKGVTAACSYSGASSFYRNLLWITKKGTSYPK
LSKSYTNNKGKEVLVLWGVHHPPSVSEQQSLYQNADAYVSVGSSKYNRRFAPEIAARPKVRGQAGRMNYYWTLLDQGDTI
TFEATGNLIAPWYAFALNKGSDSGIITSDAPVHNCDTRCQTPHGALNSSLPFQNVHPITIGECPKYVKSTKLRMATGLRN
VPSI
;
A,C,E
2 'polypeptide(L)'
;GLFGAIAGFIEGGWTGMIDGWYGYHHQNEQGSGYAADQKSTQNAIDGITSKVNSVIEKMNTQFTAVGKEFNNLERRIENL
NKKVDDGFLDVWTYNAELLVLLENERTLDFHDSNVRNLYEKVKSQLRNNAKEIGNGCFEFYHKCDDECMESVKNGTYDYP
KYSEESKLNREEIDGVKLESMGVYQILAIYSTVASSLVLLVSL
;
B,D,F
3 'polypeptide(L)'
;EVQLLESGGGLVQPGGSLRLSCAASGFTFSSYGMAWVRQAPGKGLEWVSFISATGLSTYFADSVKGRFTISRDTTKNTLY
LQMNSLRADDTAVYFCARMRRTMIAFGGNDFWGQGTLVTVSSASTKGPSVFPLAPSGTAALGCLVKDYFPEPVTVSWNSG
ALTSGVHTFPAVLQSSGLYSLSSVVTVPSSSLGTQTYICNVNHKPSNTKVDKRVEP
;
G,I,K
4 'polypeptide(L)'
;EVVMTQSPATLSVSPGEGATLSCRASQSVNTNVAWYQQKPGQAPRLLIYGASTRATGIPARFSGSGSGTEFTLTISTLQS
EDFAVYYCQQYSNWPPITFGQGTRLEIKRTVAAPSVFIFPPSDEQLKSGTASVVCLLNNFYPREAKVQWKVDNALQSGNS
QESVTEQDSKDSTYSLSSTLTLSKADYEKHKVYACEVTHQGLSSPVTKSFNRGE
;
H,J,L
#
# COMPACT_ATOMS: atom_id res chain seq x y z
N ASP A 1 1.40 -1.91 -34.70
CA ASP A 1 0.87 -0.80 -33.93
C ASP A 1 0.76 -1.12 -32.43
N THR A 2 1.02 -0.13 -31.58
CA THR A 2 0.99 -0.35 -30.14
C THR A 2 0.54 0.85 -29.33
N ILE A 3 0.48 0.67 -28.02
CA ILE A 3 0.07 1.72 -27.09
C ILE A 3 0.86 1.62 -25.78
N CYS A 4 2.05 2.22 -25.74
CA CYS A 4 2.86 2.17 -24.53
C CYS A 4 2.27 3.13 -23.50
N VAL A 5 2.39 2.76 -22.23
CA VAL A 5 1.78 3.48 -21.13
C VAL A 5 2.88 4.10 -20.28
N GLY A 6 2.76 5.40 -20.02
CA GLY A 6 3.77 6.11 -19.26
C GLY A 6 3.23 7.29 -18.48
N TYR A 7 4.10 8.22 -18.12
CA TYR A 7 3.73 9.29 -17.22
C TYR A 7 4.58 10.52 -17.49
N HIS A 8 4.19 11.62 -16.84
CA HIS A 8 4.77 12.92 -17.12
C HIS A 8 6.17 13.04 -16.55
N ALA A 9 6.99 13.85 -17.21
CA ALA A 9 8.31 14.21 -16.71
C ALA A 9 8.58 15.67 -17.04
N ASN A 10 9.45 16.29 -16.27
CA ASN A 10 9.61 17.73 -16.33
C ASN A 10 11.07 18.06 -16.08
N ASN A 11 11.41 19.35 -16.08
CA ASN A 11 12.78 19.80 -15.85
C ASN A 11 12.96 20.48 -14.50
N SER A 12 11.97 20.41 -13.62
CA SER A 12 12.05 21.10 -12.34
C SER A 12 13.05 20.42 -11.42
N THR A 13 13.70 21.22 -10.58
CA THR A 13 14.80 20.75 -9.75
C THR A 13 14.51 20.83 -8.26
N ASP A 14 13.29 21.18 -7.86
CA ASP A 14 12.99 21.33 -6.45
C ASP A 14 12.93 19.98 -5.74
N THR A 15 13.41 19.96 -4.50
CA THR A 15 13.59 18.74 -3.73
C THR A 15 12.64 18.72 -2.56
N VAL A 16 12.12 17.53 -2.26
CA VAL A 16 11.24 17.30 -1.13
C VAL A 16 11.89 16.25 -0.26
N ASP A 17 11.94 16.51 1.04
CA ASP A 17 12.41 15.51 1.99
C ASP A 17 11.31 14.51 2.30
N THR A 18 11.73 13.29 2.60
CA THR A 18 10.81 12.21 2.90
C THR A 18 11.46 11.35 3.98
N VAL A 19 10.77 10.31 4.44
CA VAL A 19 11.32 9.51 5.53
C VAL A 19 12.45 8.62 5.03
N LEU A 20 12.22 7.88 3.95
CA LEU A 20 13.18 6.88 3.51
C LEU A 20 14.30 7.45 2.66
N GLU A 21 14.34 8.76 2.41
CA GLU A 21 15.27 9.33 1.45
C GLU A 21 15.39 10.82 1.71
N LYS A 22 16.53 11.40 1.37
CA LYS A 22 16.69 12.84 1.34
C LYS A 22 16.81 13.30 -0.10
N ASN A 23 16.28 14.50 -0.37
CA ASN A 23 16.36 15.19 -1.66
C ASN A 23 15.75 14.38 -2.80
N VAL A 24 14.43 14.24 -2.73
CA VAL A 24 13.67 13.63 -3.83
C VAL A 24 13.23 14.74 -4.77
N THR A 25 13.66 14.65 -6.02
CA THR A 25 13.29 15.65 -7.01
C THR A 25 11.84 15.46 -7.42
N VAL A 26 11.05 16.52 -7.36
CA VAL A 26 9.62 16.41 -7.62
C VAL A 26 9.29 17.25 -8.85
N THR A 27 8.16 16.94 -9.47
CA THR A 27 7.73 17.68 -10.65
C THR A 27 7.01 18.96 -10.27
N HIS A 28 6.05 18.88 -9.37
CA HIS A 28 5.35 20.05 -8.86
C HIS A 28 5.36 19.99 -7.33
N SER A 29 5.33 21.16 -6.70
CA SER A 29 5.35 21.23 -5.25
C SER A 29 4.65 22.51 -4.81
N VAL A 30 4.60 22.72 -3.49
CA VAL A 30 4.02 23.93 -2.93
C VAL A 30 4.71 24.22 -1.59
N ASN A 31 5.06 25.47 -1.37
CA ASN A 31 5.67 25.90 -0.13
C ASN A 31 4.59 26.14 0.92
N LEU A 32 4.95 25.97 2.18
CA LEU A 32 4.04 26.22 3.29
C LEU A 32 4.73 26.97 4.41
N LEU A 33 5.61 27.91 4.07
CA LEU A 33 6.39 28.60 5.09
C LEU A 33 6.76 29.97 4.56
N GLU A 34 6.60 31.00 5.39
CA GLU A 34 6.79 32.37 4.98
C GLU A 34 8.11 32.92 5.51
N ASP A 35 8.86 33.60 4.64
CA ASP A 35 10.13 34.21 5.00
C ASP A 35 10.23 35.68 4.67
N SER A 36 9.41 36.20 3.77
CA SER A 36 9.55 37.57 3.31
C SER A 36 8.81 38.52 4.24
N HIS A 37 9.38 39.71 4.42
CA HIS A 37 8.79 40.76 5.23
C HIS A 37 9.43 42.07 4.83
N ASN A 38 8.67 43.16 4.95
CA ASN A 38 9.25 44.46 4.75
C ASN A 38 10.03 44.90 5.99
N GLY A 39 10.66 46.06 5.89
CA GLY A 39 11.33 46.63 7.05
C GLY A 39 10.51 47.77 7.62
N LYS A 40 9.21 47.76 7.33
CA LYS A 40 8.33 48.87 7.65
C LYS A 40 7.36 48.49 8.75
N LEU A 41 6.77 49.50 9.38
CA LEU A 41 5.76 49.33 10.42
C LEU A 41 4.52 50.09 9.97
N CYS A 42 3.50 49.35 9.54
CA CYS A 42 2.29 49.96 9.03
C CYS A 42 1.18 49.89 10.09
N SER A 43 -0.02 50.27 9.69
CA SER A 43 -1.15 50.41 10.60
C SER A 43 -2.01 49.15 10.57
N LEU A 44 -2.69 48.90 11.69
CA LEU A 44 -3.64 47.81 11.80
C LEU A 44 -5.02 48.31 11.38
N ASN A 45 -5.49 47.83 10.22
CA ASN A 45 -6.80 48.15 9.65
C ASN A 45 -7.01 49.65 9.45
N GLY A 46 -5.92 50.38 9.17
CA GLY A 46 -6.04 51.80 8.91
C GLY A 46 -6.09 52.68 10.14
N ILE A 47 -5.45 52.27 11.23
CA ILE A 47 -5.35 53.09 12.43
C ILE A 47 -3.89 53.09 12.86
N ALA A 48 -3.30 54.28 12.92
CA ALA A 48 -1.85 54.42 13.07
C ALA A 48 -1.38 53.96 14.44
N PRO A 49 -0.16 53.43 14.53
CA PRO A 49 0.40 53.10 15.84
C PRO A 49 0.88 54.36 16.55
N LEU A 50 1.22 54.19 17.83
CA LEU A 50 1.68 55.27 18.68
C LEU A 50 3.15 55.02 18.99
N GLN A 51 4.04 55.82 18.40
CA GLN A 51 5.46 55.69 18.63
C GLN A 51 5.86 56.59 19.78
N LEU A 52 6.38 55.99 20.86
CA LEU A 52 6.85 56.79 21.98
C LEU A 52 8.17 57.47 21.67
N GLY A 53 8.95 56.94 20.74
CA GLY A 53 10.27 57.48 20.46
C GLY A 53 11.25 57.18 21.56
N LYS A 54 11.76 58.22 22.21
CA LYS A 54 12.71 58.06 23.31
C LYS A 54 12.05 58.08 24.67
N CYS A 55 10.75 57.80 24.73
CA CYS A 55 9.99 57.93 25.96
C CYS A 55 9.51 56.58 26.47
N ASN A 56 9.45 56.46 27.79
CA ASN A 56 8.88 55.30 28.46
C ASN A 56 7.39 55.53 28.66
N VAL A 57 6.66 54.44 28.92
CA VAL A 57 5.23 54.53 29.17
C VAL A 57 4.97 55.27 30.48
N ALA A 58 5.85 55.08 31.47
CA ALA A 58 5.72 55.79 32.74
C ALA A 58 5.93 57.29 32.56
N GLY A 59 6.98 57.68 31.84
CA GLY A 59 7.19 59.08 31.55
C GLY A 59 6.15 59.68 30.64
N TRP A 60 5.50 58.86 29.83
CA TRP A 60 4.42 59.35 28.99
C TRP A 60 3.17 59.63 29.80
N LEU A 61 2.83 58.74 30.72
CA LEU A 61 1.62 58.94 31.51
C LEU A 61 1.83 60.01 32.56
N LEU A 62 3.02 60.08 33.15
CA LEU A 62 3.30 61.14 34.10
C LEU A 62 3.48 62.49 33.42
N GLY A 63 3.82 62.49 32.14
CA GLY A 63 4.09 63.74 31.46
C GLY A 63 5.48 64.24 31.76
N ASN A 64 6.48 63.43 31.45
CA ASN A 64 7.88 63.84 31.46
C ASN A 64 8.02 65.02 30.52
N PRO A 65 8.53 66.17 30.97
CA PRO A 65 8.56 67.37 30.11
C PRO A 65 9.45 67.24 28.90
N GLU A 66 10.43 66.34 28.88
CA GLU A 66 11.14 66.07 27.65
C GLU A 66 10.36 65.14 26.72
N CYS A 67 9.27 64.55 27.19
CA CYS A 67 8.31 63.87 26.32
C CYS A 67 7.18 64.82 25.94
N ASP A 68 7.55 65.98 25.42
CA ASP A 68 6.62 67.06 25.16
C ASP A 68 5.87 66.89 23.84
N LEU A 69 6.39 66.06 22.93
CA LEU A 69 5.87 66.02 21.57
C LEU A 69 4.51 65.33 21.51
N LEU A 70 4.41 64.16 22.12
CA LEU A 70 3.21 63.34 22.04
C LEU A 70 2.26 63.66 23.19
N LEU A 71 1.91 64.93 23.33
CA LEU A 71 1.00 65.36 24.39
C LEU A 71 -0.46 65.28 23.97
N THR A 72 -0.73 65.26 22.66
CA THR A 72 -2.09 65.39 22.17
C THR A 72 -2.67 64.09 21.63
N ALA A 73 -1.94 62.99 21.69
CA ALA A 73 -2.44 61.74 21.15
C ALA A 73 -3.52 61.16 22.04
N ASN A 74 -4.48 60.48 21.42
CA ASN A 74 -5.53 59.81 22.18
C ASN A 74 -5.87 58.41 21.72
N SER A 75 -5.40 57.98 20.55
CA SER A 75 -5.83 56.69 20.00
C SER A 75 -4.68 56.08 19.21
N TRP A 76 -4.71 54.76 19.09
CA TRP A 76 -3.65 54.03 18.41
C TRP A 76 -4.16 52.66 17.98
N SER A 77 -3.24 51.85 17.45
CA SER A 77 -3.39 50.42 17.28
C SER A 77 -2.51 49.63 18.23
N TYR A 78 -1.29 50.10 18.46
CA TYR A 78 -0.33 49.50 19.37
C TYR A 78 0.74 50.53 19.65
N ILE A 79 1.55 50.27 20.68
CA ILE A 79 2.50 51.24 21.18
C ILE A 79 3.91 50.74 20.89
N ILE A 80 4.74 51.58 20.31
CA ILE A 80 6.11 51.23 19.94
C ILE A 80 7.07 51.90 20.91
N GLU A 81 7.79 51.10 21.69
CA GLU A 81 8.97 51.55 22.38
C GLU A 81 10.19 51.32 21.51
N THR A 82 11.27 52.02 21.81
CA THR A 82 12.53 51.88 21.09
C THR A 82 13.62 51.41 22.05
N SER A 83 14.83 51.31 21.53
CA SER A 83 15.98 50.98 22.35
C SER A 83 16.55 52.19 23.08
N ASN A 84 16.00 53.38 22.83
CA ASN A 84 16.41 54.59 23.53
C ASN A 84 15.27 55.18 24.35
N SER A 85 14.29 54.36 24.71
CA SER A 85 13.13 54.82 25.47
C SER A 85 13.48 54.81 26.96
N GLU A 86 14.34 55.76 27.34
CA GLU A 86 14.84 55.84 28.70
C GLU A 86 14.28 57.01 29.49
N ASN A 87 13.54 57.91 28.86
CA ASN A 87 12.99 59.07 29.56
C ASN A 87 11.66 58.68 30.20
N GLY A 88 11.76 58.09 31.38
CA GLY A 88 10.60 57.79 32.19
C GLY A 88 10.45 58.78 33.33
N THR A 89 10.83 58.37 34.53
CA THR A 89 10.70 59.21 35.71
C THR A 89 11.98 60.03 35.88
N CYS A 90 11.84 61.36 35.77
CA CYS A 90 12.98 62.24 35.98
C CYS A 90 13.38 62.31 37.44
N TYR A 91 12.42 62.55 38.32
CA TYR A 91 12.71 62.48 39.74
C TYR A 91 12.79 61.00 40.16
N PRO A 92 13.77 60.61 40.96
CA PRO A 92 13.95 59.19 41.26
C PRO A 92 12.91 58.68 42.26
N GLY A 93 12.57 57.41 42.10
CA GLY A 93 11.58 56.77 42.96
C GLY A 93 11.21 55.39 42.47
N GLU A 94 9.97 54.99 42.75
CA GLU A 94 9.50 53.66 42.33
C GLU A 94 8.03 53.74 41.96
N PHE A 95 7.73 53.61 40.67
CA PHE A 95 6.37 53.49 40.18
C PHE A 95 5.86 52.10 40.51
N ILE A 96 5.10 51.98 41.59
CA ILE A 96 4.65 50.68 42.08
C ILE A 96 3.60 50.10 41.15
N ASP A 97 3.75 48.80 40.84
CA ASP A 97 2.86 48.02 39.97
C ASP A 97 2.87 48.56 38.55
N TYR A 98 4.07 48.72 38.01
CA TYR A 98 4.25 49.13 36.63
C TYR A 98 3.79 48.04 35.67
N GLU A 99 4.05 46.78 36.02
CA GLU A 99 3.76 45.66 35.13
C GLU A 99 2.26 45.43 34.99
N GLU A 100 1.53 45.47 36.11
CA GLU A 100 0.09 45.32 36.05
C GLU A 100 -0.56 46.50 35.36
N LEU A 101 0.04 47.68 35.46
CA LEU A 101 -0.47 48.84 34.74
C LEU A 101 -0.26 48.68 33.25
N ARG A 102 0.85 48.05 32.85
CA ARG A 102 1.06 47.76 31.44
C ARG A 102 0.09 46.71 30.94
N GLU A 103 -0.28 45.75 31.79
CA GLU A 103 -1.21 44.72 31.36
C GLU A 103 -2.64 45.25 31.26
N GLN A 104 -3.02 46.16 32.16
CA GLN A 104 -4.30 46.84 32.01
C GLN A 104 -4.28 47.78 30.81
N LEU A 105 -3.11 48.29 30.45
CA LEU A 105 -2.99 49.24 29.34
C LEU A 105 -3.16 48.55 27.99
N SER A 106 -2.86 47.26 27.90
CA SER A 106 -2.79 46.58 26.63
C SER A 106 -4.15 46.09 26.13
N SER A 107 -5.25 46.55 26.74
CA SER A 107 -6.58 46.24 26.22
C SER A 107 -7.41 47.49 25.99
N VAL A 108 -6.82 48.66 26.18
CA VAL A 108 -7.51 49.94 25.97
C VAL A 108 -7.09 50.48 24.62
N SER A 109 -8.08 50.73 23.75
CA SER A 109 -7.76 51.29 22.44
C SER A 109 -7.46 52.78 22.53
N SER A 110 -8.41 53.54 23.09
CA SER A 110 -8.29 55.00 23.10
C SER A 110 -8.73 55.54 24.45
N PHE A 111 -8.39 56.80 24.68
CA PHE A 111 -8.77 57.47 25.91
C PHE A 111 -9.21 58.90 25.62
N GLU A 112 -9.51 59.63 26.70
CA GLU A 112 -9.73 61.07 26.66
C GLU A 112 -9.07 61.67 27.88
N LYS A 113 -8.13 62.58 27.66
CA LYS A 113 -7.45 63.24 28.77
C LYS A 113 -8.25 64.45 29.19
N PHE A 114 -8.62 64.52 30.47
CA PHE A 114 -9.32 65.69 30.97
C PHE A 114 -8.72 66.07 32.31
N GLU A 115 -9.27 67.11 32.92
CA GLU A 115 -8.69 67.72 34.11
C GLU A 115 -9.65 67.49 35.28
N ILE A 116 -9.17 66.79 36.30
CA ILE A 116 -9.97 66.65 37.52
C ILE A 116 -9.92 67.92 38.34
N PHE A 117 -8.72 68.32 38.75
CA PHE A 117 -8.60 69.50 39.61
C PHE A 117 -7.89 70.62 38.88
N PRO A 118 -8.57 71.74 38.61
CA PRO A 118 -7.88 72.89 38.03
C PRO A 118 -6.87 73.50 39.00
N LYS A 119 -5.76 73.96 38.45
CA LYS A 119 -4.65 74.45 39.26
C LYS A 119 -5.00 75.74 40.00
N ALA A 120 -5.87 76.57 39.42
CA ALA A 120 -6.19 77.85 40.04
C ALA A 120 -7.25 77.71 41.13
N SER A 121 -8.27 76.87 40.90
CA SER A 121 -9.47 76.90 41.73
C SER A 121 -9.43 75.89 42.87
N SER A 122 -8.92 74.68 42.64
CA SER A 122 -9.09 73.59 43.60
C SER A 122 -8.18 73.69 44.82
N TRP A 123 -7.29 74.68 44.88
CA TRP A 123 -6.31 74.78 45.96
C TRP A 123 -6.19 76.22 46.44
N PRO A 124 -7.14 76.68 47.27
CA PRO A 124 -7.10 78.09 47.70
C PRO A 124 -6.10 78.37 48.81
N ASN A 125 -5.85 77.39 49.67
CA ASN A 125 -5.14 77.64 50.92
C ASN A 125 -3.65 77.33 50.84
N HIS A 126 -3.23 76.51 49.90
CA HIS A 126 -1.85 76.09 49.78
C HIS A 126 -1.13 76.88 48.69
N GLU A 127 0.10 76.49 48.39
CA GLU A 127 0.89 77.12 47.35
C GLU A 127 0.93 76.20 46.14
N THR A 128 0.40 76.67 45.01
CA THR A 128 0.36 75.86 43.80
C THR A 128 1.72 75.80 43.13
N THR A 129 2.33 76.96 42.88
CA THR A 129 3.65 77.02 42.26
C THR A 129 4.73 76.81 43.31
N LYS A 130 5.98 77.11 42.94
CA LYS A 130 7.20 76.79 43.70
C LYS A 130 7.29 75.30 43.99
N GLY A 131 6.89 74.49 43.02
CA GLY A 131 6.86 73.04 43.16
C GLY A 131 7.81 72.37 42.19
N VAL A 132 9.01 72.92 42.10
CA VAL A 132 9.88 72.69 40.95
C VAL A 132 11.29 72.36 41.42
N THR A 133 11.91 71.36 40.78
CA THR A 133 13.26 70.95 41.10
C THR A 133 14.11 70.93 39.83
N ALA A 134 15.43 70.87 40.03
CA ALA A 134 16.37 70.88 38.92
C ALA A 134 16.63 69.50 38.35
N ALA A 135 16.26 68.43 39.05
CA ALA A 135 16.42 67.09 38.51
C ALA A 135 15.43 66.80 37.40
N CYS A 136 14.30 67.51 37.37
CA CYS A 136 13.38 67.46 36.26
C CYS A 136 13.52 68.80 35.54
N SER A 137 14.51 68.86 34.65
CA SER A 137 14.92 70.10 34.01
C SER A 137 14.46 70.10 32.57
N TYR A 138 13.93 71.24 32.12
CA TYR A 138 13.43 71.39 30.77
C TYR A 138 14.00 72.67 30.16
N SER A 139 14.60 72.53 28.97
CA SER A 139 15.19 73.63 28.19
C SER A 139 16.24 74.40 28.99
N GLY A 140 16.98 73.70 29.82
CA GLY A 140 17.95 74.30 30.73
C GLY A 140 17.36 74.77 32.04
N ALA A 141 16.14 75.28 32.02
CA ALA A 141 15.46 75.71 33.23
C ALA A 141 14.90 74.50 33.97
N SER A 142 14.36 74.76 35.15
CA SER A 142 13.77 73.71 35.98
C SER A 142 12.26 73.64 35.74
N SER A 143 11.72 72.43 35.81
CA SER A 143 10.31 72.21 35.51
C SER A 143 9.81 71.03 36.32
N PHE A 144 8.64 70.50 35.93
CA PHE A 144 7.99 69.42 36.65
C PHE A 144 7.08 68.69 35.66
N TYR A 145 6.53 67.55 36.10
CA TYR A 145 5.61 66.76 35.29
C TYR A 145 4.37 67.55 34.90
N ARG A 146 3.76 67.16 33.79
CA ARG A 146 2.65 67.90 33.21
C ARG A 146 1.30 67.28 33.54
N ASN A 147 1.25 66.35 34.49
CA ASN A 147 -0.01 65.74 34.88
C ASN A 147 -0.21 65.70 36.39
N LEU A 148 0.81 66.05 37.17
CA LEU A 148 0.75 66.05 38.62
C LEU A 148 0.94 67.48 39.13
N LEU A 149 1.04 67.61 40.45
CA LEU A 149 1.22 68.92 41.06
C LEU A 149 1.89 68.76 42.41
N TRP A 150 3.09 69.29 42.55
CA TRP A 150 3.67 69.47 43.86
C TRP A 150 2.91 70.57 44.59
N ILE A 151 2.73 70.40 45.90
CA ILE A 151 1.96 71.33 46.71
C ILE A 151 2.75 71.65 47.98
N THR A 152 2.99 72.94 48.22
CA THR A 152 3.63 73.41 49.44
C THR A 152 2.66 74.42 50.09
N LYS A 153 3.06 75.01 51.21
CA LYS A 153 2.21 75.88 52.01
C LYS A 153 2.22 77.30 51.48
N LYS A 154 1.12 78.00 51.74
CA LYS A 154 1.05 79.45 51.54
C LYS A 154 1.41 80.12 52.87
N GLY A 155 2.72 80.23 53.11
CA GLY A 155 3.21 81.01 54.23
C GLY A 155 3.38 80.29 55.56
N THR A 156 4.11 79.16 55.54
CA THR A 156 4.52 78.38 56.73
C THR A 156 3.34 77.93 57.58
N SER A 157 2.18 77.76 56.97
CA SER A 157 0.98 77.31 57.68
C SER A 157 0.29 76.30 56.78
N TYR A 158 0.16 75.07 57.27
CA TYR A 158 -0.39 73.97 56.48
C TYR A 158 -1.76 73.61 57.02
N PRO A 159 -2.83 73.98 56.35
CA PRO A 159 -4.14 73.42 56.72
C PRO A 159 -4.25 71.98 56.28
N LYS A 160 -4.87 71.17 57.14
CA LYS A 160 -5.18 69.79 56.78
C LYS A 160 -6.22 69.79 55.66
N LEU A 161 -5.96 69.06 54.59
CA LEU A 161 -6.77 69.17 53.39
C LEU A 161 -7.60 67.92 53.15
N SER A 162 -8.76 68.13 52.53
CA SER A 162 -9.65 67.04 52.16
C SER A 162 -10.43 67.47 50.93
N LYS A 163 -10.50 66.59 49.93
CA LYS A 163 -11.11 66.94 48.66
C LYS A 163 -11.63 65.67 47.99
N SER A 164 -12.83 65.75 47.42
CA SER A 164 -13.49 64.62 46.79
C SER A 164 -13.63 64.84 45.30
N TYR A 165 -14.05 63.78 44.61
CA TYR A 165 -14.33 63.83 43.19
C TYR A 165 -15.22 62.66 42.81
N THR A 166 -16.23 62.94 41.99
CA THR A 166 -17.11 61.94 41.41
C THR A 166 -16.87 61.89 39.91
N ASN A 167 -17.24 60.78 39.29
CA ASN A 167 -17.23 60.72 37.83
C ASN A 167 -18.64 60.58 37.27
N ASN A 168 -18.77 60.94 36.00
CA ASN A 168 -20.04 60.78 35.30
C ASN A 168 -19.85 60.30 33.87
N LYS A 169 -18.63 59.99 33.45
CA LYS A 169 -18.30 59.78 32.05
C LYS A 169 -18.80 58.45 31.50
N GLY A 170 -19.40 57.59 32.31
CA GLY A 170 -19.88 56.31 31.86
C GLY A 170 -18.82 55.26 31.63
N LYS A 171 -17.54 55.61 31.73
CA LYS A 171 -16.43 54.70 31.52
C LYS A 171 -15.51 54.77 32.73
N GLU A 172 -14.47 53.94 32.72
CA GLU A 172 -13.56 53.89 33.85
C GLU A 172 -12.55 55.03 33.80
N VAL A 173 -12.11 55.48 34.97
CA VAL A 173 -11.20 56.60 35.09
C VAL A 173 -9.94 56.12 35.80
N LEU A 174 -8.78 56.43 35.22
CA LEU A 174 -7.48 55.98 35.71
C LEU A 174 -6.77 57.16 36.35
N VAL A 175 -6.63 57.11 37.68
CA VAL A 175 -6.20 58.25 38.48
C VAL A 175 -4.82 57.96 39.06
N LEU A 176 -3.92 58.94 38.98
CA LEU A 176 -2.57 58.81 39.49
C LEU A 176 -2.37 59.77 40.65
N TRP A 177 -1.39 59.45 41.50
CA TRP A 177 -0.86 60.39 42.49
C TRP A 177 0.51 59.92 42.93
N GLY A 178 1.10 60.68 43.84
CA GLY A 178 2.42 60.37 44.33
C GLY A 178 2.57 60.76 45.78
N VAL A 179 3.52 60.11 46.46
CA VAL A 179 3.86 60.41 47.84
C VAL A 179 5.35 60.69 47.91
N HIS A 180 5.69 61.92 48.27
CA HIS A 180 7.07 62.34 48.45
C HIS A 180 7.53 62.04 49.87
N HIS A 181 8.81 61.70 50.01
CA HIS A 181 9.41 61.85 51.32
C HIS A 181 10.85 62.37 51.19
N PRO A 182 11.20 63.38 51.98
CA PRO A 182 12.56 63.90 51.97
C PRO A 182 13.46 63.04 52.84
N PRO A 183 14.78 63.11 52.67
CA PRO A 183 15.66 62.20 53.41
C PRO A 183 16.08 62.71 54.78
N SER A 184 15.81 63.97 55.08
CA SER A 184 16.27 64.59 56.31
C SER A 184 15.10 65.17 57.08
N VAL A 185 15.32 65.36 58.38
CA VAL A 185 14.28 65.87 59.26
C VAL A 185 14.01 67.34 58.99
N SER A 186 15.08 68.12 58.76
CA SER A 186 14.93 69.55 58.60
C SER A 186 14.26 69.92 57.29
N GLU A 187 14.41 69.08 56.26
CA GLU A 187 13.73 69.34 54.99
C GLU A 187 12.22 69.10 55.14
N GLN A 188 11.84 68.06 55.88
CA GLN A 188 10.43 67.83 56.19
C GLN A 188 9.88 68.95 57.06
N GLN A 189 10.71 69.50 57.94
CA GLN A 189 10.30 70.66 58.73
C GLN A 189 10.14 71.89 57.86
N SER A 190 11.02 72.06 56.87
CA SER A 190 11.00 73.27 56.05
C SER A 190 9.83 73.26 55.07
N LEU A 191 9.52 72.09 54.50
CA LEU A 191 8.53 72.08 53.44
C LEU A 191 7.10 72.04 53.97
N TYR A 192 6.87 71.49 55.16
CA TYR A 192 5.50 71.25 55.58
C TYR A 192 5.17 71.59 57.03
N GLN A 193 6.15 72.02 57.83
CA GLN A 193 5.98 72.47 59.23
C GLN A 193 5.35 71.44 60.15
N ASN A 194 5.38 70.16 59.79
CA ASN A 194 4.75 69.12 60.58
C ASN A 194 5.69 67.92 60.60
N ALA A 195 6.20 67.59 61.79
CA ALA A 195 7.12 66.46 61.91
C ALA A 195 6.40 65.13 61.67
N ASP A 196 5.13 65.04 62.06
CA ASP A 196 4.30 63.90 61.72
C ASP A 196 3.37 64.29 60.59
N ALA A 197 3.05 63.31 59.74
CA ALA A 197 2.24 63.55 58.55
C ALA A 197 1.66 62.24 58.07
N TYR A 198 0.61 62.36 57.27
CA TYR A 198 0.02 61.22 56.57
C TYR A 198 -0.81 61.75 55.42
N VAL A 199 -0.99 60.92 54.39
CA VAL A 199 -2.02 61.14 53.39
C VAL A 199 -2.92 59.93 53.41
N SER A 200 -4.07 60.06 52.76
CA SER A 200 -5.02 58.95 52.74
C SER A 200 -5.91 59.05 51.52
N VAL A 201 -6.11 57.93 50.85
CA VAL A 201 -6.94 57.84 49.65
C VAL A 201 -8.06 56.85 49.93
N GLY A 202 -9.28 57.28 49.69
CA GLY A 202 -10.45 56.45 49.97
C GLY A 202 -11.41 56.38 48.81
N SER A 203 -11.94 55.19 48.58
CA SER A 203 -13.00 54.95 47.62
C SER A 203 -13.81 53.77 48.12
N SER A 204 -14.59 53.15 47.24
CA SER A 204 -15.31 51.94 47.63
C SER A 204 -14.36 50.76 47.78
N LYS A 205 -13.64 50.42 46.71
CA LYS A 205 -12.80 49.23 46.73
C LYS A 205 -11.34 49.53 47.08
N TYR A 206 -10.91 50.79 47.03
CA TYR A 206 -9.56 51.16 47.39
C TYR A 206 -9.58 52.02 48.65
N ASN A 207 -8.65 51.74 49.56
CA ASN A 207 -8.59 52.42 50.85
C ASN A 207 -7.18 52.23 51.39
N ARG A 208 -6.41 53.32 51.48
CA ARG A 208 -5.08 53.19 52.06
C ARG A 208 -4.61 54.50 52.65
N ARG A 209 -4.03 54.40 53.85
CA ARG A 209 -3.29 55.47 54.49
C ARG A 209 -1.82 55.32 54.14
N PHE A 210 -1.15 56.45 53.91
CA PHE A 210 0.29 56.47 53.72
C PHE A 210 0.94 57.35 54.78
N ALA A 211 2.11 56.94 55.23
CA ALA A 211 2.94 57.74 56.10
C ALA A 211 4.32 57.92 55.47
N PRO A 212 4.96 59.07 55.64
CA PRO A 212 6.32 59.24 55.13
C PRO A 212 7.34 58.56 56.04
N GLU A 213 8.53 58.39 55.48
CA GLU A 213 9.67 57.93 56.26
C GLU A 213 10.85 58.85 55.95
N ILE A 214 11.75 58.98 56.91
CA ILE A 214 12.92 59.84 56.78
C ILE A 214 14.16 59.00 57.05
N ALA A 215 15.03 58.89 56.05
CA ALA A 215 16.24 58.12 56.18
C ALA A 215 17.29 58.64 55.21
N ALA A 216 18.56 58.47 55.59
CA ALA A 216 19.66 58.91 54.75
C ALA A 216 19.98 57.84 53.71
N ARG A 217 20.33 58.27 52.52
CA ARG A 217 20.48 57.39 51.37
C ARG A 217 21.31 58.10 50.32
N PRO A 218 22.05 57.38 49.47
CA PRO A 218 22.93 58.05 48.51
C PRO A 218 22.15 58.76 47.42
N LYS A 219 22.78 59.79 46.87
CA LYS A 219 22.13 60.66 45.89
C LYS A 219 22.05 60.00 44.53
N VAL A 220 20.92 60.21 43.85
CA VAL A 220 20.74 59.85 42.46
C VAL A 220 20.24 61.09 41.74
N ARG A 221 20.91 61.46 40.64
CA ARG A 221 20.64 62.66 39.85
C ARG A 221 20.72 63.92 40.70
N GLY A 222 21.65 63.92 41.67
CA GLY A 222 21.79 65.03 42.58
C GLY A 222 20.65 65.19 43.57
N GLN A 223 19.87 64.14 43.80
CA GLN A 223 18.74 64.20 44.72
C GLN A 223 18.85 63.07 45.73
N ALA A 224 18.57 63.38 46.99
CA ALA A 224 18.59 62.38 48.05
C ALA A 224 17.20 62.02 48.55
N GLY A 225 16.15 62.75 48.14
CA GLY A 225 14.81 62.37 48.49
C GLY A 225 14.25 61.32 47.56
N ARG A 226 13.05 60.84 47.89
CA ARG A 226 12.39 59.84 47.07
C ARG A 226 10.91 60.17 46.93
N MET A 227 10.26 59.46 46.02
CA MET A 227 8.85 59.69 45.73
C MET A 227 8.26 58.43 45.13
N ASN A 228 7.22 57.90 45.73
CA ASN A 228 6.51 56.74 45.21
C ASN A 228 5.30 57.20 44.41
N TYR A 229 4.83 56.34 43.52
CA TYR A 229 3.77 56.69 42.59
C TYR A 229 2.69 55.61 42.61
N TYR A 230 1.43 56.03 42.49
CA TYR A 230 0.31 55.12 42.68
C TYR A 230 -0.77 55.41 41.66
N TRP A 231 -1.50 54.37 41.27
CA TRP A 231 -2.58 54.48 40.32
C TRP A 231 -3.76 53.63 40.75
N THR A 232 -4.96 54.07 40.38
CA THR A 232 -6.17 53.32 40.69
C THR A 232 -7.20 53.56 39.60
N LEU A 233 -7.80 52.48 39.11
CA LEU A 233 -8.95 52.59 38.21
C LEU A 233 -10.20 52.88 39.01
N LEU A 234 -10.99 53.85 38.56
CA LEU A 234 -12.30 54.10 39.12
C LEU A 234 -13.37 53.43 38.28
N ASP A 235 -14.54 53.27 38.89
CA ASP A 235 -15.72 52.83 38.15
C ASP A 235 -16.62 54.04 37.88
N GLN A 236 -17.57 53.86 36.97
CA GLN A 236 -18.60 54.85 36.77
C GLN A 236 -19.46 54.95 38.03
N GLY A 237 -19.90 56.16 38.35
CA GLY A 237 -20.58 56.31 39.62
C GLY A 237 -19.64 56.70 40.73
N ASP A 238 -19.09 55.68 41.39
CA ASP A 238 -18.34 55.75 42.63
C ASP A 238 -17.28 56.84 42.66
N THR A 239 -17.12 57.44 43.83
CA THR A 239 -16.33 58.63 44.04
C THR A 239 -14.92 58.27 44.49
N ILE A 240 -14.14 59.28 44.87
CA ILE A 240 -12.84 59.11 45.50
C ILE A 240 -12.56 60.35 46.32
N THR A 241 -11.88 60.16 47.45
CA THR A 241 -11.51 61.26 48.34
C THR A 241 -10.03 61.20 48.65
N PHE A 242 -9.35 62.32 48.45
CA PHE A 242 -8.00 62.53 48.96
C PHE A 242 -8.10 63.30 50.27
N GLU A 243 -7.24 62.98 51.22
CA GLU A 243 -7.27 63.60 52.52
C GLU A 243 -5.86 63.57 53.08
N ALA A 244 -5.20 64.72 53.11
CA ALA A 244 -3.75 64.73 53.29
C ALA A 244 -3.32 65.71 54.38
N THR A 245 -2.21 65.35 55.03
CA THR A 245 -1.60 66.17 56.06
C THR A 245 -0.14 66.48 55.83
N GLY A 246 0.59 65.76 54.98
CA GLY A 246 1.90 66.30 54.66
C GLY A 246 2.59 66.12 53.33
N ASN A 247 2.16 65.22 52.44
CA ASN A 247 3.03 64.90 51.32
C ASN A 247 2.33 64.60 50.00
N LEU A 248 1.12 65.10 49.78
CA LEU A 248 0.34 64.67 48.63
C LEU A 248 0.85 65.28 47.35
N ILE A 249 1.00 64.46 46.32
CA ILE A 249 1.15 64.93 44.95
C ILE A 249 -0.22 64.79 44.31
N ALA A 250 -0.89 65.88 44.11
CA ALA A 250 -2.26 65.81 43.64
C ALA A 250 -2.31 65.56 42.13
N PRO A 251 -3.30 64.81 41.67
CA PRO A 251 -3.47 64.66 40.22
C PRO A 251 -3.96 65.95 39.59
N TRP A 252 -3.37 66.29 38.44
CA TRP A 252 -3.78 67.46 37.69
C TRP A 252 -4.48 67.13 36.38
N TYR A 253 -4.18 65.98 35.78
CA TYR A 253 -5.01 65.44 34.72
C TYR A 253 -5.31 63.98 35.01
N ALA A 254 -6.27 63.43 34.28
CA ALA A 254 -6.57 62.00 34.33
C ALA A 254 -7.17 61.59 32.99
N PHE A 255 -7.53 60.32 32.90
CA PHE A 255 -7.85 59.71 31.61
C PHE A 255 -9.15 58.92 31.73
N ALA A 256 -9.95 58.95 30.67
CA ALA A 256 -11.16 58.15 30.57
C ALA A 256 -10.95 57.12 29.47
N LEU A 257 -11.02 55.84 29.81
CA LEU A 257 -10.55 54.78 28.93
C LEU A 257 -11.70 54.18 28.14
N ASN A 258 -11.43 53.85 26.88
CA ASN A 258 -12.35 53.09 26.04
C ASN A 258 -12.01 51.61 26.11
N LYS A 259 -12.62 50.82 25.24
CA LYS A 259 -12.26 49.41 25.11
C LYS A 259 -11.89 49.10 23.67
N GLY A 260 -11.71 47.82 23.36
CA GLY A 260 -11.12 47.41 22.10
C GLY A 260 -9.78 46.78 22.38
N SER A 261 -9.76 45.45 22.41
CA SER A 261 -8.66 44.72 23.02
C SER A 261 -7.61 44.35 21.97
N ASP A 262 -6.70 43.47 22.38
CA ASP A 262 -5.65 42.87 21.56
C ASP A 262 -4.71 43.92 20.97
N SER A 263 -4.02 44.62 21.89
CA SER A 263 -2.92 45.50 21.57
C SER A 263 -1.79 45.23 22.55
N GLY A 264 -0.66 45.88 22.36
CA GLY A 264 0.47 45.62 23.24
C GLY A 264 1.64 46.54 22.97
N ILE A 265 2.81 46.09 23.40
CA ILE A 265 4.04 46.87 23.30
C ILE A 265 5.01 46.12 22.41
N ILE A 266 5.66 46.85 21.50
CA ILE A 266 6.71 46.30 20.65
C ILE A 266 7.97 47.13 20.85
N THR A 267 9.07 46.46 21.20
CA THR A 267 10.38 47.09 21.26
C THR A 267 11.11 46.76 19.97
N SER A 268 11.22 47.74 19.09
CA SER A 268 11.93 47.56 17.82
C SER A 268 12.44 48.91 17.36
N ASP A 269 13.17 48.90 16.23
CA ASP A 269 13.77 50.11 15.70
C ASP A 269 13.46 50.28 14.21
N ALA A 270 12.46 49.59 13.70
CA ALA A 270 12.06 49.76 12.31
C ALA A 270 11.34 51.09 12.13
N PRO A 271 11.45 51.70 10.95
CA PRO A 271 10.75 52.97 10.73
C PRO A 271 9.26 52.77 10.55
N VAL A 272 8.54 53.89 10.53
CA VAL A 272 7.08 53.92 10.46
C VAL A 272 6.66 54.43 9.09
N HIS A 273 5.82 53.66 8.42
CA HIS A 273 5.21 54.08 7.16
C HIS A 273 3.72 53.80 7.21
N ASN A 274 3.02 54.00 6.10
CA ASN A 274 1.57 54.09 6.13
C ASN A 274 0.91 53.20 5.09
N CYS A 275 1.32 51.94 5.03
CA CYS A 275 0.52 50.96 4.31
C CYS A 275 -0.52 50.39 5.27
N ASP A 276 -1.20 49.33 4.88
CA ASP A 276 -2.19 48.73 5.77
C ASP A 276 -2.12 47.21 5.62
N THR A 277 -1.78 46.53 6.71
CA THR A 277 -1.63 45.09 6.72
C THR A 277 -2.59 44.48 7.73
N ARG A 278 -2.50 43.16 7.88
CA ARG A 278 -3.30 42.42 8.85
C ARG A 278 -2.43 41.65 9.82
N CYS A 279 -1.12 41.80 9.75
CA CYS A 279 -0.18 41.10 10.62
C CYS A 279 0.99 42.04 10.87
N GLN A 280 1.50 42.03 12.10
CA GLN A 280 2.60 42.93 12.42
C GLN A 280 3.57 42.25 13.38
N THR A 281 4.85 42.30 13.04
CA THR A 281 5.95 41.76 13.81
C THR A 281 6.95 42.87 14.11
N PRO A 282 7.82 42.70 15.09
CA PRO A 282 8.90 43.69 15.29
C PRO A 282 9.90 43.79 14.17
N HIS A 283 10.01 42.80 13.28
CA HIS A 283 10.92 42.88 12.16
C HIS A 283 10.25 43.36 10.88
N GLY A 284 8.99 43.77 10.94
CA GLY A 284 8.27 44.22 9.77
C GLY A 284 6.90 43.61 9.71
N ALA A 285 6.22 43.81 8.59
CA ALA A 285 4.86 43.32 8.42
C ALA A 285 4.85 42.08 7.54
N LEU A 286 3.78 41.30 7.68
CA LEU A 286 3.61 40.07 6.93
C LEU A 286 2.35 40.15 6.08
N ASN A 287 2.44 39.63 4.86
CA ASN A 287 1.31 39.51 3.95
C ASN A 287 1.42 38.15 3.29
N SER A 288 0.66 37.18 3.80
CA SER A 288 0.65 35.84 3.24
C SER A 288 -0.63 35.12 3.65
N SER A 289 -0.81 33.92 3.12
CA SER A 289 -1.91 33.05 3.50
C SER A 289 -1.42 31.64 3.83
N LEU A 290 -0.11 31.44 3.93
CA LEU A 290 0.44 30.17 4.33
C LEU A 290 0.14 29.91 5.81
N PRO A 291 0.02 28.65 6.22
CA PRO A 291 -0.33 28.39 7.62
C PRO A 291 0.83 28.44 8.59
N PHE A 292 2.07 28.62 8.12
CA PHE A 292 3.21 28.61 9.02
C PHE A 292 4.04 29.87 8.81
N GLN A 293 5.01 30.09 9.71
CA GLN A 293 5.61 31.40 9.85
C GLN A 293 6.97 31.23 10.51
N ASN A 294 7.92 32.11 10.15
CA ASN A 294 9.31 31.92 10.52
C ASN A 294 9.99 33.15 11.10
N VAL A 295 9.40 34.33 10.98
CA VAL A 295 10.14 35.57 11.21
C VAL A 295 10.35 35.81 12.70
N HIS A 296 9.26 35.93 13.47
CA HIS A 296 9.40 36.31 14.87
C HIS A 296 8.21 35.78 15.65
N PRO A 297 8.39 35.35 16.89
CA PRO A 297 7.28 34.77 17.66
C PRO A 297 6.40 35.76 18.41
N ILE A 298 6.48 37.06 18.14
CA ILE A 298 5.61 38.04 18.78
C ILE A 298 4.82 38.72 17.68
N THR A 299 3.53 38.39 17.59
CA THR A 299 2.69 38.85 16.49
C THR A 299 1.52 39.67 17.03
N ILE A 300 1.08 40.62 16.23
CA ILE A 300 -0.12 41.40 16.51
C ILE A 300 -0.99 41.41 15.25
N GLY A 301 -2.24 40.98 15.40
CA GLY A 301 -3.18 40.94 14.31
C GLY A 301 -3.76 39.56 14.11
N GLU A 302 -3.68 39.04 12.89
CA GLU A 302 -4.04 37.66 12.60
C GLU A 302 -2.91 37.08 11.76
N CYS A 303 -2.08 36.25 12.36
CA CYS A 303 -0.83 35.85 11.75
C CYS A 303 -0.69 34.34 11.75
N PRO A 304 0.04 33.78 10.79
CA PRO A 304 0.32 32.34 10.82
C PRO A 304 1.21 31.95 11.98
N LYS A 305 1.26 30.65 12.25
CA LYS A 305 1.84 30.14 13.47
C LYS A 305 3.35 30.07 13.38
N TYR A 306 4.02 30.56 14.41
CA TYR A 306 5.48 30.57 14.45
C TYR A 306 6.00 29.15 14.70
N VAL A 307 7.05 28.78 13.97
CA VAL A 307 7.74 27.51 14.15
C VAL A 307 9.23 27.76 14.20
N LYS A 308 9.99 26.67 14.26
CA LYS A 308 11.44 26.71 14.41
C LYS A 308 12.08 25.77 13.40
N SER A 309 11.69 25.91 12.14
CA SER A 309 12.21 25.08 11.06
C SER A 309 12.70 25.96 9.94
N THR A 310 13.18 25.33 8.86
CA THR A 310 13.71 26.05 7.71
C THR A 310 13.06 25.69 6.40
N LYS A 311 12.52 24.48 6.25
CA LYS A 311 12.07 24.01 4.95
C LYS A 311 10.85 23.12 5.13
N LEU A 312 9.72 23.56 4.60
CA LEU A 312 8.47 22.82 4.67
C LEU A 312 7.86 22.67 3.29
N ARG A 313 8.68 22.24 2.33
CA ARG A 313 8.18 21.99 1.00
C ARG A 313 7.36 20.71 0.99
N MET A 314 6.22 20.75 0.32
CA MET A 314 5.28 19.64 0.32
C MET A 314 5.00 19.23 -1.12
N ALA A 315 5.12 17.94 -1.39
CA ALA A 315 5.11 17.45 -2.77
C ALA A 315 3.69 17.23 -3.24
N THR A 316 3.35 17.81 -4.41
CA THR A 316 2.11 17.52 -5.11
C THR A 316 2.50 17.13 -6.52
N GLY A 317 2.91 15.89 -6.71
CA GLY A 317 3.38 15.46 -8.01
C GLY A 317 4.27 14.24 -7.90
N LEU A 318 5.01 13.99 -8.96
CA LEU A 318 5.67 12.72 -9.19
C LEU A 318 7.17 12.82 -9.02
N ARG A 319 7.82 11.67 -8.97
CA ARG A 319 9.29 11.63 -8.97
C ARG A 319 9.80 12.01 -10.35
N ASN A 320 10.52 13.11 -10.43
CA ASN A 320 11.02 13.61 -11.71
C ASN A 320 12.19 12.72 -12.12
N VAL A 321 11.87 11.64 -12.84
CA VAL A 321 12.87 10.71 -13.33
C VAL A 321 13.01 10.92 -14.83
N PRO A 322 14.09 11.53 -15.31
CA PRO A 322 14.26 11.74 -16.74
C PRO A 322 14.73 10.47 -17.43
N SER A 323 14.41 10.39 -18.73
CA SER A 323 14.76 9.22 -19.51
C SER A 323 16.15 9.38 -20.12
N ILE A 324 16.79 8.25 -20.37
CA ILE A 324 18.14 8.25 -20.93
C ILE A 324 18.11 7.73 -22.36
N GLY B 1 4.28 2.05 0.71
CA GLY B 1 4.89 0.93 0.00
C GLY B 1 5.03 1.18 -1.48
N LEU B 2 6.22 0.90 -2.00
CA LEU B 2 6.50 1.10 -3.42
C LEU B 2 5.77 0.02 -4.22
N PHE B 3 4.75 0.42 -4.97
CA PHE B 3 3.90 -0.52 -5.68
C PHE B 3 4.56 -1.12 -6.91
N GLY B 4 5.70 -0.61 -7.34
CA GLY B 4 6.50 -1.27 -8.35
C GLY B 4 6.50 -0.63 -9.71
N ALA B 5 5.69 0.40 -9.95
CA ALA B 5 5.53 0.90 -11.30
C ALA B 5 6.51 2.03 -11.62
N ILE B 6 6.47 3.11 -10.83
CA ILE B 6 7.33 4.26 -11.11
C ILE B 6 8.77 3.91 -10.77
N ALA B 7 9.66 4.03 -11.77
CA ALA B 7 11.06 3.60 -11.69
C ALA B 7 11.19 2.12 -11.31
N GLY B 8 10.22 1.32 -11.75
CA GLY B 8 10.23 -0.11 -11.49
C GLY B 8 10.25 -0.88 -12.79
N PHE B 9 9.16 -1.59 -13.10
CA PHE B 9 9.11 -2.25 -14.39
C PHE B 9 8.85 -1.26 -15.52
N ILE B 10 8.37 -0.07 -15.20
CA ILE B 10 8.28 1.02 -16.17
C ILE B 10 9.46 1.94 -15.95
N GLU B 11 10.10 2.34 -17.06
CA GLU B 11 11.25 3.25 -17.03
C GLU B 11 10.74 4.67 -16.76
N GLY B 12 11.65 5.66 -16.77
CA GLY B 12 11.33 7.02 -16.38
C GLY B 12 10.35 7.70 -17.31
N GLY B 13 9.94 8.89 -16.88
CA GLY B 13 8.84 9.60 -17.50
C GLY B 13 9.16 10.15 -18.88
N TRP B 14 8.16 10.84 -19.43
CA TRP B 14 8.19 11.31 -20.80
C TRP B 14 8.22 12.83 -20.81
N THR B 15 9.18 13.39 -21.54
CA THR B 15 9.30 14.84 -21.62
C THR B 15 8.19 15.43 -22.49
N GLY B 16 7.90 14.77 -23.63
CA GLY B 16 7.02 15.34 -24.63
C GLY B 16 5.56 15.42 -24.25
N MET B 17 5.12 14.58 -23.32
CA MET B 17 3.75 14.66 -22.85
C MET B 17 3.58 15.92 -21.99
N ILE B 18 2.50 16.65 -22.23
CA ILE B 18 2.36 17.99 -21.66
C ILE B 18 1.20 18.07 -20.69
N ASP B 19 -0.01 17.78 -21.16
CA ASP B 19 -1.24 18.23 -20.51
C ASP B 19 -1.77 17.27 -19.45
N GLY B 20 -0.93 16.46 -18.83
CA GLY B 20 -1.44 15.58 -17.80
C GLY B 20 -0.33 14.86 -17.08
N TRP B 21 -0.72 13.89 -16.28
CA TRP B 21 0.22 13.04 -15.56
C TRP B 21 0.17 11.60 -16.02
N TYR B 22 -0.84 11.20 -16.77
CA TYR B 22 -1.05 9.81 -17.14
C TYR B 22 -1.53 9.78 -18.58
N GLY B 23 -0.77 9.15 -19.46
CA GLY B 23 -1.10 9.19 -20.87
C GLY B 23 -0.74 7.90 -21.58
N TYR B 24 -0.97 7.91 -22.88
CA TYR B 24 -0.71 6.76 -23.74
C TYR B 24 0.22 7.18 -24.87
N HIS B 25 0.65 6.20 -25.66
CA HIS B 25 1.60 6.46 -26.75
C HIS B 25 1.33 5.43 -27.85
N HIS B 26 0.56 5.83 -28.85
CA HIS B 26 0.12 4.91 -29.90
C HIS B 26 0.91 5.12 -31.17
N GLN B 27 0.99 4.07 -31.99
CA GLN B 27 1.75 4.10 -33.25
C GLN B 27 0.93 3.43 -34.36
N ASN B 28 -0.25 3.96 -34.66
CA ASN B 28 -1.12 3.36 -35.66
C ASN B 28 -0.59 3.61 -37.07
N GLU B 29 -1.46 3.35 -38.06
CA GLU B 29 -1.09 3.44 -39.47
C GLU B 29 -0.74 4.85 -39.91
N GLN B 30 -1.14 5.88 -39.17
CA GLN B 30 -0.95 7.24 -39.66
C GLN B 30 -0.39 8.22 -38.63
N GLY B 31 0.09 7.78 -37.48
CA GLY B 31 0.67 8.74 -36.57
C GLY B 31 1.41 8.11 -35.41
N SER B 32 2.00 8.97 -34.59
CA SER B 32 2.55 8.63 -33.29
C SER B 32 1.62 9.16 -32.21
N GLY B 33 2.01 8.98 -30.95
CA GLY B 33 1.07 9.14 -29.85
C GLY B 33 1.17 10.37 -28.98
N TYR B 34 1.49 10.16 -27.70
CA TYR B 34 1.56 11.19 -26.66
C TYR B 34 0.23 11.94 -26.50
N ALA B 35 -0.78 11.20 -26.08
CA ALA B 35 -2.07 11.75 -25.71
C ALA B 35 -2.39 11.39 -24.26
N ALA B 36 -2.99 12.34 -23.54
CA ALA B 36 -3.23 12.18 -22.11
C ALA B 36 -4.47 11.32 -21.85
N ASP B 37 -4.71 11.03 -20.57
CA ASP B 37 -5.89 10.30 -20.12
C ASP B 37 -6.59 11.16 -19.07
N GLN B 38 -7.56 11.95 -19.52
CA GLN B 38 -8.17 13.00 -18.68
C GLN B 38 -9.09 12.46 -17.60
N LYS B 39 -9.35 11.16 -17.54
CA LYS B 39 -10.22 10.62 -16.50
C LYS B 39 -9.46 10.50 -15.18
N SER B 40 -8.36 9.74 -15.18
CA SER B 40 -7.70 9.37 -13.94
C SER B 40 -6.91 10.53 -13.35
N THR B 41 -6.31 11.37 -14.20
CA THR B 41 -5.60 12.53 -13.70
C THR B 41 -6.54 13.56 -13.09
N GLN B 42 -7.82 13.57 -13.49
CA GLN B 42 -8.78 14.47 -12.87
C GLN B 42 -9.06 14.08 -11.43
N ASN B 43 -9.24 12.77 -11.18
CA ASN B 43 -9.41 12.30 -9.82
C ASN B 43 -8.15 12.50 -8.99
N ALA B 44 -6.98 12.40 -9.62
CA ALA B 44 -5.74 12.67 -8.93
C ALA B 44 -5.64 14.13 -8.51
N ILE B 45 -5.97 15.05 -9.42
CA ILE B 45 -5.94 16.48 -9.12
C ILE B 45 -6.92 16.83 -8.02
N ASP B 46 -8.12 16.25 -8.07
CA ASP B 46 -9.14 16.55 -7.06
C ASP B 46 -8.75 16.02 -5.69
N GLY B 47 -8.16 14.82 -5.65
CA GLY B 47 -7.72 14.26 -4.38
C GLY B 47 -6.60 15.04 -3.74
N ILE B 48 -5.60 15.45 -4.54
CA ILE B 48 -4.49 16.21 -3.99
C ILE B 48 -4.94 17.61 -3.57
N THR B 49 -5.89 18.20 -4.30
CA THR B 49 -6.38 19.53 -3.95
C THR B 49 -7.17 19.49 -2.64
N SER B 50 -8.00 18.47 -2.45
CA SER B 50 -8.70 18.30 -1.18
C SER B 50 -7.73 18.03 -0.04
N LYS B 51 -6.64 17.33 -0.35
CA LYS B 51 -5.62 17.02 0.64
C LYS B 51 -4.94 18.28 1.14
N VAL B 52 -4.50 19.14 0.21
CA VAL B 52 -3.78 20.35 0.59
C VAL B 52 -4.70 21.34 1.30
N ASN B 53 -5.96 21.43 0.85
CA ASN B 53 -6.90 22.34 1.50
C ASN B 53 -7.25 21.87 2.91
N SER B 54 -7.31 20.55 3.12
CA SER B 54 -7.55 20.05 4.47
C SER B 54 -6.37 20.35 5.39
N VAL B 55 -5.15 20.15 4.90
CA VAL B 55 -3.95 20.41 5.68
C VAL B 55 -3.83 21.91 6.01
N ILE B 56 -4.28 22.78 5.10
CA ILE B 56 -4.32 24.20 5.40
C ILE B 56 -5.36 24.50 6.48
N GLU B 57 -6.58 23.99 6.32
CA GLU B 57 -7.65 24.44 7.21
C GLU B 57 -7.62 23.78 8.59
N LYS B 58 -6.80 22.77 8.82
CA LYS B 58 -6.70 22.22 10.17
C LYS B 58 -5.88 23.12 11.08
N MET B 59 -4.83 23.74 10.56
CA MET B 59 -3.99 24.61 11.38
C MET B 59 -4.71 25.93 11.61
N ASN B 60 -4.88 26.30 12.87
CA ASN B 60 -5.55 27.54 13.22
C ASN B 60 -4.57 28.71 13.21
N THR B 61 -5.09 29.88 12.87
CA THR B 61 -4.29 31.10 12.96
C THR B 61 -4.22 31.58 14.40
N GLN B 62 -3.11 32.19 14.75
CA GLN B 62 -2.92 32.69 16.11
C GLN B 62 -3.17 34.19 16.16
N PHE B 63 -3.70 34.62 17.30
CA PHE B 63 -4.05 36.01 17.53
C PHE B 63 -2.89 36.72 18.23
N THR B 64 -3.14 37.89 18.81
CA THR B 64 -2.09 38.71 19.38
C THR B 64 -1.47 38.05 20.61
N ALA B 65 -0.13 38.07 20.65
CA ALA B 65 0.62 37.55 21.79
C ALA B 65 1.83 38.44 22.00
N VAL B 66 1.91 39.08 23.16
CA VAL B 66 2.95 40.04 23.49
C VAL B 66 3.69 39.55 24.71
N GLY B 67 5.02 39.65 24.68
CA GLY B 67 5.81 39.32 25.85
C GLY B 67 5.55 40.26 27.01
N LYS B 68 5.66 39.73 28.22
CA LYS B 68 5.24 40.39 29.44
C LYS B 68 6.45 40.90 30.22
N GLU B 69 6.17 41.49 31.37
CA GLU B 69 7.20 42.13 32.17
C GLU B 69 7.16 41.62 33.59
N PHE B 70 8.33 41.66 34.25
CA PHE B 70 8.47 41.20 35.63
C PHE B 70 9.57 42.03 36.29
N ASN B 71 9.46 42.19 37.60
CA ASN B 71 10.51 42.85 38.36
C ASN B 71 11.54 41.81 38.81
N ASN B 72 12.43 42.19 39.72
CA ASN B 72 13.48 41.29 40.17
C ASN B 72 13.02 40.29 41.22
N LEU B 73 11.81 40.43 41.75
CA LEU B 73 11.33 39.54 42.79
C LEU B 73 10.29 38.55 42.28
N GLU B 74 10.08 38.49 40.98
CA GLU B 74 9.13 37.55 40.38
C GLU B 74 9.82 36.71 39.32
N ARG B 75 11.03 36.24 39.64
CA ARG B 75 11.80 35.41 38.71
C ARG B 75 11.16 34.06 38.49
N ARG B 76 10.46 33.55 39.50
CA ARG B 76 9.85 32.23 39.45
C ARG B 76 8.75 32.17 38.39
N ILE B 77 7.89 33.18 38.37
CA ILE B 77 6.81 33.23 37.39
C ILE B 77 7.35 33.45 35.99
N GLU B 78 8.47 34.19 35.88
CA GLU B 78 9.06 34.44 34.57
C GLU B 78 9.68 33.18 34.00
N ASN B 79 10.33 32.36 34.84
CA ASN B 79 10.87 31.09 34.38
C ASN B 79 9.75 30.14 33.98
N LEU B 80 8.63 30.19 34.70
CA LEU B 80 7.46 29.41 34.33
C LEU B 80 6.92 29.85 32.97
N ASN B 81 6.90 31.15 32.73
CA ASN B 81 6.43 31.69 31.46
C ASN B 81 7.31 31.23 30.30
N LYS B 82 8.63 31.25 30.50
CA LYS B 82 9.55 30.83 29.45
C LYS B 82 9.44 29.34 29.18
N LYS B 83 9.20 28.54 30.23
CA LYS B 83 9.03 27.11 30.04
C LYS B 83 7.75 26.80 29.26
N VAL B 84 6.69 27.58 29.52
CA VAL B 84 5.43 27.39 28.81
C VAL B 84 5.59 27.69 27.32
N ASP B 85 6.20 28.83 27.01
CA ASP B 85 6.33 29.24 25.61
C ASP B 85 7.23 28.31 24.82
N ASP B 86 8.33 27.87 25.41
CA ASP B 86 9.23 26.96 24.68
C ASP B 86 8.63 25.58 24.51
N GLY B 87 7.84 25.13 25.49
CA GLY B 87 7.20 23.83 25.37
C GLY B 87 6.17 23.80 24.26
N PHE B 88 5.32 24.83 24.17
CA PHE B 88 4.34 24.89 23.10
C PHE B 88 5.01 25.05 21.74
N LEU B 89 6.11 25.80 21.69
CA LEU B 89 6.82 25.99 20.42
C LEU B 89 7.42 24.68 19.91
N ASP B 90 7.98 23.88 20.82
CA ASP B 90 8.54 22.60 20.43
C ASP B 90 7.48 21.62 19.96
N VAL B 91 6.32 21.63 20.62
CA VAL B 91 5.24 20.72 20.23
C VAL B 91 4.71 21.08 18.85
N TRP B 92 4.53 22.37 18.57
CA TRP B 92 4.00 22.75 17.26
C TRP B 92 4.98 22.47 16.13
N THR B 93 6.29 22.71 16.34
CA THR B 93 7.21 22.45 15.24
C THR B 93 7.41 20.96 15.03
N TYR B 94 7.26 20.14 16.08
CA TYR B 94 7.33 18.69 15.92
C TYR B 94 6.15 18.18 15.12
N ASN B 95 4.95 18.69 15.41
CA ASN B 95 3.76 18.25 14.70
C ASN B 95 3.81 18.63 13.22
N ALA B 96 4.36 19.82 12.92
CA ALA B 96 4.43 20.27 11.54
C ALA B 96 5.39 19.43 10.72
N GLU B 97 6.59 19.18 11.25
CA GLU B 97 7.58 18.42 10.50
C GLU B 97 7.15 16.96 10.33
N LEU B 98 6.51 16.38 11.35
CA LEU B 98 6.06 15.00 11.25
C LEU B 98 4.90 14.86 10.27
N LEU B 99 4.04 15.88 10.20
CA LEU B 99 2.91 15.84 9.27
C LEU B 99 3.39 15.88 7.83
N VAL B 100 4.36 16.74 7.52
CA VAL B 100 4.89 16.80 6.16
C VAL B 100 5.62 15.52 5.81
N LEU B 101 6.40 14.98 6.75
CA LEU B 101 7.19 13.79 6.45
C LEU B 101 6.35 12.53 6.33
N LEU B 102 5.12 12.52 6.80
CA LEU B 102 4.28 11.37 6.47
C LEU B 102 3.50 11.61 5.18
N GLU B 103 3.08 12.85 4.95
CA GLU B 103 2.26 13.19 3.79
C GLU B 103 3.00 12.98 2.47
N ASN B 104 4.34 13.06 2.49
CA ASN B 104 5.09 12.93 1.26
C ASN B 104 5.07 11.49 0.74
N GLU B 105 5.28 10.49 1.61
CA GLU B 105 5.18 9.11 1.11
C GLU B 105 3.75 8.74 0.80
N ARG B 106 2.79 9.37 1.47
CA ARG B 106 1.39 9.14 1.14
C ARG B 106 1.09 9.54 -0.30
N THR B 107 1.54 10.72 -0.72
CA THR B 107 1.21 11.14 -2.07
C THR B 107 2.05 10.42 -3.12
N LEU B 108 3.29 10.03 -2.80
CA LEU B 108 4.09 9.31 -3.78
C LEU B 108 3.56 7.91 -4.02
N ASP B 109 3.13 7.23 -2.97
CA ASP B 109 2.51 5.92 -3.16
C ASP B 109 1.15 6.04 -3.83
N PHE B 110 0.48 7.18 -3.65
CA PHE B 110 -0.78 7.43 -4.36
C PHE B 110 -0.55 7.50 -5.86
N HIS B 111 0.51 8.20 -6.29
CA HIS B 111 0.81 8.25 -7.72
C HIS B 111 1.22 6.88 -8.25
N ASP B 112 1.96 6.11 -7.45
CA ASP B 112 2.39 4.79 -7.87
C ASP B 112 1.20 3.85 -8.06
N SER B 113 0.22 3.95 -7.17
CA SER B 113 -0.99 3.15 -7.29
C SER B 113 -1.80 3.55 -8.52
N ASN B 114 -1.78 4.84 -8.85
CA ASN B 114 -2.48 5.30 -10.05
C ASN B 114 -1.86 4.73 -11.32
N VAL B 115 -0.53 4.67 -11.37
CA VAL B 115 0.15 4.11 -12.55
C VAL B 115 -0.18 2.64 -12.69
N ARG B 116 -0.13 1.89 -11.59
CA ARG B 116 -0.32 0.45 -11.67
C ARG B 116 -1.76 0.10 -12.01
N ASN B 117 -2.73 0.86 -11.49
CA ASN B 117 -4.12 0.57 -11.81
C ASN B 117 -4.44 0.92 -13.26
N LEU B 118 -3.88 2.01 -13.77
CA LEU B 118 -4.10 2.37 -15.17
C LEU B 118 -3.44 1.36 -16.11
N TYR B 119 -2.38 0.70 -15.66
CA TYR B 119 -1.78 -0.35 -16.47
C TYR B 119 -2.61 -1.62 -16.44
N GLU B 120 -3.14 -1.98 -15.26
CA GLU B 120 -3.91 -3.22 -15.14
C GLU B 120 -5.21 -3.14 -15.93
N LYS B 121 -5.80 -1.95 -16.06
CA LYS B 121 -7.02 -1.78 -16.82
C LYS B 121 -6.79 -2.07 -18.29
N VAL B 122 -5.73 -1.50 -18.85
CA VAL B 122 -5.40 -1.68 -20.26
C VAL B 122 -5.04 -3.12 -20.55
N LYS B 123 -4.38 -3.80 -19.62
CA LYS B 123 -4.09 -5.21 -19.82
C LYS B 123 -5.35 -6.05 -19.72
N SER B 124 -6.26 -5.71 -18.81
CA SER B 124 -7.39 -6.58 -18.55
C SER B 124 -8.45 -6.51 -19.64
N GLN B 125 -8.53 -5.41 -20.38
CA GLN B 125 -9.48 -5.37 -21.49
C GLN B 125 -8.83 -5.67 -22.83
N LEU B 126 -7.64 -6.26 -22.81
CA LEU B 126 -6.94 -6.72 -24.01
C LEU B 126 -6.42 -8.13 -23.76
N ARG B 127 -7.31 -9.01 -23.30
CA ARG B 127 -6.90 -10.20 -22.56
C ARG B 127 -6.16 -11.22 -23.41
N ASN B 128 -6.36 -11.22 -24.73
CA ASN B 128 -5.55 -12.11 -25.56
C ASN B 128 -4.80 -11.39 -26.66
N ASN B 129 -5.45 -10.49 -27.40
CA ASN B 129 -4.88 -9.99 -28.66
C ASN B 129 -3.93 -8.82 -28.44
N ALA B 130 -2.96 -8.99 -27.55
CA ALA B 130 -2.12 -7.86 -27.20
C ALA B 130 -0.63 -8.09 -27.41
N LYS B 131 -0.12 -9.21 -26.90
CA LYS B 131 1.30 -9.57 -26.90
C LYS B 131 2.14 -8.47 -26.23
N GLU B 132 2.04 -8.42 -24.91
CA GLU B 132 2.92 -7.56 -24.13
C GLU B 132 4.38 -7.91 -24.37
N ILE B 133 5.24 -6.90 -24.29
CA ILE B 133 6.65 -7.06 -24.65
C ILE B 133 7.60 -6.66 -23.54
N GLY B 134 7.18 -5.86 -22.58
CA GLY B 134 8.09 -5.29 -21.60
C GLY B 134 7.76 -3.82 -21.45
N ASN B 135 8.15 -3.26 -20.29
CA ASN B 135 8.01 -1.90 -19.77
C ASN B 135 6.71 -1.20 -20.19
N GLY B 136 5.60 -1.91 -20.09
CA GLY B 136 4.29 -1.35 -20.36
C GLY B 136 4.01 -1.02 -21.81
N CYS B 137 4.05 -2.01 -22.69
CA CYS B 137 3.66 -1.84 -24.08
C CYS B 137 2.90 -3.07 -24.54
N PHE B 138 2.21 -2.94 -25.68
CA PHE B 138 1.43 -4.02 -26.27
C PHE B 138 1.60 -3.98 -27.78
N GLU B 139 1.33 -5.11 -28.47
CA GLU B 139 1.73 -5.15 -29.87
C GLU B 139 0.68 -5.72 -30.83
N PHE B 140 -0.57 -5.95 -30.37
CA PHE B 140 -1.73 -5.96 -31.27
C PHE B 140 -1.76 -6.97 -32.42
N TYR B 141 -2.10 -8.24 -32.13
CA TYR B 141 -2.17 -9.27 -33.17
C TYR B 141 -3.06 -8.88 -34.36
N HIS B 142 -4.11 -8.09 -34.14
CA HIS B 142 -4.91 -7.62 -35.26
C HIS B 142 -4.46 -6.24 -35.70
N LYS B 143 -5.22 -5.61 -36.58
CA LYS B 143 -4.93 -4.25 -37.03
C LYS B 143 -5.81 -3.27 -36.28
N CYS B 144 -5.25 -2.11 -35.95
CA CYS B 144 -5.97 -1.08 -35.21
C CYS B 144 -5.70 0.28 -35.84
N ASP B 145 -6.72 1.14 -35.84
CA ASP B 145 -6.64 2.52 -36.28
C ASP B 145 -6.92 3.43 -35.09
N ASP B 146 -7.08 4.74 -35.38
CA ASP B 146 -7.33 5.72 -34.33
C ASP B 146 -8.66 5.47 -33.62
N GLU B 147 -9.63 4.89 -34.31
CA GLU B 147 -10.93 4.60 -33.70
C GLU B 147 -10.81 3.58 -32.59
N CYS B 148 -10.10 2.49 -32.84
CA CYS B 148 -9.87 1.54 -31.76
C CYS B 148 -8.84 2.01 -30.75
N MET B 149 -8.01 3.00 -31.08
CA MET B 149 -7.18 3.64 -30.06
C MET B 149 -8.06 4.35 -29.02
N GLU B 150 -8.99 5.19 -29.49
CA GLU B 150 -9.90 5.85 -28.58
C GLU B 150 -10.88 4.87 -27.96
N SER B 151 -11.13 3.74 -28.62
CA SER B 151 -11.94 2.68 -28.01
C SER B 151 -11.21 2.02 -26.85
N VAL B 152 -9.88 1.93 -26.93
CA VAL B 152 -9.10 1.50 -25.77
C VAL B 152 -9.14 2.56 -24.68
N LYS B 153 -8.98 3.83 -25.07
CA LYS B 153 -8.81 4.90 -24.10
C LYS B 153 -10.09 5.21 -23.35
N ASN B 154 -11.25 5.03 -23.98
CA ASN B 154 -12.49 5.18 -23.22
C ASN B 154 -12.89 3.90 -22.50
N GLY B 155 -12.16 2.82 -22.72
CA GLY B 155 -12.42 1.59 -22.02
C GLY B 155 -13.49 0.73 -22.64
N THR B 156 -13.90 1.05 -23.87
CA THR B 156 -14.94 0.31 -24.58
C THR B 156 -14.29 -0.35 -25.77
N TYR B 157 -13.67 -1.51 -25.56
CA TYR B 157 -12.84 -2.11 -26.60
C TYR B 157 -13.63 -3.01 -27.55
N ASP B 158 -14.82 -3.44 -27.15
CA ASP B 158 -15.61 -4.47 -27.85
C ASP B 158 -14.78 -5.55 -28.54
N TYR B 159 -14.05 -6.27 -27.70
CA TYR B 159 -13.13 -7.36 -28.08
C TYR B 159 -13.65 -8.43 -29.04
N PRO B 160 -14.89 -8.99 -28.90
CA PRO B 160 -15.26 -10.08 -29.83
C PRO B 160 -15.54 -9.65 -31.26
N LYS B 161 -15.30 -8.39 -31.60
CA LYS B 161 -15.27 -7.99 -33.01
C LYS B 161 -14.05 -8.55 -33.71
N TYR B 162 -12.94 -8.74 -32.99
CA TYR B 162 -11.66 -9.06 -33.62
C TYR B 162 -11.14 -10.45 -33.30
N SER B 163 -11.84 -11.20 -32.45
CA SER B 163 -11.24 -12.32 -31.72
C SER B 163 -10.79 -13.47 -32.61
N GLU B 164 -11.51 -13.75 -33.69
CA GLU B 164 -11.06 -14.82 -34.57
C GLU B 164 -9.89 -14.37 -35.43
N GLU B 165 -9.89 -13.12 -35.88
CA GLU B 165 -8.91 -12.69 -36.87
C GLU B 165 -7.54 -12.53 -36.22
N SER B 166 -7.52 -11.97 -35.01
CA SER B 166 -6.33 -11.96 -34.16
C SER B 166 -5.77 -13.35 -33.97
N LYS B 167 -6.66 -14.31 -33.73
CA LYS B 167 -6.27 -15.71 -33.53
C LYS B 167 -5.52 -16.24 -34.74
N LEU B 168 -5.97 -15.85 -35.94
CA LEU B 168 -5.31 -16.24 -37.18
C LEU B 168 -3.86 -15.80 -37.20
N ASN B 169 -3.61 -14.52 -36.88
CA ASN B 169 -2.25 -14.01 -36.88
C ASN B 169 -1.42 -14.64 -35.76
N ARG B 170 -2.06 -14.97 -34.64
CA ARG B 170 -1.33 -15.64 -33.56
C ARG B 170 -0.91 -17.03 -33.97
N GLU B 171 -1.74 -17.73 -34.75
CA GLU B 171 -1.37 -19.03 -35.26
C GLU B 171 -0.31 -18.94 -36.35
N GLU B 172 -0.08 -17.75 -36.89
CA GLU B 172 1.04 -17.57 -37.79
C GLU B 172 2.37 -17.56 -37.04
N ILE B 173 2.37 -17.09 -35.79
CA ILE B 173 3.64 -16.70 -35.16
C ILE B 173 4.42 -17.91 -34.69
N ASP B 174 3.88 -18.66 -33.73
CA ASP B 174 4.54 -19.90 -33.34
C ASP B 174 3.89 -21.10 -34.02
N GLY B 175 2.59 -21.29 -33.82
CA GLY B 175 1.79 -22.31 -34.47
C GLY B 175 2.25 -23.74 -34.22
N VAL B 176 1.58 -24.64 -34.92
CA VAL B 176 2.02 -26.01 -35.13
C VAL B 176 2.32 -26.20 -36.61
N LYS B 177 2.24 -25.10 -37.37
CA LYS B 177 2.41 -25.13 -38.81
C LYS B 177 3.86 -25.40 -39.20
N LEU B 178 4.82 -24.96 -38.38
CA LEU B 178 6.21 -25.29 -38.65
C LEU B 178 6.51 -26.76 -38.39
N GLU B 179 5.80 -27.37 -37.44
CA GLU B 179 5.87 -28.81 -37.26
C GLU B 179 5.22 -29.53 -38.44
N SER B 180 4.17 -28.93 -39.02
CA SER B 180 3.46 -29.56 -40.14
C SER B 180 4.24 -29.46 -41.44
N MET B 181 4.84 -28.30 -41.74
CA MET B 181 5.67 -28.07 -42.94
C MET B 181 4.97 -28.17 -44.30
N GLY B 182 3.68 -28.51 -44.33
CA GLY B 182 2.93 -28.51 -45.57
C GLY B 182 2.27 -29.82 -45.99
N VAL B 183 2.96 -30.93 -45.79
CA VAL B 183 2.43 -32.28 -46.13
C VAL B 183 2.59 -33.19 -44.91
N TYR B 184 2.46 -34.50 -45.08
CA TYR B 184 2.60 -35.45 -43.94
C TYR B 184 4.08 -35.82 -43.77
N GLN B 185 4.40 -36.59 -42.74
CA GLN B 185 5.81 -37.02 -42.53
C GLN B 185 6.33 -37.62 -43.85
N ILE B 186 5.73 -38.73 -44.29
CA ILE B 186 6.16 -39.40 -45.56
C ILE B 186 4.97 -40.18 -46.13
N LEU B 187 3.77 -40.14 -45.53
CA LEU B 187 2.65 -40.95 -46.10
C LEU B 187 2.38 -40.72 -47.57
N ALA B 188 2.52 -39.48 -48.04
CA ALA B 188 2.38 -39.29 -49.47
C ALA B 188 3.38 -40.13 -50.27
N ILE B 189 4.47 -40.55 -49.63
CA ILE B 189 5.41 -41.49 -50.28
C ILE B 189 4.72 -42.83 -50.50
N TYR B 190 4.11 -43.39 -49.45
CA TYR B 190 3.42 -44.68 -49.53
C TYR B 190 2.29 -44.66 -50.55
N SER B 191 1.69 -43.49 -50.77
CA SER B 191 0.60 -43.44 -51.73
C SER B 191 1.10 -43.24 -53.16
N THR B 192 2.24 -42.57 -53.35
CA THR B 192 3.02 -42.77 -54.58
C THR B 192 3.44 -44.23 -54.72
N VAL B 193 3.83 -44.86 -53.62
CA VAL B 193 4.26 -46.25 -53.64
C VAL B 193 3.06 -47.20 -53.82
N ALA B 194 1.90 -46.86 -53.23
CA ALA B 194 0.70 -47.65 -53.53
C ALA B 194 0.22 -47.46 -54.96
N SER B 195 0.64 -46.39 -55.62
CA SER B 195 0.49 -46.29 -57.07
C SER B 195 1.61 -47.00 -57.82
N SER B 196 2.73 -47.30 -57.15
CA SER B 196 3.83 -47.99 -57.81
C SER B 196 3.59 -49.49 -57.89
N LEU B 197 2.87 -50.04 -56.92
CA LEU B 197 2.45 -51.45 -56.96
C LEU B 197 1.52 -51.69 -58.13
N VAL B 198 0.75 -50.67 -58.50
CA VAL B 198 -0.11 -50.75 -59.68
C VAL B 198 0.71 -50.91 -60.93
N LEU B 199 1.73 -50.07 -61.06
CA LEU B 199 2.59 -50.11 -62.21
C LEU B 199 3.28 -51.46 -62.32
N LEU B 200 3.77 -51.99 -61.20
CA LEU B 200 4.53 -53.23 -61.22
C LEU B 200 3.66 -54.45 -61.49
N VAL B 201 2.41 -54.43 -61.04
CA VAL B 201 1.54 -55.56 -61.36
C VAL B 201 1.01 -55.44 -62.78
N SER B 202 0.57 -54.23 -63.16
CA SER B 202 -0.04 -54.03 -64.45
C SER B 202 0.96 -53.74 -65.57
N LEU B 203 2.23 -54.10 -65.37
CA LEU B 203 3.15 -54.20 -66.50
C LEU B 203 2.69 -55.28 -67.48
N GLU C 1 31.51 -9.53 -34.67
CA GLU C 1 31.38 -8.18 -35.23
C GLU C 1 30.14 -8.12 -36.12
N VAL C 2 29.44 -7.00 -36.06
CA VAL C 2 28.15 -6.85 -36.72
C VAL C 2 28.35 -6.35 -38.14
N GLN C 3 27.86 -7.11 -39.13
CA GLN C 3 27.73 -6.56 -40.47
C GLN C 3 26.51 -7.16 -41.15
N LEU C 4 26.11 -6.53 -42.24
CA LEU C 4 24.92 -6.88 -42.99
C LEU C 4 25.33 -7.10 -44.44
N LEU C 5 25.09 -8.29 -44.96
CA LEU C 5 25.37 -8.59 -46.35
C LEU C 5 24.05 -8.68 -47.11
N GLU C 6 24.05 -8.17 -48.33
CA GLU C 6 22.79 -8.05 -49.05
C GLU C 6 23.01 -8.29 -50.54
N SER C 7 21.97 -8.83 -51.18
CA SER C 7 22.06 -9.25 -52.58
C SER C 7 20.66 -9.32 -53.17
N GLY C 8 20.61 -9.51 -54.48
CA GLY C 8 19.36 -9.64 -55.19
C GLY C 8 19.21 -8.63 -56.32
N GLY C 9 20.27 -7.87 -56.58
CA GLY C 9 20.23 -6.84 -57.58
C GLY C 9 20.30 -7.37 -59.00
N GLY C 10 20.23 -6.45 -59.95
CA GLY C 10 20.34 -6.78 -61.37
C GLY C 10 19.32 -6.05 -62.22
N LEU C 11 19.64 -5.96 -63.51
CA LEU C 11 18.73 -5.36 -64.48
C LEU C 11 17.51 -6.26 -64.69
N VAL C 12 16.32 -5.71 -64.49
CA VAL C 12 15.07 -6.46 -64.62
C VAL C 12 14.11 -5.64 -65.46
N GLN C 13 13.41 -6.30 -66.38
CA GLN C 13 12.33 -5.73 -67.18
C GLN C 13 11.28 -5.09 -66.27
N PRO C 14 10.74 -3.92 -66.64
CA PRO C 14 9.70 -3.29 -65.81
C PRO C 14 8.42 -4.09 -65.79
N GLY C 15 7.71 -3.97 -64.67
CA GLY C 15 6.58 -4.82 -64.39
C GLY C 15 6.93 -6.16 -63.77
N GLY C 16 8.22 -6.44 -63.57
CA GLY C 16 8.66 -7.72 -63.06
C GLY C 16 8.58 -7.82 -61.55
N SER C 17 9.44 -8.67 -60.99
CA SER C 17 9.42 -8.95 -59.57
C SER C 17 10.81 -9.33 -59.09
N LEU C 18 11.15 -8.93 -57.87
CA LEU C 18 12.44 -9.23 -57.27
C LEU C 18 12.27 -9.75 -55.86
N ARG C 19 13.32 -10.39 -55.36
CA ARG C 19 13.36 -10.92 -53.98
C ARG C 19 14.75 -10.61 -53.43
N LEU C 20 14.87 -9.45 -52.78
CA LEU C 20 16.14 -9.04 -52.20
C LEU C 20 16.32 -9.67 -50.83
N SER C 21 17.56 -9.96 -50.49
CA SER C 21 17.84 -10.65 -49.23
C SER C 21 19.00 -9.97 -48.51
N CYS C 22 18.83 -9.76 -47.21
CA CYS C 22 19.84 -9.18 -46.35
C CYS C 22 20.08 -10.12 -45.18
N ALA C 23 21.26 -10.72 -45.12
CA ALA C 23 21.64 -11.57 -44.01
C ALA C 23 22.45 -10.76 -43.02
N ALA C 24 22.40 -11.18 -41.75
CA ALA C 24 23.02 -10.46 -40.65
C ALA C 24 24.01 -11.37 -39.94
N SER C 25 25.05 -10.76 -39.35
CA SER C 25 26.01 -11.56 -38.60
C SER C 25 26.63 -10.70 -37.51
N GLY C 26 26.72 -11.26 -36.30
CA GLY C 26 27.41 -10.62 -35.20
C GLY C 26 26.54 -10.19 -34.04
N PHE C 27 25.25 -10.49 -34.06
CA PHE C 27 24.33 -10.04 -33.03
C PHE C 27 23.11 -10.95 -33.03
N THR C 28 22.14 -10.60 -32.20
CA THR C 28 20.87 -11.33 -32.12
C THR C 28 19.89 -10.69 -33.08
N PHE C 29 19.66 -11.35 -34.23
CA PHE C 29 18.75 -10.82 -35.24
C PHE C 29 17.31 -10.84 -34.76
N SER C 30 16.98 -11.69 -33.80
CA SER C 30 15.61 -11.81 -33.30
C SER C 30 15.34 -10.89 -32.13
N SER C 31 16.04 -9.76 -32.02
CA SER C 31 15.81 -8.85 -30.92
C SER C 31 15.80 -7.39 -31.37
N TYR C 32 15.70 -7.12 -32.67
CA TYR C 32 15.67 -5.75 -33.16
C TYR C 32 14.79 -5.68 -34.39
N GLY C 33 14.19 -4.52 -34.60
CA GLY C 33 13.52 -4.27 -35.86
C GLY C 33 14.51 -3.97 -36.95
N MET C 34 14.03 -4.01 -38.19
CA MET C 34 14.86 -3.78 -39.36
C MET C 34 14.13 -2.85 -40.32
N ALA C 35 14.89 -2.18 -41.18
CA ALA C 35 14.32 -1.20 -42.09
C ALA C 35 15.04 -1.22 -43.43
N TRP C 36 14.37 -0.64 -44.42
CA TRP C 36 14.89 -0.52 -45.77
C TRP C 36 14.81 0.93 -46.22
N VAL C 37 15.92 1.45 -46.73
CA VAL C 37 16.02 2.81 -47.23
C VAL C 37 16.70 2.77 -48.60
N ARG C 38 16.09 3.38 -49.60
CA ARG C 38 16.70 3.46 -50.91
C ARG C 38 17.28 4.85 -51.15
N GLN C 39 18.09 4.94 -52.21
CA GLN C 39 18.71 6.20 -52.60
C GLN C 39 18.67 6.29 -54.11
N ALA C 40 17.95 7.29 -54.62
CA ALA C 40 17.95 7.57 -56.04
C ALA C 40 19.34 8.06 -56.46
N PRO C 41 19.77 7.74 -57.69
CA PRO C 41 21.09 8.19 -58.15
C PRO C 41 21.12 9.69 -58.35
N GLY C 42 22.12 10.33 -57.75
CA GLY C 42 22.23 11.77 -57.82
C GLY C 42 21.20 12.52 -57.00
N LYS C 43 20.62 11.87 -55.99
CA LYS C 43 19.60 12.49 -55.15
C LYS C 43 19.86 12.09 -53.70
N GLY C 44 18.98 12.54 -52.81
CA GLY C 44 19.10 12.26 -51.40
C GLY C 44 18.60 10.88 -51.03
N LEU C 45 18.28 10.71 -49.76
CA LEU C 45 17.80 9.44 -49.26
C LEU C 45 16.28 9.36 -49.31
N GLU C 46 15.78 8.13 -49.21
CA GLU C 46 14.35 7.89 -49.26
C GLU C 46 14.06 6.61 -48.49
N TRP C 47 13.40 6.75 -47.35
CA TRP C 47 13.01 5.60 -46.55
C TRP C 47 11.95 4.77 -47.26
N VAL C 48 12.12 3.45 -47.23
CA VAL C 48 11.17 2.58 -47.91
C VAL C 48 10.22 1.92 -46.92
N SER C 49 10.76 1.09 -46.03
CA SER C 49 9.88 0.23 -45.25
C SER C 49 10.51 -0.15 -43.92
N PHE C 50 9.70 -0.78 -43.07
CA PHE C 50 10.08 -1.15 -41.72
C PHE C 50 9.36 -2.43 -41.32
N ILE C 51 10.07 -3.30 -40.62
CA ILE C 51 9.48 -4.44 -39.93
C ILE C 51 9.95 -4.40 -38.48
N SER C 52 9.05 -4.77 -37.56
CA SER C 52 9.34 -4.74 -36.13
C SER C 52 10.23 -5.91 -35.74
N ALA C 53 10.52 -6.01 -34.43
CA ALA C 53 11.42 -7.05 -33.95
C ALA C 53 10.75 -8.42 -33.99
N THR C 54 9.54 -8.52 -33.43
CA THR C 54 8.81 -9.78 -33.49
C THR C 54 8.07 -9.97 -34.80
N GLY C 55 8.04 -8.97 -35.67
CA GLY C 55 7.38 -9.09 -36.94
C GLY C 55 5.89 -8.89 -36.90
N LEU C 56 5.33 -8.47 -35.77
CA LEU C 56 3.90 -8.24 -35.70
C LEU C 56 3.48 -6.94 -36.38
N SER C 57 4.40 -6.01 -36.58
CA SER C 57 4.09 -4.72 -37.19
C SER C 57 4.90 -4.55 -38.45
N THR C 58 4.23 -4.20 -39.55
CA THR C 58 4.87 -3.91 -40.82
C THR C 58 4.43 -2.52 -41.27
N TYR C 59 5.35 -1.77 -41.87
CA TYR C 59 5.05 -0.43 -42.33
C TYR C 59 5.77 -0.14 -43.64
N PHE C 60 5.12 0.65 -44.49
CA PHE C 60 5.64 0.98 -45.80
C PHE C 60 5.46 2.47 -46.05
N ALA C 61 6.26 3.00 -46.96
CA ALA C 61 6.07 4.37 -47.41
C ALA C 61 4.80 4.47 -48.23
N ASP C 62 4.27 5.69 -48.31
CA ASP C 62 2.92 5.89 -48.86
C ASP C 62 2.91 5.78 -50.38
N SER C 63 4.01 6.16 -51.04
CA SER C 63 4.07 6.09 -52.50
C SER C 63 4.25 4.68 -53.03
N VAL C 64 4.53 3.70 -52.16
CA VAL C 64 4.87 2.36 -52.61
C VAL C 64 3.95 1.33 -51.98
N LYS C 65 2.75 1.76 -51.60
CA LYS C 65 1.81 0.84 -50.96
C LYS C 65 1.25 -0.16 -51.95
N GLY C 66 1.08 -1.40 -51.49
CA GLY C 66 0.46 -2.44 -52.26
C GLY C 66 1.34 -3.14 -53.27
N ARG C 67 2.59 -2.72 -53.42
CA ARG C 67 3.48 -3.33 -54.38
C ARG C 67 4.68 -4.02 -53.75
N PHE C 68 4.82 -3.94 -52.43
CA PHE C 68 6.02 -4.40 -51.75
C PHE C 68 5.63 -5.18 -50.50
N THR C 69 6.29 -6.31 -50.27
CA THR C 69 6.10 -7.08 -49.05
C THR C 69 7.45 -7.38 -48.43
N ILE C 70 7.41 -7.82 -47.17
CA ILE C 70 8.62 -8.00 -46.37
C ILE C 70 8.38 -9.15 -45.39
N SER C 71 9.42 -9.92 -45.13
CA SER C 71 9.36 -11.01 -44.17
C SER C 71 10.74 -11.27 -43.61
N ARG C 72 10.81 -12.13 -42.61
CA ARG C 72 12.08 -12.44 -41.95
C ARG C 72 12.10 -13.89 -41.53
N ASP C 73 13.30 -14.46 -41.44
CA ASP C 73 13.50 -15.82 -40.97
C ASP C 73 14.53 -15.79 -39.85
N THR C 74 14.17 -16.41 -38.72
CA THR C 74 14.98 -16.34 -37.51
C THR C 74 16.16 -17.31 -37.56
N THR C 75 15.91 -18.54 -37.98
CA THR C 75 16.97 -19.55 -38.03
C THR C 75 18.02 -19.21 -39.07
N LYS C 76 17.59 -18.64 -40.19
CA LYS C 76 18.53 -18.19 -41.20
C LYS C 76 19.14 -16.83 -40.88
N ASN C 77 18.56 -16.11 -39.92
CA ASN C 77 18.94 -14.73 -39.56
C ASN C 77 18.91 -13.81 -40.78
N THR C 78 17.81 -13.89 -41.53
CA THR C 78 17.76 -13.30 -42.86
C THR C 78 16.49 -12.49 -43.02
N LEU C 79 16.61 -11.37 -43.74
CA LEU C 79 15.50 -10.49 -44.05
C LEU C 79 15.24 -10.53 -45.55
N TYR C 80 13.98 -10.71 -45.94
CA TYR C 80 13.60 -10.82 -47.33
C TYR C 80 12.60 -9.72 -47.69
N LEU C 81 12.77 -9.13 -48.87
CA LEU C 81 11.86 -8.12 -49.37
C LEU C 81 11.47 -8.47 -50.79
N GLN C 82 10.16 -8.51 -51.06
CA GLN C 82 9.63 -8.89 -52.36
C GLN C 82 9.06 -7.66 -53.04
N MET C 83 9.56 -7.38 -54.24
CA MET C 83 9.08 -6.26 -55.04
C MET C 83 8.24 -6.81 -56.17
N ASN C 84 7.11 -6.15 -56.46
CA ASN C 84 6.20 -6.60 -57.50
C ASN C 84 5.75 -5.43 -58.36
N SER C 85 5.76 -5.63 -59.68
CA SER C 85 5.22 -4.70 -60.68
C SER C 85 5.88 -3.33 -60.60
N LEU C 86 7.19 -3.31 -60.88
CA LEU C 86 7.99 -2.13 -60.68
C LEU C 86 7.70 -1.07 -61.74
N ARG C 87 8.31 0.10 -61.56
CA ARG C 87 8.18 1.22 -62.49
C ARG C 87 9.57 1.74 -62.83
N ALA C 88 9.63 2.63 -63.81
CA ALA C 88 10.91 3.11 -64.30
C ALA C 88 11.58 4.07 -63.33
N ASP C 89 10.82 4.74 -62.47
CA ASP C 89 11.37 5.73 -61.56
C ASP C 89 11.88 5.14 -60.25
N ASP C 90 11.91 3.82 -60.13
CA ASP C 90 12.35 3.16 -58.91
C ASP C 90 13.76 2.59 -59.01
N THR C 91 14.52 3.00 -60.01
CA THR C 91 15.92 2.65 -60.08
C THR C 91 16.67 3.36 -58.97
N ALA C 92 17.28 2.61 -58.07
CA ALA C 92 17.90 3.16 -56.89
C ALA C 92 18.93 2.17 -56.35
N VAL C 93 19.59 2.57 -55.26
CA VAL C 93 20.48 1.71 -54.51
C VAL C 93 19.85 1.48 -53.14
N TYR C 94 19.69 0.22 -52.77
CA TYR C 94 18.90 -0.15 -51.61
C TYR C 94 19.80 -0.50 -50.42
N PHE C 95 19.30 -0.24 -49.22
CA PHE C 95 20.03 -0.47 -47.97
C PHE C 95 19.12 -1.15 -46.96
N CYS C 96 19.56 -2.29 -46.44
CA CYS C 96 18.99 -2.85 -45.23
C CYS C 96 19.72 -2.25 -44.04
N ALA C 97 18.98 -1.93 -42.98
CA ALA C 97 19.58 -1.25 -41.85
C ALA C 97 18.88 -1.68 -40.56
N ARG C 98 19.59 -1.51 -39.45
CA ARG C 98 19.15 -1.98 -38.14
C ARG C 98 18.82 -0.78 -37.26
N MET C 99 17.70 -0.87 -36.55
CA MET C 99 17.39 0.13 -35.54
C MET C 99 18.32 -0.03 -34.35
N ARG C 100 18.49 1.06 -33.61
CA ARG C 100 19.44 1.04 -32.49
C ARG C 100 18.77 0.61 -31.20
N ARG C 101 17.50 0.92 -31.03
CA ARG C 101 16.74 0.52 -29.85
C ARG C 101 15.50 -0.25 -30.29
N THR C 102 14.62 -0.53 -29.34
CA THR C 102 13.37 -1.24 -29.62
C THR C 102 12.16 -0.46 -29.15
N MET C 103 12.32 0.81 -28.79
CA MET C 103 11.19 1.65 -28.41
C MET C 103 10.55 2.23 -29.66
N ILE C 104 9.59 3.13 -29.47
CA ILE C 104 9.06 3.89 -30.60
C ILE C 104 10.07 4.93 -31.05
N ALA C 105 10.57 5.73 -30.10
CA ALA C 105 11.66 6.66 -30.38
C ALA C 105 12.96 5.86 -30.37
N PHE C 106 13.31 5.31 -31.53
CA PHE C 106 14.39 4.34 -31.60
C PHE C 106 15.78 4.98 -31.51
N GLY C 107 15.92 6.23 -31.95
CA GLY C 107 17.22 6.87 -31.90
C GLY C 107 18.19 6.41 -32.96
N GLY C 108 17.85 6.67 -34.22
CA GLY C 108 18.78 6.48 -35.32
C GLY C 108 19.03 5.03 -35.69
N ASN C 109 19.93 4.86 -36.66
CA ASN C 109 20.34 3.55 -37.14
C ASN C 109 21.86 3.50 -37.08
N ASP C 110 22.39 2.56 -36.29
CA ASP C 110 23.82 2.50 -36.07
C ASP C 110 24.55 1.65 -37.11
N PHE C 111 23.97 0.53 -37.50
CA PHE C 111 24.59 -0.37 -38.47
C PHE C 111 23.85 -0.34 -39.79
N TRP C 112 24.59 -0.60 -40.86
CA TRP C 112 24.09 -0.47 -42.22
C TRP C 112 24.61 -1.62 -43.06
N GLY C 113 24.11 -1.71 -44.28
CA GLY C 113 24.68 -2.62 -45.26
C GLY C 113 25.73 -1.90 -46.07
N GLN C 114 25.83 -2.22 -47.37
CA GLN C 114 26.74 -1.49 -48.23
C GLN C 114 26.16 -1.21 -49.61
N GLY C 115 24.88 -1.47 -49.84
CA GLY C 115 24.24 -1.07 -51.08
C GLY C 115 24.26 -2.08 -52.20
N THR C 116 23.08 -2.44 -52.70
CA THR C 116 22.95 -3.23 -53.91
C THR C 116 22.32 -2.37 -55.00
N LEU C 117 22.82 -2.54 -56.23
CA LEU C 117 22.36 -1.75 -57.36
C LEU C 117 21.25 -2.50 -58.08
N VAL C 118 20.13 -1.82 -58.26
CA VAL C 118 18.97 -2.37 -58.95
C VAL C 118 18.56 -1.38 -60.02
N THR C 119 18.53 -1.83 -61.27
CA THR C 119 18.15 -0.99 -62.40
C THR C 119 16.90 -1.55 -63.03
N VAL C 120 15.85 -0.74 -63.10
CA VAL C 120 14.56 -1.15 -63.63
C VAL C 120 14.35 -0.35 -64.91
N SER C 121 14.64 -0.97 -66.06
CA SER C 121 14.48 -0.31 -67.34
C SER C 121 14.27 -1.36 -68.41
N SER C 122 13.78 -0.91 -69.56
CA SER C 122 13.42 -1.78 -70.68
C SER C 122 14.34 -1.47 -71.86
N ALA C 123 15.49 -2.15 -71.91
CA ALA C 123 16.41 -2.02 -73.03
C ALA C 123 17.27 -3.28 -73.10
N SER C 124 18.06 -3.38 -74.15
CA SER C 124 18.93 -4.50 -74.39
C SER C 124 20.39 -4.11 -74.18
N THR C 125 21.23 -5.12 -73.94
CA THR C 125 22.65 -4.91 -73.73
C THR C 125 23.30 -4.48 -75.04
N LYS C 126 23.91 -3.30 -75.05
CA LYS C 126 24.42 -2.70 -76.26
C LYS C 126 25.88 -2.26 -76.05
N GLY C 127 26.71 -2.52 -77.04
CA GLY C 127 28.07 -2.05 -77.05
C GLY C 127 28.15 -0.60 -77.50
N PRO C 128 29.12 0.14 -76.99
CA PRO C 128 29.19 1.58 -77.24
C PRO C 128 29.79 1.89 -78.62
N SER C 129 29.96 3.19 -78.87
CA SER C 129 30.56 3.71 -80.08
C SER C 129 31.51 4.85 -79.70
N VAL C 130 32.65 4.91 -80.37
CA VAL C 130 33.74 5.81 -80.03
C VAL C 130 33.93 6.80 -81.16
N PHE C 131 34.02 8.08 -80.82
CA PHE C 131 34.21 9.10 -81.83
C PHE C 131 35.28 10.09 -81.38
N PRO C 132 36.12 10.58 -82.29
CA PRO C 132 37.20 11.47 -81.89
C PRO C 132 36.73 12.90 -81.70
N LEU C 133 37.45 13.61 -80.83
CA LEU C 133 37.28 15.05 -80.62
C LEU C 133 38.62 15.68 -80.99
N ALA C 134 38.74 16.00 -82.29
CA ALA C 134 39.97 16.40 -82.97
C ALA C 134 40.26 17.88 -82.74
N PRO C 135 41.52 18.25 -82.51
CA PRO C 135 41.86 19.67 -82.34
C PRO C 135 41.79 20.40 -83.67
N SER C 136 41.09 21.54 -83.68
CA SER C 136 41.08 22.38 -84.87
C SER C 136 42.43 23.07 -85.04
N GLY C 137 42.80 23.90 -84.08
CA GLY C 137 44.15 24.42 -83.96
C GLY C 137 44.50 24.57 -82.50
N THR C 138 43.71 23.92 -81.66
CA THR C 138 43.71 24.13 -80.21
C THR C 138 44.66 23.18 -79.51
N ALA C 139 44.61 23.18 -78.18
CA ALA C 139 45.52 22.43 -77.32
C ALA C 139 44.80 21.35 -76.52
N ALA C 140 43.64 20.90 -76.96
CA ALA C 140 42.89 19.86 -76.26
C ALA C 140 42.36 18.85 -77.27
N LEU C 141 42.14 17.62 -76.80
CA LEU C 141 41.68 16.54 -77.66
C LEU C 141 40.98 15.49 -76.80
N GLY C 142 39.95 14.86 -77.35
CA GLY C 142 39.18 13.94 -76.55
C GLY C 142 38.57 12.80 -77.33
N CYS C 143 37.81 11.98 -76.61
CA CYS C 143 37.06 10.87 -77.19
C CYS C 143 35.66 10.84 -76.58
N LEU C 144 34.67 10.58 -77.43
CA LEU C 144 33.27 10.49 -77.05
C LEU C 144 32.84 9.03 -77.07
N VAL C 145 32.24 8.57 -75.98
CA VAL C 145 31.71 7.22 -75.86
C VAL C 145 30.20 7.34 -75.75
N LYS C 146 29.48 6.61 -76.60
CA LYS C 146 28.04 6.81 -76.73
C LYS C 146 27.35 5.47 -76.90
N ASP C 147 26.10 5.40 -76.44
CA ASP C 147 25.13 4.34 -76.79
C ASP C 147 25.57 2.96 -76.29
N TYR C 148 25.69 2.86 -74.97
CA TYR C 148 25.83 1.57 -74.29
C TYR C 148 24.83 1.56 -73.15
N PHE C 149 24.06 0.49 -73.03
CA PHE C 149 23.03 0.52 -71.99
C PHE C 149 23.51 0.12 -70.59
N PRO C 150 24.30 -0.95 -70.37
CA PRO C 150 24.70 -1.22 -68.99
C PRO C 150 26.00 -0.51 -68.60
N GLU C 151 26.01 -0.01 -67.37
CA GLU C 151 27.21 0.54 -66.76
C GLU C 151 28.23 -0.55 -66.46
N PRO C 152 29.52 -0.22 -66.36
CA PRO C 152 30.23 0.99 -66.78
C PRO C 152 31.11 0.74 -68.00
N VAL C 153 31.91 1.73 -68.37
CA VAL C 153 32.97 1.55 -69.35
C VAL C 153 34.30 1.92 -68.71
N THR C 154 35.39 1.79 -69.48
CA THR C 154 36.71 2.20 -69.01
C THR C 154 37.49 2.75 -70.19
N VAL C 155 37.93 4.00 -70.07
CA VAL C 155 38.65 4.69 -71.14
C VAL C 155 40.08 4.94 -70.67
N SER C 156 41.04 4.29 -71.32
CA SER C 156 42.45 4.53 -71.08
C SER C 156 43.04 5.32 -72.23
N TRP C 157 44.22 5.89 -72.01
CA TRP C 157 44.88 6.77 -72.97
C TRP C 157 46.34 6.36 -73.09
N ASN C 158 46.67 5.70 -74.21
CA ASN C 158 47.98 5.11 -74.49
C ASN C 158 48.43 4.17 -73.38
N SER C 159 47.49 3.32 -72.94
CA SER C 159 47.68 2.34 -71.86
C SER C 159 48.11 2.98 -70.56
N GLY C 160 47.43 4.07 -70.20
CA GLY C 160 47.55 4.66 -68.88
C GLY C 160 48.84 5.40 -68.60
N ALA C 161 49.63 5.73 -69.62
CA ALA C 161 50.84 6.53 -69.44
C ALA C 161 50.56 8.03 -69.51
N LEU C 162 49.28 8.42 -69.47
CA LEU C 162 48.86 9.80 -69.65
C LEU C 162 47.86 10.11 -68.54
N THR C 163 48.34 10.73 -67.47
CA THR C 163 47.53 10.98 -66.29
C THR C 163 47.39 12.47 -65.97
N SER C 164 47.85 13.35 -66.84
CA SER C 164 47.81 14.78 -66.62
C SER C 164 46.80 15.42 -67.56
N GLY C 165 45.87 16.18 -66.99
CA GLY C 165 44.83 16.81 -67.78
C GLY C 165 43.83 15.86 -68.39
N VAL C 166 43.76 14.64 -67.89
CA VAL C 166 42.88 13.61 -68.46
C VAL C 166 41.62 13.57 -67.59
N HIS C 167 40.57 14.23 -68.04
CA HIS C 167 39.32 14.30 -67.30
C HIS C 167 38.34 13.30 -67.89
N THR C 168 37.80 12.43 -67.04
CA THR C 168 36.79 11.46 -67.42
C THR C 168 35.47 11.89 -66.78
N PHE C 169 34.56 12.39 -67.60
CA PHE C 169 33.27 12.86 -67.11
C PHE C 169 32.37 11.67 -66.79
N PRO C 170 31.56 11.77 -65.74
CA PRO C 170 30.62 10.70 -65.43
C PRO C 170 29.52 10.58 -66.47
N ALA C 171 28.97 9.37 -66.60
CA ALA C 171 28.02 9.07 -67.64
C ALA C 171 26.67 9.74 -67.36
N VAL C 172 25.80 9.71 -68.36
CA VAL C 172 24.50 10.36 -68.29
C VAL C 172 23.52 9.57 -69.14
N LEU C 173 22.31 9.39 -68.62
CA LEU C 173 21.23 8.77 -69.39
C LEU C 173 20.69 9.74 -70.42
N GLN C 174 20.67 9.32 -71.68
CA GLN C 174 20.00 10.10 -72.70
C GLN C 174 18.54 9.68 -72.78
N SER C 175 17.75 10.50 -73.47
CA SER C 175 16.30 10.33 -73.50
C SER C 175 15.85 9.08 -74.27
N SER C 176 16.70 8.54 -75.14
CA SER C 176 16.35 7.30 -75.81
C SER C 176 16.57 6.08 -74.93
N GLY C 177 17.39 6.18 -73.89
CA GLY C 177 17.60 5.08 -72.99
C GLY C 177 18.98 4.45 -73.11
N LEU C 178 20.00 5.27 -73.34
CA LEU C 178 21.38 4.80 -73.43
C LEU C 178 22.29 5.77 -72.68
N TYR C 179 23.54 5.37 -72.53
CA TYR C 179 24.51 6.11 -71.72
C TYR C 179 25.61 6.70 -72.60
N SER C 180 26.12 7.86 -72.18
CA SER C 180 27.14 8.57 -72.95
C SER C 180 28.07 9.32 -71.99
N LEU C 181 29.34 9.40 -72.37
CA LEU C 181 30.32 10.18 -71.63
C LEU C 181 31.44 10.60 -72.59
N SER C 182 32.43 11.30 -72.04
CA SER C 182 33.58 11.74 -72.81
C SER C 182 34.81 11.78 -71.91
N SER C 183 35.97 11.76 -72.55
CA SER C 183 37.25 11.88 -71.84
C SER C 183 38.13 12.83 -72.61
N VAL C 184 38.70 13.82 -71.93
CA VAL C 184 39.44 14.89 -72.59
C VAL C 184 40.86 14.97 -72.04
N VAL C 185 41.77 15.44 -72.88
CA VAL C 185 43.21 15.52 -72.59
C VAL C 185 43.70 16.90 -73.02
N THR C 186 44.40 17.59 -72.12
CA THR C 186 45.06 18.86 -72.44
C THR C 186 46.52 18.60 -72.80
N VAL C 187 46.91 19.03 -74.00
CA VAL C 187 48.25 18.83 -74.52
C VAL C 187 48.87 20.19 -74.81
N PRO C 188 50.18 20.31 -75.01
CA PRO C 188 50.72 21.55 -75.57
C PRO C 188 50.26 21.76 -77.01
N SER C 189 50.28 23.03 -77.43
CA SER C 189 49.74 23.37 -78.75
C SER C 189 50.65 22.91 -79.88
N SER C 190 51.94 22.76 -79.61
CA SER C 190 52.90 22.29 -80.60
C SER C 190 53.09 20.78 -80.56
N SER C 191 52.30 20.06 -79.78
CA SER C 191 52.41 18.62 -79.64
C SER C 191 51.49 17.87 -80.62
N LEU C 192 50.74 18.60 -81.46
CA LEU C 192 49.87 17.98 -82.44
C LEU C 192 50.65 17.32 -83.58
N GLY C 193 51.90 17.70 -83.79
CA GLY C 193 52.66 17.20 -84.92
C GLY C 193 53.18 15.79 -84.77
N THR C 194 53.77 15.48 -83.62
CA THR C 194 54.53 14.24 -83.46
C THR C 194 53.91 13.25 -82.49
N GLN C 195 53.30 13.70 -81.39
CA GLN C 195 52.92 12.80 -80.33
C GLN C 195 51.64 12.04 -80.67
N THR C 196 51.63 10.76 -80.33
CA THR C 196 50.54 9.84 -80.68
C THR C 196 49.63 9.66 -79.47
N TYR C 197 48.32 9.78 -79.69
CA TYR C 197 47.33 9.60 -78.63
C TYR C 197 46.25 8.64 -79.09
N ILE C 198 46.06 7.56 -78.33
CA ILE C 198 45.08 6.53 -78.65
C ILE C 198 44.23 6.30 -77.41
N CYS C 199 42.92 6.47 -77.53
CA CYS C 199 42.00 6.16 -76.45
C CYS C 199 41.45 4.74 -76.65
N ASN C 200 41.35 4.02 -75.54
CA ASN C 200 40.98 2.60 -75.57
C ASN C 200 39.79 2.41 -74.64
N VAL C 201 38.66 2.01 -75.21
CA VAL C 201 37.40 1.91 -74.49
C VAL C 201 37.08 0.43 -74.28
N ASN C 202 36.82 0.06 -73.03
CA ASN C 202 36.52 -1.32 -72.65
C ASN C 202 35.14 -1.35 -72.03
N HIS C 203 34.25 -2.17 -72.61
CA HIS C 203 32.88 -2.30 -72.14
C HIS C 203 32.71 -3.73 -71.63
N LYS C 204 32.69 -3.91 -70.33
CA LYS C 204 32.62 -5.24 -69.73
C LYS C 204 31.30 -6.03 -69.88
N PRO C 205 30.09 -5.41 -69.88
CA PRO C 205 28.90 -6.24 -70.14
C PRO C 205 28.84 -6.84 -71.54
N SER C 206 29.00 -6.01 -72.57
CA SER C 206 29.03 -6.52 -73.94
C SER C 206 30.40 -7.04 -74.35
N ASN C 207 31.42 -6.83 -73.51
CA ASN C 207 32.79 -7.39 -73.68
C ASN C 207 33.42 -6.94 -74.99
N THR C 208 33.63 -5.63 -75.11
CA THR C 208 34.16 -5.05 -76.34
C THR C 208 35.22 -3.99 -76.05
N LYS C 209 36.39 -4.16 -76.67
CA LYS C 209 37.45 -3.17 -76.62
C LYS C 209 37.56 -2.48 -77.98
N VAL C 210 37.56 -1.14 -77.96
CA VAL C 210 37.71 -0.33 -79.17
C VAL C 210 38.95 0.54 -79.01
N ASP C 211 39.85 0.46 -79.97
CA ASP C 211 41.06 1.28 -80.00
C ASP C 211 40.87 2.38 -81.04
N LYS C 212 41.09 3.63 -80.64
CA LYS C 212 40.84 4.76 -81.54
C LYS C 212 41.93 5.81 -81.38
N ARG C 213 42.59 6.13 -82.48
CA ARG C 213 43.60 7.17 -82.50
C ARG C 213 42.97 8.47 -82.99
N VAL C 214 43.18 9.54 -82.23
CA VAL C 214 42.60 10.85 -82.52
C VAL C 214 43.65 11.70 -83.23
N GLU C 215 43.22 12.43 -84.26
CA GLU C 215 44.09 13.25 -85.08
C GLU C 215 43.25 14.28 -85.83
N PRO C 216 43.78 15.49 -86.05
CA PRO C 216 43.05 16.53 -86.79
C PRO C 216 42.84 16.19 -88.26
N GLU D 1 2.38 14.71 -41.47
CA GLU D 1 3.67 14.42 -42.06
C GLU D 1 4.63 15.58 -41.87
N VAL D 2 5.68 15.35 -41.10
CA VAL D 2 6.64 16.40 -40.78
C VAL D 2 7.66 16.48 -41.92
N VAL D 3 7.66 17.59 -42.63
CA VAL D 3 8.56 17.82 -43.76
C VAL D 3 9.77 18.61 -43.26
N MET D 4 10.96 18.11 -43.56
CA MET D 4 12.18 18.75 -43.11
C MET D 4 12.74 19.64 -44.22
N THR D 5 13.67 20.52 -43.84
CA THR D 5 14.28 21.45 -44.79
C THR D 5 15.66 21.82 -44.28
N GLN D 6 16.68 21.54 -45.09
CA GLN D 6 18.06 21.87 -44.73
C GLN D 6 18.44 23.23 -45.29
N SER D 7 19.41 23.87 -44.62
CA SER D 7 19.90 25.17 -45.04
C SER D 7 21.33 25.33 -44.57
N PRO D 8 22.23 25.88 -45.42
CA PRO D 8 21.99 26.29 -46.80
C PRO D 8 22.04 25.13 -47.78
N ALA D 9 22.01 25.43 -49.08
CA ALA D 9 22.07 24.37 -50.08
C ALA D 9 23.46 23.75 -50.16
N THR D 10 24.50 24.58 -50.09
CA THR D 10 25.88 24.12 -50.15
C THR D 10 26.74 25.11 -49.38
N LEU D 11 27.58 24.58 -48.49
CA LEU D 11 28.47 25.42 -47.68
C LEU D 11 29.88 25.34 -48.24
N SER D 12 30.53 26.49 -48.37
CA SER D 12 31.92 26.58 -48.77
C SER D 12 32.77 27.02 -47.57
N VAL D 13 33.94 26.40 -47.41
CA VAL D 13 34.77 26.64 -46.24
C VAL D 13 36.21 26.34 -46.60
N SER D 14 37.14 27.09 -45.97
CA SER D 14 38.58 26.87 -45.98
C SER D 14 38.95 25.85 -44.91
N PRO D 15 40.04 25.10 -45.09
CA PRO D 15 40.42 24.11 -44.08
C PRO D 15 40.89 24.74 -42.78
N GLY D 16 40.92 23.91 -41.74
CA GLY D 16 41.23 24.39 -40.40
C GLY D 16 40.18 25.27 -39.80
N GLU D 17 38.93 25.15 -40.24
CA GLU D 17 37.86 26.03 -39.83
C GLU D 17 36.65 25.21 -39.41
N GLY D 18 35.56 25.92 -39.11
CA GLY D 18 34.33 25.32 -38.67
C GLY D 18 33.22 25.38 -39.70
N ALA D 19 32.09 24.79 -39.33
CA ALA D 19 30.92 24.78 -40.20
C ALA D 19 29.66 24.64 -39.35
N THR D 20 28.56 25.16 -39.89
CA THR D 20 27.28 25.10 -39.22
C THR D 20 26.16 24.88 -40.22
N LEU D 21 25.18 24.04 -39.86
CA LEU D 21 24.09 23.68 -40.74
C LEU D 21 22.80 23.71 -39.94
N SER D 22 21.71 24.12 -40.59
CA SER D 22 20.42 24.21 -39.94
C SER D 22 19.42 23.26 -40.61
N CYS D 23 18.65 22.55 -39.79
CA CYS D 23 17.58 21.70 -40.25
C CYS D 23 16.29 22.13 -39.56
N ARG D 24 15.27 22.41 -40.35
CA ARG D 24 14.01 22.96 -39.85
C ARG D 24 12.87 22.02 -40.20
N ALA D 25 11.79 22.11 -39.44
CA ALA D 25 10.66 21.20 -39.59
C ALA D 25 9.37 21.99 -39.82
N SER D 26 8.33 21.26 -40.22
CA SER D 26 7.03 21.87 -40.41
C SER D 26 6.22 21.93 -39.12
N GLN D 27 6.45 20.99 -38.21
CA GLN D 27 5.85 21.03 -36.88
C GLN D 27 6.95 20.94 -35.84
N SER D 28 6.59 20.74 -34.58
CA SER D 28 7.56 20.74 -33.49
C SER D 28 7.83 19.31 -33.04
N VAL D 29 8.91 18.73 -33.54
CA VAL D 29 9.47 17.54 -32.92
C VAL D 29 10.17 17.97 -31.64
N ASN D 30 10.29 17.06 -30.68
CA ASN D 30 10.73 17.49 -29.36
C ASN D 30 12.26 17.62 -29.32
N THR D 31 12.96 16.49 -29.39
CA THR D 31 14.41 16.45 -29.54
C THR D 31 14.84 15.35 -30.50
N ASN D 32 13.90 14.66 -31.14
CA ASN D 32 14.17 13.39 -31.80
C ASN D 32 14.72 13.63 -33.20
N VAL D 33 15.95 14.14 -33.25
CA VAL D 33 16.62 14.41 -34.52
C VAL D 33 17.97 13.70 -34.51
N ALA D 34 18.27 12.98 -35.58
CA ALA D 34 19.57 12.39 -35.81
C ALA D 34 20.20 12.96 -37.07
N TRP D 35 21.51 12.82 -37.18
CA TRP D 35 22.24 13.26 -38.36
C TRP D 35 23.11 12.14 -38.90
N TYR D 36 23.46 12.26 -40.18
CA TYR D 36 24.27 11.27 -40.87
C TYR D 36 25.18 11.99 -41.87
N GLN D 37 26.37 11.45 -42.07
CA GLN D 37 27.21 11.88 -43.18
C GLN D 37 27.38 10.70 -44.13
N GLN D 38 27.76 11.02 -45.37
CA GLN D 38 27.87 9.99 -46.40
C GLN D 38 28.94 10.39 -47.39
N LYS D 39 29.98 9.58 -47.48
CA LYS D 39 30.95 9.69 -48.55
C LYS D 39 30.30 9.26 -49.87
N PRO D 40 30.80 9.75 -51.01
CA PRO D 40 30.21 9.32 -52.30
C PRO D 40 30.53 7.86 -52.59
N GLY D 41 29.47 7.10 -52.89
CA GLY D 41 29.60 5.68 -53.11
C GLY D 41 29.75 4.87 -51.84
N GLN D 42 29.22 5.37 -50.72
CA GLN D 42 29.32 4.68 -49.44
C GLN D 42 27.97 4.71 -48.74
N ALA D 43 27.83 3.83 -47.74
CA ALA D 43 26.67 3.84 -46.88
C ALA D 43 26.77 4.97 -45.87
N PRO D 44 25.64 5.60 -45.51
CA PRO D 44 25.68 6.66 -44.52
C PRO D 44 26.02 6.13 -43.14
N ARG D 45 26.65 6.98 -42.33
CA ARG D 45 27.10 6.59 -41.00
C ARG D 45 26.57 7.57 -39.96
N LEU D 46 26.38 7.05 -38.74
CA LEU D 46 25.68 7.77 -37.69
C LEU D 46 26.61 8.78 -37.02
N LEU D 47 26.08 9.97 -36.74
CA LEU D 47 26.86 11.05 -36.13
C LEU D 47 26.34 11.43 -34.75
N ILE D 48 25.07 11.79 -34.64
CA ILE D 48 24.52 12.41 -33.44
C ILE D 48 23.03 12.09 -33.38
N TYR D 49 22.55 11.73 -32.20
CA TYR D 49 21.15 11.36 -31.99
C TYR D 49 20.61 12.09 -30.79
N GLY D 50 19.37 12.58 -30.91
CA GLY D 50 18.80 13.41 -29.88
C GLY D 50 19.39 14.79 -29.77
N ALA D 51 20.20 15.19 -30.76
CA ALA D 51 20.87 16.49 -30.92
C ALA D 51 21.86 16.82 -29.80
N SER D 52 22.14 15.90 -28.89
CA SER D 52 23.10 16.19 -27.85
C SER D 52 24.14 15.09 -27.66
N THR D 53 23.75 13.83 -27.73
CA THR D 53 24.61 12.72 -27.33
C THR D 53 25.30 12.14 -28.57
N ARG D 54 26.61 12.31 -28.64
CA ARG D 54 27.37 11.83 -29.80
C ARG D 54 27.44 10.31 -29.81
N ALA D 55 27.53 9.75 -31.01
CA ALA D 55 27.54 8.31 -31.16
C ALA D 55 28.88 7.72 -30.75
N THR D 56 28.91 6.40 -30.60
CA THR D 56 30.12 5.71 -30.20
C THR D 56 31.11 5.67 -31.35
N GLY D 57 32.33 6.13 -31.11
CA GLY D 57 33.35 6.13 -32.13
C GLY D 57 33.30 7.37 -33.01
N ILE D 58 33.03 8.51 -32.39
CA ILE D 58 32.92 9.78 -33.08
C ILE D 58 33.87 10.77 -32.42
N PRO D 59 34.69 11.50 -33.18
CA PRO D 59 35.56 12.51 -32.58
C PRO D 59 34.76 13.67 -32.00
N ALA D 60 35.36 14.32 -30.99
CA ALA D 60 34.66 15.27 -30.15
C ALA D 60 34.50 16.64 -30.77
N ARG D 61 35.03 16.89 -31.97
CA ARG D 61 34.88 18.19 -32.58
C ARG D 61 33.51 18.41 -33.19
N PHE D 62 32.67 17.38 -33.26
CA PHE D 62 31.30 17.52 -33.71
C PHE D 62 30.39 17.91 -32.54
N SER D 63 29.34 18.66 -32.85
CA SER D 63 28.38 19.06 -31.82
C SER D 63 27.04 19.37 -32.48
N GLY D 64 25.98 19.30 -31.68
CA GLY D 64 24.66 19.62 -32.15
C GLY D 64 23.87 20.35 -31.08
N SER D 65 22.83 21.04 -31.53
CA SER D 65 21.96 21.78 -30.61
C SER D 65 20.61 21.99 -31.27
N GLY D 66 19.68 22.53 -30.48
CA GLY D 66 18.38 22.89 -31.02
C GLY D 66 17.20 22.21 -30.37
N SER D 67 16.05 22.88 -30.40
CA SER D 67 14.79 22.31 -29.93
C SER D 67 13.66 23.04 -30.66
N GLY D 68 12.45 22.56 -30.44
CA GLY D 68 11.30 23.18 -31.08
C GLY D 68 11.17 22.77 -32.54
N THR D 69 11.51 23.68 -33.45
CA THR D 69 11.43 23.40 -34.88
C THR D 69 12.75 23.56 -35.62
N GLU D 70 13.80 24.07 -34.96
CA GLU D 70 15.06 24.33 -35.62
C GLU D 70 16.19 23.61 -34.90
N PHE D 71 17.13 23.09 -35.67
CA PHE D 71 18.23 22.30 -35.13
C PHE D 71 19.50 22.64 -35.88
N THR D 72 20.64 22.48 -35.20
CA THR D 72 21.89 23.02 -35.70
C THR D 72 23.03 22.04 -35.47
N LEU D 73 23.76 21.73 -36.54
CA LEU D 73 24.95 20.88 -36.48
C LEU D 73 26.18 21.74 -36.66
N THR D 74 27.22 21.48 -35.85
CA THR D 74 28.41 22.33 -35.82
C THR D 74 29.65 21.47 -35.82
N ILE D 75 30.59 21.79 -36.71
CA ILE D 75 31.87 21.11 -36.82
C ILE D 75 32.95 22.09 -36.43
N SER D 76 33.84 21.71 -35.50
CA SER D 76 34.83 22.64 -34.98
C SER D 76 36.01 22.82 -35.94
N THR D 77 36.73 21.74 -36.22
CA THR D 77 37.89 21.78 -37.09
C THR D 77 37.73 20.75 -38.21
N LEU D 78 38.62 20.82 -39.18
CA LEU D 78 38.63 19.90 -40.30
C LEU D 78 40.04 19.39 -40.54
N GLN D 79 40.14 18.23 -41.19
CA GLN D 79 41.41 17.73 -41.70
C GLN D 79 41.21 17.17 -43.10
N SER D 80 40.36 17.86 -43.89
CA SER D 80 40.14 17.66 -45.33
C SER D 80 39.56 16.30 -45.66
N GLU D 81 39.01 15.58 -44.68
CA GLU D 81 38.38 14.30 -44.91
C GLU D 81 36.89 14.32 -44.62
N ASP D 82 36.38 15.34 -43.93
CA ASP D 82 34.99 15.40 -43.53
C ASP D 82 34.08 15.98 -44.60
N PHE D 83 34.63 16.33 -45.76
CA PHE D 83 33.85 16.92 -46.85
C PHE D 83 32.98 15.82 -47.47
N ALA D 84 31.74 15.72 -47.01
CA ALA D 84 30.84 14.66 -47.44
C ALA D 84 29.43 15.26 -47.56
N VAL D 85 28.43 14.40 -47.72
CA VAL D 85 27.04 14.82 -47.82
C VAL D 85 26.37 14.58 -46.48
N TYR D 86 25.58 15.55 -46.02
CA TYR D 86 25.02 15.53 -44.67
C TYR D 86 23.50 15.46 -44.71
N TYR D 87 22.92 14.74 -43.74
CA TYR D 87 21.48 14.47 -43.72
C TYR D 87 20.95 14.62 -42.30
N CYS D 88 19.83 15.31 -42.15
CA CYS D 88 19.10 15.36 -40.90
C CYS D 88 17.84 14.51 -41.01
N GLN D 89 17.39 13.96 -39.87
CA GLN D 89 16.30 13.01 -39.83
C GLN D 89 15.51 13.19 -38.55
N GLN D 90 14.19 13.20 -38.64
CA GLN D 90 13.34 13.14 -37.46
C GLN D 90 12.83 11.73 -37.27
N TYR D 91 12.52 11.38 -36.01
CA TYR D 91 11.91 10.09 -35.72
C TYR D 91 10.83 10.23 -34.66
N SER D 92 10.21 11.41 -34.58
CA SER D 92 9.19 11.65 -33.57
C SER D 92 7.84 11.09 -34.00
N ASN D 93 7.41 11.44 -35.20
CA ASN D 93 6.12 11.01 -35.71
C ASN D 93 6.27 10.21 -37.00
N TRP D 94 6.02 8.91 -36.90
CA TRP D 94 6.22 8.01 -38.03
C TRP D 94 5.45 6.71 -37.80
N PRO D 95 5.02 6.05 -38.88
CA PRO D 95 5.43 6.26 -40.28
C PRO D 95 4.62 7.35 -40.95
N PRO D 96 5.13 7.92 -42.04
CA PRO D 96 6.41 7.53 -42.65
C PRO D 96 7.59 8.24 -41.99
N ILE D 97 8.80 7.91 -42.42
CA ILE D 97 10.00 8.59 -41.93
C ILE D 97 10.58 9.49 -43.01
N THR D 98 10.85 10.72 -42.63
CA THR D 98 11.30 11.76 -43.56
C THR D 98 12.73 12.15 -43.26
N PHE D 99 13.52 12.32 -44.31
CA PHE D 99 14.90 12.75 -44.21
C PHE D 99 15.00 14.24 -44.57
N GLY D 100 16.22 14.73 -44.64
CA GLY D 100 16.49 16.07 -45.12
C GLY D 100 16.53 16.11 -46.64
N GLN D 101 17.34 17.04 -47.16
CA GLN D 101 17.51 17.14 -48.60
C GLN D 101 18.96 16.95 -49.03
N GLY D 102 19.87 16.66 -48.11
CA GLY D 102 21.26 16.49 -48.46
C GLY D 102 22.00 17.80 -48.58
N THR D 103 23.14 17.90 -47.92
CA THR D 103 23.95 19.11 -47.96
C THR D 103 25.42 18.71 -48.05
N ARG D 104 26.05 19.05 -49.16
CA ARG D 104 27.45 18.74 -49.35
C ARG D 104 28.33 19.86 -48.79
N LEU D 105 29.61 19.57 -48.65
CA LEU D 105 30.56 20.48 -48.03
C LEU D 105 31.74 20.66 -48.97
N GLU D 106 32.02 21.89 -49.35
CA GLU D 106 33.03 22.19 -50.36
C GLU D 106 34.24 22.85 -49.73
N ILE D 107 35.37 22.73 -50.43
CA ILE D 107 36.61 23.39 -50.06
C ILE D 107 36.66 24.73 -50.78
N LYS D 108 37.07 25.78 -50.06
CA LYS D 108 37.07 27.13 -50.61
C LYS D 108 38.50 27.55 -50.97
N ARG D 109 38.65 28.15 -52.14
CA ARG D 109 39.95 28.60 -52.64
C ARG D 109 39.72 29.84 -53.49
N THR D 110 40.73 30.20 -54.29
CA THR D 110 40.70 31.44 -55.06
C THR D 110 39.79 31.28 -56.28
N VAL D 111 39.02 32.33 -56.58
CA VAL D 111 38.15 32.33 -57.75
C VAL D 111 39.01 32.35 -59.01
N ALA D 112 38.87 31.32 -59.84
CA ALA D 112 39.72 31.13 -61.01
C ALA D 112 38.87 31.10 -62.28
N ALA D 113 39.51 31.49 -63.38
CA ALA D 113 38.84 31.56 -64.68
C ALA D 113 38.98 30.23 -65.42
N PRO D 114 37.93 29.79 -66.13
CA PRO D 114 38.02 28.56 -66.90
C PRO D 114 38.85 28.71 -68.16
N SER D 115 39.49 27.62 -68.55
CA SER D 115 40.02 27.46 -69.90
C SER D 115 38.94 26.81 -70.75
N VAL D 116 38.52 27.50 -71.81
CA VAL D 116 37.33 27.12 -72.57
C VAL D 116 37.77 26.72 -73.97
N PHE D 117 37.22 25.60 -74.47
CA PHE D 117 37.51 25.12 -75.80
C PHE D 117 36.20 24.63 -76.42
N ILE D 118 36.25 24.31 -77.72
CA ILE D 118 35.09 23.80 -78.43
C ILE D 118 35.55 22.75 -79.44
N PHE D 119 34.67 21.79 -79.71
CA PHE D 119 34.94 20.66 -80.60
C PHE D 119 33.77 20.43 -81.55
N PRO D 120 33.98 20.62 -82.85
CA PRO D 120 32.94 20.33 -83.83
C PRO D 120 32.77 18.82 -84.02
N PRO D 121 31.66 18.36 -84.59
CA PRO D 121 31.50 16.92 -84.80
C PRO D 121 32.35 16.40 -85.94
N SER D 122 32.87 15.19 -85.75
CA SER D 122 33.57 14.47 -86.81
C SER D 122 32.57 14.05 -87.88
N ASP D 123 33.07 13.90 -89.11
CA ASP D 123 32.18 13.63 -90.22
C ASP D 123 31.69 12.19 -90.27
N GLU D 124 32.31 11.28 -89.52
CA GLU D 124 31.73 9.95 -89.41
C GLU D 124 30.50 9.94 -88.51
N GLN D 125 30.32 10.96 -87.66
CA GLN D 125 29.04 11.13 -86.98
C GLN D 125 27.95 11.48 -87.97
N LEU D 126 28.28 12.31 -88.97
CA LEU D 126 27.33 12.61 -90.03
C LEU D 126 27.15 11.42 -90.97
N LYS D 127 28.16 10.54 -91.05
CA LYS D 127 27.95 9.25 -91.72
C LYS D 127 26.94 8.41 -90.95
N SER D 128 26.98 8.48 -89.61
CA SER D 128 25.97 7.83 -88.79
C SER D 128 24.72 8.69 -88.63
N GLY D 129 24.79 9.97 -88.95
CA GLY D 129 23.67 10.87 -88.76
C GLY D 129 23.69 11.64 -87.46
N THR D 130 24.74 11.50 -86.66
CA THR D 130 24.87 12.17 -85.38
C THR D 130 25.48 13.55 -85.59
N ALA D 131 25.04 14.52 -84.79
CA ALA D 131 25.71 15.83 -84.74
C ALA D 131 25.99 16.13 -83.28
N SER D 132 27.23 15.90 -82.85
CA SER D 132 27.62 16.07 -81.46
C SER D 132 28.71 17.12 -81.34
N VAL D 133 28.39 18.23 -80.70
CA VAL D 133 29.33 19.33 -80.49
C VAL D 133 29.66 19.40 -79.01
N VAL D 134 30.94 19.56 -78.68
CA VAL D 134 31.40 19.57 -77.30
C VAL D 134 31.94 20.95 -76.96
N CYS D 135 31.32 21.62 -76.00
CA CYS D 135 31.87 22.84 -75.41
C CYS D 135 32.48 22.47 -74.06
N LEU D 136 33.74 22.81 -73.87
CA LEU D 136 34.55 22.26 -72.78
C LEU D 136 35.11 23.37 -71.91
N LEU D 137 35.00 23.21 -70.60
CA LEU D 137 35.60 24.12 -69.63
C LEU D 137 36.45 23.33 -68.67
N ASN D 138 37.62 23.87 -68.33
CA ASN D 138 38.56 23.18 -67.46
C ASN D 138 39.12 24.17 -66.44
N ASN D 139 39.32 23.67 -65.22
CA ASN D 139 40.06 24.34 -64.14
C ASN D 139 39.41 25.67 -63.76
N PHE D 140 38.19 25.60 -63.24
CA PHE D 140 37.47 26.80 -62.82
C PHE D 140 36.91 26.65 -61.42
N TYR D 141 36.95 27.76 -60.68
CA TYR D 141 36.33 27.91 -59.38
C TYR D 141 35.55 29.21 -59.41
N PRO D 142 34.33 29.25 -58.84
CA PRO D 142 33.56 28.23 -58.11
C PRO D 142 32.77 27.29 -59.00
N ARG D 143 31.75 26.67 -58.40
CA ARG D 143 30.94 25.69 -59.10
C ARG D 143 30.08 26.32 -60.18
N GLU D 144 29.63 27.55 -59.97
CA GLU D 144 28.66 28.17 -60.86
C GLU D 144 29.31 28.64 -62.15
N ALA D 145 28.73 28.24 -63.27
CA ALA D 145 29.11 28.72 -64.59
C ALA D 145 27.84 28.80 -65.44
N LYS D 146 27.87 29.64 -66.46
CA LYS D 146 26.72 29.85 -67.33
C LYS D 146 27.12 29.58 -68.77
N VAL D 147 26.38 28.70 -69.44
CA VAL D 147 26.64 28.36 -70.84
C VAL D 147 25.39 28.70 -71.64
N GLN D 148 25.54 29.58 -72.62
CA GLN D 148 24.48 29.92 -73.55
C GLN D 148 24.82 29.34 -74.92
N TRP D 149 23.87 28.64 -75.52
CA TRP D 149 24.09 27.92 -76.78
C TRP D 149 23.42 28.69 -77.91
N LYS D 150 24.19 29.03 -78.94
CA LYS D 150 23.74 29.96 -79.96
C LYS D 150 23.90 29.34 -81.35
N VAL D 151 22.83 29.42 -82.15
CA VAL D 151 22.79 28.91 -83.52
C VAL D 151 22.52 30.11 -84.42
N ASP D 152 23.57 30.57 -85.10
CA ASP D 152 23.59 31.85 -85.84
C ASP D 152 23.08 33.00 -84.98
N ASN D 153 23.61 33.07 -83.75
CA ASN D 153 23.24 34.02 -82.70
C ASN D 153 21.74 33.92 -82.36
N ALA D 154 21.33 32.71 -81.99
CA ALA D 154 19.96 32.47 -81.57
C ALA D 154 19.95 31.31 -80.58
N LEU D 155 19.26 31.50 -79.45
CA LEU D 155 19.29 30.53 -78.36
C LEU D 155 18.46 29.29 -78.70
N GLN D 156 18.97 28.13 -78.32
CA GLN D 156 18.24 26.87 -78.41
C GLN D 156 17.83 26.41 -77.02
N SER D 157 17.01 25.36 -77.00
CA SER D 157 16.55 24.79 -75.73
C SER D 157 16.24 23.31 -75.93
N GLY D 158 16.68 22.50 -74.97
CA GLY D 158 16.34 21.09 -74.94
C GLY D 158 17.19 20.18 -75.79
N ASN D 159 18.28 20.68 -76.38
CA ASN D 159 19.13 19.88 -77.24
C ASN D 159 20.55 19.76 -76.71
N SER D 160 20.80 20.25 -75.51
CA SER D 160 22.14 20.24 -74.92
C SER D 160 22.10 19.59 -73.56
N GLN D 161 23.01 18.65 -73.31
CA GLN D 161 23.21 18.07 -72.00
C GLN D 161 24.55 18.53 -71.45
N GLU D 162 24.82 18.16 -70.20
CA GLU D 162 26.03 18.61 -69.54
C GLU D 162 26.49 17.60 -68.50
N SER D 163 27.78 17.67 -68.19
CA SER D 163 28.40 16.79 -67.20
C SER D 163 29.48 17.56 -66.44
N VAL D 164 29.53 17.34 -65.13
CA VAL D 164 30.46 18.03 -64.24
C VAL D 164 31.26 16.96 -63.50
N THR D 165 32.57 17.17 -63.39
CA THR D 165 33.43 16.26 -62.64
C THR D 165 33.32 16.55 -61.14
N GLU D 166 34.16 15.90 -60.35
CA GLU D 166 34.19 16.08 -58.92
C GLU D 166 35.31 17.04 -58.55
N GLN D 167 35.53 17.22 -57.26
CA GLN D 167 36.45 18.24 -56.76
C GLN D 167 37.84 17.64 -56.68
N ASP D 168 38.74 18.13 -57.54
CA ASP D 168 40.10 17.60 -57.64
C ASP D 168 40.91 17.92 -56.40
N SER D 169 41.73 16.96 -55.98
CA SER D 169 42.46 17.07 -54.72
C SER D 169 43.60 18.07 -54.78
N LYS D 170 44.01 18.52 -55.96
CA LYS D 170 45.15 19.42 -56.08
C LYS D 170 44.72 20.89 -56.08
N ASP D 171 43.88 21.28 -57.03
CA ASP D 171 43.51 22.68 -57.23
C ASP D 171 42.11 23.02 -56.72
N SER D 172 41.28 22.01 -56.46
CA SER D 172 39.89 22.16 -56.01
C SER D 172 39.04 22.96 -57.00
N THR D 173 39.38 22.89 -58.28
CA THR D 173 38.58 23.50 -59.33
C THR D 173 37.92 22.40 -60.16
N TYR D 174 37.00 22.81 -61.02
CA TYR D 174 36.09 21.87 -61.66
C TYR D 174 36.33 21.80 -63.16
N SER D 175 35.59 20.91 -63.81
CA SER D 175 35.65 20.71 -65.25
C SER D 175 34.25 20.43 -65.76
N LEU D 176 33.83 21.16 -66.79
CA LEU D 176 32.48 21.07 -67.32
C LEU D 176 32.52 20.67 -68.78
N SER D 177 31.55 19.86 -69.19
CA SER D 177 31.34 19.50 -70.58
C SER D 177 29.89 19.75 -70.93
N SER D 178 29.66 20.31 -72.11
CA SER D 178 28.32 20.46 -72.64
C SER D 178 28.28 19.83 -74.02
N THR D 179 27.19 19.14 -74.32
CA THR D 179 27.08 18.34 -75.52
C THR D 179 25.81 18.69 -76.27
N LEU D 180 25.96 19.19 -77.49
CA LEU D 180 24.85 19.35 -78.42
C LEU D 180 24.67 18.05 -79.18
N THR D 181 23.49 17.43 -79.11
CA THR D 181 23.21 16.20 -79.85
C THR D 181 22.00 16.46 -80.74
N LEU D 182 22.21 16.47 -82.05
CA LEU D 182 21.14 16.74 -83.01
C LEU D 182 21.28 15.80 -84.21
N SER D 183 20.35 15.94 -85.14
CA SER D 183 20.36 15.18 -86.38
C SER D 183 21.21 15.90 -87.42
N LYS D 184 21.18 15.41 -88.65
CA LYS D 184 22.02 15.96 -89.72
C LYS D 184 21.49 17.28 -90.25
N ALA D 185 20.16 17.45 -90.24
CA ALA D 185 19.52 18.52 -91.00
C ALA D 185 19.80 19.88 -90.37
N ASP D 186 19.77 19.98 -89.04
CA ASP D 186 20.02 21.27 -88.42
C ASP D 186 21.50 21.65 -88.44
N TYR D 187 22.39 20.67 -88.37
CA TYR D 187 23.82 20.95 -88.48
C TYR D 187 24.20 21.39 -89.89
N GLU D 188 23.60 20.77 -90.91
CA GLU D 188 23.84 21.19 -92.27
C GLU D 188 22.97 22.37 -92.69
N LYS D 189 22.02 22.79 -91.86
CA LYS D 189 21.16 23.93 -92.18
C LYS D 189 21.87 25.24 -91.94
N HIS D 190 22.26 25.50 -90.69
CA HIS D 190 22.92 26.73 -90.32
C HIS D 190 24.42 26.51 -90.28
N LYS D 191 25.18 27.61 -90.13
CA LYS D 191 26.63 27.54 -90.28
C LYS D 191 27.39 27.91 -89.01
N VAL D 192 27.13 29.08 -88.43
CA VAL D 192 27.94 29.59 -87.32
C VAL D 192 27.29 29.18 -86.01
N TYR D 193 27.96 28.32 -85.25
CA TYR D 193 27.45 27.82 -83.98
C TYR D 193 28.40 28.28 -82.88
N ALA D 194 27.87 28.52 -81.68
CA ALA D 194 28.70 29.07 -80.62
C ALA D 194 28.20 28.64 -79.25
N CYS D 195 29.14 28.56 -78.29
CA CYS D 195 28.83 28.49 -76.87
C CYS D 195 29.46 29.70 -76.19
N GLU D 196 28.68 30.39 -75.38
CA GLU D 196 29.13 31.61 -74.72
C GLU D 196 29.08 31.38 -73.21
N VAL D 197 30.20 31.67 -72.54
CA VAL D 197 30.39 31.30 -71.15
C VAL D 197 30.39 32.55 -70.30
N THR D 198 29.48 32.64 -69.33
CA THR D 198 29.48 33.68 -68.32
C THR D 198 29.91 33.04 -67.00
N HIS D 199 31.15 33.27 -66.59
CA HIS D 199 31.68 32.72 -65.36
C HIS D 199 32.10 33.85 -64.44
N GLN D 200 32.08 33.59 -63.14
CA GLN D 200 32.38 34.63 -62.15
C GLN D 200 33.84 35.06 -62.22
N GLY D 201 34.74 34.11 -62.47
CA GLY D 201 36.15 34.45 -62.63
C GLY D 201 36.46 35.15 -63.93
N LEU D 202 35.65 34.93 -64.96
CA LEU D 202 35.84 35.60 -66.23
C LEU D 202 35.40 37.05 -66.14
N SER D 203 36.12 37.93 -66.83
CA SER D 203 35.73 39.34 -66.88
C SER D 203 34.53 39.55 -67.79
N SER D 204 34.44 38.78 -68.86
CA SER D 204 33.42 38.95 -69.87
C SER D 204 32.95 37.59 -70.35
N PRO D 205 31.73 37.50 -70.90
CA PRO D 205 31.31 36.24 -71.51
C PRO D 205 32.11 35.90 -72.76
N VAL D 206 32.80 34.76 -72.72
CA VAL D 206 33.69 34.35 -73.80
C VAL D 206 32.93 33.48 -74.78
N THR D 207 33.03 33.80 -76.06
CA THR D 207 32.31 33.10 -77.11
C THR D 207 33.26 32.21 -77.90
N LYS D 208 32.99 30.91 -77.92
CA LYS D 208 33.72 29.97 -78.74
C LYS D 208 32.81 29.52 -79.87
N SER D 209 33.22 29.78 -81.11
CA SER D 209 32.36 29.58 -82.26
C SER D 209 33.09 28.80 -83.34
N PHE D 210 32.30 28.26 -84.28
CA PHE D 210 32.84 27.52 -85.40
C PHE D 210 31.83 27.56 -86.55
N ASN D 211 32.33 27.28 -87.75
CA ASN D 211 31.54 27.29 -88.97
C ASN D 211 31.12 25.88 -89.35
N ARG D 212 30.24 25.78 -90.35
CA ARG D 212 29.83 24.50 -90.88
C ARG D 212 30.94 23.97 -91.78
N GLY D 213 31.50 22.81 -91.43
CA GLY D 213 32.66 22.29 -92.09
C GLY D 213 33.98 22.62 -91.40
N GLU D 214 33.93 23.10 -90.17
CA GLU D 214 35.13 23.36 -89.39
C GLU D 214 34.94 22.86 -87.96
N GLU E 1 -4.48 -47.77 -0.60
CA GLU E 1 -3.21 -47.95 0.07
C GLU E 1 -2.08 -47.86 -0.95
N VAL E 2 -0.98 -47.22 -0.55
CA VAL E 2 0.11 -46.91 -1.45
C VAL E 2 1.09 -48.06 -1.49
N GLN E 3 1.34 -48.61 -2.69
CA GLN E 3 2.48 -49.49 -2.87
C GLN E 3 3.02 -49.33 -4.27
N LEU E 4 4.24 -49.85 -4.46
CA LEU E 4 4.99 -49.72 -5.70
C LEU E 4 5.38 -51.12 -6.15
N LEU E 5 4.95 -51.52 -7.33
CA LEU E 5 5.32 -52.81 -7.89
C LEU E 5 6.32 -52.59 -9.01
N GLU E 6 7.32 -53.46 -9.11
CA GLU E 6 8.42 -53.22 -10.03
C GLU E 6 8.90 -54.52 -10.62
N SER E 7 9.39 -54.44 -11.86
CA SER E 7 9.80 -55.63 -12.61
C SER E 7 10.75 -55.21 -13.73
N GLY E 8 11.33 -56.23 -14.37
CA GLY E 8 12.24 -56.01 -15.47
C GLY E 8 13.59 -56.65 -15.26
N GLY E 9 13.72 -57.43 -14.17
CA GLY E 9 14.99 -58.03 -13.83
C GLY E 9 15.33 -59.24 -14.69
N GLY E 10 16.49 -59.81 -14.42
CA GLY E 10 16.93 -61.00 -15.10
C GLY E 10 18.40 -60.94 -15.51
N LEU E 11 18.98 -62.12 -15.73
CA LEU E 11 20.36 -62.21 -16.20
C LEU E 11 20.45 -61.74 -17.65
N VAL E 12 21.33 -60.76 -17.90
CA VAL E 12 21.50 -60.18 -19.22
C VAL E 12 22.99 -60.12 -19.53
N GLN E 13 23.36 -60.48 -20.76
CA GLN E 13 24.72 -60.34 -21.28
C GLN E 13 25.22 -58.90 -21.13
N PRO E 14 26.48 -58.70 -20.75
CA PRO E 14 27.00 -57.34 -20.61
C PRO E 14 27.08 -56.61 -21.95
N GLY E 15 26.94 -55.30 -21.88
CA GLY E 15 26.77 -54.49 -23.07
C GLY E 15 25.35 -54.41 -23.57
N GLY E 16 24.41 -55.08 -22.93
CA GLY E 16 23.03 -55.14 -23.39
C GLY E 16 22.21 -53.94 -22.96
N SER E 17 20.91 -54.15 -22.84
CA SER E 17 19.98 -53.08 -22.53
C SER E 17 18.77 -53.63 -21.80
N LEU E 18 18.23 -52.84 -20.86
CA LEU E 18 17.08 -53.24 -20.08
C LEU E 18 16.06 -52.10 -20.03
N ARG E 19 14.83 -52.46 -19.68
CA ARG E 19 13.73 -51.49 -19.53
C ARG E 19 12.96 -51.89 -18.28
N LEU E 20 13.35 -51.32 -17.14
CA LEU E 20 12.70 -51.62 -15.88
C LEU E 20 11.47 -50.75 -15.71
N SER E 21 10.46 -51.30 -15.06
CA SER E 21 9.18 -50.60 -14.91
C SER E 21 8.71 -50.68 -13.48
N CYS E 22 8.26 -49.54 -12.95
CA CYS E 22 7.70 -49.45 -11.61
C CYS E 22 6.32 -48.80 -11.71
N ALA E 23 5.29 -49.58 -11.42
CA ALA E 23 3.93 -49.07 -11.38
C ALA E 23 3.56 -48.70 -9.95
N ALA E 24 2.64 -47.75 -9.82
CA ALA E 24 2.24 -47.20 -8.53
C ALA E 24 0.75 -47.39 -8.33
N SER E 25 0.34 -47.50 -7.06
CA SER E 25 -1.08 -47.62 -6.78
C SER E 25 -1.37 -47.06 -5.40
N GLY E 26 -2.43 -46.26 -5.30
CA GLY E 26 -2.91 -45.77 -4.03
C GLY E 26 -2.78 -44.27 -3.82
N PHE E 27 -2.33 -43.52 -4.81
CA PHE E 27 -2.10 -42.09 -4.65
C PHE E 27 -2.12 -41.45 -6.04
N THR E 28 -1.82 -40.15 -6.07
CA THR E 28 -1.73 -39.40 -7.32
C THR E 28 -0.30 -39.44 -7.80
N PHE E 29 -0.04 -40.27 -8.83
CA PHE E 29 1.30 -40.41 -9.37
C PHE E 29 1.78 -39.15 -10.07
N SER E 30 0.86 -38.30 -10.52
CA SER E 30 1.19 -37.08 -11.24
C SER E 30 1.35 -35.89 -10.32
N SER E 31 1.72 -36.11 -9.06
CA SER E 31 1.90 -35.00 -8.14
C SER E 31 3.13 -35.15 -7.27
N TYR E 32 4.05 -36.05 -7.61
CA TYR E 32 5.27 -36.23 -6.83
C TYR E 32 6.40 -36.61 -7.77
N GLY E 33 7.61 -36.25 -7.38
CA GLY E 33 8.78 -36.77 -8.05
C GLY E 33 9.06 -38.20 -7.66
N MET E 34 9.92 -38.86 -8.43
CA MET E 34 10.27 -40.24 -8.19
C MET E 34 11.78 -40.41 -8.31
N ALA E 35 12.30 -41.46 -7.70
CA ALA E 35 13.74 -41.68 -7.67
C ALA E 35 14.07 -43.15 -7.75
N TRP E 36 15.32 -43.43 -8.10
CA TRP E 36 15.85 -44.78 -8.21
C TRP E 36 17.13 -44.88 -7.39
N VAL E 37 17.20 -45.91 -6.54
CA VAL E 37 18.35 -46.19 -5.69
C VAL E 37 18.69 -47.66 -5.80
N ARG E 38 19.94 -47.98 -6.10
CA ARG E 38 20.38 -49.36 -6.16
C ARG E 38 21.17 -49.73 -4.91
N GLN E 39 21.37 -51.03 -4.75
CA GLN E 39 22.13 -51.56 -3.62
C GLN E 39 23.01 -52.68 -4.14
N ALA E 40 24.32 -52.50 -4.04
CA ALA E 40 25.26 -53.56 -4.36
C ALA E 40 25.12 -54.69 -3.35
N PRO E 41 25.33 -55.94 -3.76
CA PRO E 41 25.21 -57.06 -2.82
C PRO E 41 26.35 -57.05 -1.80
N GLY E 42 25.97 -57.13 -0.53
CA GLY E 42 26.94 -57.06 0.54
C GLY E 42 27.54 -55.69 0.75
N LYS E 43 26.87 -54.64 0.31
CA LYS E 43 27.36 -53.27 0.45
C LYS E 43 26.21 -52.37 0.86
N GLY E 44 26.49 -51.07 0.98
CA GLY E 44 25.50 -50.10 1.36
C GLY E 44 24.61 -49.68 0.21
N LEU E 45 23.98 -48.52 0.36
CA LEU E 45 23.08 -48.01 -0.64
C LEU E 45 23.81 -47.11 -1.62
N GLU E 46 23.17 -46.87 -2.76
CA GLU E 46 23.75 -46.05 -3.81
C GLU E 46 22.61 -45.44 -4.62
N TRP E 47 22.44 -44.13 -4.49
CA TRP E 47 21.41 -43.42 -5.25
C TRP E 47 21.75 -43.41 -6.73
N VAL E 48 20.74 -43.66 -7.56
CA VAL E 48 20.97 -43.71 -9.00
C VAL E 48 20.47 -42.44 -9.67
N SER E 49 19.17 -42.19 -9.62
CA SER E 49 18.61 -41.16 -10.47
C SER E 49 17.34 -40.57 -9.88
N PHE E 50 16.87 -39.49 -10.50
CA PHE E 50 15.71 -38.74 -10.04
C PHE E 50 14.98 -38.15 -11.24
N ILE E 51 13.65 -38.16 -11.18
CA ILE E 51 12.81 -37.41 -12.09
C ILE E 51 11.84 -36.58 -11.25
N SER E 52 11.56 -35.36 -11.71
CA SER E 52 10.69 -34.44 -11.00
C SER E 52 9.23 -34.84 -11.16
N ALA E 53 8.35 -34.03 -10.58
CA ALA E 53 6.92 -34.34 -10.60
C ALA E 53 6.33 -34.14 -11.99
N THR E 54 6.57 -32.98 -12.58
CA THR E 54 6.10 -32.72 -13.93
C THR E 54 7.02 -33.29 -15.00
N GLY E 55 8.18 -33.81 -14.61
CA GLY E 55 9.09 -34.40 -15.56
C GLY E 55 9.97 -33.41 -16.30
N LEU E 56 9.94 -32.13 -15.92
CA LEU E 56 10.78 -31.15 -16.58
C LEU E 56 12.23 -31.24 -16.17
N SER E 57 12.53 -31.85 -15.03
CA SER E 57 13.88 -31.96 -14.52
C SER E 57 14.26 -33.42 -14.37
N THR E 58 15.40 -33.80 -14.92
CA THR E 58 15.94 -35.14 -14.79
C THR E 58 17.36 -35.04 -14.24
N TYR E 59 17.73 -35.98 -13.37
CA TYR E 59 19.05 -35.97 -12.77
C TYR E 59 19.57 -37.40 -12.61
N PHE E 60 20.88 -37.53 -12.75
CA PHE E 60 21.54 -38.83 -12.68
C PHE E 60 22.78 -38.72 -11.82
N ALA E 61 23.22 -39.86 -11.29
CA ALA E 61 24.50 -39.91 -10.59
C ALA E 61 25.64 -39.73 -11.59
N ASP E 62 26.80 -39.30 -11.07
CA ASP E 62 27.88 -38.86 -11.94
C ASP E 62 28.60 -40.04 -12.57
N SER E 63 28.67 -41.18 -11.89
CA SER E 63 29.35 -42.35 -12.44
C SER E 63 28.56 -43.06 -13.53
N VAL E 64 27.30 -42.68 -13.73
CA VAL E 64 26.43 -43.42 -14.65
C VAL E 64 25.85 -42.49 -15.70
N LYS E 65 26.55 -41.39 -15.99
CA LYS E 65 26.06 -40.42 -16.96
C LYS E 65 26.17 -40.97 -18.38
N GLY E 66 25.16 -40.67 -19.18
CA GLY E 66 25.16 -41.02 -20.59
C GLY E 66 24.75 -42.43 -20.92
N ARG E 67 24.49 -43.27 -19.93
CA ARG E 67 24.13 -44.66 -20.18
C ARG E 67 22.72 -45.00 -19.73
N PHE E 68 22.01 -44.07 -19.11
CA PHE E 68 20.74 -44.35 -18.47
C PHE E 68 19.75 -43.25 -18.80
N THR E 69 18.52 -43.63 -19.13
CA THR E 69 17.44 -42.67 -19.34
C THR E 69 16.23 -43.06 -18.51
N ILE E 70 15.30 -42.13 -18.39
CA ILE E 70 14.14 -42.29 -17.50
C ILE E 70 12.97 -41.53 -18.10
N SER E 71 11.77 -42.09 -17.94
CA SER E 71 10.55 -41.44 -18.40
C SER E 71 9.38 -41.92 -17.55
N ARG E 72 8.23 -41.30 -17.75
CA ARG E 72 7.05 -41.63 -16.97
C ARG E 72 5.81 -41.49 -17.84
N ASP E 73 4.77 -42.25 -17.49
CA ASP E 73 3.49 -42.19 -18.17
C ASP E 73 2.40 -41.96 -17.12
N THR E 74 1.57 -40.95 -17.37
CA THR E 74 0.57 -40.52 -16.39
C THR E 74 -0.65 -41.42 -16.39
N THR E 75 -1.16 -41.74 -17.58
CA THR E 75 -2.37 -42.57 -17.67
C THR E 75 -2.11 -43.98 -17.19
N LYS E 76 -0.92 -44.51 -17.45
CA LYS E 76 -0.55 -45.81 -16.93
C LYS E 76 -0.09 -45.77 -15.48
N ASN E 77 0.19 -44.58 -14.96
CA ASN E 77 0.77 -44.36 -13.63
C ASN E 77 2.05 -45.16 -13.44
N THR E 78 2.94 -45.06 -14.42
CA THR E 78 4.06 -45.97 -14.51
C THR E 78 5.36 -45.20 -14.76
N LEU E 79 6.43 -45.68 -14.16
CA LEU E 79 7.76 -45.12 -14.31
C LEU E 79 8.65 -46.12 -15.04
N TYR E 80 9.37 -45.66 -16.06
CA TYR E 80 10.22 -46.51 -16.88
C TYR E 80 11.64 -46.01 -16.82
N LEU E 81 12.59 -46.95 -16.73
CA LEU E 81 14.01 -46.64 -16.75
C LEU E 81 14.71 -47.54 -17.75
N GLN E 82 15.46 -46.93 -18.66
CA GLN E 82 16.14 -47.65 -19.73
C GLN E 82 17.65 -47.66 -19.43
N MET E 83 18.22 -48.86 -19.37
CA MET E 83 19.65 -49.04 -19.16
C MET E 83 20.28 -49.44 -20.48
N ASN E 84 21.44 -48.88 -20.78
CA ASN E 84 22.14 -49.17 -22.03
C ASN E 84 23.62 -49.40 -21.77
N SER E 85 24.17 -50.46 -22.40
CA SER E 85 25.60 -50.77 -22.42
C SER E 85 26.17 -50.94 -21.02
N LEU E 86 25.68 -51.97 -20.34
CA LEU E 86 25.99 -52.16 -18.93
C LEU E 86 27.42 -52.66 -18.75
N ARG E 87 27.83 -52.76 -17.49
CA ARG E 87 29.15 -53.25 -17.10
C ARG E 87 28.98 -54.31 -16.03
N ALA E 88 30.09 -54.98 -15.72
CA ALA E 88 30.03 -56.09 -14.78
C ALA E 88 29.85 -55.65 -13.34
N ASP E 89 30.23 -54.42 -13.01
CA ASP E 89 30.17 -53.93 -11.65
C ASP E 89 28.82 -53.32 -11.28
N ASP E 90 27.83 -53.42 -12.16
CA ASP E 90 26.52 -52.84 -11.92
C ASP E 90 25.48 -53.87 -11.51
N THR E 91 25.91 -55.06 -11.13
CA THR E 91 24.99 -56.04 -10.56
C THR E 91 24.53 -55.56 -9.20
N ALA E 92 23.23 -55.35 -9.06
CA ALA E 92 22.68 -54.75 -7.84
C ALA E 92 21.22 -55.10 -7.74
N VAL E 93 20.59 -54.63 -6.66
CA VAL E 93 19.14 -54.71 -6.47
C VAL E 93 18.60 -53.30 -6.51
N TYR E 94 17.60 -53.08 -7.36
CA TYR E 94 17.14 -51.73 -7.67
C TYR E 94 15.83 -51.42 -6.95
N PHE E 95 15.64 -50.15 -6.62
CA PHE E 95 14.47 -49.68 -5.90
C PHE E 95 13.92 -48.43 -6.55
N CYS E 96 12.65 -48.44 -6.91
CA CYS E 96 11.91 -47.23 -7.21
C CYS E 96 11.34 -46.69 -5.90
N ALA E 97 11.37 -45.37 -5.73
CA ALA E 97 10.94 -44.78 -4.48
C ALA E 97 10.33 -43.41 -4.73
N ARG E 98 9.51 -42.98 -3.78
CA ARG E 98 8.73 -41.76 -3.90
C ARG E 98 9.25 -40.71 -2.92
N MET E 99 9.39 -39.48 -3.39
CA MET E 99 9.71 -38.38 -2.50
C MET E 99 8.51 -38.06 -1.61
N ARG E 100 8.79 -37.47 -0.45
CA ARG E 100 7.72 -37.20 0.50
C ARG E 100 7.08 -35.84 0.26
N ARG E 101 7.84 -34.86 -0.21
CA ARG E 101 7.33 -33.54 -0.52
C ARG E 101 7.65 -33.20 -1.97
N THR E 102 7.40 -31.96 -2.35
CA THR E 102 7.68 -31.49 -3.70
C THR E 102 8.59 -30.26 -3.70
N MET E 103 9.20 -29.93 -2.57
CA MET E 103 10.14 -28.82 -2.50
C MET E 103 11.51 -29.31 -2.93
N ILE E 104 12.52 -28.44 -2.80
CA ILE E 104 13.89 -28.88 -3.00
C ILE E 104 14.34 -29.72 -1.81
N ALA E 105 14.16 -29.21 -0.59
CA ALA E 105 14.39 -29.98 0.62
C ALA E 105 13.19 -30.89 0.83
N PHE E 106 13.23 -32.08 0.22
CA PHE E 106 12.05 -32.93 0.16
C PHE E 106 11.76 -33.64 1.47
N GLY E 107 12.78 -33.91 2.28
CA GLY E 107 12.54 -34.60 3.53
C GLY E 107 12.29 -36.09 3.40
N GLY E 108 13.30 -36.81 2.92
CA GLY E 108 13.28 -38.26 2.93
C GLY E 108 12.34 -38.89 1.93
N ASN E 109 12.28 -40.21 2.00
CA ASN E 109 11.43 -41.02 1.13
C ASN E 109 10.59 -41.93 2.02
N ASP E 110 9.27 -41.77 1.96
CA ASP E 110 8.40 -42.50 2.86
C ASP E 110 7.99 -43.86 2.30
N PHE E 111 7.71 -43.95 1.01
CA PHE E 111 7.27 -45.19 0.40
C PHE E 111 8.36 -45.75 -0.52
N TRP E 112 8.36 -47.07 -0.65
CA TRP E 112 9.42 -47.78 -1.35
C TRP E 112 8.80 -48.90 -2.18
N GLY E 113 9.63 -49.55 -2.99
CA GLY E 113 9.23 -50.77 -3.65
C GLY E 113 9.62 -51.97 -2.81
N GLN E 114 10.03 -53.06 -3.45
CA GLN E 114 10.53 -54.20 -2.69
C GLN E 114 11.72 -54.87 -3.35
N GLY E 115 12.32 -54.28 -4.38
CA GLY E 115 13.56 -54.78 -4.93
C GLY E 115 13.43 -55.79 -6.06
N THR E 116 14.03 -55.48 -7.19
CA THR E 116 14.19 -56.43 -8.28
C THR E 116 15.67 -56.77 -8.46
N LEU E 117 15.94 -58.04 -8.72
CA LEU E 117 17.30 -58.53 -8.85
C LEU E 117 17.72 -58.50 -10.31
N VAL E 118 18.84 -57.84 -10.58
CA VAL E 118 19.41 -57.71 -11.91
C VAL E 118 20.86 -58.17 -11.84
N THR E 119 21.21 -59.16 -12.63
CA THR E 119 22.57 -59.69 -12.68
C THR E 119 23.14 -59.46 -14.06
N VAL E 120 24.27 -58.75 -14.13
CA VAL E 120 24.91 -58.41 -15.39
C VAL E 120 26.23 -59.17 -15.41
N SER E 121 26.26 -60.30 -16.10
CA SER E 121 27.47 -61.11 -16.19
C SER E 121 27.40 -61.94 -17.46
N SER E 122 28.56 -62.47 -17.85
CA SER E 122 28.71 -63.22 -19.10
C SER E 122 29.09 -64.66 -18.77
N ALA E 123 28.07 -65.49 -18.58
CA ALA E 123 28.28 -66.92 -18.35
C ALA E 123 27.02 -67.67 -18.76
N SER E 124 27.11 -68.99 -18.73
CA SER E 124 26.01 -69.86 -19.11
C SER E 124 25.45 -70.55 -17.87
N THR E 125 24.20 -71.02 -18.01
CA THR E 125 23.53 -71.73 -16.92
C THR E 125 24.18 -73.09 -16.71
N LYS E 126 24.69 -73.32 -15.50
CA LYS E 126 25.48 -74.50 -15.21
C LYS E 126 24.95 -75.19 -13.96
N GLY E 127 24.86 -76.51 -14.01
CA GLY E 127 24.51 -77.30 -12.85
C GLY E 127 25.71 -77.52 -11.94
N PRO E 128 25.47 -77.62 -10.64
CA PRO E 128 26.56 -77.69 -9.67
C PRO E 128 27.19 -79.08 -9.60
N SER E 129 28.13 -79.20 -8.66
CA SER E 129 28.83 -80.45 -8.36
C SER E 129 28.93 -80.60 -6.86
N VAL E 130 28.76 -81.83 -6.37
CA VAL E 130 28.66 -82.12 -4.96
C VAL E 130 29.84 -82.98 -4.55
N PHE E 131 30.50 -82.62 -3.46
CA PHE E 131 31.63 -83.39 -2.99
C PHE E 131 31.55 -83.58 -1.48
N PRO E 132 31.94 -84.74 -0.96
CA PRO E 132 31.79 -84.99 0.47
C PRO E 132 32.92 -84.36 1.28
N LEU E 133 32.60 -84.06 2.54
CA LEU E 133 33.56 -83.60 3.53
C LEU E 133 33.52 -84.64 4.64
N ALA E 134 34.35 -85.68 4.48
CA ALA E 134 34.37 -86.92 5.25
C ALA E 134 35.12 -86.73 6.56
N PRO E 135 34.63 -87.28 7.66
CA PRO E 135 35.35 -87.19 8.93
C PRO E 135 36.59 -88.08 8.93
N SER E 136 37.73 -87.50 9.31
CA SER E 136 38.94 -88.30 9.47
C SER E 136 38.83 -89.19 10.70
N GLY E 137 38.71 -88.57 11.87
CA GLY E 137 38.33 -89.26 13.09
C GLY E 137 37.49 -88.34 13.95
N THR E 138 37.00 -87.27 13.32
CA THR E 138 36.40 -86.13 14.00
C THR E 138 34.89 -86.31 14.15
N ALA E 139 34.22 -85.25 14.61
CA ALA E 139 32.80 -85.25 14.93
C ALA E 139 32.00 -84.32 14.02
N ALA E 140 32.50 -84.00 12.84
CA ALA E 140 31.79 -83.13 11.91
C ALA E 140 31.88 -83.71 10.51
N LEU E 141 30.91 -83.36 9.67
CA LEU E 141 30.84 -83.86 8.31
C LEU E 141 30.01 -82.91 7.46
N GLY E 142 30.39 -82.79 6.19
CA GLY E 142 29.73 -81.80 5.37
C GLY E 142 29.64 -82.17 3.90
N CYS E 143 29.08 -81.24 3.13
CA CYS E 143 29.00 -81.36 1.68
C CYS E 143 29.36 -80.02 1.05
N LEU E 144 30.12 -80.10 -0.04
CA LEU E 144 30.57 -78.94 -0.82
C LEU E 144 29.79 -78.87 -2.12
N VAL E 145 29.20 -77.71 -2.40
CA VAL E 145 28.47 -77.46 -3.63
C VAL E 145 29.25 -76.43 -4.42
N LYS E 146 29.54 -76.72 -5.68
CA LYS E 146 30.48 -75.89 -6.44
C LYS E 146 29.99 -75.77 -7.88
N ASP E 147 30.32 -74.64 -8.51
CA ASP E 147 30.26 -74.44 -9.96
C ASP E 147 28.83 -74.51 -10.50
N TYR E 148 28.00 -73.59 -10.02
CA TYR E 148 26.70 -73.32 -10.60
C TYR E 148 26.60 -71.80 -10.80
N PHE E 149 26.19 -71.37 -11.98
CA PHE E 149 26.17 -69.93 -12.20
C PHE E 149 24.92 -69.20 -11.68
N PRO E 150 23.68 -69.66 -11.88
CA PRO E 150 22.57 -68.89 -11.32
C PRO E 150 22.21 -69.29 -9.90
N GLU E 151 21.91 -68.30 -9.09
CA GLU E 151 21.36 -68.51 -7.75
C GLU E 151 19.95 -69.05 -7.82
N PRO E 152 19.47 -69.74 -6.76
CA PRO E 152 20.17 -70.35 -5.63
C PRO E 152 20.19 -71.87 -5.74
N VAL E 153 20.67 -72.53 -4.68
CA VAL E 153 20.53 -73.98 -4.54
C VAL E 153 19.78 -74.27 -3.25
N THR E 154 19.55 -75.54 -2.96
CA THR E 154 18.92 -75.96 -1.71
C THR E 154 19.52 -77.29 -1.28
N VAL E 155 20.10 -77.31 -0.08
CA VAL E 155 20.78 -78.48 0.45
C VAL E 155 19.99 -78.99 1.65
N SER E 156 19.39 -80.17 1.52
CA SER E 156 18.73 -80.84 2.63
C SER E 156 19.58 -82.00 3.12
N TRP E 157 19.26 -82.49 4.32
CA TRP E 157 20.04 -83.52 4.99
C TRP E 157 19.09 -84.58 5.52
N ASN E 158 19.06 -85.73 4.83
CA ASN E 158 18.14 -86.85 5.11
C ASN E 158 16.69 -86.39 5.12
N SER E 159 16.34 -85.58 4.11
CA SER E 159 15.01 -85.00 3.91
C SER E 159 14.56 -84.17 5.11
N GLY E 160 15.46 -83.33 5.61
CA GLY E 160 15.11 -82.32 6.59
C GLY E 160 14.83 -82.81 7.99
N ALA E 161 15.20 -84.05 8.32
CA ALA E 161 15.06 -84.56 9.67
C ALA E 161 16.25 -84.24 10.55
N LEU E 162 17.15 -83.37 10.08
CA LEU E 162 18.41 -83.06 10.74
C LEU E 162 18.53 -81.54 10.77
N THR E 163 18.17 -80.93 11.89
CA THR E 163 18.13 -79.48 12.01
C THR E 163 19.06 -78.96 13.11
N SER E 164 19.90 -79.81 13.68
CA SER E 164 20.78 -79.43 14.78
C SER E 164 22.23 -79.44 14.29
N GLY E 165 22.92 -78.32 14.47
CA GLY E 165 24.29 -78.19 14.01
C GLY E 165 24.45 -78.16 12.51
N VAL E 166 23.38 -77.90 11.77
CA VAL E 166 23.41 -77.91 10.32
C VAL E 166 23.55 -76.47 9.84
N HIS E 167 24.78 -76.07 9.52
CA HIS E 167 25.07 -74.71 9.09
C HIS E 167 25.18 -74.68 7.58
N THR E 168 24.40 -73.81 6.96
CA THR E 168 24.44 -73.59 5.52
C THR E 168 25.07 -72.22 5.27
N PHE E 169 26.29 -72.22 4.78
CA PHE E 169 27.00 -70.99 4.51
C PHE E 169 26.47 -70.32 3.25
N PRO E 170 26.40 -68.99 3.22
CA PRO E 170 25.97 -68.30 2.00
C PRO E 170 26.99 -68.43 0.88
N ALA E 171 26.49 -68.34 -0.34
CA ALA E 171 27.31 -68.59 -1.51
C ALA E 171 28.30 -67.45 -1.74
N VAL E 172 29.23 -67.69 -2.65
CA VAL E 172 30.29 -66.72 -2.95
C VAL E 172 30.68 -66.87 -4.41
N LEU E 173 30.90 -65.74 -5.07
CA LEU E 173 31.40 -65.74 -6.44
C LEU E 173 32.89 -66.07 -6.45
N GLN E 174 33.26 -67.09 -7.22
CA GLN E 174 34.68 -67.35 -7.44
C GLN E 174 35.16 -66.55 -8.65
N SER E 175 36.48 -66.49 -8.79
CA SER E 175 37.11 -65.62 -9.79
C SER E 175 36.87 -66.10 -11.22
N SER E 176 36.52 -67.37 -11.42
CA SER E 176 36.19 -67.83 -12.76
C SER E 176 34.78 -67.44 -13.18
N GLY E 177 33.91 -67.14 -12.22
CA GLY E 177 32.56 -66.72 -12.56
C GLY E 177 31.51 -67.75 -12.23
N LEU E 178 31.68 -68.46 -11.12
CA LEU E 178 30.72 -69.45 -10.65
C LEU E 178 30.53 -69.32 -9.16
N TYR E 179 29.54 -70.04 -8.62
CA TYR E 179 29.16 -69.92 -7.22
C TYR E 179 29.46 -71.21 -6.47
N SER E 180 29.78 -71.07 -5.18
CA SER E 180 30.17 -72.19 -4.35
C SER E 180 29.72 -71.93 -2.91
N LEU E 181 29.33 -73.02 -2.23
CA LEU E 181 29.00 -72.97 -0.81
C LEU E 181 29.23 -74.34 -0.19
N SER E 182 28.92 -74.44 1.10
CA SER E 182 29.06 -75.70 1.83
C SER E 182 28.00 -75.77 2.91
N SER E 183 27.73 -76.99 3.37
CA SER E 183 26.80 -77.23 4.46
C SER E 183 27.42 -78.25 5.40
N VAL E 184 27.47 -77.95 6.70
CA VAL E 184 28.18 -78.78 7.65
C VAL E 184 27.24 -79.23 8.75
N VAL E 185 27.55 -80.40 9.33
CA VAL E 185 26.73 -81.05 10.35
C VAL E 185 27.64 -81.53 11.47
N THR E 186 27.31 -81.18 12.72
CA THR E 186 28.02 -81.66 13.90
C THR E 186 27.30 -82.89 14.45
N VAL E 187 28.03 -84.00 14.56
CA VAL E 187 27.48 -85.27 15.02
C VAL E 187 28.27 -85.69 16.26
N PRO E 188 27.80 -86.66 17.06
CA PRO E 188 28.68 -87.27 18.06
C PRO E 188 29.80 -88.06 17.41
N SER E 189 30.89 -88.24 18.15
CA SER E 189 32.08 -88.87 17.61
C SER E 189 31.90 -90.37 17.41
N SER E 190 30.99 -90.99 18.18
CA SER E 190 30.72 -92.41 18.05
C SER E 190 29.55 -92.70 17.11
N SER E 191 29.05 -91.68 16.40
CA SER E 191 27.94 -91.84 15.48
C SER E 191 28.39 -92.10 14.05
N LEU E 192 29.69 -92.19 13.82
CA LEU E 192 30.22 -92.49 12.50
C LEU E 192 29.97 -93.93 12.07
N GLY E 193 29.72 -94.83 13.01
CA GLY E 193 29.58 -96.24 12.70
C GLY E 193 28.26 -96.64 12.06
N THR E 194 27.16 -96.16 12.61
CA THR E 194 25.84 -96.66 12.24
C THR E 194 24.95 -95.66 11.52
N GLN E 195 25.01 -94.38 11.87
CA GLN E 195 24.02 -93.43 11.39
C GLN E 195 24.31 -93.00 9.96
N THR E 196 23.26 -92.89 9.16
CA THR E 196 23.35 -92.60 7.74
C THR E 196 23.05 -91.12 7.51
N TYR E 197 23.90 -90.45 6.74
CA TYR E 197 23.72 -89.05 6.40
C TYR E 197 23.84 -88.85 4.89
N ILE E 198 22.80 -88.29 4.29
CA ILE E 198 22.75 -88.04 2.86
C ILE E 198 22.36 -86.59 2.64
N CYS E 199 23.21 -85.85 1.92
CA CYS E 199 22.89 -84.49 1.55
C CYS E 199 22.29 -84.48 0.15
N ASN E 200 21.26 -83.66 -0.03
CA ASN E 200 20.48 -83.62 -1.26
C ASN E 200 20.46 -82.20 -1.78
N VAL E 201 21.04 -81.98 -2.95
CA VAL E 201 21.24 -80.65 -3.52
C VAL E 201 20.27 -80.47 -4.68
N ASN E 202 19.49 -79.40 -4.65
CA ASN E 202 18.50 -79.10 -5.67
C ASN E 202 18.83 -77.76 -6.29
N HIS E 203 19.02 -77.75 -7.61
CA HIS E 203 19.37 -76.55 -8.36
C HIS E 203 18.20 -76.25 -9.29
N LYS E 204 17.41 -75.24 -8.95
CA LYS E 204 16.21 -74.91 -9.72
C LYS E 204 16.41 -74.31 -11.12
N PRO E 205 17.43 -73.47 -11.41
CA PRO E 205 17.61 -73.03 -12.82
C PRO E 205 17.96 -74.16 -13.78
N SER E 206 18.98 -74.95 -13.48
CA SER E 206 19.34 -76.08 -14.33
C SER E 206 18.49 -77.32 -14.03
N ASN E 207 17.69 -77.29 -12.96
CA ASN E 207 16.71 -78.34 -12.60
C ASN E 207 17.39 -79.69 -12.38
N THR E 208 18.25 -79.75 -11.36
CA THR E 208 19.03 -80.95 -11.09
C THR E 208 19.07 -81.25 -9.59
N LYS E 209 18.69 -82.47 -9.23
CA LYS E 209 18.82 -82.98 -7.87
C LYS E 209 19.95 -84.00 -7.81
N VAL E 210 20.86 -83.82 -6.86
CA VAL E 210 21.97 -84.74 -6.64
C VAL E 210 21.87 -85.27 -5.22
N ASP E 211 21.88 -86.59 -5.08
CA ASP E 211 21.84 -87.26 -3.78
C ASP E 211 23.23 -87.80 -3.49
N LYS E 212 23.79 -87.47 -2.33
CA LYS E 212 25.15 -87.86 -2.01
C LYS E 212 25.25 -88.28 -0.55
N ARG E 213 25.72 -89.50 -0.33
CA ARG E 213 25.94 -90.02 1.02
C ARG E 213 27.40 -89.83 1.39
N VAL E 214 27.64 -89.24 2.55
CA VAL E 214 28.99 -88.94 3.03
C VAL E 214 29.41 -90.03 4.01
N GLU E 215 30.68 -90.45 3.89
CA GLU E 215 31.23 -91.52 4.70
C GLU E 215 32.75 -91.44 4.65
N PRO E 216 33.44 -91.78 5.75
CA PRO E 216 34.92 -91.77 5.77
C PRO E 216 35.55 -92.82 4.87
N GLU F 1 -31.04 -3.90 -36.55
CA GLU F 1 -32.14 -4.20 -35.65
C GLU F 1 -32.10 -5.68 -35.29
N VAL F 2 -32.40 -5.97 -34.02
CA VAL F 2 -32.25 -7.31 -33.48
C VAL F 2 -33.53 -8.11 -33.70
N GLN F 3 -33.41 -9.25 -34.40
CA GLN F 3 -34.50 -10.22 -34.39
C GLN F 3 -33.92 -11.62 -34.47
N LEU F 4 -34.79 -12.59 -34.17
CA LEU F 4 -34.43 -13.99 -34.09
C LEU F 4 -35.38 -14.76 -35.00
N LEU F 5 -34.83 -15.46 -35.99
CA LEU F 5 -35.63 -16.29 -36.88
C LEU F 5 -35.38 -17.75 -36.53
N GLU F 6 -36.43 -18.56 -36.57
CA GLU F 6 -36.33 -19.92 -36.09
C GLU F 6 -37.18 -20.85 -36.93
N SER F 7 -36.72 -22.10 -37.04
CA SER F 7 -37.36 -23.08 -37.90
C SER F 7 -36.96 -24.48 -37.46
N GLY F 8 -37.62 -25.46 -38.05
CA GLY F 8 -37.35 -26.86 -37.75
C GLY F 8 -38.58 -27.61 -37.31
N GLY F 9 -39.74 -26.98 -37.37
CA GLY F 9 -40.97 -27.57 -36.90
C GLY F 9 -41.53 -28.60 -37.87
N GLY F 10 -42.65 -29.20 -37.46
CA GLY F 10 -43.36 -30.16 -38.29
C GLY F 10 -43.82 -31.37 -37.51
N LEU F 11 -44.81 -32.06 -38.07
CA LEU F 11 -45.31 -33.29 -37.48
C LEU F 11 -44.28 -34.41 -37.63
N VAL F 12 -43.90 -35.02 -36.51
CA VAL F 12 -42.90 -36.08 -36.48
C VAL F 12 -43.44 -37.24 -35.65
N GLN F 13 -43.23 -38.46 -36.14
CA GLN F 13 -43.53 -39.69 -35.42
C GLN F 13 -42.86 -39.69 -34.05
N PRO F 14 -43.53 -40.16 -33.01
CA PRO F 14 -42.92 -40.21 -31.67
C PRO F 14 -41.76 -41.19 -31.62
N GLY F 15 -40.80 -40.88 -30.75
CA GLY F 15 -39.53 -41.58 -30.72
C GLY F 15 -38.51 -41.08 -31.71
N GLY F 16 -38.86 -40.08 -32.53
CA GLY F 16 -37.97 -39.58 -33.55
C GLY F 16 -36.95 -38.59 -33.05
N SER F 17 -36.52 -37.71 -33.95
CA SER F 17 -35.47 -36.75 -33.64
C SER F 17 -35.64 -35.50 -34.49
N LEU F 18 -35.31 -34.35 -33.91
CA LEU F 18 -35.42 -33.07 -34.60
C LEU F 18 -34.14 -32.26 -34.40
N ARG F 19 -33.97 -31.26 -35.26
CA ARG F 19 -32.83 -30.33 -35.19
C ARG F 19 -33.38 -28.93 -35.48
N LEU F 20 -33.77 -28.24 -34.41
CA LEU F 20 -34.30 -26.90 -34.54
C LEU F 20 -33.17 -25.89 -34.62
N SER F 21 -33.39 -24.81 -35.37
CA SER F 21 -32.36 -23.83 -35.59
C SER F 21 -32.92 -22.42 -35.40
N CYS F 22 -32.16 -21.59 -34.68
CA CYS F 22 -32.52 -20.20 -34.46
C CYS F 22 -31.34 -19.33 -34.87
N ALA F 23 -31.52 -18.56 -35.93
CA ALA F 23 -30.51 -17.61 -36.38
C ALA F 23 -30.81 -16.24 -35.81
N ALA F 24 -29.76 -15.45 -35.65
CA ALA F 24 -29.85 -14.14 -35.03
C ALA F 24 -29.35 -13.07 -35.98
N SER F 25 -29.88 -11.86 -35.85
CA SER F 25 -29.41 -10.76 -36.68
C SER F 25 -29.59 -9.45 -35.95
N GLY F 26 -28.56 -8.60 -35.99
CA GLY F 26 -28.63 -7.26 -35.46
C GLY F 26 -27.76 -6.98 -34.26
N PHE F 27 -26.95 -7.93 -33.82
CA PHE F 27 -26.14 -7.77 -32.62
C PHE F 27 -24.97 -8.75 -32.69
N THR F 28 -24.19 -8.79 -31.61
CA THR F 28 -23.07 -9.70 -31.50
C THR F 28 -23.55 -10.98 -30.84
N PHE F 29 -23.73 -12.03 -31.65
CA PHE F 29 -24.20 -13.32 -31.13
C PHE F 29 -23.20 -13.98 -30.22
N SER F 30 -21.92 -13.65 -30.36
CA SER F 30 -20.86 -14.25 -29.56
C SER F 30 -20.58 -13.50 -28.27
N SER F 31 -21.56 -12.78 -27.74
CA SER F 31 -21.35 -12.03 -26.51
C SER F 31 -22.52 -12.17 -25.54
N TYR F 32 -23.42 -13.12 -25.75
CA TYR F 32 -24.55 -13.30 -24.86
C TYR F 32 -24.90 -14.77 -24.78
N GLY F 33 -25.45 -15.18 -23.65
CA GLY F 33 -26.03 -16.50 -23.56
C GLY F 33 -27.38 -16.55 -24.25
N MET F 34 -27.86 -17.77 -24.47
CA MET F 34 -29.14 -17.98 -25.14
C MET F 34 -29.93 -19.04 -24.40
N ALA F 35 -31.24 -19.03 -24.60
CA ALA F 35 -32.11 -19.94 -23.87
C ALA F 35 -33.27 -20.39 -24.73
N TRP F 36 -33.89 -21.48 -24.29
CA TRP F 36 -35.05 -22.06 -24.97
C TRP F 36 -36.18 -22.24 -23.96
N VAL F 37 -37.37 -21.77 -24.33
CA VAL F 37 -38.57 -21.86 -23.51
C VAL F 37 -39.70 -22.35 -24.39
N ARG F 38 -40.38 -23.41 -23.95
CA ARG F 38 -41.54 -23.90 -24.69
C ARG F 38 -42.83 -23.48 -24.01
N GLN F 39 -43.92 -23.65 -24.74
CA GLN F 39 -45.26 -23.34 -24.23
C GLN F 39 -46.21 -24.42 -24.69
N ALA F 40 -46.78 -25.14 -23.72
CA ALA F 40 -47.82 -26.11 -24.02
C ALA F 40 -49.06 -25.39 -24.51
N PRO F 41 -49.83 -26.01 -25.43
CA PRO F 41 -51.04 -25.35 -25.94
C PRO F 41 -52.12 -25.26 -24.86
N GLY F 42 -52.64 -24.07 -24.67
CA GLY F 42 -53.63 -23.84 -23.64
C GLY F 42 -53.08 -23.88 -22.23
N LYS F 43 -51.78 -23.65 -22.06
CA LYS F 43 -51.14 -23.67 -20.75
C LYS F 43 -50.15 -22.52 -20.67
N GLY F 44 -49.45 -22.45 -19.53
CA GLY F 44 -48.47 -21.40 -19.30
C GLY F 44 -47.15 -21.67 -19.99
N LEU F 45 -46.12 -21.01 -19.49
CA LEU F 45 -44.78 -21.17 -20.05
C LEU F 45 -44.01 -22.26 -19.33
N GLU F 46 -42.94 -22.70 -19.98
CA GLU F 46 -42.10 -23.78 -19.44
C GLU F 46 -40.71 -23.61 -20.01
N TRP F 47 -39.76 -23.23 -19.14
CA TRP F 47 -38.38 -23.08 -19.54
C TRP F 47 -37.76 -24.43 -19.89
N VAL F 48 -37.01 -24.47 -20.98
CA VAL F 48 -36.42 -25.74 -21.41
C VAL F 48 -34.94 -25.78 -21.07
N SER F 49 -34.14 -24.88 -21.66
CA SER F 49 -32.70 -25.07 -21.59
C SER F 49 -31.98 -23.74 -21.74
N PHE F 50 -30.66 -23.79 -21.48
CA PHE F 50 -29.80 -22.62 -21.49
C PHE F 50 -28.41 -23.00 -21.95
N ILE F 51 -27.80 -22.12 -22.75
CA ILE F 51 -26.38 -22.20 -23.08
C ILE F 51 -25.77 -20.85 -22.75
N SER F 52 -24.54 -20.87 -22.25
CA SER F 52 -23.83 -19.66 -21.85
C SER F 52 -23.30 -18.92 -23.08
N ALA F 53 -22.60 -17.81 -22.83
CA ALA F 53 -22.10 -16.99 -23.93
C ALA F 53 -20.95 -17.66 -24.65
N THR F 54 -19.94 -18.12 -23.91
CA THR F 54 -18.84 -18.83 -24.52
C THR F 54 -19.14 -20.30 -24.76
N GLY F 55 -20.29 -20.79 -24.28
CA GLY F 55 -20.64 -22.17 -24.50
C GLY F 55 -20.00 -23.16 -23.55
N LEU F 56 -19.30 -22.69 -22.53
CA LEU F 56 -18.68 -23.59 -21.57
C LEU F 56 -19.68 -24.19 -20.60
N SER F 57 -20.85 -23.57 -20.43
CA SER F 57 -21.85 -24.05 -19.49
C SER F 57 -23.14 -24.35 -20.24
N THR F 58 -23.68 -25.54 -20.02
CA THR F 58 -24.95 -25.95 -20.58
C THR F 58 -25.87 -26.40 -19.45
N TYR F 59 -27.15 -26.08 -19.56
CA TYR F 59 -28.11 -26.44 -18.53
C TYR F 59 -29.45 -26.82 -19.16
N PHE F 60 -30.12 -27.77 -18.51
CA PHE F 60 -31.38 -28.30 -19.00
C PHE F 60 -32.37 -28.39 -17.85
N ALA F 61 -33.66 -28.40 -18.19
CA ALA F 61 -34.67 -28.67 -17.19
C ALA F 61 -34.60 -30.13 -16.74
N ASP F 62 -35.15 -30.39 -15.56
CA ASP F 62 -34.92 -31.67 -14.91
C ASP F 62 -35.77 -32.78 -15.53
N SER F 63 -36.95 -32.44 -16.05
CA SER F 63 -37.83 -33.43 -16.66
C SER F 63 -37.36 -33.87 -18.05
N VAL F 64 -36.37 -33.20 -18.62
CA VAL F 64 -35.99 -33.45 -20.00
C VAL F 64 -34.51 -33.79 -20.10
N LYS F 65 -33.94 -34.29 -19.01
CA LYS F 65 -32.51 -34.62 -18.99
C LYS F 65 -32.22 -35.85 -19.83
N GLY F 66 -31.09 -35.80 -20.53
CA GLY F 66 -30.59 -36.92 -21.30
C GLY F 66 -31.22 -37.11 -22.67
N ARG F 67 -32.19 -36.30 -23.04
CA ARG F 67 -32.85 -36.45 -24.33
C ARG F 67 -32.63 -35.26 -25.26
N PHE F 68 -31.95 -34.21 -24.79
CA PHE F 68 -31.85 -32.97 -25.53
C PHE F 68 -30.42 -32.45 -25.47
N THR F 69 -29.91 -31.99 -26.60
CA THR F 69 -28.59 -31.36 -26.66
C THR F 69 -28.70 -30.01 -27.37
N ILE F 70 -27.65 -29.22 -27.23
CA ILE F 70 -27.65 -27.84 -27.71
C ILE F 70 -26.23 -27.47 -28.12
N SER F 71 -26.11 -26.66 -29.17
CA SER F 71 -24.81 -26.18 -29.62
C SER F 71 -25.02 -24.85 -30.35
N ARG F 72 -23.91 -24.21 -30.68
CA ARG F 72 -23.96 -22.92 -31.34
C ARG F 72 -22.80 -22.79 -32.31
N ASP F 73 -23.01 -21.98 -33.35
CA ASP F 73 -21.97 -21.69 -34.34
C ASP F 73 -21.82 -20.17 -34.44
N THR F 74 -20.57 -19.71 -34.33
CA THR F 74 -20.29 -18.28 -34.26
C THR F 74 -20.31 -17.63 -35.64
N THR F 75 -19.68 -18.27 -36.63
CA THR F 75 -19.60 -17.70 -37.97
C THR F 75 -20.98 -17.66 -38.63
N LYS F 76 -21.80 -18.67 -38.38
CA LYS F 76 -23.16 -18.68 -38.87
C LYS F 76 -24.10 -17.85 -38.03
N ASN F 77 -23.68 -17.47 -36.82
CA ASN F 77 -24.50 -16.77 -35.81
C ASN F 77 -25.80 -17.53 -35.54
N THR F 78 -25.65 -18.83 -35.29
CA THR F 78 -26.81 -19.72 -35.29
C THR F 78 -26.77 -20.61 -34.06
N LEU F 79 -27.94 -20.89 -33.52
CA LEU F 79 -28.14 -21.76 -32.37
C LEU F 79 -28.89 -23.01 -32.81
N TYR F 80 -28.39 -24.18 -32.43
CA TYR F 80 -28.99 -25.44 -32.82
C TYR F 80 -29.37 -26.24 -31.60
N LEU F 81 -30.53 -26.88 -31.65
CA LEU F 81 -31.01 -27.74 -30.57
C LEU F 81 -31.46 -29.06 -31.16
N GLN F 82 -30.95 -30.16 -30.61
CA GLN F 82 -31.23 -31.49 -31.10
C GLN F 82 -32.13 -32.21 -30.09
N MET F 83 -33.28 -32.68 -30.57
CA MET F 83 -34.23 -33.42 -29.74
C MET F 83 -34.14 -34.88 -30.14
N ASN F 84 -34.17 -35.78 -29.15
CA ASN F 84 -34.06 -37.21 -29.40
C ASN F 84 -35.09 -37.96 -28.57
N SER F 85 -35.77 -38.93 -29.21
CA SER F 85 -36.69 -39.89 -28.58
C SER F 85 -37.81 -39.17 -27.82
N LEU F 86 -38.64 -38.48 -28.59
CA LEU F 86 -39.66 -37.61 -28.03
C LEU F 86 -40.81 -38.43 -27.44
N ARG F 87 -41.73 -37.72 -26.79
CA ARG F 87 -42.92 -38.31 -26.19
C ARG F 87 -44.14 -37.52 -26.64
N ALA F 88 -45.32 -38.05 -26.31
CA ALA F 88 -46.56 -37.44 -26.79
C ALA F 88 -46.90 -36.16 -26.05
N ASP F 89 -46.40 -35.99 -24.83
CA ASP F 89 -46.74 -34.84 -24.02
C ASP F 89 -45.83 -33.64 -24.26
N ASP F 90 -44.95 -33.71 -25.26
CA ASP F 90 -44.03 -32.62 -25.56
C ASP F 90 -44.44 -31.80 -26.76
N THR F 91 -45.68 -31.93 -27.20
CA THR F 91 -46.21 -31.05 -28.24
C THR F 91 -46.35 -29.64 -27.66
N ALA F 92 -45.63 -28.69 -28.25
CA ALA F 92 -45.57 -27.35 -27.70
C ALA F 92 -45.15 -26.38 -28.81
N VAL F 93 -45.07 -25.10 -28.46
CA VAL F 93 -44.52 -24.07 -29.32
C VAL F 93 -43.24 -23.57 -28.67
N TYR F 94 -42.14 -23.58 -29.42
CA TYR F 94 -40.82 -23.35 -28.88
C TYR F 94 -40.33 -21.94 -29.19
N PHE F 95 -39.52 -21.40 -28.29
CA PHE F 95 -38.98 -20.05 -28.40
C PHE F 95 -37.49 -20.05 -28.08
N CYS F 96 -36.69 -19.54 -29.00
CA CYS F 96 -35.33 -19.15 -28.70
C CYS F 96 -35.35 -17.72 -28.18
N ALA F 97 -34.53 -17.44 -27.18
CA ALA F 97 -34.55 -16.12 -26.55
C ALA F 97 -33.16 -15.76 -26.05
N ARG F 98 -32.94 -14.45 -25.89
CA ARG F 98 -31.65 -13.91 -25.54
C ARG F 98 -31.69 -13.35 -24.14
N MET F 99 -30.64 -13.63 -23.36
CA MET F 99 -30.49 -13.00 -22.06
C MET F 99 -30.14 -11.53 -22.23
N ARG F 100 -30.45 -10.74 -21.21
CA ARG F 100 -30.23 -9.31 -21.32
C ARG F 100 -28.85 -8.90 -20.84
N ARG F 101 -28.30 -9.62 -19.87
CA ARG F 101 -26.96 -9.37 -19.36
C ARG F 101 -26.14 -10.64 -19.47
N THR F 102 -24.94 -10.62 -18.88
CA THR F 102 -24.06 -11.78 -18.88
C THR F 102 -23.64 -12.19 -17.48
N MET F 103 -24.29 -11.65 -16.45
CA MET F 103 -24.02 -12.04 -15.07
C MET F 103 -24.82 -13.29 -14.74
N ILE F 104 -24.77 -13.71 -13.48
CA ILE F 104 -25.67 -14.77 -13.03
C ILE F 104 -27.09 -14.25 -12.91
N ALA F 105 -27.26 -13.13 -12.20
CA ALA F 105 -28.55 -12.44 -12.16
C ALA F 105 -28.70 -11.65 -13.44
N PHE F 106 -29.24 -12.29 -14.48
CA PHE F 106 -29.22 -11.72 -15.81
C PHE F 106 -30.25 -10.62 -16.01
N GLY F 107 -31.36 -10.65 -15.27
CA GLY F 107 -32.37 -9.63 -15.43
C GLY F 107 -33.22 -9.78 -16.68
N GLY F 108 -33.98 -10.87 -16.76
CA GLY F 108 -34.98 -11.03 -17.79
C GLY F 108 -34.44 -11.31 -19.18
N ASN F 109 -35.36 -11.39 -20.12
CA ASN F 109 -35.07 -11.62 -21.53
C ASN F 109 -35.74 -10.54 -22.34
N ASP F 110 -34.95 -9.74 -23.04
CA ASP F 110 -35.49 -8.59 -23.76
C ASP F 110 -35.96 -8.94 -25.17
N PHE F 111 -35.22 -9.77 -25.89
CA PHE F 111 -35.56 -10.14 -27.25
C PHE F 111 -36.00 -11.58 -27.32
N TRP F 112 -36.86 -11.87 -28.30
CA TRP F 112 -37.51 -13.16 -28.42
C TRP F 112 -37.57 -13.55 -29.89
N GLY F 113 -38.01 -14.77 -30.14
CA GLY F 113 -38.32 -15.19 -31.49
C GLY F 113 -39.79 -14.94 -31.79
N GLN F 114 -40.42 -15.83 -32.55
CA GLN F 114 -41.86 -15.71 -32.77
C GLN F 114 -42.57 -17.06 -32.75
N GLY F 115 -41.91 -18.14 -32.37
CA GLY F 115 -42.60 -19.40 -32.17
C GLY F 115 -42.65 -20.31 -33.38
N THR F 116 -42.15 -21.54 -33.22
CA THR F 116 -42.33 -22.60 -34.20
C THR F 116 -43.20 -23.69 -33.61
N LEU F 117 -44.10 -24.23 -34.44
CA LEU F 117 -45.05 -25.24 -34.01
C LEU F 117 -44.47 -26.62 -34.27
N VAL F 118 -44.43 -27.44 -33.22
CA VAL F 118 -43.92 -28.81 -33.29
C VAL F 118 -44.99 -29.72 -32.70
N THR F 119 -45.46 -30.68 -33.49
CA THR F 119 -46.47 -31.63 -33.05
C THR F 119 -45.88 -33.03 -33.06
N VAL F 120 -45.90 -33.68 -31.91
CA VAL F 120 -45.33 -35.02 -31.76
C VAL F 120 -46.50 -35.96 -31.49
N SER F 121 -46.94 -36.65 -32.53
CA SER F 121 -48.06 -37.57 -32.40
C SER F 121 -47.95 -38.62 -33.49
N SER F 122 -48.69 -39.72 -33.31
CA SER F 122 -48.65 -40.88 -34.21
C SER F 122 -50.02 -41.03 -34.87
N ALA F 123 -50.19 -40.37 -36.00
CA ALA F 123 -51.41 -40.50 -36.79
C ALA F 123 -51.10 -40.12 -38.24
N SER F 124 -52.08 -40.33 -39.10
CA SER F 124 -51.96 -40.05 -40.52
C SER F 124 -52.79 -38.83 -40.89
N THR F 125 -52.44 -38.22 -42.02
CA THR F 125 -53.17 -37.05 -42.53
C THR F 125 -54.55 -37.48 -43.00
N LYS F 126 -55.58 -36.90 -42.41
CA LYS F 126 -56.96 -37.32 -42.65
C LYS F 126 -57.81 -36.11 -42.99
N GLY F 127 -58.68 -36.26 -43.99
CA GLY F 127 -59.65 -35.26 -44.33
C GLY F 127 -60.86 -35.33 -43.42
N PRO F 128 -61.49 -34.19 -43.16
CA PRO F 128 -62.58 -34.14 -42.18
C PRO F 128 -63.89 -34.65 -42.74
N SER F 129 -64.94 -34.53 -41.92
CA SER F 129 -66.29 -34.89 -42.27
C SER F 129 -67.24 -33.82 -41.74
N VAL F 130 -68.26 -33.50 -42.53
CA VAL F 130 -69.15 -32.38 -42.27
C VAL F 130 -70.54 -32.92 -42.02
N PHE F 131 -71.19 -32.44 -40.95
CA PHE F 131 -72.52 -32.89 -40.62
C PHE F 131 -73.39 -31.69 -40.25
N PRO F 132 -74.66 -31.69 -40.65
CA PRO F 132 -75.51 -30.53 -40.37
C PRO F 132 -76.04 -30.53 -38.96
N LEU F 133 -76.32 -29.32 -38.46
CA LEU F 133 -76.99 -29.09 -37.18
C LEU F 133 -78.28 -28.34 -37.53
N ALA F 134 -79.32 -29.14 -37.82
CA ALA F 134 -80.59 -28.71 -38.39
C ALA F 134 -81.52 -28.16 -37.31
N PRO F 135 -82.23 -27.06 -37.59
CA PRO F 135 -83.19 -26.52 -36.61
C PRO F 135 -84.41 -27.40 -36.50
N SER F 136 -84.77 -27.76 -35.25
CA SER F 136 -86.01 -28.49 -35.03
C SER F 136 -87.22 -27.58 -35.26
N GLY F 137 -87.33 -26.53 -34.46
CA GLY F 137 -88.26 -25.44 -34.72
C GLY F 137 -87.63 -24.14 -34.26
N THR F 138 -86.31 -24.18 -34.04
CA THR F 138 -85.58 -23.13 -33.35
C THR F 138 -85.04 -22.10 -34.33
N ALA F 139 -84.20 -21.19 -33.82
CA ALA F 139 -83.67 -20.06 -34.56
C ALA F 139 -82.16 -20.13 -34.73
N ALA F 140 -81.56 -21.32 -34.64
CA ALA F 140 -80.13 -21.47 -34.80
C ALA F 140 -79.85 -22.68 -35.68
N LEU F 141 -78.69 -22.68 -36.34
CA LEU F 141 -78.31 -23.75 -37.24
C LEU F 141 -76.79 -23.76 -37.39
N GLY F 142 -76.24 -24.96 -37.54
CA GLY F 142 -74.79 -25.05 -37.56
C GLY F 142 -74.26 -26.18 -38.41
N CYS F 143 -72.93 -26.30 -38.39
CA CYS F 143 -72.22 -27.38 -39.06
C CYS F 143 -71.14 -27.93 -38.14
N LEU F 144 -71.00 -29.25 -38.13
CA LEU F 144 -70.01 -29.97 -37.34
C LEU F 144 -68.91 -30.48 -38.24
N VAL F 145 -67.66 -30.18 -37.89
CA VAL F 145 -66.48 -30.65 -38.62
C VAL F 145 -65.74 -31.61 -37.71
N LYS F 146 -65.44 -32.80 -38.21
CA LYS F 146 -64.93 -33.86 -37.34
C LYS F 146 -63.86 -34.64 -38.09
N ASP F 147 -62.91 -35.19 -37.32
CA ASP F 147 -61.98 -36.25 -37.76
C ASP F 147 -61.05 -35.78 -38.88
N TYR F 148 -60.24 -34.78 -38.55
CA TYR F 148 -59.10 -34.38 -39.36
C TYR F 148 -57.90 -34.27 -38.44
N PHE F 149 -56.78 -34.86 -38.83
CA PHE F 149 -55.66 -34.83 -37.90
C PHE F 149 -54.79 -33.57 -37.94
N PRO F 150 -54.40 -33.00 -39.10
CA PRO F 150 -53.59 -31.78 -39.02
C PRO F 150 -54.45 -30.51 -38.99
N GLU F 151 -54.02 -29.56 -38.17
CA GLU F 151 -54.59 -28.23 -38.15
C GLU F 151 -54.23 -27.46 -39.43
N PRO F 152 -55.02 -26.44 -39.79
CA PRO F 152 -56.38 -26.08 -39.38
C PRO F 152 -57.40 -26.38 -40.48
N VAL F 153 -58.65 -25.95 -40.26
CA VAL F 153 -59.65 -25.94 -41.30
C VAL F 153 -60.16 -24.51 -41.48
N THR F 154 -61.09 -24.31 -42.42
CA THR F 154 -61.71 -23.02 -42.62
C THR F 154 -63.16 -23.23 -43.03
N VAL F 155 -64.08 -22.67 -42.25
CA VAL F 155 -65.51 -22.83 -42.48
C VAL F 155 -66.10 -21.48 -42.86
N SER F 156 -66.57 -21.36 -44.09
CA SER F 156 -67.27 -20.18 -44.56
C SER F 156 -68.77 -20.48 -44.67
N TRP F 157 -69.56 -19.42 -44.76
CA TRP F 157 -71.01 -19.53 -44.77
C TRP F 157 -71.57 -18.66 -45.89
N ASN F 158 -71.99 -19.31 -46.97
CA ASN F 158 -72.46 -18.68 -48.21
C ASN F 158 -71.43 -17.70 -48.77
N SER F 159 -70.17 -18.16 -48.79
CA SER F 159 -69.00 -17.41 -49.26
C SER F 159 -68.82 -16.09 -48.50
N GLY F 160 -68.94 -16.17 -47.18
CA GLY F 160 -68.57 -15.06 -46.32
C GLY F 160 -69.51 -13.87 -46.30
N ALA F 161 -70.72 -14.00 -46.83
CA ALA F 161 -71.71 -12.94 -46.78
C ALA F 161 -72.53 -12.98 -45.49
N LEU F 162 -72.12 -13.77 -44.52
CA LEU F 162 -72.87 -14.02 -43.28
C LEU F 162 -71.89 -13.87 -42.13
N THR F 163 -71.86 -12.69 -41.51
CA THR F 163 -70.90 -12.39 -40.46
C THR F 163 -71.55 -12.06 -39.13
N SER F 164 -72.86 -12.25 -39.02
CA SER F 164 -73.59 -11.93 -37.79
C SER F 164 -74.06 -13.20 -37.12
N GLY F 165 -73.71 -13.35 -35.83
CA GLY F 165 -74.06 -14.54 -35.10
C GLY F 165 -73.34 -15.79 -35.53
N VAL F 166 -72.25 -15.66 -36.27
CA VAL F 166 -71.52 -16.80 -36.79
C VAL F 166 -70.34 -17.06 -35.87
N HIS F 167 -70.50 -18.03 -34.96
CA HIS F 167 -69.47 -18.36 -34.00
C HIS F 167 -68.72 -19.60 -34.47
N THR F 168 -67.40 -19.48 -34.57
CA THR F 168 -66.52 -20.58 -34.93
C THR F 168 -65.75 -20.98 -33.68
N PHE F 169 -66.10 -22.13 -33.11
CA PHE F 169 -65.45 -22.62 -31.91
C PHE F 169 -64.07 -23.18 -32.24
N PRO F 170 -63.09 -22.98 -31.36
CA PRO F 170 -61.75 -23.55 -31.59
C PRO F 170 -61.79 -25.07 -31.48
N ALA F 171 -60.84 -25.70 -32.18
CA ALA F 171 -60.80 -27.14 -32.29
C ALA F 171 -60.38 -27.79 -30.97
N VAL F 172 -60.54 -29.11 -30.91
CA VAL F 172 -60.23 -29.86 -29.70
C VAL F 172 -59.76 -31.26 -30.12
N LEU F 173 -58.74 -31.76 -29.43
CA LEU F 173 -58.28 -33.12 -29.64
C LEU F 173 -59.25 -34.11 -28.98
N GLN F 174 -59.74 -35.06 -29.76
CA GLN F 174 -60.51 -36.14 -29.16
C GLN F 174 -59.57 -37.28 -28.76
N SER F 175 -60.10 -38.20 -27.96
CA SER F 175 -59.29 -39.25 -27.36
C SER F 175 -58.77 -40.26 -28.36
N SER F 176 -59.37 -40.36 -29.54
CA SER F 176 -58.84 -41.25 -30.57
C SER F 176 -57.66 -40.65 -31.30
N GLY F 177 -57.51 -39.32 -31.26
CA GLY F 177 -56.38 -38.68 -31.90
C GLY F 177 -56.75 -37.90 -33.14
N LEU F 178 -57.91 -37.24 -33.13
CA LEU F 178 -58.36 -36.43 -34.25
C LEU F 178 -58.95 -35.12 -33.69
N TYR F 179 -59.25 -34.19 -34.60
CA TYR F 179 -59.70 -32.86 -34.24
C TYR F 179 -61.14 -32.64 -34.67
N SER F 180 -61.86 -31.83 -33.90
CA SER F 180 -63.27 -31.57 -34.14
C SER F 180 -63.61 -30.16 -33.70
N LEU F 181 -64.53 -29.54 -34.44
CA LEU F 181 -65.07 -28.22 -34.08
C LEU F 181 -66.45 -28.06 -34.68
N SER F 182 -67.04 -26.89 -34.46
CA SER F 182 -68.36 -26.57 -34.99
C SER F 182 -68.46 -25.09 -35.28
N SER F 183 -69.41 -24.73 -36.12
CA SER F 183 -69.69 -23.34 -36.44
C SER F 183 -71.19 -23.14 -36.43
N VAL F 184 -71.67 -22.12 -35.72
CA VAL F 184 -73.11 -21.95 -35.52
C VAL F 184 -73.53 -20.56 -36.00
N VAL F 185 -74.79 -20.46 -36.42
CA VAL F 185 -75.37 -19.24 -36.99
C VAL F 185 -76.73 -19.02 -36.34
N THR F 186 -76.97 -17.81 -35.85
CA THR F 186 -78.27 -17.41 -35.32
C THR F 186 -79.06 -16.69 -36.41
N VAL F 187 -80.25 -17.20 -36.71
CA VAL F 187 -81.11 -16.66 -37.76
C VAL F 187 -82.44 -16.25 -37.12
N PRO F 188 -83.29 -15.47 -37.79
CA PRO F 188 -84.66 -15.33 -37.31
C PRO F 188 -85.44 -16.64 -37.43
N SER F 189 -86.48 -16.75 -36.62
CA SER F 189 -87.23 -18.01 -36.55
C SER F 189 -88.08 -18.24 -37.79
N SER F 190 -88.47 -17.17 -38.48
CA SER F 190 -89.26 -17.28 -39.70
C SER F 190 -88.40 -17.31 -40.95
N SER F 191 -87.08 -17.41 -40.80
CA SER F 191 -86.16 -17.45 -41.94
C SER F 191 -85.83 -18.86 -42.38
N LEU F 192 -86.42 -19.87 -41.74
CA LEU F 192 -86.20 -21.27 -42.13
C LEU F 192 -86.85 -21.62 -43.45
N GLY F 193 -87.86 -20.84 -43.88
CA GLY F 193 -88.61 -21.19 -45.07
C GLY F 193 -87.90 -20.91 -46.38
N THR F 194 -87.31 -19.73 -46.52
CA THR F 194 -86.82 -19.26 -47.80
C THR F 194 -85.31 -19.13 -47.90
N GLN F 195 -84.62 -18.73 -46.83
CA GLN F 195 -83.22 -18.35 -46.94
C GLN F 195 -82.33 -19.59 -47.00
N THR F 196 -81.31 -19.53 -47.87
CA THR F 196 -80.42 -20.64 -48.13
C THR F 196 -79.12 -20.45 -47.37
N TYR F 197 -78.68 -21.49 -46.66
CA TYR F 197 -77.43 -21.45 -45.91
C TYR F 197 -76.58 -22.66 -46.25
N ILE F 198 -75.36 -22.40 -46.72
CA ILE F 198 -74.42 -23.45 -47.11
C ILE F 198 -73.09 -23.18 -46.40
N CYS F 199 -72.63 -24.17 -45.63
CA CYS F 199 -71.32 -24.08 -45.01
C CYS F 199 -70.29 -24.79 -45.89
N ASN F 200 -69.12 -24.17 -46.00
CA ASN F 200 -68.07 -24.63 -46.91
C ASN F 200 -66.80 -24.83 -46.09
N VAL F 201 -66.32 -26.07 -46.04
CA VAL F 201 -65.20 -26.45 -45.19
C VAL F 201 -64.00 -26.72 -46.08
N ASN F 202 -62.88 -26.07 -45.79
CA ASN F 202 -61.65 -26.20 -46.56
C ASN F 202 -60.56 -26.72 -45.65
N HIS F 203 -59.97 -27.84 -46.03
CA HIS F 203 -58.92 -28.49 -45.25
C HIS F 203 -57.64 -28.43 -46.08
N LYS F 204 -56.72 -27.55 -45.73
CA LYS F 204 -55.50 -27.34 -46.52
C LYS F 204 -54.45 -28.48 -46.49
N PRO F 205 -54.22 -29.23 -45.39
CA PRO F 205 -53.28 -30.37 -45.50
C PRO F 205 -53.74 -31.48 -46.43
N SER F 206 -54.95 -31.99 -46.25
CA SER F 206 -55.47 -33.00 -47.16
C SER F 206 -56.08 -32.41 -48.42
N ASN F 207 -56.21 -31.07 -48.49
CA ASN F 207 -56.65 -30.32 -49.69
C ASN F 207 -58.04 -30.76 -50.15
N THR F 208 -59.04 -30.51 -49.28
CA THR F 208 -60.41 -30.95 -49.55
C THR F 208 -61.40 -29.86 -49.19
N LYS F 209 -62.26 -29.50 -50.14
CA LYS F 209 -63.38 -28.60 -49.92
C LYS F 209 -64.68 -29.40 -49.93
N VAL F 210 -65.50 -29.20 -48.90
CA VAL F 210 -66.81 -29.85 -48.79
C VAL F 210 -67.86 -28.75 -48.69
N ASP F 211 -68.86 -28.83 -49.57
CA ASP F 211 -69.98 -27.90 -49.57
C ASP F 211 -71.20 -28.62 -49.00
N LYS F 212 -71.84 -28.00 -48.00
CA LYS F 212 -72.95 -28.66 -47.33
C LYS F 212 -74.05 -27.66 -47.02
N ARG F 213 -75.25 -27.94 -47.52
CA ARG F 213 -76.41 -27.11 -47.24
C ARG F 213 -77.20 -27.72 -46.09
N VAL F 214 -77.50 -26.89 -45.10
CA VAL F 214 -78.20 -27.32 -43.89
C VAL F 214 -79.68 -26.98 -44.03
N GLU F 215 -80.54 -27.91 -43.62
CA GLU F 215 -81.99 -27.77 -43.73
C GLU F 215 -82.65 -28.75 -42.77
N PRO F 216 -83.81 -28.39 -42.19
CA PRO F 216 -84.53 -29.27 -41.28
C PRO F 216 -85.11 -30.51 -41.97
N GLU G 1 30.25 -31.60 -3.05
CA GLU G 1 29.74 -32.92 -2.70
C GLU G 1 29.95 -33.21 -1.22
N VAL G 2 28.86 -33.31 -0.48
CA VAL G 2 28.93 -33.52 0.96
C VAL G 2 29.09 -35.03 1.21
N VAL G 3 30.24 -35.42 1.76
CA VAL G 3 30.55 -36.80 2.04
C VAL G 3 30.23 -37.08 3.50
N MET G 4 29.46 -38.13 3.75
CA MET G 4 29.06 -38.48 5.11
C MET G 4 29.98 -39.54 5.68
N THR G 5 29.93 -39.72 7.00
CA THR G 5 30.76 -40.69 7.69
C THR G 5 30.06 -41.13 8.96
N GLN G 6 29.81 -42.43 9.08
CA GLN G 6 29.16 -42.97 10.26
C GLN G 6 30.20 -43.44 11.27
N SER G 7 29.80 -43.46 12.54
CA SER G 7 30.67 -43.90 13.61
C SER G 7 29.82 -44.42 14.76
N PRO G 8 30.20 -45.56 15.38
CA PRO G 8 31.35 -46.40 15.03
C PRO G 8 31.06 -47.35 13.87
N ALA G 9 31.97 -48.29 13.60
CA ALA G 9 31.75 -49.24 12.51
C ALA G 9 30.68 -50.25 12.88
N THR G 10 30.71 -50.75 14.12
CA THR G 10 29.75 -51.73 14.60
C THR G 10 29.58 -51.55 16.09
N LEU G 11 28.32 -51.46 16.55
CA LEU G 11 28.02 -51.29 17.96
C LEU G 11 27.58 -52.63 18.54
N SER G 12 28.11 -52.95 19.71
CA SER G 12 27.70 -54.13 20.46
C SER G 12 26.94 -53.68 21.72
N VAL G 13 25.86 -54.40 22.04
CA VAL G 13 24.98 -53.99 23.12
C VAL G 13 24.25 -55.22 23.65
N SER G 14 23.97 -55.22 24.97
CA SER G 14 23.13 -56.17 25.66
C SER G 14 21.66 -55.73 25.54
N PRO G 15 20.71 -56.66 25.60
CA PRO G 15 19.30 -56.27 25.48
C PRO G 15 18.80 -55.49 26.68
N GLY G 16 17.66 -54.82 26.48
CA GLY G 16 17.12 -53.94 27.50
C GLY G 16 17.92 -52.69 27.72
N GLU G 17 18.69 -52.26 26.72
CA GLU G 17 19.61 -51.14 26.86
C GLU G 17 19.41 -50.17 25.71
N GLY G 18 20.28 -49.16 25.68
CA GLY G 18 20.24 -48.13 24.67
C GLY G 18 21.38 -48.21 23.66
N ALA G 19 21.33 -47.30 22.70
CA ALA G 19 22.37 -47.22 21.68
C ALA G 19 22.44 -45.81 21.14
N THR G 20 23.63 -45.44 20.65
CA THR G 20 23.86 -44.12 20.08
C THR G 20 24.80 -44.22 18.89
N LEU G 21 24.52 -43.44 17.84
CA LEU G 21 25.28 -43.48 16.61
C LEU G 21 25.52 -42.05 16.14
N SER G 22 26.68 -41.80 15.55
CA SER G 22 27.03 -40.48 15.07
C SER G 22 27.23 -40.49 13.57
N CYS G 23 26.68 -39.48 12.90
CA CYS G 23 26.87 -39.28 11.47
C CYS G 23 27.43 -37.88 11.27
N ARG G 24 28.56 -37.80 10.57
CA ARG G 24 29.28 -36.55 10.39
C ARG G 24 29.40 -36.23 8.91
N ALA G 25 29.58 -34.95 8.60
CA ALA G 25 29.60 -34.48 7.22
C ALA G 25 30.89 -33.74 6.93
N SER G 26 31.12 -33.48 5.64
CA SER G 26 32.30 -32.71 5.23
C SER G 26 32.04 -31.22 5.25
N GLN G 27 30.79 -30.80 5.06
CA GLN G 27 30.40 -29.40 5.21
C GLN G 27 29.23 -29.32 6.17
N SER G 28 28.60 -28.16 6.27
CA SER G 28 27.54 -27.94 7.25
C SER G 28 26.19 -27.96 6.55
N VAL G 29 25.52 -29.11 6.60
CA VAL G 29 24.10 -29.15 6.31
C VAL G 29 23.36 -28.57 7.50
N ASN G 30 22.17 -28.03 7.27
CA ASN G 30 21.53 -27.25 8.32
C ASN G 30 20.85 -28.16 9.34
N THR G 31 19.77 -28.82 8.92
CA THR G 31 19.11 -29.85 9.70
C THR G 31 18.66 -31.01 8.84
N ASN G 32 18.99 -31.00 7.55
CA ASN G 32 18.34 -31.85 6.56
C ASN G 32 18.98 -33.24 6.55
N VAL G 33 18.75 -33.98 7.63
CA VAL G 33 19.28 -35.33 7.78
C VAL G 33 18.13 -36.27 8.08
N ALA G 34 18.07 -37.38 7.34
CA ALA G 34 17.14 -38.46 7.63
C ALA G 34 17.90 -39.74 7.95
N TRP G 35 17.20 -40.68 8.59
CA TRP G 35 17.78 -41.98 8.92
C TRP G 35 16.88 -43.10 8.43
N TYR G 36 17.47 -44.26 8.28
CA TYR G 36 16.76 -45.46 7.81
C TYR G 36 17.34 -46.67 8.50
N GLN G 37 16.49 -47.66 8.75
CA GLN G 37 16.96 -48.98 9.16
C GLN G 37 16.58 -49.98 8.08
N GLN G 38 17.27 -51.12 8.08
CA GLN G 38 17.07 -52.11 7.05
C GLN G 38 17.35 -53.50 7.62
N LYS G 39 16.33 -54.34 7.61
CA LYS G 39 16.51 -55.76 7.89
C LYS G 39 17.23 -56.42 6.72
N PRO G 40 17.93 -57.52 6.95
CA PRO G 40 18.62 -58.19 5.83
C PRO G 40 17.62 -58.81 4.86
N GLY G 41 17.78 -58.49 3.58
CA GLY G 41 16.85 -58.94 2.57
C GLY G 41 15.55 -58.18 2.54
N GLN G 42 15.56 -56.92 2.97
CA GLN G 42 14.35 -56.10 3.01
C GLN G 42 14.65 -54.71 2.48
N ALA G 43 13.60 -54.00 2.14
CA ALA G 43 13.72 -52.61 1.75
C ALA G 43 13.91 -51.73 2.99
N PRO G 44 14.69 -50.66 2.89
CA PRO G 44 14.86 -49.77 4.04
C PRO G 44 13.59 -49.02 4.36
N ARG G 45 13.43 -48.67 5.64
CA ARG G 45 12.24 -48.00 6.11
C ARG G 45 12.61 -46.73 6.86
N LEU G 46 11.70 -45.76 6.82
CA LEU G 46 11.97 -44.42 7.30
C LEU G 46 11.83 -44.34 8.82
N LEU G 47 12.77 -43.63 9.45
CA LEU G 47 12.79 -43.49 10.91
C LEU G 47 12.57 -42.06 11.38
N ILE G 48 13.38 -41.13 10.91
CA ILE G 48 13.44 -39.78 11.46
C ILE G 48 13.92 -38.85 10.37
N TYR G 49 13.28 -37.69 10.25
CA TYR G 49 13.60 -36.71 9.22
C TYR G 49 13.73 -35.33 9.86
N GLY G 50 14.73 -34.57 9.42
CA GLY G 50 15.04 -33.31 10.05
C GLY G 50 15.64 -33.42 11.42
N ALA G 51 16.03 -34.63 11.84
CA ALA G 51 16.68 -34.98 13.10
C ALA G 51 15.82 -34.70 14.33
N SER G 52 14.56 -34.31 14.17
CA SER G 52 13.73 -34.09 15.34
C SER G 52 12.37 -34.76 15.25
N THR G 53 11.73 -34.75 14.08
CA THR G 53 10.34 -35.14 13.95
C THR G 53 10.26 -36.60 13.50
N ARG G 54 9.76 -37.46 14.37
CA ARG G 54 9.68 -38.88 14.07
C ARG G 54 8.61 -39.15 13.02
N ALA G 55 8.83 -40.21 12.24
CA ALA G 55 7.92 -40.53 11.16
C ALA G 55 6.63 -41.15 11.70
N THR G 56 5.63 -41.23 10.81
CA THR G 56 4.34 -41.79 11.19
C THR G 56 4.45 -43.30 11.33
N GLY G 57 4.04 -43.82 12.48
CA GLY G 57 4.08 -45.25 12.73
C GLY G 57 5.42 -45.71 13.27
N ILE G 58 6.00 -44.90 14.15
CA ILE G 58 7.30 -45.18 14.74
C ILE G 58 7.15 -45.14 16.26
N PRO G 59 7.66 -46.13 16.99
CA PRO G 59 7.59 -46.07 18.45
C PRO G 59 8.48 -44.97 19.02
N ALA G 60 8.08 -44.49 20.20
CA ALA G 60 8.62 -43.26 20.77
C ALA G 60 9.98 -43.44 21.42
N ARG G 61 10.52 -44.66 21.48
CA ARG G 61 11.82 -44.85 22.10
C ARG G 61 12.98 -44.41 21.22
N PHE G 62 12.72 -44.07 19.96
CA PHE G 62 13.74 -43.54 19.07
C PHE G 62 13.82 -42.03 19.23
N SER G 63 15.02 -41.49 19.03
CA SER G 63 15.23 -40.05 19.11
C SER G 63 16.43 -39.66 18.29
N GLY G 64 16.49 -38.38 17.91
CA GLY G 64 17.61 -37.86 17.16
C GLY G 64 17.93 -36.45 17.60
N SER G 65 19.16 -36.03 17.31
CA SER G 65 19.60 -34.68 17.65
C SER G 65 20.77 -34.30 16.75
N GLY G 66 21.17 -33.04 16.86
CA GLY G 66 22.36 -32.58 16.16
C GLY G 66 22.11 -31.43 15.20
N SER G 67 23.16 -30.63 14.97
CA SER G 67 23.14 -29.56 13.99
C SER G 67 24.58 -29.30 13.56
N GLY G 68 24.75 -28.43 12.58
CA GLY G 68 26.07 -28.11 12.10
C GLY G 68 26.64 -29.19 11.20
N THR G 69 27.59 -29.98 11.73
CA THR G 69 28.20 -31.06 10.96
C THR G 69 28.05 -32.43 11.61
N GLU G 70 27.53 -32.52 12.82
CA GLU G 70 27.44 -33.79 13.54
C GLU G 70 26.01 -34.05 13.96
N PHE G 71 25.59 -35.30 13.86
CA PHE G 71 24.22 -35.70 14.15
C PHE G 71 24.23 -37.02 14.89
N THR G 72 23.20 -37.25 15.70
CA THR G 72 23.21 -38.35 16.65
C THR G 72 21.85 -39.02 16.71
N LEU G 73 21.85 -40.34 16.55
CA LEU G 73 20.66 -41.17 16.67
C LEU G 73 20.73 -41.96 17.96
N THR G 74 19.61 -42.03 18.69
CA THR G 74 19.59 -42.64 20.02
C THR G 74 18.38 -43.56 20.16
N ILE G 75 18.62 -44.78 20.61
CA ILE G 75 17.57 -45.76 20.86
C ILE G 75 17.51 -46.01 22.35
N SER G 76 16.31 -45.92 22.93
CA SER G 76 16.18 -46.01 24.38
C SER G 76 16.23 -47.46 24.87
N THR G 77 15.28 -48.28 24.43
CA THR G 77 15.21 -49.67 24.83
C THR G 77 15.19 -50.57 23.59
N LEU G 78 15.31 -51.87 23.83
CA LEU G 78 15.27 -52.86 22.76
C LEU G 78 14.36 -54.00 23.17
N GLN G 79 13.86 -54.72 22.17
CA GLN G 79 13.16 -55.98 22.37
C GLN G 79 13.64 -57.01 21.34
N SER G 80 14.94 -56.98 21.06
CA SER G 80 15.69 -57.96 20.25
C SER G 80 15.22 -58.04 18.81
N GLU G 81 14.48 -57.05 18.33
CA GLU G 81 14.04 -57.00 16.95
C GLU G 81 14.62 -55.84 16.18
N ASP G 82 15.20 -54.86 16.85
CA ASP G 82 15.73 -53.66 16.21
C ASP G 82 17.14 -53.82 15.69
N PHE G 83 17.74 -55.01 15.85
CA PHE G 83 19.10 -55.25 15.40
C PHE G 83 19.12 -55.34 13.88
N ALA G 84 19.42 -54.22 13.22
CA ALA G 84 19.37 -54.13 11.77
C ALA G 84 20.53 -53.25 11.32
N VAL G 85 20.51 -52.85 10.05
CA VAL G 85 21.55 -52.00 9.48
C VAL G 85 21.00 -50.59 9.41
N TYR G 86 21.81 -49.60 9.77
CA TYR G 86 21.34 -48.22 9.92
C TYR G 86 22.07 -47.30 8.95
N TYR G 87 21.35 -46.30 8.44
CA TYR G 87 21.85 -45.41 7.39
C TYR G 87 21.46 -43.97 7.68
N CYS G 88 22.41 -43.06 7.57
CA CYS G 88 22.13 -41.62 7.62
C CYS G 88 22.23 -41.03 6.21
N GLN G 89 21.47 -39.97 5.98
CA GLN G 89 21.33 -39.38 4.65
C GLN G 89 21.15 -37.88 4.78
N GLN G 90 21.86 -37.11 3.96
CA GLN G 90 21.61 -35.69 3.84
C GLN G 90 20.79 -35.42 2.59
N TYR G 91 20.04 -34.32 2.61
CA TYR G 91 19.30 -33.89 1.43
C TYR G 91 19.37 -32.38 1.26
N SER G 92 20.43 -31.76 1.78
CA SER G 92 20.56 -30.32 1.70
C SER G 92 21.07 -29.87 0.34
N ASN G 93 22.17 -30.46 -0.11
CA ASN G 93 22.79 -30.10 -1.37
C ASN G 93 22.84 -31.29 -2.32
N TRP G 94 22.03 -31.24 -3.37
CA TRP G 94 21.92 -32.36 -4.30
C TRP G 94 21.29 -31.88 -5.59
N PRO G 95 21.62 -32.52 -6.72
CA PRO G 95 22.31 -33.82 -6.83
C PRO G 95 23.82 -33.66 -6.79
N PRO G 96 24.54 -34.74 -6.46
CA PRO G 96 23.97 -36.07 -6.20
C PRO G 96 23.52 -36.21 -4.75
N ILE G 97 22.92 -37.35 -4.42
CA ILE G 97 22.54 -37.63 -3.04
C ILE G 97 23.44 -38.69 -2.43
N THR G 98 23.96 -38.40 -1.25
CA THR G 98 24.94 -39.24 -0.59
C THR G 98 24.35 -39.87 0.66
N PHE G 99 24.63 -41.14 0.87
CA PHE G 99 24.20 -41.87 2.05
C PHE G 99 25.36 -42.00 3.03
N GLY G 100 25.13 -42.75 4.10
CA GLY G 100 26.18 -43.11 5.04
C GLY G 100 26.99 -44.28 4.55
N GLN G 101 27.51 -45.06 5.50
CA GLN G 101 28.26 -46.25 5.16
C GLN G 101 27.65 -47.52 5.72
N GLY G 102 26.51 -47.43 6.41
CA GLY G 102 25.88 -48.60 6.98
C GLY G 102 26.49 -48.97 8.32
N THR G 103 25.64 -49.17 9.32
CA THR G 103 26.09 -49.55 10.65
C THR G 103 25.14 -50.59 11.21
N ARG G 104 25.66 -51.80 11.43
CA ARG G 104 24.86 -52.87 11.98
C ARG G 104 24.89 -52.83 13.50
N LEU G 105 23.97 -53.58 14.11
CA LEU G 105 23.80 -53.57 15.56
C LEU G 105 23.85 -55.01 16.05
N GLU G 106 24.75 -55.31 16.96
CA GLU G 106 25.00 -56.67 17.41
C GLU G 106 24.52 -56.86 18.84
N ILE G 107 24.24 -58.12 19.17
CA ILE G 107 23.88 -58.52 20.52
C ILE G 107 25.17 -58.91 21.25
N LYS G 108 25.30 -58.48 22.50
CA LYS G 108 26.52 -58.71 23.27
C LYS G 108 26.30 -59.82 24.30
N ARG G 109 27.26 -60.72 24.38
CA ARG G 109 27.19 -61.86 25.30
C ARG G 109 28.62 -62.20 25.75
N THR G 110 28.80 -63.39 26.32
CA THR G 110 30.07 -63.78 26.91
C THR G 110 31.06 -64.16 25.81
N VAL G 111 32.32 -63.75 25.99
CA VAL G 111 33.37 -64.10 25.04
C VAL G 111 33.64 -65.59 25.12
N ALA G 112 33.45 -66.29 23.99
CA ALA G 112 33.53 -67.74 23.94
C ALA G 112 34.60 -68.19 22.96
N ALA G 113 35.15 -69.37 23.21
CA ALA G 113 36.21 -69.93 22.40
C ALA G 113 35.64 -70.78 21.26
N PRO G 114 36.23 -70.70 20.07
CA PRO G 114 35.76 -71.53 18.96
C PRO G 114 36.13 -72.99 19.11
N SER G 115 35.28 -73.84 18.57
CA SER G 115 35.63 -75.24 18.29
C SER G 115 36.17 -75.29 16.87
N VAL G 116 37.42 -75.74 16.72
CA VAL G 116 38.16 -75.62 15.47
C VAL G 116 38.42 -77.02 14.93
N PHE G 117 38.19 -77.20 13.63
CA PHE G 117 38.42 -78.48 12.97
C PHE G 117 39.08 -78.20 11.61
N ILE G 118 39.52 -79.27 10.95
CA ILE G 118 40.13 -79.14 9.62
C ILE G 118 39.72 -80.35 8.79
N PHE G 119 39.65 -80.14 7.47
CA PHE G 119 39.22 -81.15 6.51
C PHE G 119 40.14 -81.17 5.30
N PRO G 120 40.86 -82.27 5.08
CA PRO G 120 41.71 -82.40 3.90
C PRO G 120 40.86 -82.66 2.67
N PRO G 121 41.40 -82.45 1.46
CA PRO G 121 40.61 -82.71 0.26
C PRO G 121 40.43 -84.20 -0.02
N SER G 122 39.25 -84.55 -0.51
CA SER G 122 38.99 -85.90 -0.98
C SER G 122 39.76 -86.15 -2.27
N ASP G 123 40.07 -87.42 -2.53
CA ASP G 123 40.92 -87.74 -3.65
C ASP G 123 40.20 -87.67 -4.99
N GLU G 124 38.86 -87.62 -5.00
CA GLU G 124 38.19 -87.36 -6.26
C GLU G 124 38.31 -85.90 -6.68
N GLN G 125 38.63 -85.00 -5.75
CA GLN G 125 39.02 -83.65 -6.15
C GLN G 125 40.33 -83.67 -6.91
N LEU G 126 41.27 -84.52 -6.47
CA LEU G 126 42.52 -84.69 -7.22
C LEU G 126 42.29 -85.46 -8.51
N LYS G 127 41.24 -86.28 -8.57
CA LYS G 127 40.81 -86.84 -9.85
C LYS G 127 40.32 -85.73 -10.78
N SER G 128 39.63 -84.73 -10.23
CA SER G 128 39.25 -83.56 -10.99
C SER G 128 40.36 -82.52 -11.08
N GLY G 129 41.39 -82.63 -10.23
CA GLY G 129 42.45 -81.65 -10.19
C GLY G 129 42.28 -80.56 -9.15
N THR G 130 41.23 -80.63 -8.34
CA THR G 130 40.94 -79.64 -7.32
C THR G 130 41.68 -80.00 -6.05
N ALA G 131 42.14 -78.98 -5.32
CA ALA G 131 42.68 -79.17 -3.98
C ALA G 131 41.97 -78.19 -3.05
N SER G 132 40.97 -78.68 -2.33
CA SER G 132 40.15 -77.85 -1.47
C SER G 132 40.27 -78.29 -0.02
N VAL G 133 40.84 -77.43 0.82
CA VAL G 133 41.02 -77.71 2.24
C VAL G 133 40.10 -76.78 3.02
N VAL G 134 39.40 -77.32 4.02
CA VAL G 134 38.45 -76.54 4.81
C VAL G 134 38.95 -76.45 6.24
N CYS G 135 39.19 -75.22 6.69
CA CYS G 135 39.44 -74.95 8.10
C CYS G 135 38.16 -74.35 8.69
N LEU G 136 37.67 -74.95 9.77
CA LEU G 136 36.32 -74.72 10.25
C LEU G 136 36.33 -74.25 11.69
N LEU G 137 35.57 -73.20 12.00
CA LEU G 137 35.39 -72.71 13.35
C LEU G 137 33.90 -72.64 13.64
N ASN G 138 33.51 -73.03 14.85
CA ASN G 138 32.12 -73.06 15.24
C ASN G 138 31.97 -72.49 16.65
N ASN G 139 30.87 -71.76 16.86
CA ASN G 139 30.39 -71.31 18.16
C ASN G 139 31.42 -70.43 18.88
N PHE G 140 31.68 -69.26 18.28
CA PHE G 140 32.64 -68.33 18.85
C PHE G 140 32.07 -66.92 18.92
N TYR G 141 32.41 -66.23 19.99
CA TYR G 141 32.13 -64.82 20.21
C TYR G 141 33.42 -64.16 20.66
N PRO G 142 33.74 -62.95 20.16
CA PRO G 142 33.03 -62.06 19.25
C PRO G 142 33.25 -62.37 17.77
N ARG G 143 33.01 -61.36 16.93
CA ARG G 143 33.11 -61.52 15.49
C ARG G 143 34.56 -61.71 15.04
N GLU G 144 35.51 -61.09 15.74
CA GLU G 144 36.88 -61.07 15.27
C GLU G 144 37.56 -62.40 15.53
N ALA G 145 38.18 -62.94 14.49
CA ALA G 145 39.04 -64.12 14.58
C ALA G 145 40.17 -63.95 13.58
N LYS G 146 41.28 -64.63 13.82
CA LYS G 146 42.45 -64.54 12.96
C LYS G 146 42.85 -65.92 12.49
N VAL G 147 42.97 -66.10 11.18
CA VAL G 147 43.36 -67.37 10.59
C VAL G 147 44.64 -67.15 9.78
N GLN G 148 45.69 -67.87 10.14
CA GLN G 148 46.95 -67.87 9.42
C GLN G 148 47.12 -69.20 8.72
N TRP G 149 47.43 -69.17 7.42
CA TRP G 149 47.50 -70.36 6.59
C TRP G 149 48.96 -70.68 6.33
N LYS G 150 49.36 -71.91 6.66
CA LYS G 150 50.77 -72.28 6.69
C LYS G 150 51.01 -73.53 5.84
N VAL G 151 52.02 -73.44 4.96
CA VAL G 151 52.42 -74.53 4.08
C VAL G 151 53.86 -74.88 4.46
N ASP G 152 54.04 -76.01 5.16
CA ASP G 152 55.30 -76.40 5.82
C ASP G 152 55.86 -75.25 6.65
N ASN G 153 54.99 -74.65 7.46
CA ASN G 153 55.27 -73.48 8.29
C ASN G 153 55.76 -72.29 7.45
N ALA G 154 54.94 -71.92 6.48
CA ALA G 154 55.21 -70.76 5.63
C ALA G 154 53.90 -70.17 5.16
N LEU G 155 53.77 -68.85 5.28
CA LEU G 155 52.51 -68.17 5.01
C LEU G 155 52.25 -68.08 3.51
N GLN G 156 50.99 -68.27 3.11
CA GLN G 156 50.53 -68.06 1.75
C GLN G 156 49.68 -66.81 1.67
N SER G 157 49.35 -66.42 0.44
CA SER G 157 48.51 -65.26 0.22
C SER G 157 47.76 -65.41 -1.10
N GLY G 158 46.47 -65.07 -1.07
CA GLY G 158 45.66 -65.03 -2.26
C GLY G 158 45.07 -66.35 -2.71
N ASN G 159 45.19 -67.41 -1.92
CA ASN G 159 44.69 -68.72 -2.30
C ASN G 159 43.62 -69.24 -1.34
N SER G 160 43.18 -68.41 -0.39
CA SER G 160 42.21 -68.80 0.60
C SER G 160 41.04 -67.82 0.62
N GLN G 161 39.83 -68.35 0.57
CA GLN G 161 38.62 -67.56 0.75
C GLN G 161 37.99 -67.92 2.09
N GLU G 162 36.93 -67.18 2.43
CA GLU G 162 36.29 -67.39 3.72
C GLU G 162 34.81 -67.02 3.65
N SER G 163 34.05 -67.59 4.59
CA SER G 163 32.61 -67.35 4.69
C SER G 163 32.21 -67.35 6.16
N VAL G 164 31.33 -66.42 6.50
CA VAL G 164 30.86 -66.22 7.87
C VAL G 164 29.34 -66.31 7.86
N THR G 165 28.77 -67.03 8.83
CA THR G 165 27.33 -67.12 8.97
C THR G 165 26.78 -65.86 9.64
N GLU G 166 25.49 -65.90 9.97
CA GLU G 166 24.83 -64.79 10.64
C GLU G 166 24.74 -65.07 12.13
N GLN G 167 24.06 -64.20 12.86
CA GLN G 167 24.04 -64.26 14.32
C GLN G 167 22.89 -65.17 14.76
N ASP G 168 23.25 -66.32 15.33
CA ASP G 168 22.27 -67.33 15.72
C ASP G 168 21.42 -66.84 16.88
N SER G 169 20.13 -67.19 16.84
CA SER G 169 19.18 -66.68 17.81
C SER G 169 19.32 -67.29 19.19
N LYS G 170 20.08 -68.39 19.33
CA LYS G 170 20.19 -69.07 20.61
C LYS G 170 21.40 -68.59 21.41
N ASP G 171 22.60 -68.73 20.83
CA ASP G 171 23.84 -68.45 21.55
C ASP G 171 24.50 -67.14 21.14
N SER G 172 24.07 -66.55 20.01
CA SER G 172 24.62 -65.31 19.45
C SER G 172 26.11 -65.42 19.16
N THR G 173 26.59 -66.62 18.84
CA THR G 173 27.96 -66.82 18.41
C THR G 173 27.98 -67.19 16.94
N TYR G 174 29.18 -67.21 16.37
CA TYR G 174 29.34 -67.25 14.92
C TYR G 174 29.97 -68.57 14.48
N SER G 175 30.07 -68.72 13.15
CA SER G 175 30.68 -69.88 12.54
C SER G 175 31.44 -69.43 11.31
N LEU G 176 32.71 -69.85 11.21
CA LEU G 176 33.60 -69.42 10.14
C LEU G 176 34.09 -70.62 9.35
N SER G 177 34.22 -70.42 8.04
CA SER G 177 34.83 -71.41 7.15
C SER G 177 35.90 -70.73 6.34
N SER G 178 37.03 -71.39 6.18
CA SER G 178 38.09 -70.94 5.30
C SER G 178 38.41 -72.05 4.32
N THR G 179 38.64 -71.68 3.06
CA THR G 179 38.78 -72.65 1.99
C THR G 179 40.06 -72.37 1.21
N LEU G 180 40.98 -73.32 1.21
CA LEU G 180 42.13 -73.30 0.32
C LEU G 180 41.74 -73.96 -0.99
N THR G 181 41.85 -73.25 -2.11
CA THR G 181 41.56 -73.81 -3.42
C THR G 181 42.80 -73.69 -4.29
N LEU G 182 43.41 -74.83 -4.63
CA LEU G 182 44.64 -74.85 -5.42
C LEU G 182 44.56 -75.97 -6.44
N SER G 183 45.62 -76.07 -7.24
CA SER G 183 45.75 -77.14 -8.22
C SER G 183 46.39 -78.36 -7.57
N LYS G 184 46.73 -79.35 -8.40
CA LYS G 184 47.25 -80.61 -7.88
C LYS G 184 48.72 -80.49 -7.45
N ALA G 185 49.48 -79.63 -8.12
CA ALA G 185 50.93 -79.66 -8.01
C ALA G 185 51.40 -79.16 -6.65
N ASP G 186 50.76 -78.12 -6.10
CA ASP G 186 51.19 -77.60 -4.80
C ASP G 186 50.74 -78.51 -3.67
N TYR G 187 49.57 -79.15 -3.80
CA TYR G 187 49.12 -80.10 -2.79
C TYR G 187 50.00 -81.35 -2.76
N GLU G 188 50.42 -81.84 -3.93
CA GLU G 188 51.31 -82.97 -3.98
C GLU G 188 52.77 -82.58 -3.81
N LYS G 189 53.08 -81.28 -3.77
CA LYS G 189 54.47 -80.82 -3.60
C LYS G 189 54.88 -80.90 -2.13
N HIS G 190 54.21 -80.15 -1.28
CA HIS G 190 54.53 -80.12 0.14
C HIS G 190 53.61 -81.07 0.90
N LYS G 191 53.91 -81.27 2.18
CA LYS G 191 53.23 -82.30 2.95
C LYS G 191 52.42 -81.77 4.13
N VAL G 192 53.03 -81.00 5.02
CA VAL G 192 52.39 -80.59 6.27
C VAL G 192 51.73 -79.24 6.05
N TYR G 193 50.40 -79.21 6.12
CA TYR G 193 49.63 -77.99 5.93
C TYR G 193 48.88 -77.69 7.21
N ALA G 194 48.66 -76.40 7.51
CA ALA G 194 48.06 -76.04 8.78
C ALA G 194 47.28 -74.73 8.67
N CYS G 195 46.25 -74.62 9.51
CA CYS G 195 45.60 -73.34 9.81
C CYS G 195 45.74 -73.05 11.28
N GLU G 196 46.18 -71.84 11.61
CA GLU G 196 46.44 -71.45 12.98
C GLU G 196 45.50 -70.30 13.35
N VAL G 197 44.78 -70.46 14.45
CA VAL G 197 43.69 -69.57 14.82
C VAL G 197 44.08 -68.73 16.02
N THR G 198 44.08 -67.42 15.88
CA THR G 198 44.24 -66.50 17.00
C THR G 198 42.89 -65.85 17.27
N HIS G 199 42.22 -66.29 18.33
CA HIS G 199 40.91 -65.76 18.69
C HIS G 199 41.00 -65.16 20.10
N GLN G 200 40.12 -64.20 20.37
CA GLN G 200 40.16 -63.49 21.64
C GLN G 200 39.77 -64.41 22.80
N GLY G 201 38.81 -65.30 22.57
CA GLY G 201 38.44 -66.25 23.60
C GLY G 201 39.45 -67.35 23.81
N LEU G 202 40.26 -67.65 22.80
CA LEU G 202 41.30 -68.65 22.93
C LEU G 202 42.47 -68.08 23.74
N SER G 203 43.08 -68.95 24.55
CA SER G 203 44.26 -68.54 25.30
C SER G 203 45.49 -68.44 24.41
N SER G 204 45.58 -69.32 23.41
CA SER G 204 46.75 -69.42 22.56
C SER G 204 46.30 -69.68 21.13
N PRO G 205 47.13 -69.34 20.14
CA PRO G 205 46.80 -69.72 18.76
C PRO G 205 46.86 -71.23 18.54
N VAL G 206 45.71 -71.79 18.16
CA VAL G 206 45.56 -73.24 18.01
C VAL G 206 45.86 -73.62 16.57
N THR G 207 46.72 -74.62 16.39
CA THR G 207 47.17 -75.07 15.08
C THR G 207 46.51 -76.39 14.74
N LYS G 208 45.76 -76.42 13.64
CA LYS G 208 45.20 -77.65 13.10
C LYS G 208 45.95 -78.00 11.83
N SER G 209 46.59 -79.15 11.82
CA SER G 209 47.49 -79.52 10.75
C SER G 209 47.17 -80.92 10.21
N PHE G 210 47.70 -81.21 9.03
CA PHE G 210 47.52 -82.51 8.41
C PHE G 210 48.66 -82.75 7.42
N ASN G 211 48.86 -84.02 7.08
CA ASN G 211 49.92 -84.45 6.18
C ASN G 211 49.36 -84.67 4.79
N ARG G 212 50.27 -84.89 3.83
CA ARG G 212 49.87 -85.23 2.47
C ARG G 212 49.44 -86.70 2.43
N GLY G 213 48.20 -86.93 2.07
CA GLY G 213 47.61 -88.25 2.16
C GLY G 213 46.83 -88.51 3.42
N GLU G 214 46.51 -87.47 4.19
CA GLU G 214 45.67 -87.60 5.36
C GLU G 214 44.66 -86.45 5.43
N GLU H 1 -35.59 -25.39 -5.15
CA GLU H 1 -36.41 -24.96 -6.26
C GLU H 1 -37.51 -24.00 -5.81
N VAL H 2 -37.40 -22.75 -6.25
CA VAL H 2 -38.34 -21.71 -5.83
C VAL H 2 -39.57 -21.80 -6.72
N VAL H 3 -40.71 -22.14 -6.13
CA VAL H 3 -41.96 -22.29 -6.85
C VAL H 3 -42.75 -21.00 -6.69
N MET H 4 -43.22 -20.45 -7.80
CA MET H 4 -43.95 -19.20 -7.79
C MET H 4 -45.45 -19.48 -7.80
N THR H 5 -46.24 -18.44 -7.48
CA THR H 5 -47.69 -18.55 -7.44
C THR H 5 -48.30 -17.19 -7.70
N GLN H 6 -49.12 -17.09 -8.74
CA GLN H 6 -49.77 -15.84 -9.08
C GLN H 6 -51.16 -15.78 -8.44
N SER H 7 -51.63 -14.55 -8.22
CA SER H 7 -52.94 -14.33 -7.63
C SER H 7 -53.46 -12.98 -8.09
N PRO H 8 -54.75 -12.88 -8.45
CA PRO H 8 -55.73 -13.97 -8.51
C PRO H 8 -55.62 -14.79 -9.80
N ALA H 9 -56.59 -15.69 -10.03
CA ALA H 9 -56.55 -16.49 -11.24
C ALA H 9 -56.89 -15.66 -12.47
N THR H 10 -57.89 -14.79 -12.35
CA THR H 10 -58.32 -13.93 -13.45
C THR H 10 -58.89 -12.65 -12.87
N LEU H 11 -58.44 -11.51 -13.38
CA LEU H 11 -58.91 -10.21 -12.91
C LEU H 11 -59.90 -9.65 -13.91
N SER H 12 -61.01 -9.11 -13.41
CA SER H 12 -61.99 -8.42 -14.23
C SER H 12 -61.96 -6.94 -13.90
N VAL H 13 -62.06 -6.10 -14.93
CA VAL H 13 -61.90 -4.66 -14.75
C VAL H 13 -62.65 -3.94 -15.88
N SER H 14 -63.19 -2.76 -15.55
CA SER H 14 -63.77 -1.81 -16.48
C SER H 14 -62.67 -0.92 -17.05
N PRO H 15 -62.85 -0.39 -18.27
CA PRO H 15 -61.80 0.45 -18.87
C PRO H 15 -61.63 1.78 -18.15
N GLY H 16 -60.50 2.42 -18.42
CA GLY H 16 -60.15 3.64 -17.73
C GLY H 16 -59.82 3.46 -16.27
N GLU H 17 -59.39 2.27 -15.88
CA GLU H 17 -59.17 1.93 -14.48
C GLU H 17 -57.81 1.29 -14.32
N GLY H 18 -57.54 0.84 -13.10
CA GLY H 18 -56.30 0.22 -12.74
C GLY H 18 -56.40 -1.28 -12.50
N ALA H 19 -55.25 -1.89 -12.23
CA ALA H 19 -55.19 -3.31 -11.93
C ALA H 19 -53.98 -3.61 -11.07
N THR H 20 -54.07 -4.69 -10.29
CA THR H 20 -53.00 -5.10 -9.42
C THR H 20 -52.92 -6.62 -9.37
N LEU H 21 -51.69 -7.15 -9.37
CA LEU H 21 -51.47 -8.58 -9.39
C LEU H 21 -50.37 -8.92 -8.40
N SER H 22 -50.48 -10.07 -7.76
CA SER H 22 -49.50 -10.50 -6.76
C SER H 22 -48.82 -11.78 -7.22
N CYS H 23 -47.51 -11.83 -7.05
CA CYS H 23 -46.72 -13.02 -7.32
C CYS H 23 -45.95 -13.37 -6.05
N ARG H 24 -46.09 -14.61 -5.59
CA ARG H 24 -45.52 -15.05 -4.33
C ARG H 24 -44.59 -16.22 -4.58
N ALA H 25 -43.64 -16.42 -3.67
CA ALA H 25 -42.61 -17.44 -3.82
C ALA H 25 -42.61 -18.39 -2.63
N SER H 26 -41.88 -19.49 -2.78
CA SER H 26 -41.73 -20.45 -1.70
C SER H 26 -40.60 -20.09 -0.75
N GLN H 27 -39.57 -19.41 -1.27
CA GLN H 27 -38.49 -18.88 -0.44
C GLN H 27 -38.35 -17.39 -0.70
N SER H 28 -37.29 -16.78 -0.20
CA SER H 28 -37.11 -15.34 -0.31
C SER H 28 -36.08 -15.02 -1.38
N VAL H 29 -36.54 -14.70 -2.58
CA VAL H 29 -35.68 -14.04 -3.55
C VAL H 29 -35.54 -12.59 -3.13
N ASN H 30 -34.44 -11.96 -3.53
CA ASN H 30 -34.14 -10.65 -2.95
C ASN H 30 -34.93 -9.55 -3.64
N THR H 31 -34.62 -9.28 -4.90
CA THR H 31 -35.40 -8.37 -5.74
C THR H 31 -35.51 -8.90 -7.17
N ASN H 32 -35.00 -10.10 -7.43
CA ASN H 32 -34.73 -10.56 -8.80
C ASN H 32 -36.00 -11.13 -9.42
N VAL H 33 -36.95 -10.25 -9.69
CA VAL H 33 -38.22 -10.62 -10.30
C VAL H 33 -38.43 -9.79 -11.55
N ALA H 34 -38.78 -10.45 -12.65
CA ALA H 34 -39.19 -9.78 -13.87
C ALA H 34 -40.62 -10.16 -14.23
N TRP H 35 -41.24 -9.35 -15.07
CA TRP H 35 -42.60 -9.61 -15.55
C TRP H 35 -42.65 -9.54 -17.06
N TYR H 36 -43.66 -10.18 -17.62
CA TYR H 36 -43.87 -10.24 -19.06
C TYR H 36 -45.36 -10.22 -19.35
N GLN H 37 -45.74 -9.61 -20.47
CA GLN H 37 -47.08 -9.76 -20.99
C GLN H 37 -47.01 -10.46 -22.33
N GLN H 38 -48.14 -11.03 -22.74
CA GLN H 38 -48.18 -11.82 -23.96
C GLN H 38 -49.56 -11.73 -24.58
N LYS H 39 -49.62 -11.19 -25.80
CA LYS H 39 -50.81 -11.25 -26.60
C LYS H 39 -51.02 -12.69 -27.09
N PRO H 40 -52.26 -13.09 -27.39
CA PRO H 40 -52.48 -14.46 -27.88
C PRO H 40 -51.89 -14.65 -29.27
N GLY H 41 -51.08 -15.70 -29.41
CA GLY H 41 -50.38 -15.95 -30.65
C GLY H 41 -49.18 -15.07 -30.87
N GLN H 42 -48.56 -14.59 -29.81
CA GLN H 42 -47.40 -13.70 -29.92
C GLN H 42 -46.32 -14.14 -28.93
N ALA H 43 -45.12 -13.64 -29.17
CA ALA H 43 -44.03 -13.84 -28.23
C ALA H 43 -44.18 -12.90 -27.04
N PRO H 44 -43.79 -13.35 -25.84
CA PRO H 44 -43.88 -12.47 -24.67
C PRO H 44 -42.88 -11.33 -24.76
N ARG H 45 -43.23 -10.21 -24.13
CA ARG H 45 -42.40 -9.01 -24.18
C ARG H 45 -42.12 -8.51 -22.77
N LEU H 46 -40.97 -7.85 -22.63
CA LEU H 46 -40.45 -7.50 -21.32
C LEU H 46 -41.12 -6.24 -20.79
N LEU H 47 -41.44 -6.24 -19.49
CA LEU H 47 -42.13 -5.13 -18.84
C LEU H 47 -41.28 -4.46 -17.77
N ILE H 48 -40.82 -5.21 -16.79
CA ILE H 48 -40.21 -4.66 -15.58
C ILE H 48 -39.25 -5.69 -15.03
N TYR H 49 -38.06 -5.24 -14.61
CA TYR H 49 -37.02 -6.12 -14.10
C TYR H 49 -36.49 -5.55 -12.79
N GLY H 50 -36.24 -6.42 -11.83
CA GLY H 50 -35.86 -5.97 -10.51
C GLY H 50 -36.96 -5.31 -9.72
N ALA H 51 -38.21 -5.38 -10.20
CA ALA H 51 -39.44 -4.85 -9.61
C ALA H 51 -39.46 -3.33 -9.47
N SER H 52 -38.47 -2.63 -9.98
CA SER H 52 -38.51 -1.18 -9.89
C SER H 52 -38.21 -0.47 -11.20
N THR H 53 -37.27 -0.97 -12.00
CA THR H 53 -36.77 -0.24 -13.16
C THR H 53 -37.48 -0.72 -14.41
N ARG H 54 -38.28 0.16 -15.00
CA ARG H 54 -39.04 -0.19 -16.18
C ARG H 54 -38.13 -0.36 -17.39
N ALA H 55 -38.56 -1.22 -18.32
CA ALA H 55 -37.75 -1.52 -19.48
C ALA H 55 -37.79 -0.37 -20.49
N THR H 56 -36.88 -0.43 -21.46
CA THR H 56 -36.81 0.60 -22.47
C THR H 56 -37.97 0.46 -23.46
N GLY H 57 -38.72 1.55 -23.65
CA GLY H 57 -39.84 1.53 -24.56
C GLY H 57 -41.11 1.05 -23.91
N ILE H 58 -41.32 1.46 -22.65
CA ILE H 58 -42.49 1.05 -21.88
C ILE H 58 -43.17 2.33 -21.39
N PRO H 59 -44.49 2.45 -21.52
CA PRO H 59 -45.18 3.62 -20.98
C PRO H 59 -45.18 3.64 -19.47
N ALA H 60 -45.27 4.85 -18.92
CA ALA H 60 -45.00 5.10 -17.51
C ALA H 60 -46.16 4.73 -16.59
N ARG H 61 -47.30 4.29 -17.13
CA ARG H 61 -48.42 3.93 -16.27
C ARG H 61 -48.25 2.56 -15.61
N PHE H 62 -47.22 1.80 -15.98
CA PHE H 62 -46.91 0.55 -15.32
C PHE H 62 -46.01 0.80 -14.12
N SER H 63 -46.14 -0.04 -13.10
CA SER H 63 -45.31 0.07 -11.92
C SER H 63 -45.23 -1.29 -11.22
N GLY H 64 -44.18 -1.46 -10.41
CA GLY H 64 -44.02 -2.67 -9.65
C GLY H 64 -43.43 -2.37 -8.29
N SER H 65 -43.62 -3.31 -7.37
CA SER H 65 -43.11 -3.17 -6.01
C SER H 65 -42.97 -4.54 -5.38
N GLY H 66 -42.38 -4.56 -4.19
CA GLY H 66 -42.29 -5.79 -3.43
C GLY H 66 -40.89 -6.24 -3.09
N SER H 67 -40.75 -6.96 -1.98
CA SER H 67 -39.50 -7.58 -1.59
C SER H 67 -39.84 -8.78 -0.71
N GLY H 68 -38.81 -9.54 -0.36
CA GLY H 68 -39.02 -10.70 0.48
C GLY H 68 -39.58 -11.88 -0.29
N THR H 69 -40.87 -12.17 -0.11
CA THR H 69 -41.51 -13.27 -0.80
C THR H 69 -42.71 -12.84 -1.64
N GLU H 70 -43.14 -11.60 -1.57
CA GLU H 70 -44.34 -11.14 -2.27
C GLU H 70 -44.01 -9.95 -3.15
N PHE H 71 -44.60 -9.92 -4.33
CA PHE H 71 -44.32 -8.87 -5.31
C PHE H 71 -45.62 -8.48 -5.99
N THR H 72 -45.67 -7.23 -6.46
CA THR H 72 -46.93 -6.64 -6.90
C THR H 72 -46.74 -5.82 -8.17
N LEU H 73 -47.55 -6.11 -9.18
CA LEU H 73 -47.57 -5.36 -10.43
C LEU H 73 -48.82 -4.51 -10.48
N THR H 74 -48.68 -3.26 -10.93
CA THR H 74 -49.77 -2.29 -10.88
C THR H 74 -49.86 -1.54 -12.20
N ILE H 75 -51.05 -1.48 -12.78
CA ILE H 75 -51.32 -0.76 -14.01
C ILE H 75 -52.24 0.40 -13.68
N SER H 76 -51.87 1.61 -14.10
CA SER H 76 -52.63 2.80 -13.71
C SER H 76 -53.90 2.96 -14.54
N THR H 77 -53.74 3.12 -15.85
CA THR H 77 -54.87 3.31 -16.76
C THR H 77 -54.82 2.28 -17.87
N LEU H 78 -55.90 2.22 -18.65
CA LEU H 78 -56.00 1.30 -19.77
C LEU H 78 -56.52 2.05 -20.99
N GLN H 79 -56.23 1.50 -22.16
CA GLN H 79 -56.85 1.94 -23.40
C GLN H 79 -57.26 0.74 -24.25
N SER H 80 -57.74 -0.30 -23.57
CA SER H 80 -58.38 -1.51 -24.13
C SER H 80 -57.44 -2.34 -24.99
N GLU H 81 -56.13 -2.12 -24.88
CA GLU H 81 -55.16 -2.90 -25.63
C GLU H 81 -54.25 -3.72 -24.73
N ASP H 82 -54.23 -3.44 -23.43
CA ASP H 82 -53.34 -4.12 -22.50
C ASP H 82 -53.91 -5.43 -21.97
N PHE H 83 -55.10 -5.83 -22.41
CA PHE H 83 -55.73 -7.05 -21.94
C PHE H 83 -55.00 -8.24 -22.57
N ALA H 84 -54.04 -8.80 -21.83
CA ALA H 84 -53.20 -9.88 -22.32
C ALA H 84 -52.95 -10.84 -21.17
N VAL H 85 -52.01 -11.76 -21.37
CA VAL H 85 -51.65 -12.75 -20.35
C VAL H 85 -50.37 -12.29 -19.68
N TYR H 86 -50.30 -12.40 -18.36
CA TYR H 86 -49.20 -11.83 -17.59
C TYR H 86 -48.43 -12.92 -16.85
N TYR H 87 -47.11 -12.74 -16.74
CA TYR H 87 -46.22 -13.76 -16.18
C TYR H 87 -45.19 -13.11 -15.28
N CYS H 88 -44.99 -13.68 -14.09
CA CYS H 88 -43.89 -13.30 -13.22
C CYS H 88 -42.80 -14.37 -13.24
N GLN H 89 -41.57 -13.94 -13.02
CA GLN H 89 -40.40 -14.81 -13.16
C GLN H 89 -39.35 -14.41 -12.14
N GLN H 90 -38.76 -15.40 -11.47
CA GLN H 90 -37.59 -15.17 -10.63
C GLN H 90 -36.33 -15.57 -11.38
N TYR H 91 -35.21 -14.95 -11.03
CA TYR H 91 -33.93 -15.35 -11.58
C TYR H 91 -32.84 -15.33 -10.52
N SER H 92 -33.23 -15.53 -9.27
CA SER H 92 -32.27 -15.50 -8.16
C SER H 92 -31.50 -16.82 -8.05
N ASN H 93 -32.24 -17.91 -7.99
CA ASN H 93 -31.65 -19.24 -7.83
C ASN H 93 -31.99 -20.14 -9.00
N TRP H 94 -31.00 -20.43 -9.83
CA TRP H 94 -31.21 -21.22 -11.04
C TRP H 94 -29.89 -21.76 -11.55
N PRO H 95 -29.92 -22.91 -12.23
CA PRO H 95 -31.09 -23.58 -12.80
C PRO H 95 -31.77 -24.48 -11.78
N PRO H 96 -33.06 -24.81 -12.02
CA PRO H 96 -33.80 -24.40 -13.21
C PRO H 96 -34.43 -23.03 -13.04
N ILE H 97 -35.08 -22.53 -14.09
CA ILE H 97 -35.80 -21.27 -14.02
C ILE H 97 -37.30 -21.49 -14.03
N THR H 98 -37.98 -20.88 -13.08
CA THR H 98 -39.40 -21.09 -12.86
C THR H 98 -40.18 -19.83 -13.21
N PHE H 99 -41.30 -20.00 -13.88
CA PHE H 99 -42.19 -18.91 -14.22
C PHE H 99 -43.40 -18.90 -13.27
N GLY H 100 -44.35 -18.02 -13.56
CA GLY H 100 -45.62 -18.00 -12.85
C GLY H 100 -46.57 -19.03 -13.40
N GLN H 101 -47.86 -18.72 -13.31
CA GLN H 101 -48.89 -19.60 -13.85
C GLN H 101 -49.74 -18.93 -14.91
N GLY H 102 -49.45 -17.68 -15.27
CA GLY H 102 -50.23 -16.99 -16.26
C GLY H 102 -51.49 -16.38 -15.68
N THR H 103 -51.72 -15.10 -15.97
CA THR H 103 -52.90 -14.41 -15.49
C THR H 103 -53.42 -13.51 -16.58
N ARG H 104 -54.63 -13.80 -17.06
CA ARG H 104 -55.24 -13.01 -18.11
C ARG H 104 -56.03 -11.85 -17.50
N LEU H 105 -56.40 -10.90 -18.36
CA LEU H 105 -57.06 -9.69 -17.93
C LEU H 105 -58.32 -9.51 -18.76
N GLU H 106 -59.46 -9.42 -18.09
CA GLU H 106 -60.75 -9.38 -18.76
C GLU H 106 -61.38 -8.00 -18.67
N ILE H 107 -62.29 -7.73 -19.61
CA ILE H 107 -63.08 -6.51 -19.62
C ILE H 107 -64.37 -6.81 -18.88
N LYS H 108 -64.80 -5.88 -18.02
CA LYS H 108 -65.99 -6.08 -17.19
C LYS H 108 -67.16 -5.29 -17.74
N ARG H 109 -68.32 -5.93 -17.80
CA ARG H 109 -69.54 -5.32 -18.32
C ARG H 109 -70.73 -5.92 -17.56
N THR H 110 -71.93 -5.73 -18.11
CA THR H 110 -73.16 -6.12 -17.42
C THR H 110 -73.36 -7.63 -17.51
N VAL H 111 -73.81 -8.23 -16.41
CA VAL H 111 -74.09 -9.67 -16.39
C VAL H 111 -75.28 -9.96 -17.29
N ALA H 112 -75.07 -10.78 -18.31
CA ALA H 112 -76.08 -11.05 -19.33
C ALA H 112 -76.42 -12.53 -19.38
N ALA H 113 -77.63 -12.83 -19.82
CA ALA H 113 -78.14 -14.19 -19.89
C ALA H 113 -77.82 -14.81 -21.25
N PRO H 114 -77.46 -16.09 -21.29
CA PRO H 114 -77.19 -16.75 -22.58
C PRO H 114 -78.46 -17.04 -23.35
N SER H 115 -78.32 -17.01 -24.68
CA SER H 115 -79.31 -17.62 -25.57
C SER H 115 -78.88 -19.06 -25.81
N VAL H 116 -79.74 -20.01 -25.46
CA VAL H 116 -79.39 -21.42 -25.40
C VAL H 116 -80.19 -22.17 -26.45
N PHE H 117 -79.52 -23.04 -27.20
CA PHE H 117 -80.16 -23.87 -28.22
C PHE H 117 -79.59 -25.28 -28.13
N ILE H 118 -80.20 -26.20 -28.88
CA ILE H 118 -79.74 -27.57 -28.93
C ILE H 118 -79.91 -28.11 -30.35
N PHE H 119 -79.04 -29.05 -30.72
CA PHE H 119 -79.01 -29.64 -32.05
C PHE H 119 -78.86 -31.15 -31.97
N PRO H 120 -79.87 -31.91 -32.41
CA PRO H 120 -79.76 -33.36 -32.45
C PRO H 120 -78.87 -33.81 -33.58
N PRO H 121 -78.37 -35.05 -33.56
CA PRO H 121 -77.51 -35.51 -34.66
C PRO H 121 -78.30 -35.78 -35.94
N SER H 122 -77.68 -35.46 -37.06
CA SER H 122 -78.22 -35.83 -38.36
C SER H 122 -78.11 -37.34 -38.56
N ASP H 123 -79.00 -37.87 -39.39
CA ASP H 123 -79.07 -39.32 -39.54
C ASP H 123 -77.95 -39.89 -40.40
N GLU H 124 -77.23 -39.05 -41.14
CA GLU H 124 -76.04 -39.55 -41.83
C GLU H 124 -74.89 -39.79 -40.86
N GLN H 125 -74.92 -39.16 -39.68
CA GLN H 125 -74.00 -39.54 -38.62
C GLN H 125 -74.28 -40.96 -38.15
N LEU H 126 -75.56 -41.32 -38.05
CA LEU H 126 -75.93 -42.69 -37.72
C LEU H 126 -75.65 -43.63 -38.88
N LYS H 127 -75.65 -43.12 -40.11
CA LYS H 127 -75.14 -43.90 -41.23
C LYS H 127 -73.65 -44.17 -41.06
N SER H 128 -72.91 -43.20 -40.54
CA SER H 128 -71.51 -43.41 -40.20
C SER H 128 -71.32 -44.04 -38.84
N GLY H 129 -72.37 -44.05 -37.99
CA GLY H 129 -72.26 -44.57 -36.65
C GLY H 129 -71.97 -43.53 -35.59
N THR H 130 -71.91 -42.26 -35.96
CA THR H 130 -71.62 -41.17 -35.04
C THR H 130 -72.92 -40.70 -34.38
N ALA H 131 -72.82 -40.31 -33.12
CA ALA H 131 -73.93 -39.65 -32.44
C ALA H 131 -73.38 -38.36 -31.82
N SER H 132 -73.59 -37.24 -32.49
CA SER H 132 -73.06 -35.95 -32.05
C SER H 132 -74.19 -34.97 -31.78
N VAL H 133 -74.33 -34.58 -30.51
CA VAL H 133 -75.35 -33.64 -30.09
C VAL H 133 -74.65 -32.36 -29.67
N VAL H 134 -75.18 -31.21 -30.10
CA VAL H 134 -74.59 -29.91 -29.81
C VAL H 134 -75.52 -29.11 -28.93
N CYS H 135 -75.04 -28.78 -27.73
CA CYS H 135 -75.72 -27.81 -26.87
C CYS H 135 -74.98 -26.48 -26.98
N LEU H 136 -75.69 -25.42 -27.30
CA LEU H 136 -75.09 -24.18 -27.74
C LEU H 136 -75.55 -23.02 -26.87
N LEU H 137 -74.60 -22.18 -26.46
CA LEU H 137 -74.87 -20.97 -25.71
C LEU H 137 -74.21 -19.80 -26.43
N ASN H 138 -74.92 -18.67 -26.48
CA ASN H 138 -74.44 -17.49 -27.18
C ASN H 138 -74.71 -16.25 -26.35
N ASN H 139 -73.75 -15.31 -26.40
CA ASN H 139 -73.89 -13.95 -25.87
C ASN H 139 -74.18 -13.95 -24.37
N PHE H 140 -73.22 -14.43 -23.59
CA PHE H 140 -73.36 -14.48 -22.14
C PHE H 140 -72.14 -13.90 -21.45
N TYR H 141 -72.40 -13.20 -20.34
CA TYR H 141 -71.42 -12.69 -19.42
C TYR H 141 -71.85 -13.08 -18.02
N PRO H 142 -70.94 -13.51 -17.15
CA PRO H 142 -69.49 -13.66 -17.26
C PRO H 142 -69.05 -14.98 -17.89
N ARG H 143 -67.79 -15.34 -17.61
CA ARG H 143 -67.19 -16.54 -18.20
C ARG H 143 -67.82 -17.82 -17.66
N GLU H 144 -68.25 -17.80 -16.40
CA GLU H 144 -68.69 -19.02 -15.74
C GLU H 144 -70.08 -19.41 -16.20
N ALA H 145 -70.22 -20.67 -16.61
CA ALA H 145 -71.51 -21.27 -16.92
C ALA H 145 -71.45 -22.73 -16.50
N LYS H 146 -72.61 -23.33 -16.25
CA LYS H 146 -72.70 -24.72 -15.81
C LYS H 146 -73.60 -25.49 -16.75
N VAL H 147 -73.09 -26.60 -17.29
CA VAL H 147 -73.84 -27.45 -18.20
C VAL H 147 -73.92 -28.84 -17.58
N GLN H 148 -75.14 -29.32 -17.35
CA GLN H 148 -75.40 -30.67 -16.87
C GLN H 148 -76.04 -31.47 -17.99
N TRP H 149 -75.48 -32.65 -18.25
CA TRP H 149 -75.91 -33.47 -19.38
C TRP H 149 -76.74 -34.64 -18.86
N LYS H 150 -77.95 -34.79 -19.37
CA LYS H 150 -78.94 -35.70 -18.80
C LYS H 150 -79.47 -36.65 -19.87
N VAL H 151 -79.47 -37.94 -19.55
CA VAL H 151 -79.96 -39.00 -20.42
C VAL H 151 -81.12 -39.67 -19.68
N ASP H 152 -82.35 -39.37 -20.13
CA ASP H 152 -83.60 -39.69 -19.43
C ASP H 152 -83.54 -39.28 -17.96
N ASN H 153 -83.11 -38.04 -17.74
CA ASN H 153 -82.88 -37.43 -16.43
C ASN H 153 -81.89 -38.24 -15.59
N ALA H 154 -80.70 -38.43 -16.17
CA ALA H 154 -79.61 -39.11 -15.48
C ALA H 154 -78.28 -38.58 -16.01
N LEU H 155 -77.38 -38.23 -15.09
CA LEU H 155 -76.13 -37.59 -15.44
C LEU H 155 -75.15 -38.57 -16.07
N GLN H 156 -74.44 -38.10 -17.10
CA GLN H 156 -73.35 -38.83 -17.73
C GLN H 156 -72.02 -38.21 -17.34
N SER H 157 -70.94 -38.90 -17.71
CA SER H 157 -69.60 -38.40 -17.45
C SER H 157 -68.64 -38.96 -18.48
N GLY H 158 -67.77 -38.09 -18.99
CA GLY H 158 -66.69 -38.48 -19.88
C GLY H 158 -67.07 -38.63 -21.34
N ASN H 159 -68.27 -38.22 -21.74
CA ASN H 159 -68.71 -38.35 -23.12
C ASN H 159 -69.01 -37.01 -23.77
N SER H 160 -68.72 -35.90 -23.08
CA SER H 160 -69.02 -34.57 -23.58
C SER H 160 -67.76 -33.71 -23.55
N GLN H 161 -67.48 -33.05 -24.66
CA GLN H 161 -66.42 -32.05 -24.73
C GLN H 161 -67.03 -30.67 -24.87
N GLU H 162 -66.17 -29.66 -24.83
CA GLU H 162 -66.66 -28.28 -24.88
C GLU H 162 -65.62 -27.36 -25.52
N SER H 163 -66.11 -26.24 -26.04
CA SER H 163 -65.27 -25.23 -26.67
C SER H 163 -65.82 -23.85 -26.37
N VAL H 164 -64.92 -22.91 -26.08
CA VAL H 164 -65.26 -21.55 -25.72
C VAL H 164 -64.55 -20.61 -26.67
N THR H 165 -65.26 -19.60 -27.17
CA THR H 165 -64.66 -18.59 -28.03
C THR H 165 -63.87 -17.57 -27.21
N GLU H 166 -63.40 -16.52 -27.87
CA GLU H 166 -62.67 -15.46 -27.22
C GLU H 166 -63.60 -14.29 -26.92
N GLN H 167 -63.04 -13.19 -26.42
CA GLN H 167 -63.83 -12.07 -25.94
C GLN H 167 -64.10 -11.12 -27.10
N ASP H 168 -65.36 -11.05 -27.52
CA ASP H 168 -65.75 -10.25 -28.67
C ASP H 168 -65.60 -8.77 -28.39
N SER H 169 -65.15 -8.03 -29.42
CA SER H 169 -64.82 -6.62 -29.26
C SER H 169 -66.05 -5.72 -29.11
N LYS H 170 -67.25 -6.23 -29.40
CA LYS H 170 -68.44 -5.39 -29.35
C LYS H 170 -69.15 -5.49 -28.01
N ASP H 171 -69.56 -6.70 -27.61
CA ASP H 171 -70.37 -6.89 -26.42
C ASP H 171 -69.59 -7.46 -25.24
N SER H 172 -68.39 -7.98 -25.48
CA SER H 172 -67.53 -8.62 -24.47
C SER H 172 -68.20 -9.79 -23.77
N THR H 173 -69.10 -10.48 -24.47
CA THR H 173 -69.73 -11.69 -23.97
C THR H 173 -69.21 -12.88 -24.77
N TYR H 174 -69.53 -14.08 -24.30
CA TYR H 174 -68.88 -15.29 -24.76
C TYR H 174 -69.87 -16.19 -25.50
N SER H 175 -69.34 -17.29 -26.03
CA SER H 175 -70.12 -18.29 -26.74
C SER H 175 -69.56 -19.66 -26.42
N LEU H 176 -70.44 -20.58 -26.02
CA LEU H 176 -70.04 -21.90 -25.56
C LEU H 176 -70.69 -22.96 -26.44
N SER H 177 -69.94 -24.03 -26.69
CA SER H 177 -70.46 -25.21 -27.37
C SER H 177 -70.11 -26.43 -26.55
N SER H 178 -71.06 -27.34 -26.43
CA SER H 178 -70.82 -28.63 -25.80
C SER H 178 -71.24 -29.72 -26.77
N THR H 179 -70.44 -30.79 -26.84
CA THR H 179 -70.62 -31.82 -27.84
C THR H 179 -70.67 -33.18 -27.18
N LEU H 180 -71.79 -33.88 -27.33
CA LEU H 180 -71.90 -35.28 -26.96
C LEU H 180 -71.46 -36.12 -28.15
N THR H 181 -70.45 -36.97 -27.98
CA THR H 181 -70.00 -37.87 -29.04
C THR H 181 -70.09 -39.29 -28.53
N LEU H 182 -71.00 -40.08 -29.13
CA LEU H 182 -71.22 -41.46 -28.71
C LEU H 182 -71.42 -42.33 -29.93
N SER H 183 -71.61 -43.62 -29.68
CA SER H 183 -71.89 -44.59 -30.73
C SER H 183 -73.39 -44.63 -31.01
N LYS H 184 -73.82 -45.60 -31.82
CA LYS H 184 -75.21 -45.69 -32.23
C LYS H 184 -76.10 -46.26 -31.13
N ALA H 185 -75.54 -47.15 -30.31
CA ALA H 185 -76.36 -47.98 -29.43
C ALA H 185 -76.98 -47.17 -28.30
N ASP H 186 -76.23 -46.22 -27.72
CA ASP H 186 -76.77 -45.43 -26.62
C ASP H 186 -77.75 -44.38 -27.11
N TYR H 187 -77.53 -43.84 -28.32
CA TYR H 187 -78.48 -42.89 -28.89
C TYR H 187 -79.79 -43.56 -29.26
N GLU H 188 -79.72 -44.78 -29.80
CA GLU H 188 -80.93 -45.53 -30.11
C GLU H 188 -81.49 -46.27 -28.91
N LYS H 189 -80.79 -46.27 -27.77
CA LYS H 189 -81.27 -46.95 -26.57
C LYS H 189 -82.30 -46.10 -25.84
N HIS H 190 -81.90 -44.92 -25.38
CA HIS H 190 -82.77 -44.02 -24.65
C HIS H 190 -83.35 -42.98 -25.60
N LYS H 191 -84.32 -42.21 -25.10
CA LYS H 191 -85.07 -41.31 -25.96
C LYS H 191 -84.91 -39.84 -25.61
N VAL H 192 -85.18 -39.45 -24.37
CA VAL H 192 -85.22 -38.03 -23.99
C VAL H 192 -83.85 -37.62 -23.49
N TYR H 193 -83.18 -36.72 -24.22
CA TYR H 193 -81.85 -36.24 -23.87
C TYR H 193 -81.94 -34.75 -23.62
N ALA H 194 -81.10 -34.24 -22.71
CA ALA H 194 -81.21 -32.84 -22.33
C ALA H 194 -79.87 -32.27 -21.89
N CYS H 195 -79.71 -30.97 -22.10
CA CYS H 195 -78.66 -30.18 -21.47
C CYS H 195 -79.31 -29.10 -20.62
N GLU H 196 -78.87 -28.97 -19.38
CA GLU H 196 -79.45 -28.03 -18.44
C GLU H 196 -78.38 -27.02 -18.03
N VAL H 197 -78.70 -25.74 -18.15
CA VAL H 197 -77.73 -24.66 -18.03
C VAL H 197 -78.00 -23.89 -16.75
N THR H 198 -77.01 -23.83 -15.86
CA THR H 198 -77.05 -22.97 -14.68
C THR H 198 -76.06 -21.84 -14.91
N HIS H 199 -76.57 -20.65 -15.23
CA HIS H 199 -75.75 -19.48 -15.49
C HIS H 199 -76.11 -18.40 -14.49
N GLN H 200 -75.14 -17.51 -14.22
CA GLN H 200 -75.34 -16.47 -13.21
C GLN H 200 -76.38 -15.45 -13.67
N GLY H 201 -76.38 -15.13 -14.97
CA GLY H 201 -77.37 -14.21 -15.50
C GLY H 201 -78.76 -14.83 -15.61
N LEU H 202 -78.84 -16.15 -15.73
CA LEU H 202 -80.13 -16.82 -15.77
C LEU H 202 -80.76 -16.87 -14.39
N SER H 203 -82.09 -16.73 -14.36
CA SER H 203 -82.81 -16.85 -13.09
C SER H 203 -82.90 -18.29 -12.63
N SER H 204 -83.01 -19.22 -13.57
CA SER H 204 -83.24 -20.62 -13.27
C SER H 204 -82.44 -21.47 -14.25
N PRO H 205 -82.11 -22.71 -13.89
CA PRO H 205 -81.48 -23.61 -14.85
C PRO H 205 -82.42 -23.99 -15.99
N VAL H 206 -82.03 -23.64 -17.21
CA VAL H 206 -82.86 -23.82 -18.40
C VAL H 206 -82.53 -25.17 -19.02
N THR H 207 -83.55 -25.97 -19.31
CA THR H 207 -83.39 -27.31 -19.84
C THR H 207 -83.79 -27.32 -21.31
N LYS H 208 -82.85 -27.69 -22.18
CA LYS H 208 -83.12 -27.91 -23.59
C LYS H 208 -83.07 -29.40 -23.86
N SER H 209 -84.18 -29.95 -24.33
CA SER H 209 -84.33 -31.39 -24.46
C SER H 209 -84.85 -31.76 -25.85
N PHE H 210 -84.69 -33.04 -26.19
CA PHE H 210 -85.17 -33.56 -27.45
C PHE H 210 -85.40 -35.06 -27.32
N ASN H 211 -86.19 -35.60 -28.23
CA ASN H 211 -86.55 -37.02 -28.26
C ASN H 211 -85.68 -37.76 -29.26
N ARG H 212 -85.80 -39.09 -29.24
CA ARG H 212 -85.12 -39.93 -30.21
C ARG H 212 -85.87 -39.87 -31.53
N GLY H 213 -85.21 -39.40 -32.57
CA GLY H 213 -85.87 -39.12 -33.83
C GLY H 213 -86.29 -37.68 -34.02
N GLU H 214 -85.83 -36.77 -33.16
CA GLU H 214 -86.10 -35.35 -33.32
C GLU H 214 -84.84 -34.53 -33.07
N ASP I 1 15.69 -28.04 -13.26
CA ASP I 1 16.33 -26.96 -12.52
C ASP I 1 15.39 -25.78 -12.25
N THR I 2 15.52 -25.15 -11.09
CA THR I 2 14.64 -24.04 -10.72
C THR I 2 15.29 -22.98 -9.86
N ILE I 3 14.52 -21.95 -9.54
CA ILE I 3 14.98 -20.84 -8.71
C ILE I 3 13.84 -20.33 -7.82
N CYS I 4 13.65 -20.96 -6.66
CA CYS I 4 12.60 -20.52 -5.75
C CYS I 4 13.04 -19.23 -5.07
N VAL I 5 12.06 -18.38 -4.78
CA VAL I 5 12.29 -17.04 -4.24
C VAL I 5 11.76 -16.99 -2.82
N GLY I 6 12.60 -16.55 -1.88
CA GLY I 6 12.20 -16.49 -0.50
C GLY I 6 12.89 -15.40 0.30
N TYR I 7 12.92 -15.54 1.62
CA TYR I 7 13.40 -14.47 2.48
C TYR I 7 13.97 -15.05 3.75
N HIS I 8 14.60 -14.16 4.53
CA HIS I 8 15.37 -14.57 5.69
C HIS I 8 14.46 -14.97 6.84
N ALA I 9 14.96 -15.89 7.68
CA ALA I 9 14.30 -16.27 8.91
C ALA I 9 15.36 -16.50 9.96
N ASN I 10 14.96 -16.37 11.22
CA ASN I 10 15.93 -16.33 12.31
C ASN I 10 15.29 -16.99 13.53
N ASN I 11 16.04 -17.03 14.64
CA ASN I 11 15.55 -17.64 15.87
C ASN I 11 15.24 -16.63 16.95
N SER I 12 15.24 -15.34 16.63
CA SER I 12 15.03 -14.31 17.63
C SER I 12 13.57 -14.30 18.10
N THR I 13 13.38 -13.94 19.36
CA THR I 13 12.08 -14.04 20.01
C THR I 13 11.51 -12.70 20.44
N ASP I 14 12.16 -11.59 20.09
CA ASP I 14 11.68 -10.29 20.54
C ASP I 14 10.41 -9.87 19.81
N THR I 15 9.53 -9.21 20.54
CA THR I 15 8.19 -8.89 20.08
C THR I 15 8.04 -7.40 19.92
N VAL I 16 7.32 -7.00 18.88
CA VAL I 16 7.01 -5.61 18.60
C VAL I 16 5.50 -5.47 18.58
N ASP I 17 4.99 -4.45 19.26
CA ASP I 17 3.57 -4.15 19.20
C ASP I 17 3.26 -3.36 17.95
N THR I 18 2.04 -3.53 17.45
CA THR I 18 1.59 -2.88 16.24
C THR I 18 0.11 -2.56 16.44
N VAL I 19 -0.50 -1.90 15.46
CA VAL I 19 -1.90 -1.50 15.62
C VAL I 19 -2.82 -2.70 15.51
N LEU I 20 -2.67 -3.49 14.45
CA LEU I 20 -3.62 -4.56 14.17
C LEU I 20 -3.35 -5.84 14.95
N GLU I 21 -2.32 -5.89 15.79
CA GLU I 21 -1.89 -7.13 16.40
C GLU I 21 -1.04 -6.81 17.62
N LYS I 22 -1.04 -7.70 18.60
CA LYS I 22 -0.08 -7.64 19.69
C LYS I 22 0.91 -8.77 19.55
N ASN I 23 2.15 -8.50 19.98
CA ASN I 23 3.26 -9.46 20.04
C ASN I 23 3.58 -10.06 18.68
N VAL I 24 4.11 -9.21 17.79
CA VAL I 24 4.61 -9.67 16.51
C VAL I 24 6.10 -9.99 16.67
N THR I 25 6.46 -11.24 16.41
CA THR I 25 7.85 -11.65 16.52
C THR I 25 8.65 -11.09 15.36
N VAL I 26 9.76 -10.41 15.64
CA VAL I 26 10.51 -9.75 14.60
C VAL I 26 11.90 -10.39 14.54
N THR I 27 12.57 -10.21 13.40
CA THR I 27 13.91 -10.77 13.22
C THR I 27 14.96 -9.87 13.83
N HIS I 28 14.93 -8.58 13.52
CA HIS I 28 15.82 -7.59 14.10
C HIS I 28 15.00 -6.43 14.63
N SER I 29 15.51 -5.77 15.66
CA SER I 29 14.80 -4.65 16.27
C SER I 29 15.82 -3.71 16.90
N VAL I 30 15.32 -2.64 17.49
CA VAL I 30 16.15 -1.68 18.20
C VAL I 30 15.33 -1.03 19.31
N ASN I 31 15.93 -0.92 20.49
CA ASN I 31 15.28 -0.28 21.62
C ASN I 31 15.45 1.23 21.51
N LEU I 32 14.50 1.97 22.08
CA LEU I 32 14.56 3.42 22.12
C LEU I 32 14.17 3.96 23.47
N LEU I 33 14.56 3.28 24.54
CA LEU I 33 14.13 3.67 25.87
C LEU I 33 15.18 3.20 26.87
N GLU I 34 15.55 4.09 27.80
CA GLU I 34 16.63 3.82 28.74
C GLU I 34 16.08 3.49 30.11
N ASP I 35 16.64 2.44 30.73
CA ASP I 35 16.24 2.02 32.07
C ASP I 35 17.40 1.89 33.04
N SER I 36 18.63 1.76 32.57
CA SER I 36 19.75 1.50 33.45
C SER I 36 20.31 2.80 34.01
N HIS I 37 20.76 2.73 35.25
CA HIS I 37 21.37 3.86 35.94
C HIS I 37 22.18 3.33 37.09
N ASN I 38 23.26 4.04 37.43
CA ASN I 38 23.99 3.69 38.64
C ASN I 38 23.27 4.23 39.88
N GLY I 39 23.81 3.90 41.04
CA GLY I 39 23.29 4.47 42.27
C GLY I 39 24.21 5.57 42.79
N LYS I 40 24.99 6.14 41.88
CA LYS I 40 26.05 7.07 42.24
C LYS I 40 25.69 8.49 41.80
N LEU I 41 26.37 9.45 42.38
CA LEU I 41 26.22 10.87 42.03
C LEU I 41 27.59 11.39 41.64
N CYS I 42 27.81 11.59 40.34
CA CYS I 42 29.10 12.03 39.84
C CYS I 42 29.06 13.52 39.51
N SER I 43 30.12 14.01 38.90
CA SER I 43 30.32 15.42 38.64
C SER I 43 29.87 15.78 37.23
N LEU I 44 29.47 17.04 37.05
CA LEU I 44 29.12 17.56 35.73
C LEU I 44 30.37 18.16 35.10
N ASN I 45 30.86 17.48 34.06
CA ASN I 45 32.03 17.90 33.27
C ASN I 45 33.29 18.06 34.13
N GLY I 46 33.40 17.27 35.18
CA GLY I 46 34.58 17.32 36.02
C GLY I 46 34.59 18.42 37.06
N ILE I 47 33.43 18.80 37.57
CA ILE I 47 33.34 19.79 38.64
C ILE I 47 32.40 19.22 39.69
N ALA I 48 32.90 19.05 40.91
CA ALA I 48 32.21 18.29 41.94
C ALA I 48 30.95 19.01 42.41
N PRO I 49 29.92 18.26 42.82
CA PRO I 49 28.73 18.88 43.41
C PRO I 49 29.01 19.30 44.84
N LEU I 50 28.06 20.05 45.40
CA LEU I 50 28.17 20.55 46.76
C LEU I 50 27.10 19.86 47.59
N GLN I 51 27.52 18.96 48.47
CA GLN I 51 26.60 18.24 49.33
C GLN I 51 26.45 19.00 50.64
N LEU I 52 25.22 19.45 50.93
CA LEU I 52 24.97 20.12 52.20
C LEU I 52 24.95 19.15 53.36
N GLY I 53 24.66 17.88 53.11
CA GLY I 53 24.53 16.93 54.19
C GLY I 53 23.27 17.14 54.99
N LYS I 54 23.40 17.45 56.28
CA LYS I 54 22.26 17.69 57.14
C LYS I 54 21.90 19.17 57.24
N CYS I 55 22.33 19.98 56.29
CA CYS I 55 22.16 21.43 56.37
C CYS I 55 21.19 21.94 55.32
N ASN I 56 20.46 22.97 55.68
CA ASN I 56 19.59 23.70 54.77
C ASN I 56 20.38 24.81 54.09
N VAL I 57 19.85 25.31 52.99
CA VAL I 57 20.49 26.41 52.26
C VAL I 57 20.48 27.68 53.11
N ALA I 58 19.39 27.88 53.87
CA ALA I 58 19.30 29.04 54.76
C ALA I 58 20.34 28.97 55.87
N GLY I 59 20.46 27.81 56.52
CA GLY I 59 21.48 27.63 57.53
C GLY I 59 22.89 27.64 56.99
N TRP I 60 23.05 27.31 55.71
CA TRP I 60 24.36 27.38 55.10
C TRP I 60 24.77 28.82 54.83
N LEU I 61 23.84 29.63 54.32
CA LEU I 61 24.18 31.02 54.03
C LEU I 61 24.28 31.86 55.29
N LEU I 62 23.44 31.57 56.29
CA LEU I 62 23.55 32.28 57.55
C LEU I 62 24.75 31.82 58.35
N GLY I 63 25.24 30.61 58.09
CA GLY I 63 26.33 30.08 58.88
C GLY I 63 25.84 29.52 60.20
N ASN I 64 24.94 28.55 60.11
CA ASN I 64 24.52 27.75 61.26
C ASN I 64 25.76 27.08 61.83
N PRO I 65 26.07 27.28 63.12
CA PRO I 65 27.34 26.74 63.65
C PRO I 65 27.44 25.23 63.66
N GLU I 66 26.33 24.50 63.62
CA GLU I 66 26.42 23.06 63.40
C GLU I 66 26.63 22.70 61.94
N CYS I 67 26.51 23.67 61.03
CA CYS I 67 26.96 23.50 59.65
C CYS I 67 28.39 24.03 59.49
N ASP I 68 29.28 23.54 60.35
CA ASP I 68 30.63 24.06 60.43
C ASP I 68 31.56 23.49 59.37
N LEU I 69 31.19 22.34 58.77
CA LEU I 69 32.12 21.61 57.93
C LEU I 69 32.34 22.32 56.60
N LEU I 70 31.26 22.69 55.94
CA LEU I 70 31.33 23.26 54.60
C LEU I 70 31.43 24.79 54.67
N LEU I 71 32.43 25.28 55.40
CA LEU I 71 32.62 26.72 55.53
C LEU I 71 33.52 27.28 54.44
N THR I 72 34.30 26.45 53.78
CA THR I 72 35.33 26.92 52.86
C THR I 72 34.99 26.69 51.40
N ALA I 73 33.82 26.13 51.09
CA ALA I 73 33.46 25.86 49.71
C ALA I 73 33.15 27.16 48.96
N ASN I 74 33.46 27.18 47.68
CA ASN I 74 33.12 28.33 46.85
C ASN I 74 32.56 27.99 45.48
N SER I 75 32.61 26.75 45.03
CA SER I 75 32.21 26.42 43.67
C SER I 75 31.62 25.01 43.64
N TRP I 76 30.78 24.77 42.65
CA TRP I 76 30.08 23.49 42.54
C TRP I 76 29.60 23.29 41.12
N SER I 77 28.85 22.22 40.92
CA SER I 77 28.01 21.99 39.75
C SER I 77 26.53 22.08 40.07
N TYR I 78 26.15 21.56 41.24
CA TYR I 78 24.77 21.60 41.73
C TYR I 78 24.81 21.29 43.22
N ILE I 79 23.71 21.56 43.90
CA ILE I 79 23.65 21.47 45.36
C ILE I 79 22.74 20.32 45.75
N ILE I 80 23.23 19.46 46.64
CA ILE I 80 22.49 18.29 47.08
C ILE I 80 21.98 18.53 48.50
N GLU I 81 20.66 18.59 48.65
CA GLU I 81 20.03 18.45 49.96
C GLU I 81 19.72 16.99 50.21
N THR I 82 19.51 16.65 51.47
CA THR I 82 19.16 15.30 51.86
C THR I 82 17.80 15.30 52.55
N SER I 83 17.39 14.13 53.03
CA SER I 83 16.16 14.01 53.81
C SER I 83 16.36 14.38 55.27
N ASN I 84 17.59 14.69 55.68
CA ASN I 84 17.88 15.13 57.03
C ASN I 84 18.44 16.55 57.06
N SER I 85 18.16 17.33 56.01
CA SER I 85 18.66 18.70 55.91
C SER I 85 17.73 19.63 56.66
N GLU I 86 17.77 19.52 57.99
CA GLU I 86 16.87 20.28 58.85
C GLU I 86 17.56 21.38 59.63
N ASN I 87 18.89 21.47 59.58
CA ASN I 87 19.61 22.50 60.32
C ASN I 87 19.68 23.77 59.48
N GLY I 88 18.60 24.55 59.56
CA GLY I 88 18.55 25.85 58.94
C GLY I 88 18.74 26.96 59.95
N THR I 89 17.65 27.60 60.35
CA THR I 89 17.69 28.69 61.29
C THR I 89 17.55 28.16 62.71
N CYS I 90 18.60 28.32 63.52
CA CYS I 90 18.54 27.89 64.91
C CYS I 90 17.64 28.79 65.74
N TYR I 91 17.85 30.09 65.65
CA TYR I 91 16.91 31.00 66.30
C TYR I 91 15.63 31.09 65.46
N PRO I 92 14.46 31.05 66.09
CA PRO I 92 13.22 31.00 65.30
C PRO I 92 12.86 32.34 64.68
N GLY I 93 12.23 32.26 63.51
CA GLY I 93 11.84 33.46 62.79
C GLY I 93 11.30 33.14 61.41
N GLU I 94 11.49 34.07 60.47
CA GLU I 94 11.02 33.86 59.10
C GLU I 94 12.00 34.49 58.13
N PHE I 95 12.71 33.65 57.38
CA PHE I 95 13.56 34.11 56.29
C PHE I 95 12.66 34.50 55.13
N ILE I 96 12.41 35.80 54.97
CA ILE I 96 11.46 36.28 53.97
C ILE I 96 12.06 36.12 52.58
N ASP I 97 11.24 35.62 51.64
CA ASP I 97 11.58 35.41 50.23
C ASP I 97 12.69 34.37 50.08
N TYR I 98 12.46 33.23 50.73
CA TYR I 98 13.38 32.11 50.62
C TYR I 98 13.33 31.50 49.23
N GLU I 99 12.14 31.45 48.62
CA GLU I 99 11.96 30.79 47.33
C GLU I 99 12.62 31.58 46.21
N GLU I 100 12.43 32.90 46.20
CA GLU I 100 13.08 33.73 45.20
C GLU I 100 14.59 33.75 45.38
N LEU I 101 15.06 33.61 46.62
CA LEU I 101 16.49 33.52 46.85
C LEU I 101 17.03 32.21 46.31
N ARG I 102 16.25 31.13 46.40
CA ARG I 102 16.67 29.87 45.81
C ARG I 102 16.67 29.95 44.28
N GLU I 103 15.75 30.71 43.71
CA GLU I 103 15.72 30.82 42.25
C GLU I 103 16.84 31.70 41.73
N GLN I 104 17.21 32.74 42.47
CA GLN I 104 18.41 33.51 42.11
C GLN I 104 19.66 32.68 42.34
N LEU I 105 19.62 31.75 43.28
CA LEU I 105 20.79 30.94 43.60
C LEU I 105 21.09 29.92 42.52
N SER I 106 20.08 29.49 41.78
CA SER I 106 20.23 28.37 40.85
C SER I 106 20.83 28.76 39.51
N SER I 107 21.37 29.97 39.37
CA SER I 107 22.07 30.35 38.16
C SER I 107 23.49 30.84 38.45
N VAL I 108 23.92 30.78 39.71
CA VAL I 108 25.26 31.21 40.10
C VAL I 108 26.13 29.98 40.24
N SER I 109 27.23 29.94 39.50
CA SER I 109 28.14 28.81 39.60
C SER I 109 28.99 28.90 40.86
N SER I 110 29.70 30.00 41.04
CA SER I 110 30.66 30.12 42.12
C SER I 110 30.57 31.51 42.73
N PHE I 111 31.16 31.65 43.92
CA PHE I 111 31.18 32.92 44.61
C PHE I 111 32.55 33.15 45.23
N GLU I 112 32.66 34.27 45.96
CA GLU I 112 33.81 34.55 46.82
C GLU I 112 33.26 35.18 48.09
N LYS I 113 33.54 34.54 49.24
CA LYS I 113 33.10 35.07 50.53
C LYS I 113 34.14 36.05 51.04
N PHE I 114 33.72 37.27 51.32
CA PHE I 114 34.61 38.25 51.91
C PHE I 114 33.89 38.97 53.04
N GLU I 115 34.59 39.91 53.66
CA GLU I 115 34.11 40.55 54.87
C GLU I 115 33.83 42.01 54.56
N ILE I 116 32.57 42.44 54.74
CA ILE I 116 32.26 43.85 54.60
C ILE I 116 32.69 44.62 55.84
N PHE I 117 32.16 44.24 57.00
CA PHE I 117 32.48 44.99 58.21
C PHE I 117 33.29 44.12 59.16
N PRO I 118 34.54 44.48 59.44
CA PRO I 118 35.31 43.75 60.46
C PRO I 118 34.73 43.97 61.84
N LYS I 119 34.79 42.91 62.64
CA LYS I 119 34.17 42.91 63.97
C LYS I 119 34.87 43.87 64.93
N ALA I 120 36.18 44.06 64.77
CA ALA I 120 36.91 44.91 65.70
C ALA I 120 36.78 46.39 65.36
N SER I 121 36.82 46.73 64.06
CA SER I 121 37.00 48.12 63.66
C SER I 121 35.70 48.85 63.40
N SER I 122 34.72 48.21 62.78
CA SER I 122 33.55 48.90 62.26
C SER I 122 32.55 49.31 63.34
N TRP I 123 32.76 48.94 64.59
CA TRP I 123 31.79 49.19 65.65
C TRP I 123 32.49 49.66 66.91
N PRO I 124 32.86 50.95 66.97
CA PRO I 124 33.60 51.43 68.14
C PRO I 124 32.74 51.73 69.35
N ASN I 125 31.48 52.10 69.13
CA ASN I 125 30.66 52.66 70.20
C ASN I 125 29.74 51.65 70.86
N HIS I 126 29.45 50.54 70.20
CA HIS I 126 28.51 49.55 70.70
C HIS I 126 29.28 48.37 71.28
N GLU I 127 28.55 47.32 71.64
CA GLU I 127 29.13 46.10 72.19
C GLU I 127 29.09 45.02 71.12
N THR I 128 30.26 44.54 70.72
CA THR I 128 30.33 43.52 69.68
C THR I 128 29.96 42.14 70.22
N THR I 129 30.60 41.73 71.31
CA THR I 129 30.31 40.44 71.92
C THR I 129 29.08 40.56 72.82
N LYS I 130 28.86 39.53 73.66
CA LYS I 130 27.63 39.33 74.46
C LYS I 130 26.40 39.32 73.57
N GLY I 131 26.53 38.70 72.40
CA GLY I 131 25.46 38.64 71.42
C GLY I 131 25.02 37.22 71.17
N VAL I 132 24.85 36.47 72.25
CA VAL I 132 24.85 35.02 72.18
C VAL I 132 23.67 34.46 72.99
N THR I 133 23.01 33.46 72.43
CA THR I 133 21.87 32.80 73.08
C THR I 133 22.10 31.30 73.12
N ALA I 134 21.30 30.63 73.95
CA ALA I 134 21.39 29.19 74.13
C ALA I 134 20.59 28.41 73.10
N ALA I 135 19.67 29.05 72.39
CA ALA I 135 18.94 28.35 71.34
C ALA I 135 19.80 28.07 70.12
N CYS I 136 20.87 28.83 69.93
CA CYS I 136 21.86 28.53 68.92
C CYS I 136 23.09 28.06 69.69
N SER I 137 23.09 26.77 70.01
CA SER I 137 24.09 26.19 70.89
C SER I 137 25.07 25.35 70.07
N TYR I 138 26.35 25.48 70.40
CA TYR I 138 27.40 24.75 69.70
C TYR I 138 28.32 24.10 70.71
N SER I 139 28.53 22.79 70.54
CA SER I 139 29.41 21.96 71.38
C SER I 139 29.02 22.03 72.86
N GLY I 140 27.72 22.13 73.12
CA GLY I 140 27.21 22.30 74.47
C GLY I 140 27.16 23.75 74.93
N ALA I 141 28.13 24.55 74.53
CA ALA I 141 28.16 25.97 74.86
C ALA I 141 27.20 26.73 73.95
N SER I 142 27.04 28.01 74.23
CA SER I 142 26.17 28.88 73.45
C SER I 142 26.99 29.63 72.39
N SER I 143 26.38 29.85 71.23
CA SER I 143 27.09 30.46 70.11
C SER I 143 26.10 31.25 69.28
N PHE I 144 26.50 31.61 68.06
CA PHE I 144 25.70 32.43 67.16
C PHE I 144 26.16 32.13 65.74
N TYR I 145 25.41 32.66 64.76
CA TYR I 145 25.72 32.50 63.35
C TYR I 145 27.09 33.07 63.01
N ARG I 146 27.69 32.53 61.95
CA ARG I 146 29.06 32.86 61.57
C ARG I 146 29.13 33.87 60.44
N ASN I 147 28.02 34.52 60.10
CA ASN I 147 28.02 35.53 59.06
C ASN I 147 27.31 36.81 59.46
N LEU I 148 26.65 36.83 60.61
CA LEU I 148 25.94 37.99 61.11
C LEU I 148 26.58 38.46 62.41
N LEU I 149 25.94 39.43 63.06
CA LEU I 149 26.46 39.97 64.32
C LEU I 149 25.33 40.58 65.11
N TRP I 150 25.03 40.01 66.27
CA TRP I 150 24.19 40.69 67.23
C TRP I 150 24.96 41.87 67.80
N ILE I 151 24.25 42.98 68.06
CA ILE I 151 24.88 44.21 68.54
C ILE I 151 24.06 44.73 69.71
N THR I 152 24.71 44.94 70.85
CA THR I 152 24.11 45.55 72.02
C THR I 152 24.96 46.78 72.39
N LYS I 153 24.59 47.48 73.46
CA LYS I 153 25.21 48.74 73.84
C LYS I 153 26.48 48.52 74.65
N LYS I 154 27.38 49.48 74.57
CA LYS I 154 28.53 49.56 75.46
C LYS I 154 28.14 50.45 76.65
N GLY I 155 27.44 49.84 77.62
CA GLY I 155 27.17 50.50 78.88
C GLY I 155 25.90 51.33 78.96
N THR I 156 24.76 50.72 78.60
CA THR I 156 23.40 51.29 78.75
C THR I 156 23.22 52.62 78.03
N SER I 157 24.01 52.85 76.97
CA SER I 157 23.91 54.07 76.19
C SER I 157 24.02 53.69 74.72
N TYR I 158 22.97 53.99 73.96
CA TYR I 158 22.88 53.57 72.57
C TYR I 158 23.03 54.79 71.67
N PRO I 159 24.17 54.98 71.03
CA PRO I 159 24.24 56.00 69.99
C PRO I 159 23.51 55.55 68.74
N LYS I 160 22.81 56.48 68.11
CA LYS I 160 22.19 56.22 66.82
C LYS I 160 23.27 56.01 65.78
N LEU I 161 23.18 54.91 65.02
CA LEU I 161 24.28 54.50 64.18
C LEU I 161 23.93 54.67 62.70
N SER I 162 24.97 54.93 61.91
CA SER I 162 24.85 55.05 60.46
C SER I 162 26.17 54.63 59.84
N LYS I 163 26.10 53.79 58.81
CA LYS I 163 27.30 53.22 58.22
C LYS I 163 27.02 52.86 56.77
N SER I 164 27.96 53.17 55.88
CA SER I 164 27.81 52.95 54.46
C SER I 164 28.81 51.91 53.97
N TYR I 165 28.63 51.50 52.71
CA TYR I 165 29.53 50.57 52.06
C TYR I 165 29.36 50.69 50.55
N THR I 166 30.47 50.70 49.83
CA THR I 166 30.51 50.67 48.38
C THR I 166 31.12 49.35 47.94
N ASN I 167 30.85 48.96 46.70
CA ASN I 167 31.54 47.81 46.13
C ASN I 167 32.44 48.23 44.98
N ASN I 168 33.41 47.38 44.68
CA ASN I 168 34.29 47.59 43.54
C ASN I 168 34.59 46.31 42.79
N LYS I 169 33.98 45.19 43.15
CA LYS I 169 34.38 43.87 42.69
C LYS I 169 34.00 43.58 41.25
N GLY I 170 33.27 44.47 40.59
CA GLY I 170 32.85 44.25 39.22
C GLY I 170 31.69 43.28 39.04
N LYS I 171 31.26 42.61 40.11
CA LYS I 171 30.18 41.64 40.06
C LYS I 171 29.15 42.02 41.12
N GLU I 172 28.06 41.27 41.16
CA GLU I 172 26.99 41.58 42.10
C GLU I 172 27.32 41.06 43.49
N VAL I 173 26.80 41.75 44.50
CA VAL I 173 27.07 41.43 45.90
C VAL I 173 25.74 41.13 46.59
N LEU I 174 25.69 40.01 47.30
CA LEU I 174 24.48 39.52 47.95
C LEU I 174 24.62 39.75 49.45
N VAL I 175 23.83 40.67 49.99
CA VAL I 175 24.01 41.18 51.35
C VAL I 175 22.82 40.73 52.19
N LEU I 176 23.10 40.25 53.40
CA LEU I 176 22.08 39.79 54.33
C LEU I 176 22.04 40.69 55.56
N TRP I 177 20.90 40.69 56.24
CA TRP I 177 20.79 41.27 57.58
C TRP I 177 19.56 40.69 58.25
N GLY I 178 19.33 41.13 59.49
CA GLY I 178 18.20 40.65 60.24
C GLY I 178 17.65 41.74 61.15
N VAL I 179 16.38 41.58 61.51
CA VAL I 179 15.71 42.49 62.43
C VAL I 179 15.14 41.66 63.57
N HIS I 180 15.64 41.89 64.77
CA HIS I 180 15.15 41.22 65.97
C HIS I 180 13.99 42.00 66.56
N HIS I 181 13.04 41.27 67.16
CA HIS I 181 12.18 41.94 68.11
C HIS I 181 11.90 41.02 69.31
N PRO I 182 12.02 41.54 70.52
CA PRO I 182 11.70 40.77 71.72
C PRO I 182 10.21 40.77 71.98
N PRO I 183 9.69 39.83 72.77
CA PRO I 183 8.23 39.74 72.93
C PRO I 183 7.68 40.61 74.04
N SER I 184 8.54 41.17 74.88
CA SER I 184 8.11 41.93 76.05
C SER I 184 8.71 43.31 76.03
N VAL I 185 8.06 44.22 76.77
CA VAL I 185 8.49 45.61 76.82
C VAL I 185 9.80 45.74 77.60
N SER I 186 9.92 45.02 78.71
CA SER I 186 11.08 45.17 79.57
C SER I 186 12.35 44.61 78.92
N GLU I 187 12.22 43.60 78.06
CA GLU I 187 13.39 43.09 77.36
C GLU I 187 13.90 44.09 76.32
N GLN I 188 12.98 44.77 75.63
CA GLN I 188 13.35 45.85 74.73
C GLN I 188 13.97 47.02 75.50
N GLN I 189 13.49 47.26 76.73
CA GLN I 189 14.09 48.28 77.57
C GLN I 189 15.49 47.86 78.02
N SER I 190 15.67 46.58 78.32
CA SER I 190 16.94 46.10 78.84
C SER I 190 18.02 46.07 77.77
N LEU I 191 17.66 45.66 76.56
CA LEU I 191 18.69 45.45 75.54
C LEU I 191 19.09 46.73 74.84
N TYR I 192 18.20 47.74 74.74
CA TYR I 192 18.51 48.88 73.90
C TYR I 192 18.17 50.25 74.48
N GLN I 193 17.57 50.33 75.68
CA GLN I 193 17.26 51.56 76.40
C GLN I 193 16.37 52.54 75.63
N ASN I 194 15.65 52.07 74.62
CA ASN I 194 14.82 52.94 73.78
C ASN I 194 13.51 52.22 73.53
N ALA I 195 12.41 52.78 74.05
CA ALA I 195 11.10 52.17 73.85
C ALA I 195 10.66 52.25 72.40
N ASP I 196 11.02 53.33 71.70
CA ASP I 196 10.80 53.43 70.27
C ASP I 196 12.13 53.17 69.57
N ALA I 197 12.03 52.59 68.37
CA ALA I 197 13.21 52.20 67.61
C ALA I 197 12.84 52.02 66.16
N TYR I 198 13.86 52.06 65.31
CA TYR I 198 13.71 51.73 63.90
C TYR I 198 15.09 51.43 63.33
N VAL I 199 15.11 50.63 62.26
CA VAL I 199 16.30 50.52 61.42
C VAL I 199 15.89 50.94 60.02
N SER I 200 16.88 51.17 59.17
CA SER I 200 16.59 51.59 57.81
C SER I 200 17.74 51.20 56.89
N VAL I 201 17.38 50.67 55.74
CA VAL I 201 18.34 50.24 54.72
C VAL I 201 18.07 51.02 53.45
N GLY I 202 19.10 51.65 52.92
CA GLY I 202 18.96 52.48 51.73
C GLY I 202 19.98 52.15 50.67
N SER I 203 19.53 52.16 49.42
CA SER I 203 20.39 52.03 48.26
C SER I 203 19.71 52.78 47.12
N SER I 204 20.11 52.49 45.89
CA SER I 204 19.42 53.09 44.75
C SER I 204 18.04 52.46 44.54
N LYS I 205 18.00 51.15 44.35
CA LYS I 205 16.74 50.48 44.04
C LYS I 205 16.05 49.89 45.26
N TYR I 206 16.75 49.76 46.39
CA TYR I 206 16.14 49.24 47.61
C TYR I 206 16.10 50.34 48.66
N ASN I 207 14.98 50.44 49.36
CA ASN I 207 14.76 51.48 50.35
C ASN I 207 13.66 51.02 51.28
N ARG I 208 13.98 50.75 52.54
CA ARG I 208 12.94 50.36 53.47
C ARG I 208 13.32 50.69 54.91
N ARG I 209 12.35 51.25 55.62
CA ARG I 209 12.39 51.43 57.07
C ARG I 209 11.74 50.23 57.73
N PHE I 210 12.31 49.77 58.84
CA PHE I 210 11.71 48.74 59.66
C PHE I 210 11.46 49.28 61.06
N ALA I 211 10.36 48.86 61.66
CA ALA I 211 10.06 49.12 63.06
C ALA I 211 9.83 47.80 63.78
N PRO I 212 10.22 47.69 65.05
CA PRO I 212 9.92 46.47 65.80
C PRO I 212 8.48 46.45 66.27
N GLU I 213 8.05 45.26 66.68
CA GLU I 213 6.77 45.10 67.35
C GLU I 213 6.98 44.25 68.58
N ILE I 214 6.13 44.46 69.59
CA ILE I 214 6.22 43.75 70.86
C ILE I 214 4.88 43.07 71.11
N ALA I 215 4.88 41.75 71.20
CA ALA I 215 3.67 40.99 71.44
C ALA I 215 4.01 39.67 72.09
N ALA I 216 3.08 39.15 72.88
CA ALA I 216 3.26 37.88 73.54
C ALA I 216 2.88 36.74 72.61
N ARG I 217 3.63 35.65 72.69
CA ARG I 217 3.53 34.56 71.73
C ARG I 217 4.15 33.32 72.36
N PRO I 218 3.71 32.11 71.98
CA PRO I 218 4.24 30.91 72.63
C PRO I 218 5.68 30.64 72.26
N LYS I 219 6.38 29.96 73.17
CA LYS I 219 7.81 29.72 73.02
C LYS I 219 8.09 28.62 72.00
N VAL I 220 9.14 28.83 71.22
CA VAL I 220 9.69 27.80 70.34
C VAL I 220 11.17 27.72 70.64
N ARG I 221 11.66 26.50 70.89
CA ARG I 221 13.05 26.21 71.29
C ARG I 221 13.45 27.00 72.54
N GLY I 222 12.50 27.16 73.45
CA GLY I 222 12.73 27.93 74.65
C GLY I 222 12.90 29.42 74.44
N GLN I 223 12.43 29.94 73.32
CA GLN I 223 12.56 31.36 73.02
C GLN I 223 11.21 31.93 72.64
N ALA I 224 10.92 33.11 73.16
CA ALA I 224 9.67 33.80 72.87
C ALA I 224 9.84 35.00 71.95
N GLY I 225 11.08 35.42 71.68
CA GLY I 225 11.31 36.48 70.71
C GLY I 225 11.32 35.97 69.30
N ARG I 226 11.42 36.90 68.36
CA ARG I 226 11.46 36.55 66.94
C ARG I 226 12.51 37.39 66.24
N MET I 227 12.79 36.99 65.00
CA MET I 227 13.82 37.68 64.20
C MET I 227 13.53 37.40 62.73
N ASN I 228 13.37 38.45 61.95
CA ASN I 228 13.17 38.33 60.51
C ASN I 228 14.51 38.52 59.80
N TYR I 229 14.60 38.01 58.57
CA TYR I 229 15.85 37.99 57.83
C TYR I 229 15.61 38.55 56.43
N TYR I 230 16.60 39.27 55.92
CA TYR I 230 16.43 39.99 54.66
C TYR I 230 17.69 39.92 53.83
N TRP I 231 17.52 39.94 52.52
CA TRP I 231 18.63 39.88 51.58
C TRP I 231 18.40 40.83 50.43
N THR I 232 19.49 41.34 49.87
CA THR I 232 19.40 42.24 48.72
C THR I 232 20.65 42.06 47.86
N LEU I 233 20.45 41.91 46.56
CA LEU I 233 21.54 41.94 45.60
C LEU I 233 21.96 43.37 45.33
N LEU I 234 23.27 43.63 45.37
CA LEU I 234 23.80 44.91 44.96
C LEU I 234 24.30 44.84 43.53
N ASP I 235 24.46 46.00 42.92
CA ASP I 235 25.11 46.11 41.63
C ASP I 235 26.53 46.61 41.83
N GLN I 236 27.35 46.47 40.78
CA GLN I 236 28.67 47.08 40.78
C GLN I 236 28.52 48.60 40.79
N GLY I 237 29.42 49.28 41.49
CA GLY I 237 29.20 50.70 41.65
C GLY I 237 28.45 51.02 42.91
N ASP I 238 27.12 51.06 42.76
CA ASP I 238 26.16 51.58 43.73
C ASP I 238 26.38 51.08 45.17
N THR I 239 26.12 51.97 46.11
CA THR I 239 26.46 51.80 47.51
C THR I 239 25.27 51.23 48.27
N ILE I 240 25.40 51.17 49.60
CA ILE I 240 24.30 50.82 50.49
C ILE I 240 24.61 51.45 51.85
N THR I 241 23.56 51.89 52.55
CA THR I 241 23.69 52.49 53.87
C THR I 241 22.76 51.81 54.84
N PHE I 242 23.30 51.37 55.96
CA PHE I 242 22.51 50.97 57.12
C PHE I 242 22.44 52.14 58.08
N GLU I 243 21.29 52.29 58.73
CA GLU I 243 21.08 53.42 59.64
C GLU I 243 20.06 52.98 60.67
N ALA I 244 20.52 52.73 61.90
CA ALA I 244 19.73 51.98 62.86
C ALA I 244 19.63 52.68 64.20
N THR I 245 18.50 52.46 64.87
CA THR I 245 18.23 52.99 66.19
C THR I 245 17.84 51.95 67.22
N GLY I 246 17.43 50.74 66.84
CA GLY I 246 17.30 49.75 67.90
C GLY I 246 17.52 48.26 67.70
N ASN I 247 17.56 47.73 66.47
CA ASN I 247 17.48 46.27 66.38
C ASN I 247 18.29 45.65 65.25
N LEU I 248 19.35 46.29 64.78
CA LEU I 248 20.04 45.83 63.58
C LEU I 248 20.88 44.60 63.85
N ILE I 249 20.75 43.61 62.98
CA ILE I 249 21.70 42.51 62.90
C ILE I 249 22.61 42.84 61.73
N ALA I 250 23.82 43.25 62.02
CA ALA I 250 24.69 43.72 60.96
C ALA I 250 25.30 42.54 60.20
N PRO I 251 25.51 42.70 58.90
CA PRO I 251 26.25 41.67 58.15
C PRO I 251 27.71 41.65 58.53
N TRP I 252 28.24 40.44 58.69
CA TRP I 252 29.65 40.26 59.01
C TRP I 252 30.44 39.62 57.86
N TYR I 253 29.79 38.83 57.02
CA TYR I 253 30.37 38.45 55.74
C TYR I 253 29.35 38.68 54.64
N ALA I 254 29.82 38.63 53.40
CA ALA I 254 28.95 38.67 52.23
C ALA I 254 29.64 37.95 51.08
N PHE I 255 28.98 37.92 49.93
CA PHE I 255 29.38 37.07 48.84
C PHE I 255 29.41 37.85 47.53
N ALA I 256 30.37 37.53 46.68
CA ALA I 256 30.46 38.10 45.34
C ALA I 256 30.20 36.98 44.35
N LEU I 257 29.16 37.12 43.54
CA LEU I 257 28.64 36.02 42.74
C LEU I 257 29.19 36.03 41.33
N ASN I 258 29.47 34.84 40.79
CA ASN I 258 29.84 34.66 39.40
C ASN I 258 28.59 34.32 38.59
N LYS I 259 28.79 33.92 37.34
CA LYS I 259 27.69 33.41 36.53
C LYS I 259 28.03 32.03 36.00
N GLY I 260 27.21 31.52 35.10
CA GLY I 260 27.27 30.13 34.70
C GLY I 260 26.02 29.43 35.18
N SER I 261 25.07 29.27 34.27
CA SER I 261 23.70 28.97 34.65
C SER I 261 23.45 27.46 34.64
N ASP I 262 22.16 27.09 34.73
CA ASP I 262 21.65 25.73 34.64
C ASP I 262 22.22 24.83 35.74
N SER I 263 21.90 25.20 36.98
CA SER I 263 22.13 24.39 38.16
C SER I 263 20.88 24.42 39.01
N GLY I 264 20.87 23.65 40.09
CA GLY I 264 19.68 23.60 40.92
C GLY I 264 19.88 22.79 42.17
N ILE I 265 18.77 22.34 42.74
CA ILE I 265 18.74 21.61 44.00
C ILE I 265 18.20 20.21 43.73
N ILE I 266 18.84 19.21 44.31
CA ILE I 266 18.37 17.83 44.24
C ILE I 266 18.22 17.32 45.66
N THR I 267 17.04 16.82 45.99
CA THR I 267 16.79 16.14 47.26
C THR I 267 16.86 14.63 47.00
N SER I 268 17.95 14.01 47.42
CA SER I 268 18.12 12.57 47.26
C SER I 268 19.05 12.06 48.35
N ASP I 269 19.25 10.75 48.37
CA ASP I 269 20.06 10.10 49.39
C ASP I 269 21.11 9.17 48.79
N ALA I 270 21.38 9.32 47.49
CA ALA I 270 22.41 8.50 46.85
C ALA I 270 23.79 8.98 47.29
N PRO I 271 24.77 8.08 47.35
CA PRO I 271 26.14 8.49 47.73
C PRO I 271 26.82 9.26 46.62
N VAL I 272 27.98 9.82 46.96
CA VAL I 272 28.75 10.69 46.08
C VAL I 272 30.02 9.94 45.67
N HIS I 273 30.24 9.86 44.36
CA HIS I 273 31.48 9.30 43.83
C HIS I 273 32.01 10.23 42.74
N ASN I 274 33.06 9.83 42.05
CA ASN I 274 33.83 10.76 41.24
C ASN I 274 34.07 10.24 39.83
N CYS I 275 33.02 9.77 39.17
CA CYS I 275 33.11 9.58 37.73
C CYS I 275 32.72 10.90 37.06
N ASP I 276 32.51 10.89 35.75
CA ASP I 276 32.14 12.11 35.05
C ASP I 276 31.12 11.75 33.97
N THR I 277 29.92 12.29 34.10
CA THR I 277 28.82 12.03 33.19
C THR I 277 28.36 13.32 32.53
N ARG I 278 27.31 13.22 31.72
CA ARG I 278 26.69 14.37 31.08
C ARG I 278 25.22 14.49 31.42
N CYS I 279 24.72 13.63 32.30
CA CYS I 279 23.32 13.64 32.70
C CYS I 279 23.25 13.23 34.15
N GLN I 280 22.36 13.87 34.92
CA GLN I 280 22.28 13.55 36.34
C GLN I 280 20.83 13.61 36.80
N THR I 281 20.41 12.56 37.49
CA THR I 281 19.08 12.40 38.07
C THR I 281 19.22 12.17 39.56
N PRO I 282 18.15 12.36 40.34
CA PRO I 282 18.21 11.99 41.76
C PRO I 282 18.36 10.50 42.03
N HIS I 283 18.07 9.63 41.07
CA HIS I 283 18.25 8.20 41.28
C HIS I 283 19.57 7.69 40.73
N GLY I 284 20.45 8.57 40.27
CA GLY I 284 21.72 8.16 39.72
C GLY I 284 22.01 8.89 38.43
N ALA I 285 23.07 8.46 37.75
CA ALA I 285 23.48 9.11 36.52
C ALA I 285 23.07 8.27 35.31
N LEU I 286 22.98 8.94 34.17
CA LEU I 286 22.60 8.30 32.92
C LEU I 286 23.72 8.43 31.91
N ASN I 287 23.94 7.36 31.15
CA ASN I 287 24.89 7.34 30.03
C ASN I 287 24.21 6.58 28.89
N SER I 288 23.65 7.33 27.94
CA SER I 288 23.01 6.72 26.79
C SER I 288 22.93 7.74 25.66
N SER I 289 22.45 7.28 24.51
CA SER I 289 22.18 8.15 23.37
C SER I 289 20.79 7.92 22.80
N LEU I 290 19.95 7.17 23.50
CA LEU I 290 18.58 6.97 23.07
C LEU I 290 17.79 8.26 23.26
N PRO I 291 16.76 8.50 22.46
CA PRO I 291 16.02 9.76 22.57
C PRO I 291 14.99 9.80 23.68
N PHE I 292 14.73 8.70 24.38
CA PHE I 292 13.71 8.69 25.41
C PHE I 292 14.29 8.18 26.72
N GLN I 293 13.49 8.29 27.78
CA GLN I 293 14.03 8.20 29.12
C GLN I 293 12.90 7.85 30.08
N ASN I 294 13.23 7.11 31.14
CA ASN I 294 12.22 6.50 31.98
C ASN I 294 12.45 6.69 33.49
N VAL I 295 13.63 7.12 33.91
CA VAL I 295 14.00 7.00 35.32
C VAL I 295 13.31 8.06 36.17
N HIS I 296 13.53 9.34 35.85
CA HIS I 296 13.02 10.39 36.73
C HIS I 296 12.84 11.67 35.92
N PRO I 297 11.80 12.46 36.18
CA PRO I 297 11.56 13.66 35.39
C PRO I 297 12.30 14.92 35.82
N ILE I 298 13.31 14.83 36.69
CA ILE I 298 14.10 15.99 37.08
C ILE I 298 15.54 15.71 36.67
N THR I 299 15.99 16.39 35.63
CA THR I 299 17.29 16.13 35.03
C THR I 299 18.17 17.36 35.09
N ILE I 300 19.47 17.14 35.20
CA ILE I 300 20.47 18.21 35.11
C ILE I 300 21.55 17.77 34.13
N GLY I 301 21.80 18.60 33.13
CA GLY I 301 22.80 18.33 32.12
C GLY I 301 22.21 18.36 30.73
N GLU I 302 22.43 17.30 29.96
CA GLU I 302 21.80 17.11 28.66
C GLU I 302 21.28 15.69 28.63
N CYS I 303 19.97 15.53 28.77
CA CYS I 303 19.38 14.24 29.03
C CYS I 303 18.26 13.96 28.05
N PRO I 304 17.99 12.68 27.76
CA PRO I 304 16.83 12.35 26.92
C PRO I 304 15.51 12.65 27.63
N LYS I 305 14.45 12.65 26.83
CA LYS I 305 13.17 13.19 27.27
C LYS I 305 12.42 12.17 28.12
N TYR I 306 11.90 12.62 29.25
CA TYR I 306 11.15 11.74 30.15
C TYR I 306 9.78 11.43 29.57
N VAL I 307 9.38 10.17 29.68
CA VAL I 307 8.06 9.73 29.27
C VAL I 307 7.46 8.86 30.38
N LYS I 308 6.29 8.31 30.09
CA LYS I 308 5.52 7.53 31.05
C LYS I 308 5.06 6.23 30.41
N SER I 309 6.00 5.52 29.81
CA SER I 309 5.71 4.25 29.14
C SER I 309 6.67 3.18 29.65
N THR I 310 6.54 1.97 29.10
CA THR I 310 7.36 0.85 29.51
C THR I 310 8.11 0.18 28.37
N LYS I 311 7.62 0.25 27.15
CA LYS I 311 8.17 -0.55 26.06
C LYS I 311 8.07 0.24 24.77
N LEU I 312 9.21 0.58 24.18
CA LEU I 312 9.27 1.32 22.93
C LEU I 312 10.18 0.60 21.94
N ARG I 313 9.96 -0.70 21.79
CA ARG I 313 10.72 -1.46 20.81
C ARG I 313 10.23 -1.13 19.42
N MET I 314 11.17 -0.93 18.50
CA MET I 314 10.87 -0.49 17.14
C MET I 314 11.46 -1.49 16.16
N ALA I 315 10.63 -1.95 15.22
CA ALA I 315 11.00 -3.06 14.36
C ALA I 315 11.80 -2.59 13.16
N THR I 316 12.97 -3.20 12.95
CA THR I 316 13.75 -3.01 11.73
C THR I 316 14.00 -4.40 11.17
N GLY I 317 13.02 -4.96 10.49
CA GLY I 317 13.16 -6.31 9.99
C GLY I 317 11.80 -6.94 9.72
N LEU I 318 11.80 -8.26 9.60
CA LEU I 318 10.71 -9.01 9.01
C LEU I 318 9.95 -9.79 10.08
N ARG I 319 8.79 -10.31 9.67
CA ARG I 319 8.04 -11.21 10.53
C ARG I 319 8.75 -12.55 10.60
N ASN I 320 9.21 -12.91 11.79
CA ASN I 320 9.96 -14.15 11.97
C ASN I 320 8.98 -15.31 11.90
N VAL I 321 8.74 -15.80 10.69
CA VAL I 321 7.85 -16.93 10.46
C VAL I 321 8.70 -18.15 10.14
N PRO I 322 8.83 -19.10 11.06
CA PRO I 322 9.64 -20.29 10.77
C PRO I 322 8.86 -21.28 9.91
N SER I 323 9.62 -22.09 9.19
CA SER I 323 9.05 -23.08 8.29
C SER I 323 8.78 -24.38 9.03
N ILE I 324 7.79 -25.12 8.54
CA ILE I 324 7.41 -26.40 9.15
C ILE I 324 7.79 -27.55 8.23
N ASP J 1 -20.72 -23.61 -15.02
CA ASP J 1 -20.65 -23.29 -13.60
C ASP J 1 -19.50 -22.36 -13.25
N THR J 2 -19.72 -21.45 -12.30
CA THR J 2 -18.68 -20.49 -11.93
C THR J 2 -18.72 -20.08 -10.46
N ILE J 3 -17.77 -19.22 -10.09
CA ILE J 3 -17.66 -18.72 -8.72
C ILE J 3 -17.19 -17.26 -8.72
N CYS J 4 -18.13 -16.32 -8.86
CA CYS J 4 -17.77 -14.91 -8.85
C CYS J 4 -17.43 -14.49 -7.43
N VAL J 5 -16.49 -13.55 -7.32
CA VAL J 5 -15.95 -13.12 -6.04
C VAL J 5 -16.39 -11.67 -5.80
N GLY J 6 -16.97 -11.40 -4.64
CA GLY J 6 -17.44 -10.07 -4.33
C GLY J 6 -17.43 -9.74 -2.85
N TYR J 7 -18.22 -8.76 -2.45
CA TYR J 7 -18.14 -8.24 -1.09
C TYR J 7 -19.49 -7.68 -0.66
N HIS J 8 -19.58 -7.36 0.62
CA HIS J 8 -20.84 -6.98 1.23
C HIS J 8 -21.27 -5.58 0.81
N ALA J 9 -22.58 -5.36 0.78
CA ALA J 9 -23.15 -4.05 0.55
C ALA J 9 -24.39 -3.91 1.43
N ASN J 10 -24.74 -2.67 1.74
CA ASN J 10 -25.75 -2.42 2.77
C ASN J 10 -26.52 -1.17 2.36
N ASN J 11 -27.48 -0.77 3.19
CA ASN J 11 -28.30 0.41 2.92
C ASN J 11 -27.99 1.56 3.85
N SER J 12 -26.93 1.49 4.63
CA SER J 12 -26.61 2.53 5.59
C SER J 12 -26.12 3.79 4.89
N THR J 13 -26.43 4.94 5.49
CA THR J 13 -26.19 6.23 4.87
C THR J 13 -25.18 7.08 5.62
N ASP J 14 -24.55 6.55 6.67
CA ASP J 14 -23.63 7.36 7.45
C ASP J 14 -22.34 7.63 6.70
N THR J 15 -21.81 8.83 6.90
CA THR J 15 -20.68 9.34 6.14
C THR J 15 -19.47 9.50 7.05
N VAL J 16 -18.30 9.20 6.50
CA VAL J 16 -17.04 9.35 7.19
C VAL J 16 -16.18 10.28 6.36
N ASP J 17 -15.56 11.26 7.02
CA ASP J 17 -14.61 12.12 6.35
C ASP J 17 -13.26 11.44 6.25
N THR J 18 -12.53 11.79 5.21
CA THR J 18 -11.22 11.22 4.95
C THR J 18 -10.36 12.33 4.35
N VAL J 19 -9.09 12.03 4.07
CA VAL J 19 -8.20 13.07 3.56
C VAL J 19 -8.52 13.39 2.11
N LEU J 20 -8.60 12.38 1.26
CA LEU J 20 -8.73 12.61 -0.17
C LEU J 20 -10.16 12.89 -0.62
N GLU J 21 -11.14 12.89 0.29
CA GLU J 21 -12.54 12.95 -0.11
C GLU J 21 -13.36 13.41 1.10
N LYS J 22 -14.49 14.05 0.82
CA LYS J 22 -15.48 14.31 1.85
C LYS J 22 -16.70 13.44 1.60
N ASN J 23 -17.35 13.04 2.70
CA ASN J 23 -18.60 12.29 2.73
C ASN J 23 -18.49 10.95 2.00
N VAL J 24 -17.70 10.05 2.59
CA VAL J 24 -17.61 8.68 2.11
C VAL J 24 -18.65 7.85 2.84
N THR J 25 -19.58 7.25 2.09
CA THR J 25 -20.62 6.44 2.68
C THR J 25 -20.01 5.11 3.14
N VAL J 26 -20.25 4.74 4.39
CA VAL J 26 -19.63 3.54 4.94
C VAL J 26 -20.73 2.56 5.31
N THR J 27 -20.35 1.29 5.43
CA THR J 27 -21.31 0.26 5.78
C THR J 27 -21.53 0.19 7.28
N HIS J 28 -20.45 0.13 8.05
CA HIS J 28 -20.51 0.16 9.50
C HIS J 28 -19.56 1.23 10.01
N SER J 29 -19.88 1.79 11.16
CA SER J 29 -19.05 2.84 11.75
C SER J 29 -19.22 2.83 13.26
N VAL J 30 -18.53 3.74 13.93
CA VAL J 30 -18.64 3.89 15.38
C VAL J 30 -18.34 5.35 15.73
N ASN J 31 -19.17 5.91 16.61
CA ASN J 31 -18.97 7.27 17.09
C ASN J 31 -17.95 7.27 18.21
N LEU J 32 -17.25 8.40 18.36
CA LEU J 32 -16.28 8.57 19.43
C LEU J 32 -16.41 9.93 20.07
N LEU J 33 -17.63 10.43 20.23
CA LEU J 33 -17.83 11.78 20.73
C LEU J 33 -19.18 11.85 21.41
N GLU J 34 -19.22 12.45 22.59
CA GLU J 34 -20.43 12.48 23.40
C GLU J 34 -21.09 13.85 23.34
N ASP J 35 -22.41 13.85 23.18
CA ASP J 35 -23.20 15.07 23.12
C ASP J 35 -24.37 15.10 24.09
N SER J 36 -24.83 13.96 24.58
CA SER J 36 -26.03 13.91 25.40
C SER J 36 -25.69 14.16 26.86
N HIS J 37 -26.59 14.84 27.55
CA HIS J 37 -26.45 15.13 28.97
C HIS J 37 -27.83 15.47 29.51
N ASN J 38 -28.04 15.16 30.79
CA ASN J 38 -29.26 15.59 31.44
C ASN J 38 -29.17 17.07 31.83
N GLY J 39 -30.25 17.60 32.37
CA GLY J 39 -30.23 18.94 32.90
C GLY J 39 -30.19 18.92 34.41
N LYS J 40 -29.71 17.81 34.96
CA LYS J 40 -29.77 17.56 36.39
C LYS J 40 -28.38 17.61 37.00
N LEU J 41 -28.33 17.76 38.32
CA LEU J 41 -27.09 17.78 39.08
C LEU J 41 -27.21 16.69 40.15
N CYS J 42 -26.52 15.58 39.94
CA CYS J 42 -26.59 14.45 40.85
C CYS J 42 -25.36 14.41 41.75
N SER J 43 -25.23 13.33 42.51
CA SER J 43 -24.21 13.20 43.53
C SER J 43 -23.01 12.42 43.00
N LEU J 44 -21.85 12.70 43.57
CA LEU J 44 -20.63 11.96 43.23
C LEU J 44 -20.51 10.77 44.17
N ASN J 45 -20.69 9.57 43.64
CA ASN J 45 -20.57 8.29 44.35
C ASN J 45 -21.52 8.20 45.54
N GLY J 46 -22.69 8.84 45.44
CA GLY J 46 -23.67 8.77 46.50
C GLY J 46 -23.43 9.71 47.66
N ILE J 47 -22.84 10.87 47.41
CA ILE J 47 -22.66 11.89 48.44
C ILE J 47 -23.12 13.22 47.85
N ALA J 48 -24.12 13.82 48.49
CA ALA J 48 -24.84 14.96 47.91
C ALA J 48 -23.94 16.19 47.82
N PRO J 49 -24.17 17.05 46.82
CA PRO J 49 -23.45 18.31 46.76
C PRO J 49 -24.03 19.32 47.75
N LEU J 50 -23.32 20.43 47.91
CA LEU J 50 -23.71 21.49 48.83
C LEU J 50 -24.09 22.70 48.00
N GLN J 51 -25.37 23.01 47.94
CA GLN J 51 -25.87 24.15 47.19
C GLN J 51 -25.93 25.36 48.11
N LEU J 52 -25.16 26.39 47.78
CA LEU J 52 -25.21 27.61 48.57
C LEU J 52 -26.47 28.42 48.31
N GLY J 53 -27.09 28.23 47.15
CA GLY J 53 -28.25 29.03 46.80
C GLY J 53 -27.88 30.46 46.47
N LYS J 54 -28.39 31.41 47.25
CA LYS J 54 -28.09 32.81 47.04
C LYS J 54 -26.93 33.31 47.89
N CYS J 55 -26.09 32.41 48.37
CA CYS J 55 -25.03 32.77 49.31
C CYS J 55 -23.66 32.61 48.70
N ASN J 56 -22.75 33.48 49.12
CA ASN J 56 -21.34 33.40 48.76
C ASN J 56 -20.62 32.53 49.77
N VAL J 57 -19.43 32.06 49.40
CA VAL J 57 -18.62 31.25 50.30
C VAL J 57 -18.15 32.08 51.49
N ALA J 58 -17.86 33.36 51.25
CA ALA J 58 -17.46 34.26 52.33
C ALA J 58 -18.60 34.47 53.33
N GLY J 59 -19.81 34.75 52.82
CA GLY J 59 -20.95 34.88 53.69
C GLY J 59 -21.37 33.59 54.36
N TRP J 60 -21.03 32.46 53.75
CA TRP J 60 -21.32 31.18 54.38
C TRP J 60 -20.37 30.91 55.53
N LEU J 61 -19.08 31.20 55.36
CA LEU J 61 -18.13 30.93 56.43
C LEU J 61 -18.25 31.96 57.55
N LEU J 62 -18.53 33.22 57.20
CA LEU J 62 -18.74 34.22 58.23
C LEU J 62 -20.08 34.03 58.93
N GLY J 63 -21.03 33.37 58.29
CA GLY J 63 -22.35 33.25 58.87
C GLY J 63 -23.17 34.50 58.65
N ASN J 64 -23.36 34.87 57.40
CA ASN J 64 -24.30 35.91 57.00
C ASN J 64 -25.67 35.50 57.50
N PRO J 65 -26.36 36.33 58.29
CA PRO J 65 -27.64 35.89 58.89
C PRO J 65 -28.75 35.64 57.89
N GLU J 66 -28.68 36.21 56.68
CA GLU J 66 -29.61 35.80 55.65
C GLU J 66 -29.23 34.49 54.98
N CYS J 67 -28.03 33.98 55.26
CA CYS J 67 -27.66 32.60 54.91
C CYS J 67 -27.92 31.66 56.09
N ASP J 68 -29.14 31.72 56.60
CA ASP J 68 -29.50 31.02 57.82
C ASP J 68 -29.82 29.55 57.59
N LEU J 69 -30.13 29.16 56.35
CA LEU J 69 -30.67 27.84 56.08
C LEU J 69 -29.60 26.75 56.22
N LEU J 70 -28.46 26.97 55.58
CA LEU J 70 -27.41 25.96 55.54
C LEU J 70 -26.43 26.14 56.70
N LEU J 71 -26.96 26.17 57.92
CA LEU J 71 -26.13 26.33 59.10
C LEU J 71 -25.62 25.00 59.64
N THR J 72 -26.25 23.90 59.28
CA THR J 72 -25.96 22.61 59.90
C THR J 72 -25.20 21.65 58.99
N ALA J 73 -24.84 22.07 57.78
CA ALA J 73 -24.15 21.18 56.86
C ALA J 73 -22.71 20.97 57.30
N ASN J 74 -22.19 19.78 57.04
CA ASN J 74 -20.79 19.50 57.34
C ASN J 74 -20.04 18.74 56.26
N SER J 75 -20.71 18.19 55.25
CA SER J 75 -20.04 17.34 54.26
C SER J 75 -20.71 17.50 52.91
N TRP J 76 -19.95 17.23 51.86
CA TRP J 76 -20.45 17.40 50.50
C TRP J 76 -19.61 16.58 49.54
N SER J 77 -19.89 16.75 48.26
CA SER J 77 -19.04 16.33 47.15
C SER J 77 -18.41 17.50 46.44
N TYR J 78 -19.16 18.58 46.27
CA TYR J 78 -18.72 19.82 45.64
C TYR J 78 -19.71 20.90 45.99
N ILE J 79 -19.33 22.16 45.76
CA ILE J 79 -20.09 23.30 46.21
C ILE J 79 -20.65 24.01 44.99
N ILE J 80 -21.96 24.30 45.00
CA ILE J 80 -22.64 24.96 43.90
C ILE J 80 -22.94 26.39 44.28
N GLU J 81 -22.33 27.33 43.57
CA GLU J 81 -22.77 28.72 43.57
C GLU J 81 -23.77 28.92 42.44
N THR J 82 -24.55 29.98 42.55
CA THR J 82 -25.52 30.34 41.52
C THR J 82 -25.20 31.70 40.96
N SER J 83 -26.05 32.18 40.06
CA SER J 83 -25.92 33.52 39.52
C SER J 83 -26.51 34.58 40.43
N ASN J 84 -27.12 34.18 41.54
CA ASN J 84 -27.65 35.11 42.53
C ASN J 84 -26.95 34.97 43.87
N SER J 85 -25.73 34.43 43.87
CA SER J 85 -24.98 34.22 45.10
C SER J 85 -24.23 35.50 45.47
N GLU J 86 -25.02 36.49 45.90
CA GLU J 86 -24.48 37.81 46.21
C GLU J 86 -24.46 38.13 47.69
N ASN J 87 -25.03 37.28 48.54
CA ASN J 87 -25.04 37.54 49.98
C ASN J 87 -23.76 37.00 50.60
N GLY J 88 -22.72 37.83 50.52
CA GLY J 88 -21.46 37.55 51.18
C GLY J 88 -21.31 38.36 52.44
N THR J 89 -20.51 39.43 52.37
CA THR J 89 -20.25 40.28 53.53
C THR J 89 -21.29 41.39 53.57
N CYS J 90 -22.10 41.40 54.63
CA CYS J 90 -23.09 42.46 54.80
C CYS J 90 -22.44 43.77 55.19
N TYR J 91 -21.58 43.74 56.20
CA TYR J 91 -20.82 44.94 56.51
C TYR J 91 -19.69 45.09 55.48
N PRO J 92 -19.45 46.29 54.97
CA PRO J 92 -18.47 46.45 53.89
C PRO J 92 -17.04 46.36 54.39
N GLY J 93 -16.17 45.84 53.52
CA GLY J 93 -14.77 45.66 53.86
C GLY J 93 -14.03 44.89 52.80
N GLU J 94 -12.99 44.16 53.22
CA GLU J 94 -12.20 43.37 52.28
C GLU J 94 -11.74 42.09 52.97
N PHE J 95 -12.29 40.96 52.54
CA PHE J 95 -11.84 39.65 52.97
C PHE J 95 -10.52 39.34 52.27
N ILE J 96 -9.42 39.54 52.97
CA ILE J 96 -8.10 39.42 52.37
C ILE J 96 -7.78 37.95 52.11
N ASP J 97 -7.25 37.66 50.92
CA ASP J 97 -6.84 36.33 50.45
C ASP J 97 -8.04 35.41 50.34
N TYR J 98 -9.07 35.89 49.64
CA TYR J 98 -10.25 35.10 49.37
C TYR J 98 -9.93 33.97 48.40
N GLU J 99 -9.07 34.23 47.41
CA GLU J 99 -8.78 33.26 46.38
C GLU J 99 -7.97 32.08 46.91
N GLU J 100 -6.96 32.36 47.72
CA GLU J 100 -6.18 31.29 48.33
C GLU J 100 -7.01 30.50 49.33
N LEU J 101 -7.98 31.16 49.98
CA LEU J 101 -8.87 30.43 50.86
C LEU J 101 -9.79 29.51 50.08
N ARG J 102 -10.20 29.93 48.88
CA ARG J 102 -10.98 29.04 48.02
C ARG J 102 -10.15 27.88 47.52
N GLU J 103 -8.86 28.09 47.28
CA GLU J 103 -8.02 27.00 46.81
C GLU J 103 -7.70 26.01 47.92
N GLN J 104 -7.53 26.50 49.15
CA GLN J 104 -7.41 25.58 50.28
C GLN J 104 -8.72 24.87 50.55
N LEU J 105 -9.84 25.50 50.21
CA LEU J 105 -11.16 24.92 50.48
C LEU J 105 -11.46 23.78 49.54
N SER J 106 -10.87 23.76 48.35
CA SER J 106 -11.26 22.81 47.31
C SER J 106 -10.59 21.45 47.46
N SER J 107 -9.95 21.16 48.59
CA SER J 107 -9.42 19.84 48.83
C SER J 107 -9.93 19.26 50.15
N VAL J 108 -10.83 19.95 50.84
CA VAL J 108 -11.39 19.49 52.10
C VAL J 108 -12.76 18.90 51.80
N SER J 109 -12.96 17.64 52.18
CA SER J 109 -14.26 17.02 51.98
C SER J 109 -15.27 17.47 53.01
N SER J 110 -14.93 17.31 54.29
CA SER J 110 -15.88 17.58 55.36
C SER J 110 -15.18 18.29 56.51
N PHE J 111 -15.99 18.85 57.40
CA PHE J 111 -15.46 19.55 58.56
C PHE J 111 -16.30 19.21 59.79
N GLU J 112 -15.95 19.85 60.91
CA GLU J 112 -16.75 19.85 62.13
C GLU J 112 -16.71 21.25 62.69
N LYS J 113 -17.88 21.88 62.83
CA LYS J 113 -17.96 23.22 63.41
C LYS J 113 -18.04 23.10 64.92
N PHE J 114 -17.13 23.75 65.63
CA PHE J 114 -17.19 23.77 67.08
C PHE J 114 -16.90 25.18 67.55
N GLU J 115 -16.91 25.37 68.87
CA GLU J 115 -16.85 26.68 69.49
C GLU J 115 -15.53 26.80 70.23
N ILE J 116 -14.70 27.77 69.82
CA ILE J 116 -13.48 28.04 70.58
C ILE J 116 -13.79 28.82 71.83
N PHE J 117 -14.38 30.01 71.68
CA PHE J 117 -14.64 30.84 72.84
C PHE J 117 -16.14 30.97 73.08
N PRO J 118 -16.66 30.45 74.19
CA PRO J 118 -18.07 30.68 74.52
C PRO J 118 -18.34 32.13 74.83
N LYS J 119 -19.53 32.59 74.42
CA LYS J 119 -19.88 34.00 74.53
C LYS J 119 -20.06 34.44 75.98
N ALA J 120 -20.49 33.53 76.85
CA ALA J 120 -20.74 33.91 78.24
C ALA J 120 -19.46 33.92 79.07
N SER J 121 -18.59 32.93 78.86
CA SER J 121 -17.49 32.67 79.80
C SER J 121 -16.20 33.38 79.43
N SER J 122 -15.85 33.42 78.14
CA SER J 122 -14.51 33.83 77.73
C SER J 122 -14.28 35.33 77.80
N TRP J 123 -15.29 36.13 78.13
CA TRP J 123 -15.17 37.59 78.10
C TRP J 123 -15.84 38.19 79.34
N PRO J 124 -15.16 38.18 80.48
CA PRO J 124 -15.78 38.68 81.71
C PRO J 124 -15.77 40.20 81.83
N ASN J 125 -14.76 40.85 81.25
CA ASN J 125 -14.52 42.26 81.54
C ASN J 125 -15.11 43.21 80.51
N HIS J 126 -15.39 42.73 79.31
CA HIS J 126 -15.88 43.57 78.22
C HIS J 126 -17.38 43.40 78.07
N GLU J 127 -17.94 44.00 77.02
CA GLU J 127 -19.37 43.90 76.73
C GLU J 127 -19.55 42.97 75.55
N THR J 128 -20.27 41.86 75.78
CA THR J 128 -20.48 40.88 74.72
C THR J 128 -21.54 41.35 73.73
N THR J 129 -22.71 41.75 74.23
CA THR J 129 -23.77 42.24 73.37
C THR J 129 -23.54 43.72 73.04
N LYS J 130 -24.58 44.36 72.49
CA LYS J 130 -24.51 45.71 71.90
C LYS J 130 -23.46 45.79 70.81
N GLY J 131 -23.36 44.72 70.02
CA GLY J 131 -22.36 44.61 68.97
C GLY J 131 -23.01 44.51 67.61
N VAL J 132 -24.00 45.35 67.37
CA VAL J 132 -24.98 45.12 66.33
C VAL J 132 -25.19 46.40 65.52
N THR J 133 -25.28 46.25 64.20
CA THR J 133 -25.51 47.37 63.29
C THR J 133 -26.69 47.07 62.39
N ALA J 134 -27.18 48.12 61.73
CA ALA J 134 -28.33 48.01 60.84
C ALA J 134 -27.95 47.61 59.43
N ALA J 135 -26.68 47.71 59.05
CA ALA J 135 -26.26 47.26 57.73
C ALA J 135 -26.26 45.75 57.61
N CYS J 136 -26.17 45.03 58.73
CA CYS J 136 -26.35 43.60 58.75
C CYS J 136 -27.68 43.37 59.45
N SER J 137 -28.75 43.45 58.66
CA SER J 137 -30.11 43.45 59.18
C SER J 137 -30.76 42.10 58.88
N TYR J 138 -31.48 41.57 59.87
CA TYR J 138 -32.15 40.29 59.75
C TYR J 138 -33.59 40.42 60.22
N SER J 139 -34.52 40.00 59.37
CA SER J 139 -35.97 40.00 59.63
C SER J 139 -36.49 41.39 59.98
N GLY J 140 -35.91 42.41 59.36
CA GLY J 140 -36.22 43.80 59.67
C GLY J 140 -35.42 44.37 60.82
N ALA J 141 -35.14 43.55 61.83
CA ALA J 141 -34.33 43.99 62.96
C ALA J 141 -32.85 43.96 62.58
N SER J 142 -32.01 44.44 63.50
CA SER J 142 -30.57 44.48 63.29
C SER J 142 -29.93 43.25 63.92
N SER J 143 -28.87 42.76 63.28
CA SER J 143 -28.22 41.53 63.73
C SER J 143 -26.74 41.61 63.37
N PHE J 144 -26.07 40.45 63.41
CA PHE J 144 -24.63 40.37 63.18
C PHE J 144 -24.34 38.94 62.72
N TYR J 145 -23.10 38.71 62.28
CA TYR J 145 -22.64 37.40 61.84
C TYR J 145 -22.75 36.35 62.95
N ARG J 146 -22.89 35.10 62.54
CA ARG J 146 -23.14 34.00 63.47
C ARG J 146 -21.89 33.21 63.80
N ASN J 147 -20.71 33.72 63.47
CA ASN J 147 -19.46 33.04 63.79
C ASN J 147 -18.43 33.96 64.41
N LEU J 148 -18.67 35.26 64.45
CA LEU J 148 -17.76 36.24 65.01
C LEU J 148 -18.43 36.91 66.21
N LEU J 149 -17.75 37.93 66.74
CA LEU J 149 -18.28 38.65 67.90
C LEU J 149 -17.70 40.05 67.92
N TRP J 150 -18.55 41.06 67.77
CA TRP J 150 -18.14 42.42 68.09
C TRP J 150 -18.00 42.53 69.60
N ILE J 151 -17.00 43.30 70.05
CA ILE J 151 -16.70 43.46 71.46
C ILE J 151 -16.52 44.94 71.77
N THR J 152 -17.28 45.44 72.74
CA THR J 152 -17.16 46.81 73.22
C THR J 152 -16.90 46.72 74.74
N LYS J 153 -16.79 47.87 75.40
CA LYS J 153 -16.42 47.94 76.81
C LYS J 153 -17.61 47.76 77.72
N LYS J 154 -17.35 47.26 78.92
CA LYS J 154 -18.33 47.26 80.00
C LYS J 154 -18.11 48.53 80.82
N GLY J 155 -18.69 49.63 80.33
CA GLY J 155 -18.73 50.86 81.09
C GLY J 155 -17.56 51.82 80.94
N THR J 156 -17.24 52.17 79.68
CA THR J 156 -16.24 53.20 79.30
C THR J 156 -14.85 52.92 79.87
N SER J 157 -14.54 51.65 80.11
CA SER J 157 -13.24 51.26 80.63
C SER J 157 -12.81 50.01 79.88
N TYR J 158 -11.69 50.10 79.18
CA TYR J 158 -11.23 49.02 78.31
C TYR J 158 -9.98 48.40 78.93
N PRO J 159 -10.08 47.21 79.53
CA PRO J 159 -8.87 46.49 79.90
C PRO J 159 -8.19 45.91 78.67
N LYS J 160 -6.87 45.98 78.68
CA LYS J 160 -6.07 45.33 77.65
C LYS J 160 -6.23 43.83 77.77
N LEU J 161 -6.56 43.16 76.66
CA LEU J 161 -6.96 41.76 76.74
C LEU J 161 -5.92 40.85 76.11
N SER J 162 -5.85 39.63 76.62
CA SER J 162 -4.96 38.60 76.10
C SER J 162 -5.59 37.25 76.38
N LYS J 163 -5.62 36.39 75.37
CA LYS J 163 -6.31 35.11 75.48
C LYS J 163 -5.67 34.11 74.52
N SER J 164 -5.47 32.88 74.99
CA SER J 164 -4.83 31.84 74.21
C SER J 164 -5.80 30.72 73.91
N TYR J 165 -5.35 29.79 73.05
CA TYR J 165 -6.12 28.60 72.70
C TYR J 165 -5.18 27.56 72.12
N THR J 166 -5.36 26.32 72.55
CA THR J 166 -4.64 25.17 72.01
C THR J 166 -5.64 24.27 71.30
N ASN J 167 -5.15 23.44 70.40
CA ASN J 167 -6.01 22.43 69.81
C ASN J 167 -5.56 21.03 70.23
N ASN J 168 -6.50 20.08 70.10
CA ASN J 168 -6.20 18.68 70.36
C ASN J 168 -6.86 17.74 69.37
N LYS J 169 -7.53 18.27 68.35
CA LYS J 169 -8.41 17.49 67.51
C LYS J 169 -7.69 16.57 66.52
N GLY J 170 -6.35 16.62 66.46
CA GLY J 170 -5.61 15.79 65.55
C GLY J 170 -5.62 16.24 64.11
N LYS J 171 -6.40 17.25 63.76
CA LYS J 171 -6.53 17.77 62.41
C LYS J 171 -6.29 19.27 62.44
N GLU J 172 -6.30 19.88 61.26
CA GLU J 172 -6.03 21.31 61.17
C GLU J 172 -7.27 22.11 61.52
N VAL J 173 -7.05 23.31 62.07
CA VAL J 173 -8.12 24.18 62.51
C VAL J 173 -8.03 25.50 61.76
N LEU J 174 -9.15 25.93 61.20
CA LEU J 174 -9.22 27.13 60.35
C LEU J 174 -9.91 28.24 61.15
N VAL J 175 -9.14 29.25 61.52
CA VAL J 175 -9.57 30.27 62.48
C VAL J 175 -9.72 31.60 61.76
N LEU J 176 -10.82 32.30 62.03
CA LEU J 176 -11.10 33.60 61.43
C LEU J 176 -11.08 34.68 62.48
N TRP J 177 -10.87 35.93 62.05
CA TRP J 177 -11.11 37.09 62.88
C TRP J 177 -11.23 38.31 61.97
N GLY J 178 -11.45 39.46 62.59
CA GLY J 178 -11.60 40.69 61.85
C GLY J 178 -11.03 41.87 62.61
N VAL J 179 -10.70 42.92 61.87
CA VAL J 179 -10.20 44.16 62.43
C VAL J 179 -11.07 45.29 61.93
N HIS J 180 -11.79 45.95 62.83
CA HIS J 180 -12.63 47.09 62.51
C HIS J 180 -11.81 48.36 62.56
N HIS J 181 -12.14 49.32 61.70
CA HIS J 181 -11.75 50.67 61.98
C HIS J 181 -12.85 51.66 61.61
N PRO J 182 -13.17 52.59 62.49
CA PRO J 182 -14.17 53.62 62.20
C PRO J 182 -13.56 54.74 61.39
N PRO J 183 -14.37 55.56 60.70
CA PRO J 183 -13.79 56.57 59.82
C PRO J 183 -13.47 57.89 60.51
N SER J 184 -13.94 58.08 61.74
CA SER J 184 -13.80 59.35 62.42
C SER J 184 -13.12 59.13 63.76
N VAL J 185 -12.54 60.22 64.28
CA VAL J 185 -11.80 60.18 65.54
C VAL J 185 -12.75 59.99 66.71
N SER J 186 -13.89 60.68 66.68
CA SER J 186 -14.82 60.65 67.81
C SER J 186 -15.50 59.30 67.96
N GLU J 187 -15.69 58.58 66.85
CA GLU J 187 -16.28 57.25 66.94
C GLU J 187 -15.30 56.27 67.57
N GLN J 188 -14.01 56.39 67.23
CA GLN J 188 -12.98 55.59 67.89
C GLN J 188 -12.86 55.96 69.36
N GLN J 189 -13.09 57.23 69.70
CA GLN J 189 -13.11 57.65 71.09
C GLN J 189 -14.33 57.08 71.81
N SER J 190 -15.47 57.03 71.13
CA SER J 190 -16.71 56.58 71.76
C SER J 190 -16.72 55.09 72.00
N LEU J 191 -16.20 54.32 71.04
CA LEU J 191 -16.34 52.88 71.15
C LEU J 191 -15.27 52.25 72.05
N TYR J 192 -14.10 52.85 72.17
CA TYR J 192 -13.01 52.15 72.85
C TYR J 192 -12.18 52.98 73.82
N GLN J 193 -12.44 54.29 73.95
CA GLN J 193 -11.79 55.21 74.90
C GLN J 193 -10.28 55.28 74.76
N ASN J 194 -9.72 54.89 73.61
CA ASN J 194 -8.27 54.86 73.42
C ASN J 194 -8.00 55.39 72.03
N ALA J 195 -7.32 56.53 71.95
CA ALA J 195 -6.99 57.11 70.64
C ALA J 195 -5.96 56.27 69.90
N ASP J 196 -5.04 55.65 70.61
CA ASP J 196 -4.13 54.67 70.03
C ASP J 196 -4.61 53.28 70.39
N ALA J 197 -4.36 52.34 69.48
CA ALA J 197 -4.83 50.97 69.66
C ALA J 197 -4.02 50.05 68.76
N TYR J 198 -4.06 48.77 69.09
CA TYR J 198 -3.49 47.72 68.25
C TYR J 198 -4.10 46.40 68.66
N VAL J 199 -4.12 45.45 67.73
CA VAL J 199 -4.36 44.05 68.06
C VAL J 199 -3.14 43.27 67.60
N SER J 200 -3.05 42.02 68.05
CA SER J 200 -1.91 41.20 67.67
C SER J 200 -2.27 39.73 67.76
N VAL J 201 -1.88 38.98 66.74
CA VAL J 201 -2.14 37.56 66.65
C VAL J 201 -0.81 36.83 66.57
N GLY J 202 -0.61 35.87 67.44
CA GLY J 202 0.65 35.14 67.49
C GLY J 202 0.45 33.64 67.50
N SER J 203 1.32 32.96 66.76
CA SER J 203 1.41 31.50 66.77
C SER J 203 2.86 31.14 66.46
N SER J 204 3.09 29.90 66.05
CA SER J 204 4.43 29.52 65.63
C SER J 204 4.77 30.13 64.28
N LYS J 205 3.98 29.83 63.26
CA LYS J 205 4.30 30.28 61.91
C LYS J 205 3.61 31.58 61.52
N TYR J 206 2.59 32.02 62.26
CA TYR J 206 1.92 33.27 61.98
C TYR J 206 2.15 34.24 63.12
N ASN J 207 2.42 35.50 62.76
CA ASN J 207 2.75 36.53 63.74
C ASN J 207 2.49 37.88 63.07
N ARG J 208 1.51 38.62 63.55
CA ARG J 208 1.26 39.93 62.98
C ARG J 208 0.59 40.85 63.98
N ARG J 209 1.08 42.08 64.05
CA ARG J 209 0.46 43.20 64.72
C ARG J 209 -0.40 43.96 63.73
N PHE J 210 -1.58 44.40 64.16
CA PHE J 210 -2.42 45.29 63.37
C PHE J 210 -2.64 46.59 64.12
N ALA J 211 -2.69 47.69 63.37
CA ALA J 211 -3.08 48.99 63.89
C ALA J 211 -4.25 49.52 63.08
N PRO J 212 -5.17 50.24 63.71
CA PRO J 212 -6.26 50.85 62.95
C PRO J 212 -5.80 52.11 62.24
N GLU J 213 -6.62 52.55 61.29
CA GLU J 213 -6.45 53.83 60.63
C GLU J 213 -7.78 54.55 60.63
N ILE J 214 -7.72 55.88 60.61
CA ILE J 214 -8.91 56.71 60.64
C ILE J 214 -8.85 57.66 59.45
N ALA J 215 -9.83 57.55 58.56
CA ALA J 215 -9.87 58.39 57.37
C ALA J 215 -11.31 58.52 56.89
N ALA J 216 -11.59 59.64 56.25
CA ALA J 216 -12.92 59.88 55.70
C ALA J 216 -13.05 59.24 54.33
N ARG J 217 -14.23 58.70 54.05
CA ARG J 217 -14.45 57.88 52.86
C ARG J 217 -15.95 57.83 52.61
N PRO J 218 -16.38 57.64 51.35
CA PRO J 218 -17.82 57.67 51.06
C PRO J 218 -18.54 56.45 51.62
N LYS J 219 -19.82 56.64 51.89
CA LYS J 219 -20.63 55.62 52.54
C LYS J 219 -21.01 54.51 51.57
N VAL J 220 -20.99 53.28 52.06
CA VAL J 220 -21.53 52.12 51.36
C VAL J 220 -22.48 51.43 52.31
N ARG J 221 -23.71 51.17 51.84
CA ARG J 221 -24.80 50.59 52.63
C ARG J 221 -25.10 51.41 53.88
N GLY J 222 -24.98 52.72 53.75
CA GLY J 222 -25.17 53.62 54.88
C GLY J 222 -24.11 53.54 55.95
N GLN J 223 -22.92 53.03 55.62
CA GLN J 223 -21.84 52.88 56.59
C GLN J 223 -20.59 53.51 56.03
N ALA J 224 -19.87 54.24 56.88
CA ALA J 224 -18.63 54.87 56.49
C ALA J 224 -17.40 54.21 57.10
N GLY J 225 -17.58 53.28 58.04
CA GLY J 225 -16.47 52.53 58.58
C GLY J 225 -16.10 51.36 57.71
N ARG J 226 -15.01 50.68 58.08
CA ARG J 226 -14.56 49.52 57.34
C ARG J 226 -14.12 48.43 58.30
N MET J 227 -13.91 47.24 57.74
CA MET J 227 -13.53 46.08 58.55
C MET J 227 -12.83 45.08 57.64
N ASN J 228 -11.60 44.71 58.00
CA ASN J 228 -10.86 43.70 57.26
C ASN J 228 -11.03 42.35 57.95
N TYR J 229 -10.81 41.28 57.19
CA TYR J 229 -11.05 39.92 57.66
C TYR J 229 -9.84 39.06 57.39
N TYR J 230 -9.55 38.14 58.31
CA TYR J 230 -8.32 37.38 58.25
C TYR J 230 -8.57 35.93 58.67
N TRP J 231 -7.81 35.02 58.09
CA TRP J 231 -7.93 33.61 58.38
C TRP J 231 -6.55 32.98 58.48
N THR J 232 -6.44 31.93 59.30
CA THR J 232 -5.19 31.21 59.46
C THR J 232 -5.49 29.75 59.77
N LEU J 233 -4.82 28.84 59.06
CA LEU J 233 -4.87 27.43 59.39
C LEU J 233 -3.93 27.14 60.56
N LEU J 234 -4.42 26.40 61.55
CA LEU J 234 -3.58 25.92 62.63
C LEU J 234 -3.14 24.49 62.35
N ASP J 235 -2.10 24.07 63.04
CA ASP J 235 -1.69 22.68 63.05
C ASP J 235 -2.15 22.02 64.34
N GLN J 236 -2.12 20.69 64.34
CA GLN J 236 -2.35 19.96 65.58
C GLN J 236 -1.21 20.24 66.55
N GLY J 237 -1.55 20.32 67.83
CA GLY J 237 -0.53 20.75 68.77
C GLY J 237 -0.56 22.25 69.01
N ASP J 238 0.20 22.95 68.17
CA ASP J 238 0.54 24.37 68.29
C ASP J 238 -0.65 25.28 68.61
N THR J 239 -0.39 26.29 69.43
CA THR J 239 -1.40 27.14 70.02
C THR J 239 -1.59 28.39 69.18
N ILE J 240 -2.38 29.34 69.70
CA ILE J 240 -2.53 30.67 69.13
C ILE J 240 -2.93 31.61 70.25
N THR J 241 -2.47 32.85 70.17
CA THR J 241 -2.79 33.86 71.17
C THR J 241 -3.30 35.12 70.48
N PHE J 242 -4.46 35.59 70.92
CA PHE J 242 -4.94 36.93 70.57
C PHE J 242 -4.57 37.87 71.70
N GLU J 243 -4.22 39.10 71.36
CA GLU J 243 -3.80 40.08 72.36
C GLU J 243 -4.13 41.45 71.81
N ALA J 244 -5.15 42.09 72.36
CA ALA J 244 -5.78 43.22 71.71
C ALA J 244 -5.93 44.41 72.64
N THR J 245 -5.87 45.61 72.04
CA THR J 245 -6.04 46.87 72.74
C THR J 245 -7.10 47.77 72.14
N GLY J 246 -7.54 47.58 70.90
CA GLY J 246 -8.71 48.35 70.52
C GLY J 246 -9.77 47.88 69.53
N ASN J 247 -9.54 46.83 68.74
CA ASN J 247 -10.46 46.61 67.62
C ASN J 247 -10.73 45.16 67.27
N LEU J 248 -10.56 44.22 68.19
CA LEU J 248 -10.60 42.81 67.85
C LEU J 248 -12.03 42.35 67.58
N ILE J 249 -12.21 41.62 66.48
CA ILE J 249 -13.41 40.82 66.27
C ILE J 249 -13.04 39.39 66.61
N ALA J 250 -13.50 38.92 67.75
CA ALA J 250 -13.06 37.63 68.22
C ALA J 250 -13.80 36.51 67.49
N PRO J 251 -13.13 35.38 67.25
CA PRO J 251 -13.83 34.22 66.69
C PRO J 251 -14.77 33.61 67.71
N TRP J 252 -15.96 33.26 67.24
CA TRP J 252 -16.95 32.60 68.09
C TRP J 252 -17.19 31.15 67.70
N TYR J 253 -17.00 30.78 66.43
CA TYR J 253 -16.90 29.39 66.05
C TYR J 253 -15.67 29.19 65.18
N ALA J 254 -15.30 27.94 64.98
CA ALA J 254 -14.23 27.58 64.04
C ALA J 254 -14.50 26.16 63.54
N PHE J 255 -13.59 25.68 62.70
CA PHE J 255 -13.84 24.47 61.93
C PHE J 255 -12.64 23.55 62.02
N ALA J 256 -12.89 22.25 62.07
CA ALA J 256 -11.86 21.23 62.03
C ALA J 256 -12.00 20.47 60.72
N LEU J 257 -10.97 20.50 59.89
CA LEU J 257 -11.08 20.06 58.50
C LEU J 257 -10.62 18.62 58.34
N ASN J 258 -11.31 17.89 57.47
CA ASN J 258 -10.89 16.56 57.05
C ASN J 258 -10.11 16.66 55.75
N LYS J 259 -9.85 15.51 55.13
CA LYS J 259 -9.24 15.50 53.81
C LYS J 259 -10.11 14.70 52.84
N GLY J 260 -9.59 14.44 51.66
CA GLY J 260 -10.39 13.91 50.57
C GLY J 260 -10.50 14.96 49.50
N SER J 261 -9.67 14.83 48.47
CA SER J 261 -9.40 15.93 47.56
C SER J 261 -10.32 15.89 46.35
N ASP J 262 -9.98 16.70 45.35
CA ASP J 262 -10.64 16.77 44.03
C ASP J 262 -12.11 17.16 44.17
N SER J 263 -12.32 18.37 44.67
CA SER J 263 -13.62 19.03 44.68
C SER J 263 -13.41 20.48 44.25
N GLY J 264 -14.49 21.23 44.10
CA GLY J 264 -14.35 22.59 43.66
C GLY J 264 -15.67 23.33 43.66
N ILE J 265 -15.72 24.41 42.88
CA ILE J 265 -16.86 25.30 42.82
C ILE J 265 -17.43 25.25 41.41
N ILE J 266 -18.75 25.17 41.29
CA ILE J 266 -19.45 25.23 40.02
C ILE J 266 -20.46 26.37 40.09
N THR J 267 -20.39 27.28 39.14
CA THR J 267 -21.39 28.33 38.97
C THR J 267 -22.34 27.89 37.87
N SER J 268 -23.54 27.47 38.25
CA SER J 268 -24.54 27.05 37.28
C SER J 268 -25.93 27.26 37.90
N ASP J 269 -26.95 26.98 37.10
CA ASP J 269 -28.33 27.19 37.52
C ASP J 269 -29.19 25.95 37.27
N ALA J 270 -28.57 24.80 37.06
CA ALA J 270 -29.32 23.56 36.88
C ALA J 270 -29.90 23.11 38.22
N PRO J 271 -31.05 22.43 38.20
CA PRO J 271 -31.63 21.95 39.46
C PRO J 271 -30.87 20.75 40.01
N VAL J 272 -31.22 20.39 41.24
CA VAL J 272 -30.56 19.33 41.97
C VAL J 272 -31.49 18.13 42.08
N HIS J 273 -31.00 16.97 41.68
CA HIS J 273 -31.73 15.72 41.85
C HIS J 273 -30.79 14.67 42.42
N ASN J 274 -31.24 13.42 42.52
CA ASN J 274 -30.56 12.44 43.35
C ASN J 274 -30.32 11.14 42.61
N CYS J 275 -29.77 11.21 41.40
CA CYS J 275 -29.21 10.02 40.78
C CYS J 275 -27.76 9.90 41.23
N ASP J 276 -27.00 9.01 40.61
CA ASP J 276 -25.59 8.86 40.98
C ASP J 276 -24.78 8.61 39.73
N THR J 277 -23.86 9.52 39.42
CA THR J 277 -23.04 9.46 38.23
C THR J 277 -21.57 9.40 38.62
N ARG J 278 -20.71 9.40 37.61
CA ARG J 278 -19.27 9.43 37.80
C ARG J 278 -18.62 10.63 37.12
N CYS J 279 -19.42 11.51 36.53
CA CYS J 279 -18.92 12.68 35.84
C CYS J 279 -19.92 13.81 36.05
N GLN J 280 -19.43 15.03 36.23
CA GLN J 280 -20.33 16.15 36.48
C GLN J 280 -19.81 17.40 35.81
N THR J 281 -20.69 18.06 35.07
CA THR J 281 -20.43 19.30 34.37
C THR J 281 -21.44 20.35 34.83
N PRO J 282 -21.17 21.65 34.61
CA PRO J 282 -22.18 22.66 34.90
C PRO J 282 -23.44 22.59 34.05
N HIS J 283 -23.41 21.91 32.90
CA HIS J 283 -24.60 21.77 32.09
C HIS J 283 -25.34 20.46 32.32
N GLY J 284 -24.93 19.69 33.31
CA GLY J 284 -25.56 18.41 33.59
C GLY J 284 -24.54 17.33 33.81
N ALA J 285 -25.01 16.10 33.90
CA ALA J 285 -24.14 14.96 34.15
C ALA J 285 -23.89 14.17 32.88
N LEU J 286 -22.79 13.43 32.86
CA LEU J 286 -22.42 12.61 31.72
C LEU J 286 -22.35 11.15 32.12
N ASN J 287 -22.83 10.29 31.23
CA ASN J 287 -22.75 8.83 31.38
C ASN J 287 -22.35 8.28 30.02
N SER J 288 -21.06 7.98 29.85
CA SER J 288 -20.57 7.40 28.60
C SER J 288 -19.24 6.70 28.86
N SER J 289 -18.73 6.05 27.83
CA SER J 289 -17.42 5.44 27.85
C SER J 289 -16.59 5.83 26.64
N LEU J 290 -17.06 6.78 25.85
CA LEU J 290 -16.29 7.28 24.72
C LEU J 290 -15.09 8.09 25.22
N PRO J 291 -14.00 8.13 24.46
CA PRO J 291 -12.81 8.84 24.95
C PRO J 291 -12.83 10.34 24.75
N PHE J 292 -13.84 10.89 24.08
CA PHE J 292 -13.86 12.32 23.82
C PHE J 292 -15.18 12.92 24.30
N GLN J 293 -15.24 14.25 24.29
CA GLN J 293 -16.27 14.95 25.04
C GLN J 293 -16.44 16.35 24.47
N ASN J 294 -17.67 16.86 24.54
CA ASN J 294 -18.03 18.07 23.79
C ASN J 294 -18.76 19.12 24.63
N VAL J 295 -19.28 18.77 25.81
CA VAL J 295 -20.27 19.62 26.46
C VAL J 295 -19.62 20.84 27.10
N HIS J 296 -18.68 20.62 28.02
CA HIS J 296 -18.13 21.75 28.76
C HIS J 296 -16.73 21.41 29.25
N PRO J 297 -15.80 22.35 29.28
CA PRO J 297 -14.43 22.04 29.69
C PRO J 297 -14.15 22.08 31.18
N ILE J 298 -15.15 22.11 32.04
CA ILE J 298 -14.94 22.08 33.49
C ILE J 298 -15.64 20.84 34.02
N THR J 299 -14.85 19.83 34.39
CA THR J 299 -15.38 18.53 34.78
C THR J 299 -14.98 18.20 36.20
N ILE J 300 -15.85 17.44 36.88
CA ILE J 300 -15.56 16.91 38.21
C ILE J 300 -15.89 15.42 38.19
N GLY J 301 -14.91 14.60 38.56
CA GLY J 301 -15.09 13.16 38.60
C GLY J 301 -14.06 12.44 37.76
N GLU J 302 -14.52 11.57 36.87
CA GLU J 302 -13.67 10.94 35.86
C GLU J 302 -14.39 11.05 34.53
N CYS J 303 -13.92 11.95 33.69
CA CYS J 303 -14.67 12.35 32.51
C CYS J 303 -13.80 12.25 31.27
N PRO J 304 -14.40 12.02 30.10
CA PRO J 304 -13.63 12.05 28.86
C PRO J 304 -13.13 13.44 28.52
N LYS J 305 -12.19 13.48 27.59
CA LYS J 305 -11.41 14.69 27.35
C LYS J 305 -12.18 15.67 26.48
N TYR J 306 -12.19 16.94 26.90
CA TYR J 306 -12.88 17.98 26.17
C TYR J 306 -12.13 18.34 24.90
N VAL J 307 -12.86 18.51 23.81
CA VAL J 307 -12.30 18.95 22.53
C VAL J 307 -13.18 20.07 21.97
N LYS J 308 -12.84 20.49 20.76
CA LYS J 308 -13.49 21.62 20.10
C LYS J 308 -13.84 21.23 18.67
N SER J 309 -14.50 20.10 18.52
CA SER J 309 -14.89 19.59 17.21
C SER J 309 -16.38 19.26 17.23
N THR J 310 -16.88 18.77 16.11
CA THR J 310 -18.29 18.43 15.96
C THR J 310 -18.55 16.99 15.54
N LYS J 311 -17.62 16.36 14.81
CA LYS J 311 -17.90 15.07 14.21
C LYS J 311 -16.63 14.23 14.21
N LEU J 312 -16.66 13.12 14.93
CA LEU J 312 -15.53 12.19 15.03
C LEU J 312 -15.99 10.79 14.72
N ARG J 313 -16.71 10.63 13.61
CA ARG J 313 -17.12 9.31 13.18
C ARG J 313 -15.92 8.57 12.60
N MET J 314 -15.79 7.29 12.97
CA MET J 314 -14.63 6.49 12.60
C MET J 314 -15.12 5.24 11.89
N ALA J 315 -14.55 4.96 10.73
CA ALA J 315 -15.08 3.93 9.85
C ALA J 315 -14.53 2.56 10.23
N THR J 316 -15.42 1.59 10.43
CA THR J 316 -15.05 0.18 10.59
C THR J 316 -15.87 -0.58 9.56
N GLY J 317 -15.41 -0.57 8.32
CA GLY J 317 -16.18 -1.22 7.26
C GLY J 317 -15.79 -0.67 5.90
N LEU J 318 -16.66 -0.94 4.94
CA LEU J 318 -16.33 -0.81 3.52
C LEU J 318 -17.05 0.38 2.90
N ARG J 319 -16.63 0.72 1.68
CA ARG J 319 -17.32 1.73 0.91
C ARG J 319 -18.66 1.18 0.43
N ASN J 320 -19.76 1.77 0.88
CA ASN J 320 -21.08 1.28 0.54
C ASN J 320 -21.36 1.69 -0.90
N VAL J 321 -20.97 0.83 -1.83
CA VAL J 321 -21.20 1.06 -3.25
C VAL J 321 -22.31 0.13 -3.71
N PRO J 322 -23.51 0.63 -3.97
CA PRO J 322 -24.59 -0.23 -4.42
C PRO J 322 -24.47 -0.55 -5.90
N SER J 323 -25.04 -1.69 -6.27
CA SER J 323 -24.98 -2.16 -7.65
C SER J 323 -26.14 -1.58 -8.46
N ILE J 324 -25.92 -1.45 -9.75
CA ILE J 324 -26.92 -0.91 -10.65
C ILE J 324 -27.46 -2.00 -11.58
N GLY K 1 -1.16 -1.88 4.35
CA GLY K 1 -1.87 -2.94 3.68
C GLY K 1 -1.01 -4.16 3.39
N LEU K 2 -1.53 -5.33 3.73
CA LEU K 2 -0.80 -6.57 3.52
C LEU K 2 -0.78 -6.89 2.02
N PHE K 3 0.40 -6.79 1.40
CA PHE K 3 0.51 -6.93 -0.03
C PHE K 3 0.40 -8.37 -0.51
N GLY K 4 0.41 -9.34 0.39
CA GLY K 4 0.07 -10.71 0.04
C GLY K 4 1.22 -11.68 -0.01
N ALA K 5 2.46 -11.23 0.13
CA ALA K 5 3.59 -12.11 -0.11
C ALA K 5 4.06 -12.82 1.16
N ILE K 6 4.43 -12.05 2.18
CA ILE K 6 4.96 -12.64 3.41
C ILE K 6 3.82 -13.31 4.17
N ALA K 7 3.98 -14.61 4.44
CA ALA K 7 2.94 -15.48 5.00
C ALA K 7 1.66 -15.45 4.19
N GLY K 8 1.78 -15.30 2.87
CA GLY K 8 0.65 -15.29 1.98
C GLY K 8 0.76 -16.41 0.97
N PHE K 9 0.97 -16.07 -0.30
CA PHE K 9 1.20 -17.13 -1.28
C PHE K 9 2.59 -17.72 -1.16
N ILE K 10 3.50 -17.02 -0.50
CA ILE K 10 4.80 -17.56 -0.15
C ILE K 10 4.76 -18.02 1.30
N GLU K 11 5.28 -19.21 1.57
CA GLU K 11 5.34 -19.78 2.91
C GLU K 11 6.45 -19.07 3.70
N GLY K 12 6.69 -19.51 4.94
CA GLY K 12 7.61 -18.83 5.84
C GLY K 12 9.05 -18.85 5.38
N GLY K 13 9.87 -18.12 6.12
CA GLY K 13 11.22 -17.83 5.72
C GLY K 13 12.17 -19.02 5.79
N TRP K 14 13.42 -18.74 5.47
CA TRP K 14 14.44 -19.76 5.31
C TRP K 14 15.49 -19.59 6.38
N THR K 15 15.79 -20.67 7.10
CA THR K 15 16.79 -20.61 8.16
C THR K 15 18.20 -20.54 7.57
N GLY K 16 18.45 -21.32 6.52
CA GLY K 16 19.81 -21.49 6.01
C GLY K 16 20.39 -20.27 5.31
N MET K 17 19.55 -19.39 4.79
CA MET K 17 20.04 -18.16 4.19
C MET K 17 20.56 -17.24 5.28
N ILE K 18 21.74 -16.65 5.06
CA ILE K 18 22.46 -15.95 6.12
C ILE K 18 22.59 -14.46 5.82
N ASP K 19 23.22 -14.12 4.71
CA ASP K 19 23.81 -12.80 4.51
C ASP K 19 22.87 -11.78 3.90
N GLY K 20 21.56 -11.92 4.08
CA GLY K 20 20.66 -10.92 3.53
C GLY K 20 19.25 -11.14 3.98
N TRP K 21 18.34 -10.41 3.34
CA TRP K 21 16.92 -10.54 3.59
C TRP K 21 16.16 -11.06 2.38
N TYR K 22 16.77 -11.06 1.20
CA TYR K 22 16.09 -11.41 -0.04
C TYR K 22 17.05 -12.23 -0.88
N GLY K 23 16.67 -13.47 -1.18
CA GLY K 23 17.59 -14.35 -1.88
C GLY K 23 16.88 -15.28 -2.82
N TYR K 24 17.66 -16.16 -3.43
CA TYR K 24 17.18 -17.12 -4.40
C TYR K 24 17.58 -18.52 -3.95
N HIS K 25 17.09 -19.53 -4.67
CA HIS K 25 17.36 -20.92 -4.31
C HIS K 25 17.34 -21.75 -5.59
N HIS K 26 18.51 -22.01 -6.16
CA HIS K 26 18.62 -22.66 -7.45
C HIS K 26 19.03 -24.11 -7.29
N GLN K 27 18.68 -24.93 -8.28
CA GLN K 27 18.97 -26.37 -8.27
C GLN K 27 19.48 -26.81 -9.64
N ASN K 28 20.59 -26.24 -10.10
CA ASN K 28 21.10 -26.56 -11.42
C ASN K 28 21.75 -27.95 -11.45
N GLU K 29 22.50 -28.21 -12.52
CA GLU K 29 23.10 -29.52 -12.76
C GLU K 29 24.15 -29.90 -11.71
N GLN K 30 24.68 -28.94 -10.97
CA GLN K 30 25.80 -29.27 -10.08
C GLN K 30 25.68 -28.68 -8.68
N GLY K 31 24.54 -28.13 -8.27
CA GLY K 31 24.46 -27.67 -6.90
C GLY K 31 23.05 -27.31 -6.45
N SER K 32 22.95 -26.93 -5.19
CA SER K 32 21.76 -26.30 -4.61
C SER K 32 22.04 -24.81 -4.41
N GLY K 33 21.08 -24.10 -3.83
CA GLY K 33 21.09 -22.65 -3.90
C GLY K 33 21.47 -21.89 -2.65
N TYR K 34 20.50 -21.11 -2.13
CA TYR K 34 20.65 -20.21 -0.98
C TYR K 34 21.75 -19.18 -1.21
N ALA K 35 21.52 -18.32 -2.20
CA ALA K 35 22.36 -17.16 -2.45
C ALA K 35 21.52 -15.89 -2.37
N ALA K 36 22.11 -14.84 -1.80
CA ALA K 36 21.38 -13.60 -1.54
C ALA K 36 21.26 -12.75 -2.80
N ASP K 37 20.53 -11.65 -2.67
CA ASP K 37 20.36 -10.66 -3.74
C ASP K 37 20.77 -9.30 -3.17
N GLN K 38 22.04 -8.93 -3.38
CA GLN K 38 22.64 -7.78 -2.71
C GLN K 38 22.17 -6.45 -3.26
N LYS K 39 21.35 -6.41 -4.31
CA LYS K 39 20.87 -5.14 -4.82
C LYS K 39 19.73 -4.60 -3.95
N SER K 40 18.66 -5.39 -3.83
CA SER K 40 17.43 -4.88 -3.22
C SER K 40 17.55 -4.74 -1.71
N THR K 41 18.28 -5.66 -1.07
CA THR K 41 18.48 -5.57 0.37
C THR K 41 19.37 -4.39 0.74
N GLN K 42 20.20 -3.90 -0.18
CA GLN K 42 21.00 -2.71 0.09
C GLN K 42 20.11 -1.47 0.17
N ASN K 43 19.16 -1.34 -0.76
CA ASN K 43 18.21 -0.24 -0.70
C ASN K 43 17.31 -0.35 0.52
N ALA K 44 16.99 -1.57 0.93
CA ALA K 44 16.19 -1.77 2.14
C ALA K 44 16.96 -1.31 3.38
N ILE K 45 18.24 -1.70 3.48
CA ILE K 45 19.07 -1.29 4.62
C ILE K 45 19.23 0.22 4.66
N ASP K 46 19.45 0.84 3.51
CA ASP K 46 19.65 2.29 3.48
C ASP K 46 18.37 3.04 3.84
N GLY K 47 17.22 2.55 3.38
CA GLY K 47 15.97 3.19 3.71
C GLY K 47 15.63 3.09 5.18
N ILE K 48 15.84 1.91 5.78
CA ILE K 48 15.53 1.75 7.20
C ILE K 48 16.52 2.53 8.06
N THR K 49 17.78 2.63 7.63
CA THR K 49 18.78 3.38 8.39
C THR K 49 18.47 4.88 8.37
N SER K 50 18.07 5.40 7.21
CA SER K 50 17.64 6.81 7.13
C SER K 50 16.39 7.05 7.95
N LYS K 51 15.51 6.04 8.01
CA LYS K 51 14.27 6.14 8.79
C LYS K 51 14.57 6.28 10.27
N VAL K 52 15.43 5.41 10.80
CA VAL K 52 15.73 5.40 12.23
C VAL K 52 16.51 6.65 12.61
N ASN K 53 17.43 7.09 11.75
CA ASN K 53 18.20 8.29 12.05
C ASN K 53 17.33 9.54 12.02
N SER K 54 16.33 9.58 11.15
CA SER K 54 15.40 10.70 11.14
C SER K 54 14.55 10.72 12.40
N VAL K 55 14.06 9.55 12.83
CA VAL K 55 13.25 9.46 14.05
C VAL K 55 14.06 9.83 15.28
N ILE K 56 15.36 9.53 15.28
CA ILE K 56 16.23 9.97 16.37
C ILE K 56 16.40 11.49 16.34
N GLU K 57 16.73 12.05 15.19
CA GLU K 57 17.11 13.46 15.16
C GLU K 57 15.94 14.42 15.24
N LYS K 58 14.70 13.96 15.11
CA LYS K 58 13.57 14.88 15.29
C LYS K 58 13.33 15.20 16.76
N MET K 59 13.52 14.22 17.65
CA MET K 59 13.29 14.45 19.06
C MET K 59 14.45 15.25 19.64
N ASN K 60 14.14 16.38 20.25
CA ASN K 60 15.16 17.23 20.84
C ASN K 60 15.50 16.77 22.26
N THR K 61 16.76 16.98 22.64
CA THR K 61 17.17 16.70 24.01
C THR K 61 16.73 17.84 24.91
N GLN K 62 16.42 17.51 26.16
CA GLN K 62 15.98 18.51 27.12
C GLN K 62 17.14 18.90 28.04
N PHE K 63 17.12 20.17 28.44
CA PHE K 63 18.15 20.75 29.29
C PHE K 63 17.71 20.66 30.75
N THR K 64 18.36 21.42 31.62
CA THR K 64 18.12 21.33 33.06
C THR K 64 16.72 21.80 33.43
N ALA K 65 16.04 21.02 34.27
CA ALA K 65 14.73 21.36 34.78
C ALA K 65 14.65 20.89 36.22
N VAL K 66 14.45 21.83 37.14
CA VAL K 66 14.45 21.56 38.57
C VAL K 66 13.11 21.99 39.13
N GLY K 67 12.54 21.16 40.01
CA GLY K 67 11.31 21.52 40.69
C GLY K 67 11.51 22.72 41.61
N LYS K 68 10.46 23.51 41.75
CA LYS K 68 10.52 24.80 42.41
C LYS K 68 9.87 24.73 43.79
N GLU K 69 9.82 25.86 44.47
CA GLU K 69 9.36 25.94 45.84
C GLU K 69 8.28 27.00 45.99
N PHE K 70 7.40 26.80 46.96
CA PHE K 70 6.30 27.71 47.24
C PHE K 70 5.99 27.65 48.73
N ASN K 71 5.49 28.75 49.26
CA ASN K 71 5.03 28.78 50.64
C ASN K 71 3.57 28.36 50.71
N ASN K 72 2.93 28.57 51.86
CA ASN K 72 1.55 28.15 52.03
C ASN K 72 0.53 29.11 51.42
N LEU K 73 0.96 30.30 50.99
CA LEU K 73 0.03 31.28 50.46
C LEU K 73 0.12 31.40 48.94
N GLU K 74 0.84 30.51 48.28
CA GLU K 74 0.97 30.51 46.83
C GLU K 74 0.58 29.15 46.27
N ARG K 75 -0.51 28.59 46.79
CA ARG K 75 -0.98 27.28 46.34
C ARG K 75 -1.50 27.33 44.92
N ARG K 76 -2.04 28.48 44.51
CA ARG K 76 -2.64 28.64 43.20
C ARG K 76 -1.60 28.50 42.10
N ILE K 77 -0.45 29.15 42.27
CA ILE K 77 0.63 29.07 41.28
C ILE K 77 1.23 27.67 41.25
N GLU K 78 1.26 27.00 42.40
CA GLU K 78 1.81 25.64 42.46
C GLU K 78 0.91 24.65 41.74
N ASN K 79 -0.41 24.80 41.88
CA ASN K 79 -1.34 23.94 41.15
C ASN K 79 -1.24 24.20 39.65
N LEU K 80 -1.03 25.45 39.27
CA LEU K 80 -0.80 25.80 37.87
C LEU K 80 0.47 25.13 37.36
N ASN K 81 1.52 25.12 38.17
CA ASN K 81 2.78 24.50 37.79
C ASN K 81 2.62 23.00 37.57
N LYS K 82 1.87 22.34 38.46
CA LYS K 82 1.67 20.91 38.35
C LYS K 82 0.82 20.57 37.13
N LYS K 83 -0.16 21.42 36.82
CA LYS K 83 -0.99 21.20 35.63
C LYS K 83 -0.17 21.34 34.36
N VAL K 84 0.76 22.29 34.34
CA VAL K 84 1.63 22.51 33.18
C VAL K 84 2.51 21.29 32.94
N ASP K 85 3.18 20.81 34.00
CA ASP K 85 4.12 19.71 33.85
C ASP K 85 3.42 18.42 33.44
N ASP K 86 2.26 18.13 34.03
CA ASP K 86 1.56 16.90 33.68
C ASP K 86 0.97 16.97 32.28
N GLY K 87 0.55 18.14 31.84
CA GLY K 87 0.02 18.27 30.50
C GLY K 87 1.08 18.05 29.43
N PHE K 88 2.26 18.65 29.61
CA PHE K 88 3.34 18.43 28.66
C PHE K 88 3.82 16.98 28.68
N LEU K 89 3.83 16.35 29.86
CA LEU K 89 4.25 14.96 29.96
C LEU K 89 3.31 14.03 29.21
N ASP K 90 2.00 14.28 29.33
CA ASP K 90 1.02 13.45 28.64
C ASP K 90 1.11 13.62 27.13
N VAL K 91 1.35 14.85 26.66
CA VAL K 91 1.45 15.10 25.22
C VAL K 91 2.67 14.41 24.64
N TRP K 92 3.81 14.46 25.34
CA TRP K 92 5.01 13.83 24.80
C TRP K 92 4.89 12.31 24.79
N THR K 93 4.32 11.70 25.83
CA THR K 93 4.23 10.23 25.81
C THR K 93 3.20 9.76 24.80
N TYR K 94 2.16 10.55 24.53
CA TYR K 94 1.20 10.20 23.49
C TYR K 94 1.82 10.25 22.11
N ASN K 95 2.64 11.28 21.85
CA ASN K 95 3.28 11.39 20.55
C ASN K 95 4.28 10.27 20.31
N ALA K 96 5.00 9.87 21.36
CA ALA K 96 5.99 8.81 21.21
C ALA K 96 5.35 7.47 20.91
N GLU K 97 4.31 7.10 21.66
CA GLU K 97 3.66 5.82 21.45
C GLU K 97 2.94 5.75 20.11
N LEU K 98 2.33 6.86 19.69
CA LEU K 98 1.65 6.88 18.41
C LEU K 98 2.62 6.82 17.25
N LEU K 99 3.80 7.44 17.41
CA LEU K 99 4.81 7.41 16.35
C LEU K 99 5.34 6.00 16.13
N VAL K 100 5.61 5.27 17.21
CA VAL K 100 6.10 3.90 17.08
C VAL K 100 5.00 3.01 16.50
N LEU K 101 3.76 3.18 16.94
CA LEU K 101 2.70 2.31 16.48
C LEU K 101 2.29 2.56 15.04
N LEU K 102 2.65 3.70 14.45
CA LEU K 102 2.44 3.80 13.02
C LEU K 102 3.65 3.32 12.23
N GLU K 103 4.84 3.56 12.77
CA GLU K 103 6.07 3.22 12.07
C GLU K 103 6.25 1.71 11.89
N ASN K 104 5.63 0.91 12.77
CA ASN K 104 5.79 -0.54 12.68
C ASN K 104 5.06 -1.11 11.46
N GLU K 105 3.81 -0.70 11.21
CA GLU K 105 3.15 -1.20 10.01
C GLU K 105 3.76 -0.61 8.75
N ARG K 106 4.33 0.59 8.85
CA ARG K 106 5.02 1.17 7.72
C ARG K 106 6.19 0.29 7.28
N THR K 107 7.02 -0.15 8.23
CA THR K 107 8.16 -0.95 7.83
C THR K 107 7.79 -2.38 7.46
N LEU K 108 6.73 -2.93 8.06
CA LEU K 108 6.34 -4.29 7.68
C LEU K 108 5.74 -4.34 6.28
N ASP K 109 4.94 -3.34 5.92
CA ASP K 109 4.42 -3.28 4.56
C ASP K 109 5.52 -2.93 3.57
N PHE K 110 6.57 -2.24 4.03
CA PHE K 110 7.73 -1.98 3.17
C PHE K 110 8.43 -3.27 2.81
N HIS K 111 8.62 -4.16 3.78
CA HIS K 111 9.24 -5.46 3.49
C HIS K 111 8.35 -6.30 2.58
N ASP K 112 7.03 -6.24 2.78
CA ASP K 112 6.10 -7.01 1.96
C ASP K 112 6.14 -6.53 0.52
N SER K 113 6.23 -5.22 0.31
CA SER K 113 6.33 -4.68 -1.04
C SER K 113 7.65 -5.08 -1.70
N ASN K 114 8.72 -5.19 -0.92
CA ASN K 114 9.99 -5.62 -1.46
C ASN K 114 9.94 -7.05 -1.94
N VAL K 115 9.27 -7.94 -1.19
CA VAL K 115 9.14 -9.33 -1.60
C VAL K 115 8.35 -9.43 -2.90
N ARG K 116 7.23 -8.70 -2.98
CA ARG K 116 6.36 -8.83 -4.14
C ARG K 116 7.00 -8.25 -5.39
N ASN K 117 7.75 -7.16 -5.26
CA ASN K 117 8.41 -6.58 -6.42
C ASN K 117 9.55 -7.46 -6.92
N LEU K 118 10.30 -8.07 -5.99
CA LEU K 118 11.37 -8.96 -6.39
C LEU K 118 10.82 -10.22 -7.04
N TYR K 119 9.60 -10.62 -6.68
CA TYR K 119 8.99 -11.75 -7.35
C TYR K 119 8.49 -11.38 -8.75
N GLU K 120 7.89 -10.20 -8.89
CA GLU K 120 7.36 -9.79 -10.18
C GLU K 120 8.46 -9.58 -11.21
N LYS K 121 9.64 -9.16 -10.77
CA LYS K 121 10.77 -8.98 -11.69
C LYS K 121 11.20 -10.31 -12.30
N VAL K 122 11.36 -11.31 -11.45
CA VAL K 122 11.80 -12.64 -11.90
C VAL K 122 10.75 -13.27 -12.79
N LYS K 123 9.47 -13.04 -12.52
CA LYS K 123 8.44 -13.57 -13.41
C LYS K 123 8.43 -12.82 -14.74
N SER K 124 8.65 -11.50 -14.70
CA SER K 124 8.46 -10.72 -15.91
C SER K 124 9.59 -10.90 -16.91
N GLN K 125 10.79 -11.28 -16.46
CA GLN K 125 11.87 -11.54 -17.42
C GLN K 125 12.02 -13.03 -17.73
N LEU K 126 11.01 -13.84 -17.42
CA LEU K 126 10.94 -15.25 -17.76
C LEU K 126 9.58 -15.56 -18.33
N ARG K 127 9.16 -14.78 -19.32
CA ARG K 127 7.75 -14.61 -19.63
C ARG K 127 7.10 -15.86 -20.21
N ASN K 128 7.86 -16.75 -20.82
CA ASN K 128 7.28 -18.01 -21.27
C ASN K 128 7.98 -19.24 -20.70
N ASN K 129 9.30 -19.29 -20.74
CA ASN K 129 10.02 -20.55 -20.51
C ASN K 129 10.26 -20.82 -19.02
N ALA K 130 9.21 -20.75 -18.22
CA ALA K 130 9.40 -20.85 -16.78
C ALA K 130 8.60 -21.96 -16.11
N LYS K 131 7.30 -22.03 -16.40
CA LYS K 131 6.34 -22.96 -15.78
C LYS K 131 6.37 -22.81 -14.26
N GLU K 132 5.77 -21.71 -13.80
CA GLU K 132 5.54 -21.54 -12.37
C GLU K 132 4.70 -22.68 -11.81
N ILE K 133 4.94 -23.02 -10.54
CA ILE K 133 4.30 -24.18 -9.94
C ILE K 133 3.55 -23.87 -8.66
N GLY K 134 3.82 -22.76 -8.01
CA GLY K 134 3.27 -22.48 -6.69
C GLY K 134 4.39 -21.96 -5.81
N ASN K 135 3.98 -21.24 -4.74
CA ASN K 135 4.75 -20.57 -3.69
C ASN K 135 6.10 -20.00 -4.14
N GLY K 136 6.10 -19.34 -5.28
CA GLY K 136 7.27 -18.67 -5.79
C GLY K 136 8.39 -19.57 -6.27
N CYS K 137 8.12 -20.40 -7.26
CA CYS K 137 9.16 -21.22 -7.88
C CYS K 137 8.90 -21.27 -9.39
N PHE K 138 9.92 -21.70 -10.13
CA PHE K 138 9.85 -21.83 -11.59
C PHE K 138 10.57 -23.09 -12.01
N GLU K 139 10.27 -23.61 -13.22
CA GLU K 139 10.76 -24.96 -13.52
C GLU K 139 11.37 -25.10 -14.91
N PHE K 140 11.59 -24.01 -15.67
CA PHE K 140 12.63 -23.99 -16.72
C PHE K 140 12.52 -25.00 -17.87
N TYR K 141 11.65 -24.74 -18.85
CA TYR K 141 11.50 -25.63 -20.01
C TYR K 141 12.82 -25.95 -20.72
N HIS K 142 13.78 -25.03 -20.72
CA HIS K 142 15.09 -25.34 -21.30
C HIS K 142 16.05 -25.78 -20.20
N LYS K 143 17.33 -25.90 -20.55
CA LYS K 143 18.36 -26.26 -19.60
C LYS K 143 19.10 -25.01 -19.17
N CYS K 144 19.47 -24.94 -17.89
CA CYS K 144 20.16 -23.79 -17.33
C CYS K 144 21.31 -24.27 -16.45
N ASP K 145 22.41 -23.52 -16.47
CA ASP K 145 23.57 -23.74 -15.61
C ASP K 145 23.75 -22.52 -14.71
N ASP K 146 24.88 -22.48 -13.99
CA ASP K 146 25.16 -21.38 -13.08
C ASP K 146 25.27 -20.04 -13.79
N GLU K 147 25.70 -20.05 -15.06
CA GLU K 147 25.84 -18.81 -15.82
C GLU K 147 24.49 -18.16 -16.05
N CYS K 148 23.50 -18.94 -16.48
CA CYS K 148 22.17 -18.37 -16.61
C CYS K 148 21.47 -18.16 -15.28
N MET K 149 21.93 -18.80 -14.19
CA MET K 149 21.44 -18.43 -12.87
C MET K 149 21.84 -17.00 -12.52
N GLU K 150 23.11 -16.68 -12.67
CA GLU K 150 23.56 -15.32 -12.42
C GLU K 150 23.06 -14.35 -13.49
N SER K 151 22.72 -14.86 -14.67
CA SER K 151 22.06 -14.03 -15.68
C SER K 151 20.65 -13.66 -15.27
N VAL K 152 19.96 -14.56 -14.56
CA VAL K 152 18.68 -14.20 -13.96
C VAL K 152 18.89 -13.19 -12.83
N LYS K 153 19.90 -13.44 -12.00
CA LYS K 153 20.06 -12.65 -10.78
C LYS K 153 20.53 -11.24 -11.07
N ASN K 154 21.30 -11.02 -12.13
CA ASN K 154 21.64 -9.66 -12.50
C ASN K 154 20.57 -9.02 -13.38
N GLY K 155 19.56 -9.77 -13.77
CA GLY K 155 18.46 -9.24 -14.54
C GLY K 155 18.72 -9.16 -16.02
N THR K 156 19.76 -9.82 -16.50
CA THR K 156 20.13 -9.83 -17.91
C THR K 156 19.95 -11.25 -18.42
N TYR K 157 18.73 -11.61 -18.78
CA TYR K 157 18.44 -13.01 -19.08
C TYR K 157 18.67 -13.38 -20.54
N ASP K 158 18.77 -12.37 -21.42
CA ASP K 158 18.80 -12.57 -22.88
C ASP K 158 17.98 -13.76 -23.38
N TYR K 159 16.68 -13.65 -23.13
CA TYR K 159 15.66 -14.66 -23.48
C TYR K 159 15.65 -15.21 -24.90
N PRO K 160 15.79 -14.42 -26.00
CA PRO K 160 15.69 -15.05 -27.33
C PRO K 160 16.87 -15.94 -27.73
N LYS K 161 17.82 -16.18 -26.83
CA LYS K 161 18.80 -17.23 -27.05
C LYS K 161 18.15 -18.61 -26.95
N TYR K 162 17.11 -18.77 -26.15
CA TYR K 162 16.59 -20.08 -25.81
C TYR K 162 15.18 -20.34 -26.35
N SER K 163 14.56 -19.35 -27.00
CA SER K 163 13.11 -19.29 -27.15
C SER K 163 12.54 -20.41 -28.01
N GLU K 164 13.25 -20.85 -29.04
CA GLU K 164 12.73 -21.94 -29.84
C GLU K 164 12.91 -23.28 -29.13
N GLU K 165 14.01 -23.46 -28.41
CA GLU K 165 14.34 -24.78 -27.87
C GLU K 165 13.44 -25.10 -26.69
N SER K 166 13.21 -24.10 -25.85
CA SER K 166 12.19 -24.18 -24.79
C SER K 166 10.84 -24.57 -25.36
N LYS K 167 10.47 -23.94 -26.49
CA LYS K 167 9.20 -24.21 -27.16
C LYS K 167 9.08 -25.69 -27.52
N LEU K 168 10.18 -26.30 -27.97
CA LEU K 168 10.23 -27.71 -28.29
C LEU K 168 9.82 -28.56 -27.10
N ASN K 169 10.43 -28.31 -25.94
CA ASN K 169 10.11 -29.08 -24.75
C ASN K 169 8.70 -28.80 -24.26
N ARG K 170 8.19 -27.58 -24.49
CA ARG K 170 6.82 -27.29 -24.11
C ARG K 170 5.85 -28.05 -24.98
N GLU K 171 6.17 -28.22 -26.26
CA GLU K 171 5.33 -29.02 -27.13
C GLU K 171 5.43 -30.51 -26.83
N GLU K 172 6.43 -30.91 -26.05
CA GLU K 172 6.46 -32.28 -25.57
C GLU K 172 5.43 -32.52 -24.47
N ILE K 173 5.11 -31.49 -23.68
CA ILE K 173 4.45 -31.73 -22.40
C ILE K 173 2.96 -32.01 -22.60
N ASP K 174 2.20 -31.04 -23.10
CA ASP K 174 0.81 -31.30 -23.43
C ASP K 174 0.65 -31.58 -24.92
N GLY K 175 1.05 -30.65 -25.77
CA GLY K 175 1.06 -30.79 -27.21
C GLY K 175 -0.29 -31.07 -27.84
N VAL K 176 -0.24 -31.31 -29.14
CA VAL K 176 -1.30 -31.92 -29.91
C VAL K 176 -0.83 -33.29 -30.40
N LYS K 177 0.37 -33.68 -29.96
CA LYS K 177 1.01 -34.91 -30.41
C LYS K 177 0.30 -36.14 -29.86
N LEU K 178 -0.29 -36.04 -28.67
CA LEU K 178 -1.08 -37.15 -28.14
C LEU K 178 -2.38 -37.33 -28.90
N GLU K 179 -2.95 -36.23 -29.40
CA GLU K 179 -4.08 -36.32 -30.32
C GLU K 179 -3.66 -36.93 -31.64
N SER K 180 -2.42 -36.65 -32.08
CA SER K 180 -1.94 -37.16 -33.37
C SER K 180 -1.58 -38.65 -33.30
N MET K 181 -0.92 -39.09 -32.23
CA MET K 181 -0.55 -40.51 -32.00
C MET K 181 0.43 -41.13 -33.01
N GLY K 182 0.85 -40.40 -34.04
CA GLY K 182 1.85 -40.92 -34.96
C GLY K 182 1.48 -40.99 -36.43
N VAL K 183 0.25 -41.41 -36.71
CA VAL K 183 -0.25 -41.53 -38.11
C VAL K 183 -1.60 -40.79 -38.21
N TYR K 184 -2.37 -41.02 -39.26
CA TYR K 184 -3.68 -40.34 -39.42
C TYR K 184 -4.77 -41.19 -38.72
N GLN K 185 -5.99 -40.68 -38.68
CA GLN K 185 -7.10 -41.44 -38.05
C GLN K 185 -7.11 -42.86 -38.63
N ILE K 186 -7.36 -42.99 -39.94
CA ILE K 186 -7.38 -44.32 -40.61
C ILE K 186 -7.06 -44.12 -42.10
N LEU K 187 -6.74 -42.92 -42.58
CA LEU K 187 -6.46 -42.78 -44.04
C LEU K 187 -5.40 -43.72 -44.59
N ALA K 188 -4.37 -43.99 -43.81
CA ALA K 188 -3.43 -45.01 -44.28
C ALA K 188 -4.11 -46.35 -44.56
N ILE K 189 -5.27 -46.58 -43.96
CA ILE K 189 -6.06 -47.78 -44.28
C ILE K 189 -6.55 -47.71 -45.71
N TYR K 190 -7.18 -46.59 -46.10
CA TYR K 190 -7.70 -46.38 -47.45
C TYR K 190 -6.60 -46.49 -48.50
N SER K 191 -5.36 -46.13 -48.14
CA SER K 191 -4.30 -46.19 -49.12
C SER K 191 -3.68 -47.58 -49.20
N THR K 192 -3.67 -48.35 -48.10
CA THR K 192 -3.56 -49.80 -48.21
C THR K 192 -4.72 -50.37 -49.04
N VAL K 193 -5.92 -49.84 -48.83
CA VAL K 193 -7.11 -50.29 -49.56
C VAL K 193 -7.08 -49.82 -51.02
N ALA K 194 -6.57 -48.61 -51.28
CA ALA K 194 -6.37 -48.19 -52.67
C ALA K 194 -5.28 -48.98 -53.35
N SER K 195 -4.39 -49.62 -52.59
CA SER K 195 -3.51 -50.63 -53.15
C SER K 195 -4.18 -51.99 -53.24
N SER K 196 -5.28 -52.21 -52.52
CA SER K 196 -5.96 -53.50 -52.58
C SER K 196 -6.85 -53.61 -53.81
N LEU K 197 -7.39 -52.47 -54.28
CA LEU K 197 -8.14 -52.43 -55.53
C LEU K 197 -7.25 -52.79 -56.70
N VAL K 198 -5.97 -52.48 -56.60
CA VAL K 198 -4.99 -52.87 -57.60
C VAL K 198 -4.87 -54.36 -57.68
N LEU K 199 -4.72 -54.98 -56.52
CA LEU K 199 -4.57 -56.42 -56.45
C LEU K 199 -5.81 -57.11 -57.01
N LEU K 200 -7.00 -56.60 -56.67
CA LEU K 200 -8.23 -57.26 -57.08
C LEU K 200 -8.52 -57.08 -58.57
N VAL K 201 -8.12 -55.96 -59.15
CA VAL K 201 -8.32 -55.81 -60.59
C VAL K 201 -7.23 -56.57 -61.35
N SER K 202 -5.99 -56.44 -60.92
CA SER K 202 -4.88 -57.04 -61.63
C SER K 202 -4.60 -58.48 -61.22
N LEU K 203 -5.58 -59.17 -60.62
CA LEU K 203 -5.53 -60.63 -60.55
C LEU K 203 -5.55 -61.24 -61.95
N GLY L 1 -3.06 3.82 -0.40
CA GLY L 1 -3.11 3.60 -1.84
C GLY L 1 -4.23 2.69 -2.26
N LEU L 2 -4.97 3.11 -3.28
CA LEU L 2 -6.09 2.35 -3.79
C LEU L 2 -5.55 1.14 -4.55
N PHE L 3 -5.76 -0.06 -3.99
CA PHE L 3 -5.17 -1.27 -4.55
C PHE L 3 -5.88 -1.75 -5.81
N GLY L 4 -7.03 -1.19 -6.16
CA GLY L 4 -7.63 -1.42 -7.45
C GLY L 4 -8.86 -2.30 -7.45
N ALA L 5 -9.23 -2.90 -6.32
CA ALA L 5 -10.30 -3.90 -6.35
C ALA L 5 -11.67 -3.30 -6.08
N ILE L 6 -11.84 -2.63 -4.94
CA ILE L 6 -13.15 -2.08 -4.58
C ILE L 6 -13.44 -0.88 -5.46
N ALA L 7 -14.57 -0.94 -6.19
CA ALA L 7 -14.95 0.03 -7.22
C ALA L 7 -13.88 0.21 -8.28
N GLY L 8 -13.17 -0.88 -8.58
CA GLY L 8 -12.14 -0.87 -9.60
C GLY L 8 -12.45 -1.87 -10.70
N PHE L 9 -11.66 -2.94 -10.80
CA PHE L 9 -12.02 -3.97 -11.75
C PHE L 9 -13.18 -4.82 -11.27
N ILE L 10 -13.48 -4.78 -9.99
CA ILE L 10 -14.70 -5.38 -9.45
C ILE L 10 -15.73 -4.28 -9.26
N GLU L 11 -16.97 -4.56 -9.68
CA GLU L 11 -18.08 -3.63 -9.56
C GLU L 11 -18.54 -3.61 -8.09
N GLY L 12 -19.60 -2.85 -7.80
CA GLY L 12 -20.05 -2.64 -6.43
C GLY L 12 -20.55 -3.89 -5.73
N GLY L 13 -20.82 -3.72 -4.44
CA GLY L 13 -21.08 -4.83 -3.56
C GLY L 13 -22.41 -5.51 -3.80
N TRP L 14 -22.69 -6.50 -2.96
CA TRP L 14 -23.81 -7.39 -3.11
C TRP L 14 -24.78 -7.18 -1.96
N THR L 15 -26.04 -6.95 -2.27
CA THR L 15 -27.04 -6.75 -1.23
C THR L 15 -27.39 -8.05 -0.53
N GLY L 16 -27.53 -9.14 -1.32
CA GLY L 16 -28.06 -10.38 -0.80
C GLY L 16 -27.15 -11.12 0.16
N MET L 17 -25.83 -10.90 0.07
CA MET L 17 -24.91 -11.51 1.01
C MET L 17 -25.09 -10.87 2.38
N ILE L 18 -25.15 -11.69 3.42
CA ILE L 18 -25.55 -11.22 4.74
C ILE L 18 -24.43 -11.34 5.76
N ASP L 19 -23.93 -12.56 5.98
CA ASP L 19 -23.20 -12.90 7.19
C ASP L 19 -21.70 -12.65 7.10
N GLY L 20 -21.24 -11.72 6.28
CA GLY L 20 -19.82 -11.47 6.22
C GLY L 20 -19.49 -10.28 5.37
N TRP L 21 -18.20 -10.12 5.11
CA TRP L 21 -17.72 -9.06 4.24
C TRP L 21 -17.08 -9.60 2.96
N TYR L 22 -16.79 -10.89 2.91
CA TYR L 22 -16.05 -11.47 1.80
C TYR L 22 -16.66 -12.83 1.49
N GLY L 23 -17.20 -12.98 0.28
CA GLY L 23 -17.91 -14.21 -0.03
C GLY L 23 -17.74 -14.62 -1.48
N TYR L 24 -18.42 -15.69 -1.84
CA TYR L 24 -18.36 -16.27 -3.17
C TYR L 24 -19.77 -16.35 -3.75
N HIS L 25 -19.86 -16.74 -5.02
CA HIS L 25 -21.16 -16.80 -5.69
C HIS L 25 -21.06 -17.89 -6.76
N HIS L 26 -21.53 -19.09 -6.43
CA HIS L 26 -21.38 -20.25 -7.29
C HIS L 26 -22.69 -20.56 -8.02
N GLN L 27 -22.58 -21.23 -9.17
CA GLN L 27 -23.73 -21.57 -10.00
C GLN L 27 -23.59 -23.00 -10.51
N ASN L 28 -23.52 -23.97 -9.59
CA ASN L 28 -23.31 -25.36 -10.00
C ASN L 28 -24.60 -25.96 -10.59
N GLU L 29 -24.61 -27.29 -10.70
CA GLU L 29 -25.69 -28.01 -11.35
C GLU L 29 -27.01 -27.90 -10.59
N GLN L 30 -26.99 -27.52 -9.31
CA GLN L 30 -28.22 -27.56 -8.54
C GLN L 30 -28.49 -26.33 -7.68
N GLY L 31 -27.74 -25.24 -7.84
CA GLY L 31 -28.08 -24.07 -7.07
C GLY L 31 -27.35 -22.81 -7.50
N SER L 32 -27.68 -21.71 -6.83
CA SER L 32 -26.95 -20.46 -6.90
C SER L 32 -26.15 -20.28 -5.61
N GLY L 33 -25.47 -19.14 -5.49
CA GLY L 33 -24.43 -19.01 -4.48
C GLY L 33 -24.72 -18.17 -3.25
N TYR L 34 -23.97 -17.07 -3.11
CA TYR L 34 -24.00 -16.17 -1.96
C TYR L 34 -23.70 -16.89 -0.65
N ALA L 35 -22.48 -17.39 -0.56
CA ALA L 35 -21.95 -17.97 0.68
C ALA L 35 -20.70 -17.22 1.09
N ALA L 36 -20.54 -17.00 2.40
CA ALA L 36 -19.45 -16.19 2.92
C ALA L 36 -18.15 -16.98 2.97
N ASP L 37 -17.07 -16.30 3.36
CA ASP L 37 -15.75 -16.89 3.55
C ASP L 37 -15.30 -16.53 4.97
N GLN L 38 -15.57 -17.43 5.92
CA GLN L 38 -15.39 -17.13 7.34
C GLN L 38 -13.95 -17.09 7.79
N LYS L 39 -12.99 -17.38 6.93
CA LYS L 39 -11.59 -17.32 7.34
C LYS L 39 -11.10 -15.88 7.35
N SER L 40 -11.18 -15.22 6.19
CA SER L 40 -10.51 -13.93 6.02
C SER L 40 -11.26 -12.82 6.75
N THR L 41 -12.59 -12.88 6.78
CA THR L 41 -13.36 -11.89 7.50
C THR L 41 -13.17 -11.98 9.00
N GLN L 42 -12.77 -13.15 9.52
CA GLN L 42 -12.47 -13.28 10.94
C GLN L 42 -11.21 -12.51 11.30
N ASN L 43 -10.17 -12.63 10.47
CA ASN L 43 -8.95 -11.85 10.69
C ASN L 43 -9.20 -10.37 10.51
N ALA L 44 -10.11 -10.00 9.60
CA ALA L 44 -10.48 -8.61 9.42
C ALA L 44 -11.18 -8.06 10.66
N ILE L 45 -12.13 -8.81 11.21
CA ILE L 45 -12.85 -8.40 12.41
C ILE L 45 -11.90 -8.26 13.60
N ASP L 46 -10.97 -9.22 13.76
CA ASP L 46 -10.04 -9.18 14.87
C ASP L 46 -9.07 -8.01 14.76
N GLY L 47 -8.61 -7.73 13.54
CA GLY L 47 -7.70 -6.60 13.35
C GLY L 47 -8.36 -5.26 13.62
N ILE L 48 -9.59 -5.08 13.14
CA ILE L 48 -10.28 -3.82 13.37
C ILE L 48 -10.67 -3.65 14.83
N THR L 49 -11.00 -4.76 15.51
CA THR L 49 -11.35 -4.68 16.92
C THR L 49 -10.15 -4.31 17.78
N SER L 50 -8.98 -4.90 17.48
CA SER L 50 -7.76 -4.52 18.17
C SER L 50 -7.37 -3.07 17.87
N LYS L 51 -7.68 -2.62 16.66
CA LYS L 51 -7.39 -1.24 16.26
C LYS L 51 -8.21 -0.25 17.08
N VAL L 52 -9.52 -0.49 17.18
CA VAL L 52 -10.39 0.44 17.90
C VAL L 52 -10.12 0.41 19.39
N ASN L 53 -9.82 -0.77 19.94
CA ASN L 53 -9.51 -0.86 21.36
C ASN L 53 -8.19 -0.18 21.70
N SER L 54 -7.22 -0.23 20.79
CA SER L 54 -5.97 0.48 21.01
C SER L 54 -6.18 1.99 20.98
N VAL L 55 -6.97 2.47 20.02
CA VAL L 55 -7.26 3.90 19.90
C VAL L 55 -8.04 4.40 21.12
N ILE L 56 -8.90 3.57 21.69
CA ILE L 56 -9.57 3.93 22.93
C ILE L 56 -8.58 4.00 24.09
N GLU L 57 -7.75 2.97 24.26
CA GLU L 57 -6.95 2.90 25.48
C GLU L 57 -5.74 3.81 25.47
N LYS L 58 -5.37 4.42 24.33
CA LYS L 58 -4.26 5.37 24.37
C LYS L 58 -4.67 6.70 24.98
N MET L 59 -5.90 7.14 24.73
CA MET L 59 -6.36 8.42 25.28
C MET L 59 -6.67 8.24 26.76
N ASN L 60 -6.04 9.06 27.59
CA ASN L 60 -6.26 8.99 29.03
C ASN L 60 -7.47 9.82 29.43
N THR L 61 -8.15 9.37 30.48
CA THR L 61 -9.24 10.13 31.05
C THR L 61 -8.70 11.26 31.92
N GLN L 62 -9.41 12.37 31.95
CA GLN L 62 -9.00 13.52 32.74
C GLN L 62 -9.75 13.57 34.06
N PHE L 63 -9.07 14.06 35.08
CA PHE L 63 -9.60 14.14 36.43
C PHE L 63 -10.20 15.55 36.64
N THR L 64 -10.43 15.92 37.89
CA THR L 64 -11.12 17.17 38.21
C THR L 64 -10.29 18.38 37.82
N ALA L 65 -10.93 19.36 37.17
CA ALA L 65 -10.29 20.61 36.80
C ALA L 65 -11.32 21.71 36.96
N VAL L 66 -11.03 22.67 37.83
CA VAL L 66 -11.97 23.75 38.16
C VAL L 66 -11.28 25.07 37.86
N GLY L 67 -12.03 25.99 37.24
CA GLY L 67 -11.51 27.33 37.01
C GLY L 67 -11.25 28.07 38.31
N LYS L 68 -10.24 28.93 38.28
CA LYS L 68 -9.70 29.58 39.46
C LYS L 68 -10.14 31.04 39.52
N GLU L 69 -9.67 31.74 40.54
CA GLU L 69 -10.10 33.10 40.81
C GLU L 69 -8.89 34.01 40.95
N PHE L 70 -9.09 35.28 40.63
CA PHE L 70 -8.05 36.30 40.71
C PHE L 70 -8.70 37.63 41.03
N ASN L 71 -7.95 38.50 41.69
CA ASN L 71 -8.41 39.85 41.95
C ASN L 71 -8.01 40.76 40.79
N ASN L 72 -8.14 42.07 40.96
CA ASN L 72 -7.83 43.00 39.89
C ASN L 72 -6.34 43.29 39.73
N LEU L 73 -5.51 42.85 40.66
CA LEU L 73 -4.08 43.13 40.59
C LEU L 73 -3.27 41.92 40.17
N GLU L 74 -3.92 40.85 39.74
CA GLU L 74 -3.23 39.64 39.28
C GLU L 74 -3.70 39.27 37.89
N ARG L 75 -3.81 40.27 37.02
CA ARG L 75 -4.27 40.05 35.65
C ARG L 75 -3.25 39.28 34.83
N ARG L 76 -1.97 39.44 35.18
CA ARG L 76 -0.88 38.80 34.44
C ARG L 76 -0.94 37.29 34.56
N ILE L 77 -1.14 36.79 35.78
CA ILE L 77 -1.23 35.36 36.02
C ILE L 77 -2.49 34.79 35.39
N GLU L 78 -3.57 35.57 35.36
CA GLU L 78 -4.81 35.10 34.77
C GLU L 78 -4.70 34.97 33.25
N ASN L 79 -4.01 35.92 32.61
CA ASN L 79 -3.77 35.81 31.17
C ASN L 79 -2.87 34.63 30.86
N LEU L 80 -1.90 34.36 31.73
CA LEU L 80 -1.05 33.18 31.59
C LEU L 80 -1.88 31.91 31.70
N ASN L 81 -2.83 31.88 32.65
CA ASN L 81 -3.70 30.73 32.83
C ASN L 81 -4.55 30.47 31.60
N LYS L 82 -5.10 31.54 31.01
CA LYS L 82 -5.95 31.38 29.83
C LYS L 82 -5.14 30.92 28.63
N LYS L 83 -3.90 31.40 28.51
CA LYS L 83 -3.03 30.96 27.43
C LYS L 83 -2.69 29.48 27.55
N VAL L 84 -2.47 29.02 28.79
CA VAL L 84 -2.16 27.61 29.04
C VAL L 84 -3.33 26.72 28.64
N ASP L 85 -4.53 27.07 29.09
CA ASP L 85 -5.70 26.23 28.83
C ASP L 85 -6.05 26.18 27.36
N ASP L 86 -5.97 27.31 26.66
CA ASP L 86 -6.30 27.32 25.24
C ASP L 86 -5.26 26.60 24.42
N GLY L 87 -3.99 26.68 24.82
CA GLY L 87 -2.94 25.98 24.10
C GLY L 87 -3.09 24.47 24.19
N PHE L 88 -3.35 23.96 25.39
CA PHE L 88 -3.55 22.51 25.54
C PHE L 88 -4.81 22.05 24.82
N LEU L 89 -5.86 22.89 24.83
CA LEU L 89 -7.10 22.51 24.15
C LEU L 89 -6.89 22.40 22.64
N ASP L 90 -6.13 23.33 22.07
CA ASP L 90 -5.87 23.29 20.63
C ASP L 90 -5.01 22.09 20.25
N VAL L 91 -4.03 21.74 21.09
CA VAL L 91 -3.18 20.60 20.79
C VAL L 91 -3.97 19.30 20.83
N TRP L 92 -4.86 19.14 21.82
CA TRP L 92 -5.62 17.91 21.91
C TRP L 92 -6.62 17.77 20.77
N THR L 93 -7.29 18.85 20.38
CA THR L 93 -8.26 18.70 19.29
C THR L 93 -7.57 18.49 17.95
N TYR L 94 -6.36 19.01 17.78
CA TYR L 94 -5.59 18.77 16.57
C TYR L 94 -5.17 17.32 16.47
N ASN L 95 -4.71 16.74 17.59
CA ASN L 95 -4.29 15.35 17.59
C ASN L 95 -5.44 14.41 17.32
N ALA L 96 -6.63 14.72 17.86
CA ALA L 96 -7.78 13.86 17.66
C ALA L 96 -8.24 13.85 16.22
N GLU L 97 -8.37 15.03 15.60
CA GLU L 97 -8.85 15.10 14.23
C GLU L 97 -7.84 14.49 13.26
N LEU L 98 -6.54 14.68 13.51
CA LEU L 98 -5.53 14.12 12.62
C LEU L 98 -5.46 12.61 12.75
N LEU L 99 -5.70 12.09 13.97
CA LEU L 99 -5.68 10.64 14.17
C LEU L 99 -6.81 9.96 13.42
N VAL L 100 -8.02 10.54 13.47
CA VAL L 100 -9.14 9.96 12.76
C VAL L 100 -8.93 10.06 11.25
N LEU L 101 -8.43 11.20 10.78
CA LEU L 101 -8.27 11.39 9.35
C LEU L 101 -7.14 10.56 8.75
N LEU L 102 -6.22 10.02 9.55
CA LEU L 102 -5.31 9.05 8.96
C LEU L 102 -5.85 7.63 9.06
N GLU L 103 -6.55 7.34 10.17
CA GLU L 103 -7.05 5.99 10.42
C GLU L 103 -8.09 5.56 9.40
N ASN L 104 -8.80 6.51 8.78
CA ASN L 104 -9.84 6.15 7.83
C ASN L 104 -9.27 5.60 6.54
N GLU L 105 -8.22 6.22 5.98
CA GLU L 105 -7.63 5.63 4.78
C GLU L 105 -6.87 4.36 5.10
N ARG L 106 -6.37 4.24 6.33
CA ARG L 106 -5.73 3.00 6.74
C ARG L 106 -6.70 1.84 6.67
N THR L 107 -7.90 2.00 7.21
CA THR L 107 -8.83 0.88 7.21
C THR L 107 -9.45 0.64 5.84
N LEU L 108 -9.61 1.68 5.02
CA LEU L 108 -10.18 1.46 3.69
C LEU L 108 -9.20 0.73 2.78
N ASP L 109 -7.91 1.09 2.86
CA ASP L 109 -6.92 0.35 2.08
C ASP L 109 -6.73 -1.06 2.63
N PHE L 110 -6.98 -1.25 3.93
CA PHE L 110 -6.94 -2.60 4.49
C PHE L 110 -8.01 -3.48 3.89
N HIS L 111 -9.23 -2.96 3.73
CA HIS L 111 -10.29 -3.74 3.09
C HIS L 111 -9.98 -4.00 1.62
N ASP L 112 -9.38 -3.03 0.94
CA ASP L 112 -9.03 -3.18 -0.47
C ASP L 112 -7.98 -4.27 -0.64
N SER L 113 -7.00 -4.31 0.26
CA SER L 113 -5.98 -5.36 0.21
C SER L 113 -6.58 -6.73 0.48
N ASN L 114 -7.58 -6.79 1.34
CA ASN L 114 -8.24 -8.07 1.62
C ASN L 114 -8.97 -8.59 0.40
N VAL L 115 -9.64 -7.71 -0.35
CA VAL L 115 -10.34 -8.13 -1.56
C VAL L 115 -9.35 -8.65 -2.59
N ARG L 116 -8.25 -7.93 -2.79
CA ARG L 116 -7.31 -8.30 -3.84
C ARG L 116 -6.58 -9.60 -3.50
N ASN L 117 -6.26 -9.82 -2.23
CA ASN L 117 -5.58 -11.06 -1.85
C ASN L 117 -6.51 -12.26 -1.95
N LEU L 118 -7.79 -12.08 -1.58
CA LEU L 118 -8.74 -13.17 -1.71
C LEU L 118 -9.02 -13.50 -3.16
N TYR L 119 -8.87 -12.52 -4.06
CA TYR L 119 -9.02 -12.81 -5.47
C TYR L 119 -7.80 -13.53 -6.03
N GLU L 120 -6.59 -13.12 -5.62
CA GLU L 120 -5.37 -13.74 -6.12
C GLU L 120 -5.25 -15.18 -5.69
N LYS L 121 -5.78 -15.53 -4.51
CA LYS L 121 -5.73 -16.91 -4.04
C LYS L 121 -6.57 -17.82 -4.92
N VAL L 122 -7.79 -17.39 -5.23
CA VAL L 122 -8.70 -18.18 -6.06
C VAL L 122 -8.16 -18.31 -7.47
N LYS L 123 -7.51 -17.27 -7.98
CA LYS L 123 -6.91 -17.39 -9.30
C LYS L 123 -5.70 -18.32 -9.28
N SER L 124 -4.90 -18.27 -8.21
CA SER L 124 -3.64 -18.98 -8.21
C SER L 124 -3.82 -20.48 -8.02
N GLN L 125 -4.91 -20.93 -7.40
CA GLN L 125 -5.14 -22.36 -7.28
C GLN L 125 -6.09 -22.88 -8.34
N LEU L 126 -6.31 -22.13 -9.41
CA LEU L 126 -7.10 -22.54 -10.57
C LEU L 126 -6.34 -22.17 -11.83
N ARG L 127 -5.07 -22.58 -11.89
CA ARG L 127 -4.09 -21.93 -12.75
C ARG L 127 -4.35 -22.14 -14.24
N ASN L 128 -5.05 -23.20 -14.62
CA ASN L 128 -5.41 -23.35 -16.03
C ASN L 128 -6.91 -23.50 -16.26
N ASN L 129 -7.58 -24.36 -15.50
CA ASN L 129 -8.94 -24.78 -15.86
C ASN L 129 -10.01 -23.82 -15.36
N ALA L 130 -9.84 -22.53 -15.67
CA ALA L 130 -10.75 -21.55 -15.08
C ALA L 130 -11.47 -20.68 -16.11
N LYS L 131 -10.73 -20.11 -17.05
CA LYS L 131 -11.22 -19.16 -18.05
C LYS L 131 -11.90 -17.97 -17.38
N GLU L 132 -11.08 -17.11 -16.80
CA GLU L 132 -11.57 -15.83 -16.30
C GLU L 132 -12.24 -15.01 -17.41
N ILE L 133 -13.25 -14.24 -17.03
CA ILE L 133 -14.06 -13.52 -18.00
C ILE L 133 -14.11 -12.02 -17.77
N GLY L 134 -13.81 -11.54 -16.59
CA GLY L 134 -14.02 -10.14 -16.25
C GLY L 134 -14.67 -10.08 -14.87
N ASN L 135 -14.50 -8.92 -14.23
CA ASN L 135 -14.96 -8.49 -12.90
C ASN L 135 -15.00 -9.59 -11.84
N GLY L 136 -13.94 -10.39 -11.80
CA GLY L 136 -13.80 -11.42 -10.80
C GLY L 136 -14.74 -12.60 -10.92
N CYS L 137 -14.68 -13.31 -12.04
CA CYS L 137 -15.45 -14.54 -12.21
C CYS L 137 -14.59 -15.56 -12.96
N PHE L 138 -15.01 -16.83 -12.92
CA PHE L 138 -14.31 -17.92 -13.58
C PHE L 138 -15.35 -18.86 -14.18
N GLU L 139 -14.94 -19.67 -15.18
CA GLU L 139 -15.97 -20.39 -15.94
C GLU L 139 -15.67 -21.87 -16.18
N PHE L 140 -14.62 -22.44 -15.56
CA PHE L 140 -14.58 -23.90 -15.30
C PHE L 140 -14.65 -24.85 -16.50
N TYR L 141 -13.53 -25.05 -17.20
CA TYR L 141 -13.48 -25.97 -18.34
C TYR L 141 -14.00 -27.38 -18.03
N HIS L 142 -13.84 -27.85 -16.81
CA HIS L 142 -14.40 -29.15 -16.44
C HIS L 142 -15.76 -28.95 -15.76
N LYS L 143 -16.30 -30.02 -15.19
CA LYS L 143 -17.55 -29.97 -14.46
C LYS L 143 -17.27 -29.93 -12.97
N CYS L 144 -18.06 -29.15 -12.23
CA CYS L 144 -17.88 -29.00 -10.79
C CYS L 144 -19.24 -29.08 -10.10
N ASP L 145 -19.25 -29.69 -8.92
CA ASP L 145 -20.41 -29.77 -8.06
C ASP L 145 -20.12 -29.02 -6.75
N ASP L 146 -21.02 -29.15 -5.77
CA ASP L 146 -20.86 -28.48 -4.49
C ASP L 146 -19.61 -28.93 -3.74
N GLU L 147 -19.18 -30.18 -3.95
CA GLU L 147 -17.99 -30.69 -3.29
C GLU L 147 -16.74 -29.96 -3.73
N CYS L 148 -16.58 -29.77 -5.04
CA CYS L 148 -15.45 -28.98 -5.49
C CYS L 148 -15.64 -27.48 -5.28
N MET L 149 -16.87 -27.02 -5.06
CA MET L 149 -17.05 -25.63 -4.61
C MET L 149 -16.42 -25.43 -3.24
N GLU L 150 -16.76 -26.29 -2.28
CA GLU L 150 -16.15 -26.21 -0.96
C GLU L 150 -14.69 -26.59 -0.98
N SER L 151 -14.26 -27.37 -1.98
CA SER L 151 -12.84 -27.64 -2.17
C SER L 151 -12.09 -26.39 -2.62
N VAL L 152 -12.74 -25.53 -3.41
CA VAL L 152 -12.15 -24.23 -3.72
C VAL L 152 -12.13 -23.36 -2.48
N LYS L 153 -13.23 -23.36 -1.72
CA LYS L 153 -13.39 -22.42 -0.62
C LYS L 153 -12.48 -22.75 0.56
N ASN L 154 -12.18 -24.02 0.79
CA ASN L 154 -11.20 -24.34 1.81
C ASN L 154 -9.77 -24.28 1.29
N GLY L 155 -9.59 -24.05 -0.01
CA GLY L 155 -8.28 -23.90 -0.57
C GLY L 155 -7.59 -25.20 -0.91
N THR L 156 -8.33 -26.30 -0.93
CA THR L 156 -7.79 -27.63 -1.21
C THR L 156 -8.43 -28.10 -2.51
N TYR L 157 -7.89 -27.67 -3.64
CA TYR L 157 -8.57 -27.89 -4.91
C TYR L 157 -8.21 -29.22 -5.56
N ASP L 158 -7.11 -29.83 -5.13
CA ASP L 158 -6.49 -31.01 -5.79
C ASP L 158 -6.67 -31.04 -7.31
N TYR L 159 -6.08 -30.03 -7.93
CA TYR L 159 -6.10 -29.80 -9.39
C TYR L 159 -5.75 -30.97 -10.31
N PRO L 160 -4.70 -31.82 -10.06
CA PRO L 160 -4.42 -32.87 -11.05
C PRO L 160 -5.41 -34.02 -11.11
N LYS L 161 -6.51 -33.94 -10.37
CA LYS L 161 -7.63 -34.84 -10.60
C LYS L 161 -8.32 -34.56 -11.92
N TYR L 162 -8.32 -33.30 -12.37
CA TYR L 162 -9.15 -32.89 -13.50
C TYR L 162 -8.36 -32.48 -14.73
N SER L 163 -7.02 -32.46 -14.65
CA SER L 163 -6.18 -31.68 -15.55
C SER L 163 -6.25 -32.13 -16.99
N GLU L 164 -6.38 -33.44 -17.24
CA GLU L 164 -6.47 -33.87 -18.63
C GLU L 164 -7.87 -33.61 -19.20
N GLU L 165 -8.91 -33.75 -18.39
CA GLU L 165 -10.26 -33.71 -18.92
C GLU L 165 -10.65 -32.28 -19.26
N SER L 166 -10.27 -31.34 -18.38
CA SER L 166 -10.36 -29.92 -18.67
C SER L 166 -9.67 -29.57 -19.97
N LYS L 167 -8.47 -30.14 -20.18
CA LYS L 167 -7.68 -29.91 -21.38
C LYS L 167 -8.47 -30.30 -22.63
N LEU L 168 -9.21 -31.40 -22.54
CA LEU L 168 -10.06 -31.87 -23.64
C LEU L 168 -11.07 -30.80 -24.04
N ASN L 169 -11.79 -30.26 -23.06
CA ASN L 169 -12.78 -29.23 -23.37
C ASN L 169 -12.12 -27.95 -23.85
N ARG L 170 -10.91 -27.65 -23.39
CA ARG L 170 -10.22 -26.47 -23.86
C ARG L 170 -9.81 -26.63 -25.32
N GLU L 171 -9.45 -27.86 -25.72
CA GLU L 171 -9.14 -28.11 -27.11
C GLU L 171 -10.39 -28.13 -27.99
N GLU L 172 -11.56 -28.20 -27.38
CA GLU L 172 -12.78 -28.03 -28.14
C GLU L 172 -12.99 -26.57 -28.53
N ILE L 173 -12.53 -25.62 -27.70
CA ILE L 173 -13.02 -24.25 -27.82
C ILE L 173 -12.37 -23.52 -28.99
N ASP L 174 -11.06 -23.32 -28.95
CA ASP L 174 -10.39 -22.75 -30.10
C ASP L 174 -9.73 -23.83 -30.95
N GLY L 175 -8.84 -24.63 -30.36
CA GLY L 175 -8.21 -25.77 -30.98
C GLY L 175 -7.42 -25.45 -32.23
N VAL L 176 -6.94 -26.53 -32.84
CA VAL L 176 -6.45 -26.54 -34.21
C VAL L 176 -7.38 -27.40 -35.06
N LYS L 177 -8.48 -27.85 -34.45
CA LYS L 177 -9.43 -28.75 -35.09
C LYS L 177 -10.21 -28.05 -36.18
N LEU L 178 -10.47 -26.74 -36.03
CA LEU L 178 -11.13 -25.99 -37.09
C LEU L 178 -10.20 -25.80 -38.29
N GLU L 179 -8.90 -25.69 -38.05
CA GLU L 179 -7.94 -25.71 -39.15
C GLU L 179 -7.88 -27.09 -39.80
N SER L 180 -8.08 -28.15 -39.01
CA SER L 180 -8.03 -29.51 -39.55
C SER L 180 -9.28 -29.87 -40.35
N MET L 181 -10.47 -29.52 -39.87
CA MET L 181 -11.76 -29.73 -40.55
C MET L 181 -12.17 -31.21 -40.77
N GLY L 182 -11.34 -32.17 -40.39
CA GLY L 182 -11.72 -33.58 -40.47
C GLY L 182 -10.84 -34.50 -41.29
N VAL L 183 -10.38 -34.01 -42.44
CA VAL L 183 -9.48 -34.80 -43.34
C VAL L 183 -8.25 -33.94 -43.68
N TYR L 184 -7.49 -34.32 -44.70
CA TYR L 184 -6.28 -33.53 -45.08
C TYR L 184 -6.69 -32.43 -46.07
N GLN L 185 -5.75 -31.58 -46.45
CA GLN L 185 -6.06 -30.50 -47.44
C GLN L 185 -6.74 -31.14 -48.65
N ILE L 186 -6.04 -32.00 -49.37
CA ILE L 186 -6.62 -32.69 -50.57
C ILE L 186 -5.88 -34.02 -50.77
N LEU L 187 -4.94 -34.44 -49.92
CA LEU L 187 -4.23 -35.72 -50.18
C LEU L 187 -5.14 -36.92 -50.41
N ALA L 188 -6.25 -36.99 -49.68
CA ALA L 188 -7.18 -38.07 -49.99
C ALA L 188 -7.64 -38.04 -51.45
N ILE L 189 -7.53 -36.88 -52.10
CA ILE L 189 -7.81 -36.80 -53.54
C ILE L 189 -6.78 -37.61 -54.32
N TYR L 190 -5.49 -37.37 -54.05
CA TYR L 190 -4.40 -38.07 -54.73
C TYR L 190 -4.47 -39.57 -54.51
N SER L 191 -5.02 -40.01 -53.38
CA SER L 191 -5.10 -41.44 -53.13
C SER L 191 -6.34 -42.06 -53.76
N THR L 192 -7.44 -41.31 -53.89
CA THR L 192 -8.45 -41.66 -54.89
C THR L 192 -7.86 -41.66 -56.30
N VAL L 193 -6.98 -40.68 -56.57
CA VAL L 193 -6.35 -40.58 -57.89
C VAL L 193 -5.28 -41.66 -58.08
N ALA L 194 -4.55 -42.02 -57.01
CA ALA L 194 -3.64 -43.17 -57.11
C ALA L 194 -4.39 -44.48 -57.25
N SER L 195 -5.67 -44.51 -56.88
CA SER L 195 -6.53 -45.63 -57.26
C SER L 195 -7.11 -45.47 -58.65
N SER L 196 -7.08 -44.24 -59.21
CA SER L 196 -7.62 -44.04 -60.55
C SER L 196 -6.61 -44.45 -61.62
N LEU L 197 -5.31 -44.34 -61.33
CA LEU L 197 -4.27 -44.85 -62.22
C LEU L 197 -4.37 -46.35 -62.36
N VAL L 198 -4.83 -47.02 -61.32
CA VAL L 198 -5.08 -48.45 -61.36
C VAL L 198 -6.14 -48.78 -62.37
N LEU L 199 -7.24 -48.06 -62.29
CA LEU L 199 -8.36 -48.27 -63.18
C LEU L 199 -7.93 -48.04 -64.62
N LEU L 200 -7.17 -46.97 -64.88
CA LEU L 200 -6.80 -46.61 -66.24
C LEU L 200 -5.77 -47.56 -66.83
N VAL L 201 -4.89 -48.12 -66.02
CA VAL L 201 -3.95 -49.09 -66.57
C VAL L 201 -4.63 -50.45 -66.72
N SER L 202 -5.38 -50.88 -65.71
CA SER L 202 -5.98 -52.19 -65.71
C SER L 202 -7.34 -52.23 -66.41
N LEU L 203 -7.64 -51.24 -67.26
CA LEU L 203 -8.72 -51.41 -68.23
C LEU L 203 -8.42 -52.55 -69.19
#